data_8E82
#
_entry.id   8E82
#
_cell.length_a   1.00
_cell.length_b   1.00
_cell.length_c   1.00
_cell.angle_alpha   90.00
_cell.angle_beta   90.00
_cell.angle_gamma   90.00
#
_symmetry.space_group_name_H-M   'P 1'
#
loop_
_entity.id
_entity.type
_entity.pdbx_description
1 polymer 'DNA-directed RNA polymerase subunit alpha'
2 polymer 'DNA-directed RNA polymerase subunit beta'
3 polymer "DNA-directed RNA polymerase subunit beta'"
4 polymer 'DNA-directed RNA polymerase subunit omega'
5 polymer 'Transcription termination/antitermination protein NusG'
6 polymer 'DNA (54-MER)'
7 polymer 'DNA (54-MER)'
8 polymer "RNA (5'-R(P*CP*GP*GP*AP*GP*AP*GP*GP*UP*A)-3')"
9 non-polymer 'ZINC ION'
10 non-polymer 'MAGNESIUM ION'
#
loop_
_entity_poly.entity_id
_entity_poly.type
_entity_poly.pdbx_seq_one_letter_code
_entity_poly.pdbx_strand_id
1 'polypeptide(L)'
;MLISQRPTLSEDVLTDNRSQFVIEPLEPGFGYTLGNSLRRTLLSSIPGAAVTSIRIDGVLHEFTTVPGVKEDVTEIILNL
KSLVVSSEEDEPVTMYLRKQGPGEVTAGDIVPPAGVTVHNPGMHIATLNDKGKLEVELVVERGRGYVPAVQNRASGAEIG
RIPVDSIYSPVLKVTYKVDATRVEQRTDFDKLILDVETKNSISPRDALASAGKTLVELFGLARELNVEAEGIEIGPSPAE
ADHIASFALPIDDLDLTVRSYNCLKREGVHTVGELVARTESDLLDIRNFGQKSIDEVKIKLHQLGLSLKDSPPSFDPSEV
AGYDVATGTWSTEGAYDEQDYAETEQL
;
A,B
2 'polypeptide(L)'
;LADSRQSKTAASPSPSRPQSSSNNSVPGAPNRVSFAKLREPLEVPGLLDVQTDSFEWLIGSPRWRESAAERGDVNPVGGL
EEVLYELSPIEDFSGSMSLSFSDPRFDDVKAPVDECKDKDMTYAAPLFVTAEFINNNTGEIKSQTVFMGDFPMMTEKGTF
IINGTERVVVSQLVRSPGVYFDETIDKSTDKTLHSVKVIPSRGAWLEFDVDKRDTVGVRIDRKRRQPVTVLLKALGWTSE
QIVERFGFSEIMRSTLEKDNTVGTDEALLDIYRKLRPGEPPTKESAQTLLENLFFKEKRYDLARVGRYKVNKKLGLHVGE
PITSSTLTEEDVVATIEYLVRLHEGQTTMTVPGGVEVPVETDDIDHFGNRRLRTVGELIQNQIRVGMSRMERVVRERMTT
QDVEAITPQTLINIRPVVAAIKEFFGTSQLSQFMDQNNPLSGLTHKRRLSALGPGGLSRERAGLEVRDVHPSHYGRMCPI
ETPEGPNIGLIGSLSVYARVNPFGFIETPYRKVVDGVVSDEIVYLTADEEDRHVVAQANSPIDADGRFVEPRVLVRRKAG
EVEYVPSSEVDYMDVSPRQMVSVATAMIPFLEHDDANRALMGANMQRQAVPLVRSEAPLVGTGMELRAAIDAGDVVVAEE
SGVIEEVSADYITVMHDNGTRRTYRMRKFARSNHGTCANQCPIVDAGDRVEAGQVIADGPCTDDGEMALGKNLLVAIMPW
EGHNYEDAIILSNRLVEEDVLTSIHIEEHEIDARDTKLGAEEITRDIPNISDEVLADLDERGIVRIGAEVRDGDILVGKV
TPKGETELTPEERLLRAIFGEKAREVRDTSLKVPHGESGKVIGIRVFSREDEDELPAGVNELVRVYVAQKRKISDGDKLA
GRHGNKGVIGKILPVEDMPFLADGTPVDIILNTHGVPRRMNIGQILETHLGWCAHSGWKVDAAKGVPDWAARLPDELLEA
QPNAIVSTPVFDGAQEAELQGLLSCTLPNRDGDVLVDADGKAMLFDGRSGEPFPYPVTVGYMYIMKLHHLVDDKIHARST
GPYSMITQQPLGGKAQFGGQRFGEMECWAMQAYGAAYTLQELLTIKSDDTVGRVKVYEAIVKGENIPEPGIPESFKVLLK
ELQSLCLNVEVLSSDGAAIELREGEDEDLERAAANLGINLSRNESASVEDLA
;
C
3 'polypeptide(L)'
;GAMLDVNFFDELRIGLATAEDIRQWSYGEVKKPETINYRTLKPEKDGLFCEKIFGPTRDWECYCGKYKRVRFKGIICERC
GVEVTRAKVRRERMGHIELAAPVTHIWYFKGVPSRLGYLLDLAPKDLEKIIYFAAYVITSVDEEMRHNELSTLEAEMAVE
RKAVEDQRDGELEARAQKLEADLAELEAEGAKADARRKVRDGGEREMRQIRDRAQRELDRLEDIWSTFTKLAPKQLIVDE
NLYRELVDRYGEYFTGAMGAESIQKLIENFDIDAEAESLRDVIRNGKGQKKLRALKRLKVVAAFQQSGNSPMGMVLDAVP
VIPPELRPMVQLDGGRFATSDLNDLYRRVINRNNRLKRLIDLGAPEIIVNNEKRMLQESVDALFDNGRRGRPVTGPGNRP
LKSLSDLLKGKQGRFRQNLLGKRVDYSGRSVIVVGPQLKLHQCGLPKLMALELFKPFVMKRLVDLNHAQNIKSAKRMVER
QRPQVWDVLEEVIAEHPVLLNRAPTLHRLGIQAFEPMLVEGKAIQLHPLVCEAFNADFDGDQMAVHLPLSAEAQAEARIL
MLSSNNILSPASGRPLAMPRLDMVTGLYYLTTEVPGDTGEYQPASGDHPETGVYSSPAEAIMAADRGVLSVRAKIKVRLT
QLRPPVEIEAELFGHSGWQPGDAWMAETTLGRVMFNELLPLGYPFVNKQMHKKVQAAIINDLAERYPMIVVAQTVDKLKD
AGFYWATRSGVTVSMADVLVPPRKKEILDHYEERADKVEKQFQRGALNHDERNEALVEIWKEATDEVGQALREHYPDDNP
IITIVDSGATGNFTQTRTLAGMKGLVTNPKGEFIPRPVKSSFREGLTVLEYFINTHGARKGLADTALRTADSGYLTRRLV
DVSQDVIVREHDCQTERGIVVELAERAPDGTLIRDPYIETSAYARTLGTDAVDEAGNVIVERGQDLGDPEIDALLAAGIT
QVKVRSVLTCATSTGVCATCYGRSMATGKLVDIGEAVGIVAAQSIGEPGTQLTMRTFHQGGVGEDITGGLPRVQELFEAR
VPRGKAPIADVTGRVRLEDGERFYKITIVPDDGGEEVVYDKISKRQRLRVFKHEDGSERVLSDGDHVEVGQQLMEGSADP
HEVLRVQGPREVQIHLVREVQEVYRAQGVSIHDKHIEVIVRQMLRRVTIIDSGSTEFLPGSLIDRAEFEAENRRVVAEGG
EPAAGRPVLMGITKASLATDSWLSAASFQETTRVLTDAAINCRSDKLNGLKENVIIGKLIPAGTGINRYRNIAVQPTEEA
RAAAYTIPSYEDQYYSPDFGAATGAAVPLDDYGYSDYR
;
D
4 'polypeptide(L)'
;VSISQSDASLAAVPAVDQFDPSSGASGGYDTPLGITNPPIDELLDRVSSKYALVIYAAKRARQINDYYNQLGEGILEYVG
PLVEPGLQEKPLSIALREIHADLLEHTEGE
;
E
5 'polypeptide(L)'
;VTTFDGDTSAGEAVDLTEANAFQDAAAPAEEVDPAAALKAELRSKPGDWYVVHSYAGYENKVKANLETRVQNLDVGDYIF
QVEVPTEEVTEIKNGQRKQVNRKVLPGYILVRMDLTDDSWAAVRNTPGVTGFVGATSRPSALALDDVVKFLLPRGSTRKA
AKGAASTAAAAEAGGLERPVVEVDYEVGESVTVMDGPFATLPATISEVNAEQQKLKVLVSIFGRETPVELTFGQVSKI
;
Z
6 'polydeoxyribonucleotide'
;(DC)(DC)(DG)(DG)(DC)(DA)(DT)(DG)(DA)(DG)(DA)(DG)(DG)(DG)(DT)(DA)(DT)(DT)(DC)(DG)
(DC)(DC)(DG)(DC)(DC)(DT)(DA)(DC)(DC)(DT)(DC)(DT)(DC)(DC)(DT)(DA)(DG)(DC)(DC)(DC)
(DG)(DC)(DA)(DA)(DG)(DT)(DA)(DT)(DC)(DC)(DG)(DA)(DC)(DG)
;
P
7 'polydeoxyribonucleotide'
;(DC)(DG)(DT)(DC)(DG)(DG)(DA)(DT)(DA)(DC)(DT)(DT)(DG)(DC)(DG)(DG)(DG)(DC)(DT)(DA)
(DG)(DC)(DC)(DT)(DC)(DT)(DT)(DT)(DT)(DG)(DG)(DC)(DG)(DG)(DC)(DG)(DA)(DA)(DT)(DA)
(DC)(DC)(DC)(DT)(DC)(DT)(DC)(DA)(DT)(DG)(DC)(DC)(DG)(DG)
;
Q
8 'polyribonucleotide' GCAUUCAAAGCGGAGAGGUA R
#
loop_
_chem_comp.id
_chem_comp.type
_chem_comp.name
_chem_comp.formula
A RNA linking ADENOSINE-5'-MONOPHOSPHATE 'C10 H14 N5 O7 P'
C RNA linking CYTIDINE-5'-MONOPHOSPHATE 'C9 H14 N3 O8 P'
DA DNA linking 2'-DEOXYADENOSINE-5'-MONOPHOSPHATE 'C10 H14 N5 O6 P'
DC DNA linking 2'-DEOXYCYTIDINE-5'-MONOPHOSPHATE 'C9 H14 N3 O7 P'
DG DNA linking 2'-DEOXYGUANOSINE-5'-MONOPHOSPHATE 'C10 H14 N5 O7 P'
DT DNA linking THYMIDINE-5'-MONOPHOSPHATE 'C10 H15 N2 O8 P'
G RNA linking GUANOSINE-5'-MONOPHOSPHATE 'C10 H14 N5 O8 P'
MG non-polymer 'MAGNESIUM ION' 'Mg 2'
U RNA linking URIDINE-5'-MONOPHOSPHATE 'C9 H13 N2 O9 P'
ZN non-polymer 'ZINC ION' 'Zn 2'
#
# COMPACT_ATOMS: atom_id res chain seq x y z
N MET A 1 -63.80 -27.95 1.86
CA MET A 1 -62.33 -28.22 1.87
C MET A 1 -61.76 -27.98 3.27
N LEU A 2 -62.58 -28.23 4.28
CA LEU A 2 -62.19 -28.00 5.67
C LEU A 2 -61.70 -29.31 6.30
N ILE A 3 -60.41 -29.57 6.12
CA ILE A 3 -59.78 -30.78 6.63
C ILE A 3 -60.01 -30.85 8.14
N SER A 4 -60.65 -31.93 8.60
CA SER A 4 -61.04 -32.06 10.00
C SER A 4 -60.24 -33.19 10.64
N GLN A 5 -58.99 -32.87 10.98
CA GLN A 5 -58.13 -33.78 11.73
C GLN A 5 -57.01 -32.96 12.34
N ARG A 6 -56.97 -32.90 13.66
CA ARG A 6 -55.95 -32.09 14.33
C ARG A 6 -54.59 -32.80 14.29
N PRO A 7 -53.49 -32.06 14.29
CA PRO A 7 -52.17 -32.72 14.30
C PRO A 7 -52.00 -33.60 15.53
N THR A 8 -51.31 -34.71 15.34
CA THR A 8 -50.98 -35.64 16.41
C THR A 8 -49.50 -35.99 16.33
N LEU A 9 -48.82 -35.98 17.47
CA LEU A 9 -47.39 -36.21 17.54
C LEU A 9 -47.15 -37.64 18.05
N SER A 10 -46.38 -38.41 17.28
CA SER A 10 -45.97 -39.75 17.65
C SER A 10 -44.45 -39.85 17.54
N GLU A 11 -43.86 -40.62 18.45
CA GLU A 11 -42.41 -40.72 18.58
C GLU A 11 -41.92 -42.09 18.13
N ASP A 12 -40.72 -42.11 17.55
CA ASP A 12 -40.03 -43.34 17.20
C ASP A 12 -38.64 -43.28 17.82
N VAL A 13 -38.25 -44.34 18.52
CA VAL A 13 -36.97 -44.40 19.22
C VAL A 13 -36.03 -45.27 18.39
N LEU A 14 -35.11 -44.62 17.67
CA LEU A 14 -34.09 -45.36 16.94
C LEU A 14 -33.01 -45.88 17.88
N THR A 15 -32.70 -45.13 18.93
CA THR A 15 -31.75 -45.55 19.95
C THR A 15 -31.93 -44.65 21.17
N ASP A 16 -31.10 -44.84 22.19
CA ASP A 16 -31.29 -44.11 23.43
C ASP A 16 -31.12 -42.61 23.24
N ASN A 17 -30.15 -42.20 22.43
CA ASN A 17 -29.82 -40.80 22.25
C ASN A 17 -30.30 -40.23 20.92
N ARG A 18 -31.28 -40.88 20.28
CA ARG A 18 -31.83 -40.40 19.03
C ARG A 18 -33.27 -40.88 18.92
N SER A 19 -34.11 -40.07 18.27
CA SER A 19 -35.51 -40.44 18.09
C SER A 19 -36.10 -39.57 16.99
N GLN A 20 -37.00 -40.18 16.22
CA GLN A 20 -37.72 -39.49 15.15
C GLN A 20 -39.15 -39.26 15.60
N PHE A 21 -39.55 -38.00 15.66
CA PHE A 21 -40.92 -37.61 16.02
C PHE A 21 -41.66 -37.25 14.74
N VAL A 22 -42.88 -37.78 14.59
CA VAL A 22 -43.70 -37.54 13.41
C VAL A 22 -44.89 -36.70 13.84
N ILE A 23 -45.15 -35.63 13.09
CA ILE A 23 -46.26 -34.72 13.36
C ILE A 23 -47.08 -34.61 12.08
N GLU A 24 -48.34 -35.04 12.15
CA GLU A 24 -49.24 -34.93 11.01
C GLU A 24 -50.67 -34.97 11.54
N PRO A 25 -51.65 -34.47 10.78
CA PRO A 25 -51.52 -33.79 9.48
C PRO A 25 -51.39 -32.28 9.61
N LEU A 26 -50.37 -31.70 8.98
CA LEU A 26 -50.19 -30.26 8.94
C LEU A 26 -50.68 -29.71 7.61
N GLU A 27 -51.14 -28.46 7.63
CA GLU A 27 -51.62 -27.83 6.42
C GLU A 27 -50.50 -27.72 5.40
N PRO A 28 -50.81 -27.81 4.11
CA PRO A 28 -49.74 -27.87 3.10
C PRO A 28 -48.85 -26.63 3.17
N GLY A 29 -47.54 -26.87 3.06
CA GLY A 29 -46.56 -25.80 3.17
C GLY A 29 -46.17 -25.43 4.58
N PHE A 30 -46.89 -25.94 5.58
CA PHE A 30 -46.61 -25.63 6.98
C PHE A 30 -45.82 -26.74 7.67
N GLY A 31 -45.18 -27.62 6.90
CA GLY A 31 -44.33 -28.62 7.47
C GLY A 31 -42.91 -28.10 7.68
N TYR A 32 -42.33 -27.57 6.61
CA TYR A 32 -40.98 -27.03 6.70
C TYR A 32 -40.88 -25.96 7.78
N THR A 33 -41.85 -25.05 7.82
CA THR A 33 -41.79 -23.95 8.76
C THR A 33 -41.82 -24.45 10.20
N LEU A 34 -42.75 -25.36 10.51
CA LEU A 34 -42.83 -25.88 11.87
C LEU A 34 -41.58 -26.67 12.24
N GLY A 35 -41.11 -27.52 11.33
CA GLY A 35 -39.90 -28.27 11.60
C GLY A 35 -38.71 -27.37 11.85
N ASN A 36 -38.59 -26.28 11.08
CA ASN A 36 -37.47 -25.38 11.26
C ASN A 36 -37.61 -24.59 12.56
N SER A 37 -38.83 -24.21 12.93
CA SER A 37 -39.01 -23.56 14.22
C SER A 37 -38.53 -24.47 15.35
N LEU A 38 -38.94 -25.73 15.32
CA LEU A 38 -38.50 -26.66 16.35
C LEU A 38 -36.98 -26.86 16.31
N ARG A 39 -36.40 -26.96 15.11
CA ARG A 39 -34.96 -27.14 15.01
C ARG A 39 -34.22 -25.95 15.61
N ARG A 40 -34.63 -24.73 15.26
CA ARG A 40 -33.98 -23.54 15.79
C ARG A 40 -34.10 -23.49 17.30
N THR A 41 -35.28 -23.79 17.84
CA THR A 41 -35.43 -23.76 19.28
C THR A 41 -34.56 -24.82 19.95
N LEU A 42 -34.48 -26.02 19.37
CA LEU A 42 -33.67 -27.08 19.96
C LEU A 42 -32.20 -26.74 19.95
N LEU A 43 -31.70 -26.15 18.87
CA LEU A 43 -30.27 -25.91 18.72
C LEU A 43 -29.77 -24.69 19.49
N SER A 44 -30.66 -23.91 20.10
CA SER A 44 -30.25 -22.71 20.80
C SER A 44 -30.88 -22.49 22.17
N SER A 45 -31.94 -23.20 22.53
CA SER A 45 -32.73 -22.86 23.71
C SER A 45 -33.10 -24.10 24.50
N ILE A 46 -32.14 -24.99 24.74
CA ILE A 46 -32.35 -26.19 25.54
C ILE A 46 -31.41 -26.12 26.74
N PRO A 47 -31.90 -25.94 27.96
CA PRO A 47 -31.00 -25.78 29.11
C PRO A 47 -30.20 -27.04 29.39
N GLY A 48 -29.02 -26.84 29.96
CA GLY A 48 -28.14 -27.95 30.26
C GLY A 48 -27.09 -27.56 31.28
N ALA A 49 -26.13 -28.46 31.46
CA ALA A 49 -25.06 -28.28 32.43
C ALA A 49 -23.71 -28.43 31.74
N ALA A 50 -22.71 -27.73 32.27
CA ALA A 50 -21.36 -27.80 31.75
C ALA A 50 -20.40 -27.25 32.79
N VAL A 51 -19.12 -27.59 32.63
CA VAL A 51 -18.09 -27.08 33.54
C VAL A 51 -17.87 -25.60 33.26
N THR A 52 -17.74 -24.82 34.33
CA THR A 52 -17.56 -23.38 34.22
C THR A 52 -16.10 -22.96 34.36
N SER A 53 -15.39 -23.55 35.32
CA SER A 53 -13.99 -23.23 35.54
C SER A 53 -13.34 -24.40 36.28
N ILE A 54 -12.01 -24.44 36.26
CA ILE A 54 -11.27 -25.52 36.88
C ILE A 54 -10.13 -24.94 37.72
N ARG A 55 -9.47 -25.84 38.45
CA ARG A 55 -8.26 -25.51 39.19
C ARG A 55 -7.44 -26.79 39.34
N ILE A 56 -6.25 -26.81 38.76
CA ILE A 56 -5.33 -27.92 38.88
C ILE A 56 -4.31 -27.58 39.96
N ASP A 57 -3.77 -28.62 40.60
CA ASP A 57 -2.93 -28.44 41.78
C ASP A 57 -1.77 -27.50 41.54
N GLY A 58 -0.87 -27.88 40.62
CA GLY A 58 0.38 -27.15 40.47
C GLY A 58 0.47 -26.30 39.22
N VAL A 59 -0.59 -25.58 38.87
CA VAL A 59 -0.58 -24.66 37.74
C VAL A 59 -1.22 -23.35 38.19
N LEU A 60 -0.55 -22.23 37.89
CA LEU A 60 -1.13 -20.93 38.19
C LEU A 60 -1.93 -20.41 36.99
N HIS A 61 -1.42 -20.62 35.79
CA HIS A 61 -2.04 -20.16 34.56
C HIS A 61 -2.43 -21.37 33.70
N GLU A 62 -3.07 -21.09 32.57
CA GLU A 62 -3.55 -22.12 31.66
C GLU A 62 -2.61 -22.35 30.48
N PHE A 63 -1.40 -21.80 30.55
CA PHE A 63 -0.39 -21.93 29.50
C PHE A 63 0.87 -22.55 30.07
N THR A 64 0.71 -23.58 30.89
CA THR A 64 1.82 -24.32 31.48
C THR A 64 1.61 -25.81 31.23
N THR A 65 2.42 -26.63 31.91
CA THR A 65 2.33 -28.08 31.81
C THR A 65 2.41 -28.67 33.21
N VAL A 66 1.45 -29.53 33.55
CA VAL A 66 1.56 -30.30 34.79
C VAL A 66 2.73 -31.27 34.65
N PRO A 67 3.52 -31.51 35.70
CA PRO A 67 4.63 -32.47 35.57
C PRO A 67 4.11 -33.91 35.54
N GLY A 68 4.50 -34.66 34.51
CA GLY A 68 4.16 -36.06 34.39
C GLY A 68 3.01 -36.38 33.46
N VAL A 69 2.48 -35.41 32.73
CA VAL A 69 1.38 -35.63 31.79
C VAL A 69 1.86 -35.32 30.39
N LYS A 70 1.57 -36.22 29.44
CA LYS A 70 1.85 -35.96 28.04
C LYS A 70 1.00 -34.84 27.47
N GLU A 71 -0.13 -34.52 28.10
CA GLU A 71 -1.01 -33.47 27.63
C GLU A 71 -0.64 -32.15 28.31
N ASP A 72 -0.26 -31.16 27.50
CA ASP A 72 -0.21 -29.79 28.00
C ASP A 72 -1.58 -29.41 28.53
N VAL A 73 -1.60 -28.53 29.52
CA VAL A 73 -2.84 -28.20 30.23
C VAL A 73 -3.91 -27.78 29.24
N THR A 74 -3.50 -27.09 28.17
CA THR A 74 -4.45 -26.67 27.15
C THR A 74 -5.16 -27.87 26.53
N GLU A 75 -4.40 -28.93 26.23
CA GLU A 75 -5.04 -30.14 25.70
C GLU A 75 -5.93 -30.79 26.74
N ILE A 76 -5.59 -30.64 28.02
CA ILE A 76 -6.45 -31.15 29.08
C ILE A 76 -7.80 -30.42 29.05
N ILE A 77 -7.77 -29.11 28.84
CA ILE A 77 -9.02 -28.36 28.73
C ILE A 77 -9.78 -28.79 27.49
N LEU A 78 -9.08 -28.93 26.37
CA LEU A 78 -9.73 -29.35 25.14
C LEU A 78 -10.36 -30.73 25.24
N ASN A 79 -9.80 -31.60 26.10
CA ASN A 79 -10.40 -32.92 26.34
C ASN A 79 -11.59 -32.81 27.29
N LEU A 80 -11.43 -32.05 28.38
CA LEU A 80 -12.51 -31.89 29.36
C LEU A 80 -13.74 -31.28 28.72
N LYS A 81 -13.55 -30.38 27.75
CA LYS A 81 -14.66 -29.65 27.16
C LYS A 81 -15.62 -30.58 26.43
N SER A 82 -15.18 -31.81 26.13
CA SER A 82 -16.03 -32.79 25.46
C SER A 82 -16.79 -33.64 26.46
N LEU A 83 -16.79 -33.25 27.73
CA LEU A 83 -17.59 -33.92 28.74
C LEU A 83 -19.08 -33.69 28.46
N VAL A 84 -19.90 -34.62 28.95
CA VAL A 84 -21.35 -34.55 28.82
C VAL A 84 -21.93 -34.73 30.23
N VAL A 85 -22.29 -33.61 30.86
CA VAL A 85 -22.76 -33.60 32.23
C VAL A 85 -24.24 -33.29 32.24
N SER A 86 -24.92 -33.68 33.33
CA SER A 86 -26.34 -33.41 33.53
C SER A 86 -26.52 -33.07 35.01
N SER A 87 -26.66 -31.78 35.30
CA SER A 87 -26.79 -31.30 36.67
C SER A 87 -28.23 -30.91 36.97
N GLU A 88 -28.59 -31.03 38.25
CA GLU A 88 -29.91 -30.65 38.73
C GLU A 88 -29.89 -29.48 39.70
N GLU A 89 -28.76 -29.20 40.34
CA GLU A 89 -28.65 -28.06 41.23
C GLU A 89 -28.64 -26.76 40.44
N ASP A 90 -29.32 -25.75 40.98
CA ASP A 90 -29.41 -24.45 40.36
C ASP A 90 -28.26 -23.53 40.74
N GLU A 91 -27.31 -24.04 41.51
CA GLU A 91 -26.16 -23.29 41.98
C GLU A 91 -24.89 -24.05 41.63
N PRO A 92 -23.75 -23.37 41.53
CA PRO A 92 -22.50 -24.06 41.22
C PRO A 92 -22.24 -25.20 42.20
N VAL A 93 -21.84 -26.34 41.66
CA VAL A 93 -21.38 -27.47 42.45
C VAL A 93 -19.91 -27.69 42.13
N THR A 94 -19.27 -28.65 42.78
CA THR A 94 -17.86 -28.92 42.58
C THR A 94 -17.66 -30.41 42.35
N MET A 95 -16.70 -30.73 41.48
CA MET A 95 -16.31 -32.10 41.18
C MET A 95 -14.79 -32.19 41.26
N TYR A 96 -14.31 -33.37 41.63
CA TYR A 96 -12.89 -33.59 41.83
C TYR A 96 -12.45 -34.85 41.09
N LEU A 97 -11.28 -34.78 40.47
CA LEU A 97 -10.63 -35.93 39.85
C LEU A 97 -9.26 -36.11 40.49
N ARG A 98 -9.01 -37.30 41.03
CA ARG A 98 -7.75 -37.59 41.72
C ARG A 98 -7.10 -38.82 41.10
N LYS A 99 -5.84 -38.67 40.70
CA LYS A 99 -5.07 -39.79 40.19
C LYS A 99 -3.61 -39.57 40.57
N GLN A 100 -2.88 -40.67 40.72
CA GLN A 100 -1.45 -40.62 41.01
C GLN A 100 -0.82 -41.89 40.48
N GLY A 101 0.28 -41.75 39.74
CA GLY A 101 1.04 -42.90 39.29
C GLY A 101 0.76 -43.26 37.85
N PRO A 102 1.39 -44.33 37.38
CA PRO A 102 1.20 -44.75 35.98
C PRO A 102 -0.25 -45.12 35.71
N GLY A 103 -0.67 -44.85 34.47
CA GLY A 103 -2.00 -45.20 33.99
C GLY A 103 -2.71 -44.01 33.41
N GLU A 104 -3.61 -44.31 32.47
CA GLU A 104 -4.39 -43.28 31.82
C GLU A 104 -5.41 -42.70 32.79
N VAL A 105 -5.74 -41.42 32.59
CA VAL A 105 -6.70 -40.70 33.42
C VAL A 105 -7.88 -40.35 32.52
N THR A 106 -9.07 -40.82 32.87
CA THR A 106 -10.26 -40.65 32.06
C THR A 106 -11.40 -40.10 32.92
N ALA A 107 -12.48 -39.72 32.23
CA ALA A 107 -13.63 -39.12 32.92
C ALA A 107 -14.25 -40.08 33.91
N GLY A 108 -14.07 -41.38 33.72
CA GLY A 108 -14.60 -42.34 34.68
C GLY A 108 -14.03 -42.16 36.06
N ASP A 109 -12.77 -41.75 36.16
CA ASP A 109 -12.15 -41.52 37.46
C ASP A 109 -12.79 -40.35 38.21
N ILE A 110 -13.57 -39.51 37.53
CA ILE A 110 -14.20 -38.38 38.19
C ILE A 110 -15.21 -38.87 39.21
N VAL A 111 -15.29 -38.19 40.35
CA VAL A 111 -16.22 -38.53 41.41
C VAL A 111 -17.22 -37.39 41.58
N PRO A 112 -18.39 -37.45 40.95
CA PRO A 112 -19.35 -36.36 41.09
C PRO A 112 -20.12 -36.48 42.39
N PRO A 113 -20.58 -35.35 42.97
CA PRO A 113 -21.45 -35.44 44.14
C PRO A 113 -22.86 -35.87 43.76
N ALA A 114 -23.76 -35.91 44.73
CA ALA A 114 -25.16 -36.22 44.42
C ALA A 114 -25.72 -35.17 43.47
N GLY A 115 -26.54 -35.63 42.53
CA GLY A 115 -27.04 -34.75 41.49
C GLY A 115 -26.34 -34.97 40.17
N VAL A 116 -25.36 -34.12 39.88
CA VAL A 116 -24.62 -34.16 38.61
C VAL A 116 -24.12 -35.57 38.35
N THR A 117 -24.12 -35.98 37.08
CA THR A 117 -23.65 -37.31 36.70
C THR A 117 -22.97 -37.21 35.34
N VAL A 118 -21.72 -37.67 35.28
CA VAL A 118 -21.00 -37.71 34.01
C VAL A 118 -21.58 -38.81 33.15
N HIS A 119 -21.96 -38.45 31.91
CA HIS A 119 -22.71 -39.35 31.05
C HIS A 119 -21.87 -40.02 29.96
N ASN A 120 -20.54 -39.92 30.02
CA ASN A 120 -19.67 -40.66 29.10
C ASN A 120 -18.34 -41.00 29.77
N PRO A 121 -18.34 -41.96 30.69
CA PRO A 121 -17.07 -42.40 31.28
C PRO A 121 -16.16 -43.01 30.22
N GLY A 122 -14.86 -42.85 30.42
CA GLY A 122 -13.86 -43.55 29.62
C GLY A 122 -13.31 -42.78 28.44
N MET A 123 -13.73 -41.54 28.18
CA MET A 123 -13.31 -40.87 26.95
C MET A 123 -11.80 -40.63 26.89
N HIS A 124 -11.31 -39.62 27.61
CA HIS A 124 -9.89 -39.38 27.86
C HIS A 124 -9.76 -38.08 28.65
N ILE A 125 -8.72 -37.97 29.48
CA ILE A 125 -8.29 -36.67 30.01
C ILE A 125 -6.78 -36.49 29.85
N ALA A 126 -6.01 -37.44 30.36
CA ALA A 126 -4.55 -37.32 30.32
C ALA A 126 -3.93 -38.68 30.64
N THR A 127 -2.62 -38.77 30.42
CA THR A 127 -1.84 -39.96 30.75
C THR A 127 -0.72 -39.56 31.71
N LEU A 128 -0.52 -40.38 32.74
CA LEU A 128 0.51 -40.14 33.75
C LEU A 128 1.55 -41.25 33.63
N ASN A 129 2.82 -40.86 33.48
CA ASN A 129 3.84 -41.86 33.13
C ASN A 129 4.36 -42.62 34.36
N ASP A 130 5.10 -41.93 35.24
CA ASP A 130 5.56 -42.56 36.47
C ASP A 130 5.37 -41.65 37.68
N LYS A 131 5.59 -40.35 37.49
CA LYS A 131 5.68 -39.40 38.59
C LYS A 131 4.70 -38.25 38.45
N GLY A 132 3.59 -38.46 37.75
CA GLY A 132 2.60 -37.43 37.54
C GLY A 132 1.40 -37.63 38.45
N LYS A 133 0.95 -36.53 39.05
CA LYS A 133 -0.24 -36.51 39.88
C LYS A 133 -1.16 -35.42 39.37
N LEU A 134 -2.45 -35.75 39.23
CA LEU A 134 -3.44 -34.84 38.68
C LEU A 134 -4.59 -34.72 39.68
N GLU A 135 -4.74 -33.54 40.28
CA GLU A 135 -5.81 -33.25 41.23
C GLU A 135 -6.53 -32.01 40.73
N VAL A 136 -7.54 -32.20 39.88
CA VAL A 136 -8.21 -31.11 39.20
C VAL A 136 -9.62 -30.97 39.76
N GLU A 137 -10.00 -29.74 40.06
CA GLU A 137 -11.28 -29.40 40.65
C GLU A 137 -12.14 -28.71 39.60
N LEU A 138 -13.32 -29.27 39.33
CA LEU A 138 -14.24 -28.74 38.34
C LEU A 138 -15.39 -28.05 39.04
N VAL A 139 -16.08 -27.17 38.29
CA VAL A 139 -17.22 -26.41 38.80
C VAL A 139 -18.33 -26.54 37.77
N VAL A 140 -19.24 -27.48 37.99
CA VAL A 140 -20.39 -27.65 37.11
C VAL A 140 -21.43 -26.58 37.43
N GLU A 141 -22.11 -26.10 36.40
CA GLU A 141 -23.12 -25.07 36.56
C GLU A 141 -24.13 -25.17 35.44
N ARG A 142 -25.37 -24.81 35.73
CA ARG A 142 -26.42 -24.86 34.74
C ARG A 142 -26.41 -23.61 33.86
N GLY A 143 -26.84 -23.79 32.62
CA GLY A 143 -26.86 -22.69 31.68
C GLY A 143 -27.57 -23.10 30.40
N ARG A 144 -27.53 -22.20 29.43
CA ARG A 144 -28.20 -22.36 28.15
C ARG A 144 -27.30 -21.86 27.04
N GLY A 145 -27.37 -22.54 25.90
CA GLY A 145 -26.64 -22.10 24.72
C GLY A 145 -25.15 -21.99 24.95
N TYR A 146 -24.59 -20.81 24.69
CA TYR A 146 -23.15 -20.61 24.75
C TYR A 146 -22.84 -19.37 25.59
N VAL A 147 -21.78 -19.48 26.40
CA VAL A 147 -21.33 -18.38 27.25
C VAL A 147 -19.80 -18.37 27.24
N PRO A 148 -19.16 -17.32 26.74
CA PRO A 148 -17.70 -17.32 26.64
C PRO A 148 -17.06 -17.37 28.01
N ALA A 149 -15.72 -17.44 28.01
CA ALA A 149 -14.96 -17.51 29.24
C ALA A 149 -15.30 -16.35 30.16
N VAL A 150 -15.83 -16.68 31.34
CA VAL A 150 -16.15 -15.68 32.36
C VAL A 150 -14.82 -15.16 32.90
N GLN A 151 -14.59 -13.86 32.78
CA GLN A 151 -13.31 -13.30 33.16
C GLN A 151 -13.05 -13.52 34.64
N ASN A 152 -11.80 -13.83 34.97
CA ASN A 152 -11.44 -14.13 36.36
C ASN A 152 -11.54 -12.88 37.24
N ARG A 153 -11.14 -11.73 36.71
CA ARG A 153 -11.15 -10.51 37.52
C ARG A 153 -12.57 -9.97 37.68
N ALA A 154 -13.38 -10.06 36.63
CA ALA A 154 -14.73 -9.49 36.68
C ALA A 154 -15.55 -10.16 37.78
N SER A 155 -15.46 -11.48 37.88
CA SER A 155 -16.08 -12.24 38.96
C SER A 155 -14.99 -12.68 39.91
N GLY A 156 -14.98 -12.11 41.12
CA GLY A 156 -13.93 -12.34 42.09
C GLY A 156 -13.49 -13.78 42.21
N ALA A 157 -12.21 -14.04 41.94
CA ALA A 157 -11.68 -15.39 41.94
C ALA A 157 -10.19 -15.33 42.28
N GLU A 158 -9.60 -16.52 42.39
CA GLU A 158 -8.20 -16.66 42.81
C GLU A 158 -7.29 -16.62 41.59
N ILE A 159 -5.98 -16.62 41.84
CA ILE A 159 -5.01 -16.63 40.75
C ILE A 159 -4.92 -17.97 40.04
N GLY A 160 -5.11 -19.08 40.77
CA GLY A 160 -5.04 -20.40 40.19
C GLY A 160 -6.28 -20.84 39.45
N ARG A 161 -7.33 -20.02 39.44
CA ARG A 161 -8.58 -20.36 38.76
C ARG A 161 -8.40 -20.18 37.26
N ILE A 162 -8.94 -21.12 36.50
CA ILE A 162 -8.88 -21.12 35.04
C ILE A 162 -10.29 -21.16 34.50
N PRO A 163 -10.88 -20.02 34.15
CA PRO A 163 -12.20 -20.03 33.52
C PRO A 163 -12.19 -20.81 32.22
N VAL A 164 -13.26 -21.58 32.01
CA VAL A 164 -13.39 -22.45 30.85
C VAL A 164 -14.68 -22.11 30.14
N ASP A 165 -14.63 -22.06 28.80
CA ASP A 165 -15.83 -21.79 28.03
C ASP A 165 -16.84 -22.92 28.23
N SER A 166 -18.10 -22.55 28.39
CA SER A 166 -19.17 -23.48 28.68
C SER A 166 -20.16 -23.51 27.53
N ILE A 167 -20.42 -24.72 27.02
CA ILE A 167 -21.41 -24.95 25.97
C ILE A 167 -22.46 -25.85 26.61
N TYR A 168 -23.58 -25.26 27.01
CA TYR A 168 -24.59 -26.00 27.76
C TYR A 168 -25.52 -26.83 26.87
N SER A 169 -25.40 -26.69 25.55
CA SER A 169 -26.26 -27.38 24.59
C SER A 169 -26.36 -28.87 24.88
N PRO A 170 -27.53 -29.38 25.30
CA PRO A 170 -27.72 -30.83 25.38
C PRO A 170 -28.07 -31.47 24.05
N VAL A 171 -28.48 -30.69 23.07
CA VAL A 171 -28.80 -31.22 21.75
C VAL A 171 -27.51 -31.31 20.93
N LEU A 172 -27.38 -32.40 20.18
CA LEU A 172 -26.22 -32.64 19.34
C LEU A 172 -26.48 -32.28 17.88
N LYS A 173 -27.55 -32.80 17.29
CA LYS A 173 -27.86 -32.52 15.90
C LYS A 173 -29.36 -32.69 15.70
N VAL A 174 -29.92 -31.87 14.82
CA VAL A 174 -31.35 -31.89 14.53
C VAL A 174 -31.55 -31.75 13.04
N THR A 175 -32.66 -32.29 12.54
CA THR A 175 -33.05 -32.12 11.14
C THR A 175 -34.52 -32.45 11.02
N TYR A 176 -35.01 -32.47 9.79
CA TYR A 176 -36.40 -32.83 9.54
C TYR A 176 -36.58 -33.15 8.07
N LYS A 177 -37.62 -33.91 7.78
CA LYS A 177 -37.98 -34.27 6.42
C LYS A 177 -39.50 -34.29 6.32
N VAL A 178 -40.04 -33.48 5.42
CA VAL A 178 -41.48 -33.25 5.31
C VAL A 178 -42.01 -34.07 4.14
N ASP A 179 -43.00 -34.90 4.43
CA ASP A 179 -43.65 -35.73 3.41
C ASP A 179 -44.98 -35.07 3.03
N ALA A 180 -45.02 -34.42 1.88
CA ALA A 180 -46.18 -33.66 1.44
C ALA A 180 -47.04 -34.52 0.53
N THR A 181 -48.35 -34.49 0.76
CA THR A 181 -49.31 -35.25 -0.02
C THR A 181 -50.07 -34.27 -0.91
N ARG A 182 -49.74 -34.27 -2.20
CA ARG A 182 -50.40 -33.42 -3.18
C ARG A 182 -51.31 -34.29 -4.05
N VAL A 183 -52.60 -33.95 -4.07
CA VAL A 183 -53.62 -34.74 -4.74
C VAL A 183 -54.58 -33.79 -5.43
N GLU A 184 -55.07 -34.18 -6.60
CA GLU A 184 -56.07 -33.37 -7.29
C GLU A 184 -57.32 -33.17 -6.44
N GLN A 185 -57.58 -34.08 -5.50
CA GLN A 185 -58.70 -33.92 -4.58
C GLN A 185 -58.55 -32.67 -3.74
N ARG A 186 -57.32 -32.19 -3.55
CA ARG A 186 -56.97 -31.01 -2.75
C ARG A 186 -57.14 -31.27 -1.26
N THR A 187 -57.19 -32.53 -0.83
CA THR A 187 -57.16 -32.87 0.60
C THR A 187 -55.71 -33.02 1.05
N ASP A 188 -54.95 -31.95 0.85
CA ASP A 188 -53.51 -31.97 1.05
C ASP A 188 -53.15 -31.76 2.51
N PHE A 189 -52.01 -32.30 2.90
CA PHE A 189 -51.47 -32.13 4.24
C PHE A 189 -49.98 -32.41 4.19
N ASP A 190 -49.30 -32.06 5.28
CA ASP A 190 -47.86 -32.26 5.40
C ASP A 190 -47.56 -33.09 6.64
N LYS A 191 -46.66 -34.07 6.49
CA LYS A 191 -46.22 -34.91 7.60
C LYS A 191 -44.77 -34.58 7.91
N LEU A 192 -44.54 -33.99 9.08
CA LEU A 192 -43.20 -33.65 9.52
C LEU A 192 -42.56 -34.82 10.25
N ILE A 193 -41.25 -34.96 10.10
CA ILE A 193 -40.49 -36.01 10.78
C ILE A 193 -39.26 -35.38 11.43
N LEU A 194 -39.37 -35.03 12.70
CA LEU A 194 -38.28 -34.37 13.39
C LEU A 194 -37.32 -35.39 14.00
N ASP A 195 -36.02 -35.23 13.71
CA ASP A 195 -34.97 -36.14 14.19
C ASP A 195 -34.10 -35.38 15.19
N VAL A 196 -34.45 -35.48 16.46
CA VAL A 196 -33.66 -34.86 17.52
C VAL A 196 -32.65 -35.88 18.04
N GLU A 197 -31.39 -35.47 18.13
CA GLU A 197 -30.31 -36.33 18.59
C GLU A 197 -29.57 -35.59 19.71
N THR A 198 -29.78 -36.05 20.94
CA THR A 198 -29.18 -35.43 22.11
C THR A 198 -27.90 -36.15 22.48
N LYS A 199 -27.05 -35.47 23.25
CA LYS A 199 -25.74 -36.02 23.59
C LYS A 199 -25.77 -36.75 24.92
N ASN A 200 -26.76 -37.63 25.11
CA ASN A 200 -26.85 -38.53 26.24
C ASN A 200 -27.03 -37.82 27.58
N SER A 201 -27.17 -36.48 27.57
CA SER A 201 -27.42 -35.77 28.82
C SER A 201 -28.92 -35.74 29.14
N ILE A 202 -29.75 -35.62 28.12
CA ILE A 202 -31.20 -35.70 28.26
C ILE A 202 -31.74 -36.40 27.03
N SER A 203 -32.79 -37.20 27.21
CA SER A 203 -33.36 -37.90 26.09
C SER A 203 -33.94 -36.89 25.10
N PRO A 204 -34.05 -37.24 23.82
CA PRO A 204 -34.60 -36.28 22.85
C PRO A 204 -36.00 -35.80 23.21
N ARG A 205 -36.78 -36.61 23.93
CA ARG A 205 -38.10 -36.18 24.36
C ARG A 205 -38.02 -34.93 25.24
N ASP A 206 -37.06 -34.90 26.16
CA ASP A 206 -36.95 -33.75 27.05
C ASP A 206 -36.58 -32.49 26.28
N ALA A 207 -35.66 -32.60 25.32
CA ALA A 207 -35.29 -31.44 24.51
C ALA A 207 -36.48 -30.94 23.70
N LEU A 208 -37.23 -31.87 23.08
CA LEU A 208 -38.41 -31.47 22.33
C LEU A 208 -39.43 -30.81 23.25
N ALA A 209 -39.58 -31.32 24.47
CA ALA A 209 -40.49 -30.70 25.42
C ALA A 209 -40.07 -29.28 25.76
N SER A 210 -38.77 -29.07 25.98
CA SER A 210 -38.29 -27.72 26.30
C SER A 210 -38.55 -26.77 25.14
N ALA A 211 -38.28 -27.22 23.92
CA ALA A 211 -38.54 -26.36 22.76
C ALA A 211 -40.02 -26.04 22.64
N GLY A 212 -40.87 -27.04 22.83
CA GLY A 212 -42.30 -26.81 22.80
C GLY A 212 -42.74 -25.80 23.84
N LYS A 213 -42.20 -25.92 25.06
CA LYS A 213 -42.59 -24.97 26.11
C LYS A 213 -42.19 -23.55 25.74
N THR A 214 -40.96 -23.38 25.22
CA THR A 214 -40.51 -22.04 24.84
C THR A 214 -41.41 -21.45 23.76
N LEU A 215 -41.70 -22.23 22.72
CA LEU A 215 -42.53 -21.71 21.63
C LEU A 215 -43.95 -21.45 22.08
N VAL A 216 -44.49 -22.31 22.96
CA VAL A 216 -45.81 -22.06 23.52
C VAL A 216 -45.83 -20.73 24.25
N GLU A 217 -44.79 -20.46 25.05
CA GLU A 217 -44.74 -19.20 25.76
C GLU A 217 -44.76 -18.02 24.79
N LEU A 218 -43.91 -18.08 23.76
CA LEU A 218 -43.82 -16.95 22.84
C LEU A 218 -45.15 -16.72 22.10
N PHE A 219 -45.75 -17.78 21.57
CA PHE A 219 -46.96 -17.60 20.80
C PHE A 219 -48.17 -17.33 21.70
N GLY A 220 -48.13 -17.73 22.97
CA GLY A 220 -49.12 -17.27 23.92
C GLY A 220 -49.01 -15.79 24.19
N LEU A 221 -47.79 -15.26 24.31
CA LEU A 221 -47.61 -13.82 24.31
C LEU A 221 -48.17 -13.19 23.04
N ALA A 222 -48.04 -13.86 21.91
CA ALA A 222 -48.65 -13.40 20.66
C ALA A 222 -50.17 -13.57 20.64
N ARG A 223 -50.74 -14.32 21.60
CA ARG A 223 -52.18 -14.55 21.69
C ARG A 223 -52.82 -13.68 22.77
N GLU A 224 -52.39 -12.42 22.90
CA GLU A 224 -52.97 -11.51 23.88
C GLU A 224 -53.76 -10.38 23.25
N LEU A 225 -54.06 -10.46 21.96
CA LEU A 225 -54.77 -9.36 21.29
C LEU A 225 -56.27 -9.43 21.54
N ASN A 226 -56.91 -10.51 21.09
CA ASN A 226 -58.35 -10.62 21.21
C ASN A 226 -58.78 -10.70 22.67
N MET B 1 -36.15 -21.97 32.88
CA MET B 1 -35.47 -20.71 33.30
C MET B 1 -36.39 -19.51 33.05
N LEU B 2 -35.85 -18.30 33.23
CA LEU B 2 -36.60 -17.08 33.05
C LEU B 2 -35.83 -16.14 32.13
N ILE B 3 -36.54 -15.47 31.25
CA ILE B 3 -35.97 -14.51 30.30
C ILE B 3 -36.27 -13.12 30.81
N SER B 4 -35.23 -12.31 30.99
CA SER B 4 -35.36 -10.98 31.57
C SER B 4 -35.41 -9.95 30.46
N GLN B 5 -36.62 -9.70 29.95
CA GLN B 5 -36.87 -8.70 28.92
C GLN B 5 -38.33 -8.80 28.49
N ARG B 6 -38.81 -10.02 28.23
CA ARG B 6 -40.23 -10.27 28.03
C ARG B 6 -40.77 -9.43 26.87
N PRO B 7 -40.50 -9.83 25.62
CA PRO B 7 -40.87 -8.99 24.48
C PRO B 7 -42.31 -8.47 24.57
N THR B 8 -42.54 -7.34 23.90
CA THR B 8 -43.80 -6.62 23.97
C THR B 8 -44.42 -6.55 22.58
N LEU B 9 -45.70 -6.91 22.51
CA LEU B 9 -46.45 -6.88 21.26
C LEU B 9 -47.12 -5.52 21.13
N SER B 10 -46.73 -4.75 20.11
CA SER B 10 -47.31 -3.44 19.84
C SER B 10 -47.76 -3.39 18.39
N GLU B 11 -48.97 -2.86 18.18
CA GLU B 11 -49.58 -2.78 16.86
C GLU B 11 -49.73 -1.33 16.44
N ASP B 12 -49.54 -1.08 15.15
CA ASP B 12 -49.68 0.25 14.56
C ASP B 12 -50.62 0.13 13.37
N VAL B 13 -51.87 0.57 13.57
CA VAL B 13 -52.86 0.47 12.50
C VAL B 13 -52.50 1.45 11.39
N LEU B 14 -52.47 0.94 10.16
CA LEU B 14 -52.15 1.74 8.98
C LEU B 14 -53.37 2.07 8.15
N THR B 15 -54.12 1.05 7.74
CA THR B 15 -55.39 1.19 7.03
C THR B 15 -56.49 0.60 7.90
N ASP B 16 -57.74 0.74 7.44
CA ASP B 16 -58.86 0.22 8.21
C ASP B 16 -58.67 -1.26 8.51
N ASN B 17 -58.20 -2.03 7.52
CA ASN B 17 -57.80 -3.42 7.72
C ASN B 17 -56.39 -3.59 7.17
N ARG B 18 -55.40 -3.15 7.95
CA ARG B 18 -53.99 -3.39 7.67
C ARG B 18 -53.18 -2.91 8.86
N SER B 19 -52.27 -3.74 9.37
CA SER B 19 -51.53 -3.41 10.58
C SER B 19 -50.06 -3.73 10.39
N GLN B 20 -49.25 -3.20 11.31
CA GLN B 20 -47.82 -3.46 11.35
C GLN B 20 -47.44 -3.72 12.80
N PHE B 21 -47.48 -5.00 13.19
CA PHE B 21 -47.18 -5.38 14.56
C PHE B 21 -45.68 -5.42 14.78
N VAL B 22 -45.25 -4.94 15.94
CA VAL B 22 -43.84 -4.93 16.33
C VAL B 22 -43.70 -5.69 17.63
N ILE B 23 -42.94 -6.78 17.65
CA ILE B 23 -42.71 -7.42 18.98
C ILE B 23 -41.63 -6.55 19.62
N GLU B 24 -40.49 -7.11 20.07
CA GLU B 24 -39.48 -6.28 20.78
C GLU B 24 -38.49 -7.20 21.49
N PRO B 25 -37.46 -6.70 22.21
CA PRO B 25 -36.43 -7.54 22.79
C PRO B 25 -36.68 -9.05 22.71
N LEU B 26 -36.38 -9.67 21.57
CA LEU B 26 -36.48 -11.14 21.45
C LEU B 26 -35.05 -11.67 21.57
N GLU B 27 -34.80 -12.69 22.39
CA GLU B 27 -33.46 -13.24 22.48
C GLU B 27 -32.86 -13.31 21.07
N PRO B 28 -31.55 -13.21 20.94
CA PRO B 28 -30.93 -12.84 19.65
C PRO B 28 -30.93 -13.93 18.58
N GLY B 29 -31.96 -14.79 18.60
CA GLY B 29 -32.16 -15.72 17.51
C GLY B 29 -33.62 -15.96 17.18
N PHE B 30 -34.53 -15.30 17.89
CA PHE B 30 -35.95 -15.59 17.81
C PHE B 30 -36.70 -14.68 16.86
N GLY B 31 -36.00 -13.77 16.17
CA GLY B 31 -36.69 -12.91 15.22
C GLY B 31 -37.31 -13.70 14.07
N TYR B 32 -36.62 -14.74 13.63
CA TYR B 32 -37.10 -15.59 12.54
C TYR B 32 -37.85 -16.81 13.04
N THR B 33 -37.40 -17.39 14.15
CA THR B 33 -38.00 -18.63 14.65
C THR B 33 -39.51 -18.50 14.78
N LEU B 34 -39.98 -17.45 15.44
CA LEU B 34 -41.41 -17.22 15.54
C LEU B 34 -41.95 -16.40 14.38
N GLY B 35 -41.11 -15.60 13.72
CA GLY B 35 -41.58 -14.79 12.61
C GLY B 35 -42.12 -15.58 11.44
N ASN B 36 -41.38 -16.59 10.98
CA ASN B 36 -41.83 -17.33 9.81
C ASN B 36 -42.99 -18.26 10.15
N SER B 37 -42.94 -18.85 11.36
CA SER B 37 -44.08 -19.62 11.83
C SER B 37 -45.34 -18.79 11.86
N LEU B 38 -45.25 -17.57 12.41
CA LEU B 38 -46.40 -16.69 12.48
C LEU B 38 -46.86 -16.30 11.08
N ARG B 39 -45.93 -16.04 10.17
CA ARG B 39 -46.31 -15.70 8.80
C ARG B 39 -47.14 -16.81 8.18
N ARG B 40 -46.64 -18.05 8.22
CA ARG B 40 -47.33 -19.13 7.54
C ARG B 40 -48.64 -19.47 8.23
N THR B 41 -48.69 -19.35 9.57
CA THR B 41 -49.93 -19.59 10.29
C THR B 41 -50.97 -18.51 10.01
N LEU B 42 -50.55 -17.26 9.87
CA LEU B 42 -51.47 -16.21 9.46
C LEU B 42 -52.01 -16.50 8.06
N LEU B 43 -51.14 -16.96 7.16
CA LEU B 43 -51.59 -17.18 5.79
C LEU B 43 -52.55 -18.36 5.69
N SER B 44 -52.11 -19.58 6.08
CA SER B 44 -52.99 -20.75 6.01
C SER B 44 -53.00 -21.48 7.36
N SER B 45 -53.76 -20.94 8.31
CA SER B 45 -54.36 -21.72 9.38
C SER B 45 -55.77 -21.22 9.68
N ILE B 46 -56.04 -19.98 9.32
CA ILE B 46 -57.25 -19.26 9.75
C ILE B 46 -58.42 -19.68 8.88
N PRO B 47 -59.52 -20.20 9.45
CA PRO B 47 -60.65 -20.58 8.59
C PRO B 47 -61.29 -19.38 7.93
N GLY B 48 -61.84 -19.63 6.75
CA GLY B 48 -62.56 -18.61 6.02
C GLY B 48 -63.46 -19.25 4.99
N ALA B 49 -63.98 -18.42 4.08
CA ALA B 49 -64.86 -18.92 3.04
C ALA B 49 -64.60 -18.13 1.76
N ALA B 50 -64.70 -18.83 0.63
CA ALA B 50 -64.46 -18.25 -0.68
C ALA B 50 -65.23 -19.06 -1.71
N VAL B 51 -65.48 -18.43 -2.85
CA VAL B 51 -66.20 -19.08 -3.94
C VAL B 51 -65.32 -20.18 -4.53
N THR B 52 -65.87 -21.39 -4.62
CA THR B 52 -65.13 -22.53 -5.15
C THR B 52 -65.37 -22.71 -6.66
N SER B 53 -66.61 -22.49 -7.10
CA SER B 53 -66.94 -22.63 -8.51
C SER B 53 -68.19 -21.83 -8.80
N ILE B 54 -68.45 -21.61 -10.09
CA ILE B 54 -69.62 -20.87 -10.55
C ILE B 54 -70.10 -21.51 -11.85
N ARG B 55 -71.34 -21.19 -12.22
CA ARG B 55 -71.86 -21.51 -13.54
C ARG B 55 -72.62 -20.30 -14.07
N ILE B 56 -72.42 -20.00 -15.35
CA ILE B 56 -73.06 -18.87 -16.01
C ILE B 56 -73.86 -19.41 -17.19
N ASP B 57 -75.15 -19.10 -17.22
CA ASP B 57 -76.00 -19.56 -18.30
C ASP B 57 -75.52 -19.00 -19.63
N GLY B 58 -75.60 -19.83 -20.67
CA GLY B 58 -75.20 -19.43 -22.00
C GLY B 58 -73.75 -19.71 -22.35
N VAL B 59 -72.94 -20.16 -21.41
CA VAL B 59 -71.53 -20.47 -21.64
C VAL B 59 -71.32 -21.93 -21.23
N LEU B 60 -71.20 -22.81 -22.23
CA LEU B 60 -70.95 -24.22 -22.00
C LEU B 60 -69.60 -24.68 -22.56
N HIS B 61 -69.34 -24.40 -23.83
CA HIS B 61 -68.08 -24.75 -24.47
C HIS B 61 -67.16 -23.56 -24.64
N GLU B 62 -67.65 -22.50 -25.28
CA GLU B 62 -66.82 -21.32 -25.59
C GLU B 62 -66.70 -20.45 -24.34
N PHE B 63 -65.47 -20.22 -23.90
CA PHE B 63 -65.17 -19.38 -22.74
C PHE B 63 -64.53 -18.06 -23.16
N THR B 64 -64.99 -17.50 -24.28
CA THR B 64 -64.43 -16.25 -24.80
C THR B 64 -65.23 -15.03 -24.37
N THR B 65 -66.56 -15.14 -24.30
CA THR B 65 -67.38 -14.00 -23.92
C THR B 65 -68.73 -14.50 -23.45
N VAL B 66 -69.46 -13.61 -22.76
CA VAL B 66 -70.81 -13.85 -22.30
C VAL B 66 -71.74 -12.96 -23.12
N PRO B 67 -72.72 -13.51 -23.84
CA PRO B 67 -73.61 -12.65 -24.63
C PRO B 67 -74.37 -11.67 -23.74
N GLY B 68 -74.49 -10.44 -24.22
CA GLY B 68 -75.18 -9.40 -23.49
C GLY B 68 -74.37 -8.79 -22.35
N VAL B 69 -73.11 -9.17 -22.19
CA VAL B 69 -72.26 -8.66 -21.12
C VAL B 69 -70.98 -8.11 -21.73
N LYS B 70 -70.59 -6.91 -21.29
CA LYS B 70 -69.41 -6.26 -21.84
C LYS B 70 -68.14 -7.03 -21.56
N GLU B 71 -68.00 -7.56 -20.34
CA GLU B 71 -66.76 -8.18 -19.91
C GLU B 71 -66.69 -9.64 -20.33
N ASP B 72 -65.47 -10.08 -20.63
CA ASP B 72 -65.23 -11.48 -20.96
C ASP B 72 -65.34 -12.34 -19.70
N VAL B 73 -65.32 -13.66 -19.91
CA VAL B 73 -65.61 -14.58 -18.82
C VAL B 73 -64.52 -14.50 -17.73
N THR B 74 -63.26 -14.39 -18.15
CA THR B 74 -62.17 -14.43 -17.18
C THR B 74 -62.21 -13.23 -16.23
N GLU B 75 -62.58 -12.05 -16.75
CA GLU B 75 -62.69 -10.88 -15.89
C GLU B 75 -63.79 -11.08 -14.85
N ILE B 76 -64.91 -11.67 -15.25
CA ILE B 76 -65.97 -12.00 -14.29
C ILE B 76 -65.43 -13.00 -13.27
N ILE B 77 -64.66 -13.98 -13.73
CA ILE B 77 -64.13 -15.00 -12.84
C ILE B 77 -63.27 -14.37 -11.75
N LEU B 78 -62.34 -13.49 -12.15
CA LEU B 78 -61.43 -12.91 -11.17
C LEU B 78 -62.02 -11.70 -10.45
N ASN B 79 -63.19 -11.22 -10.88
CA ASN B 79 -63.92 -10.24 -10.07
C ASN B 79 -64.74 -10.93 -8.98
N LEU B 80 -65.36 -12.06 -9.30
CA LEU B 80 -66.01 -12.86 -8.27
C LEU B 80 -64.99 -13.47 -7.31
N LYS B 81 -63.82 -13.85 -7.82
CA LYS B 81 -62.81 -14.45 -6.97
C LYS B 81 -62.43 -13.53 -5.83
N SER B 82 -62.46 -12.22 -6.07
CA SER B 82 -62.17 -11.23 -5.02
C SER B 82 -63.45 -10.81 -4.29
N LEU B 83 -64.22 -11.78 -3.84
CA LEU B 83 -65.49 -11.55 -3.15
C LEU B 83 -65.36 -12.00 -1.70
N VAL B 84 -65.37 -11.06 -0.78
CA VAL B 84 -65.20 -11.35 0.64
C VAL B 84 -66.53 -11.89 1.16
N VAL B 85 -66.61 -13.20 1.33
CA VAL B 85 -67.82 -13.88 1.79
C VAL B 85 -67.49 -14.71 3.01
N SER B 86 -68.31 -14.57 4.05
CA SER B 86 -68.13 -15.30 5.31
C SER B 86 -69.32 -16.22 5.51
N SER B 87 -69.04 -17.49 5.83
CA SER B 87 -70.06 -18.52 5.94
C SER B 87 -69.91 -19.25 7.26
N GLU B 88 -71.01 -19.85 7.70
CA GLU B 88 -71.03 -20.70 8.89
C GLU B 88 -71.29 -22.17 8.57
N GLU B 89 -72.16 -22.48 7.62
CA GLU B 89 -72.46 -23.86 7.29
C GLU B 89 -71.24 -24.54 6.69
N ASP B 90 -70.92 -25.73 7.18
CA ASP B 90 -69.79 -26.48 6.64
C ASP B 90 -70.06 -26.95 5.21
N GLU B 91 -71.32 -27.23 4.88
CA GLU B 91 -71.64 -27.72 3.54
C GLU B 91 -71.44 -26.61 2.51
N PRO B 92 -71.20 -26.98 1.25
CA PRO B 92 -71.17 -25.97 0.18
C PRO B 92 -72.58 -25.47 -0.13
N VAL B 93 -72.84 -24.21 0.17
CA VAL B 93 -74.12 -23.60 -0.10
C VAL B 93 -74.07 -22.97 -1.48
N THR B 94 -75.24 -22.75 -2.07
CA THR B 94 -75.37 -22.23 -3.42
C THR B 94 -75.95 -20.82 -3.36
N MET B 95 -75.42 -19.94 -4.21
CA MET B 95 -75.89 -18.57 -4.33
C MET B 95 -76.22 -18.28 -5.79
N TYR B 96 -77.17 -17.38 -6.01
CA TYR B 96 -77.61 -16.99 -7.33
C TYR B 96 -77.54 -15.48 -7.46
N LEU B 97 -77.06 -15.00 -8.60
CA LEU B 97 -77.04 -13.58 -8.93
C LEU B 97 -77.66 -13.41 -10.31
N ARG B 98 -78.81 -12.74 -10.37
CA ARG B 98 -79.50 -12.50 -11.63
C ARG B 98 -79.86 -11.04 -11.75
N LYS B 99 -79.72 -10.50 -12.96
CA LYS B 99 -80.11 -9.13 -13.26
C LYS B 99 -80.39 -9.03 -14.75
N GLN B 100 -81.42 -8.28 -15.11
CA GLN B 100 -81.85 -8.13 -16.48
C GLN B 100 -81.82 -6.67 -16.89
N GLY B 101 -81.65 -6.45 -18.20
CA GLY B 101 -81.63 -5.12 -18.74
C GLY B 101 -80.29 -4.44 -18.57
N PRO B 102 -80.11 -3.29 -19.22
CA PRO B 102 -78.85 -2.55 -19.05
C PRO B 102 -78.69 -2.05 -17.62
N GLY B 103 -77.45 -2.00 -17.17
CA GLY B 103 -77.15 -1.55 -15.82
C GLY B 103 -75.86 -2.17 -15.32
N GLU B 104 -75.65 -2.04 -14.02
CA GLU B 104 -74.45 -2.53 -13.35
C GLU B 104 -74.80 -3.69 -12.43
N VAL B 105 -74.00 -4.75 -12.49
CA VAL B 105 -74.14 -5.88 -11.58
C VAL B 105 -73.19 -5.65 -10.41
N THR B 106 -73.72 -5.72 -9.20
CA THR B 106 -72.96 -5.45 -7.99
C THR B 106 -73.12 -6.61 -7.02
N ALA B 107 -72.14 -6.76 -6.14
CA ALA B 107 -72.13 -7.88 -5.20
C ALA B 107 -73.38 -7.89 -4.34
N GLY B 108 -73.95 -6.71 -4.08
CA GLY B 108 -75.17 -6.64 -3.30
C GLY B 108 -76.36 -7.24 -4.01
N ASP B 109 -76.26 -7.42 -5.34
CA ASP B 109 -77.37 -7.93 -6.12
C ASP B 109 -77.50 -9.45 -6.01
N ILE B 110 -76.56 -10.11 -5.34
CA ILE B 110 -76.63 -11.54 -5.09
C ILE B 110 -77.38 -11.74 -3.78
N VAL B 111 -78.36 -12.64 -3.80
CA VAL B 111 -79.14 -12.92 -2.59
C VAL B 111 -78.40 -13.95 -1.77
N PRO B 112 -77.95 -13.62 -0.55
CA PRO B 112 -77.25 -14.61 0.26
C PRO B 112 -78.23 -15.46 1.06
N PRO B 113 -78.20 -16.78 0.92
CA PRO B 113 -79.03 -17.61 1.78
C PRO B 113 -78.53 -17.55 3.22
N ALA B 114 -79.36 -18.02 4.15
CA ALA B 114 -78.97 -18.09 5.56
C ALA B 114 -77.61 -18.74 5.68
N GLY B 115 -76.64 -18.02 6.23
CA GLY B 115 -75.25 -18.44 6.16
C GLY B 115 -74.38 -17.38 5.53
N VAL B 116 -73.92 -17.64 4.30
CA VAL B 116 -73.01 -16.74 3.60
C VAL B 116 -73.47 -15.30 3.74
N THR B 117 -72.51 -14.39 3.93
CA THR B 117 -72.75 -12.96 3.96
C THR B 117 -71.68 -12.25 3.14
N VAL B 118 -72.09 -11.30 2.31
CA VAL B 118 -71.18 -10.58 1.43
C VAL B 118 -70.70 -9.35 2.19
N HIS B 119 -69.41 -9.35 2.55
CA HIS B 119 -68.86 -8.25 3.33
C HIS B 119 -68.50 -7.04 2.49
N ASN B 120 -68.55 -7.16 1.16
CA ASN B 120 -68.30 -6.04 0.27
C ASN B 120 -69.45 -5.90 -0.71
N PRO B 121 -70.60 -5.38 -0.28
CA PRO B 121 -71.75 -5.28 -1.20
C PRO B 121 -71.43 -4.48 -2.44
N GLY B 122 -70.61 -3.45 -2.33
CA GLY B 122 -70.23 -2.64 -3.48
C GLY B 122 -68.98 -3.17 -4.17
N MET B 123 -69.18 -3.93 -5.23
CA MET B 123 -68.06 -4.51 -5.99
C MET B 123 -68.54 -4.69 -7.43
N HIS B 124 -67.81 -4.08 -8.37
CA HIS B 124 -68.22 -4.11 -9.77
C HIS B 124 -68.02 -5.50 -10.37
N ILE B 125 -69.08 -6.30 -10.41
CA ILE B 125 -69.00 -7.63 -11.00
C ILE B 125 -69.06 -7.54 -12.52
N ALA B 126 -70.09 -6.87 -13.04
CA ALA B 126 -70.28 -6.79 -14.48
C ALA B 126 -71.20 -5.62 -14.80
N THR B 127 -71.21 -5.24 -16.07
CA THR B 127 -72.16 -4.27 -16.62
C THR B 127 -73.05 -4.98 -17.63
N LEU B 128 -74.13 -4.31 -18.00
CA LEU B 128 -75.10 -4.89 -18.93
C LEU B 128 -75.52 -3.84 -19.93
N ASN B 129 -75.91 -4.30 -21.13
CA ASN B 129 -76.31 -3.40 -22.19
C ASN B 129 -77.25 -4.12 -23.15
N ASP B 130 -78.02 -3.33 -23.90
CA ASP B 130 -78.90 -3.83 -24.95
C ASP B 130 -79.84 -4.91 -24.41
N LYS B 131 -80.58 -4.55 -23.37
CA LYS B 131 -81.54 -5.46 -22.73
C LYS B 131 -80.84 -6.75 -22.31
N GLY B 132 -79.58 -6.64 -21.91
CA GLY B 132 -78.82 -7.82 -21.52
C GLY B 132 -79.32 -8.42 -20.23
N LYS B 133 -79.05 -9.72 -20.09
CA LYS B 133 -79.43 -10.47 -18.89
C LYS B 133 -78.24 -11.28 -18.41
N LEU B 134 -78.05 -11.31 -17.09
CA LEU B 134 -77.01 -12.09 -16.46
C LEU B 134 -77.64 -12.96 -15.37
N GLU B 135 -77.19 -14.21 -15.28
CA GLU B 135 -77.70 -15.13 -14.28
C GLU B 135 -76.59 -16.13 -13.97
N VAL B 136 -75.89 -15.91 -12.85
CA VAL B 136 -74.74 -16.70 -12.46
C VAL B 136 -75.02 -17.35 -11.12
N GLU B 137 -74.76 -18.65 -11.03
CA GLU B 137 -74.96 -19.42 -9.80
C GLU B 137 -73.62 -19.71 -9.18
N LEU B 138 -73.48 -19.37 -7.90
CA LEU B 138 -72.23 -19.54 -7.15
C LEU B 138 -72.37 -20.68 -6.16
N VAL B 139 -71.23 -21.17 -5.69
CA VAL B 139 -71.16 -22.14 -4.59
C VAL B 139 -70.04 -21.71 -3.66
N VAL B 140 -70.32 -21.72 -2.36
CA VAL B 140 -69.38 -21.24 -1.34
C VAL B 140 -69.23 -22.32 -0.28
N GLU B 141 -67.98 -22.65 0.03
CA GLU B 141 -67.66 -23.61 1.09
C GLU B 141 -66.46 -23.11 1.86
N ARG B 142 -66.57 -23.15 3.19
CA ARG B 142 -65.56 -22.59 4.07
C ARG B 142 -64.33 -23.50 4.10
N GLY B 143 -63.15 -22.89 3.97
CA GLY B 143 -61.90 -23.63 3.97
C GLY B 143 -60.82 -22.90 4.75
N ARG B 144 -59.57 -23.06 4.29
CA ARG B 144 -58.43 -22.46 4.98
C ARG B 144 -57.29 -22.32 3.98
N GLY B 145 -56.55 -21.21 4.07
CA GLY B 145 -55.44 -21.02 3.18
C GLY B 145 -55.89 -20.78 1.74
N TYR B 146 -54.98 -21.08 0.82
CA TYR B 146 -55.21 -20.93 -0.61
C TYR B 146 -55.24 -22.30 -1.26
N VAL B 147 -56.31 -22.58 -2.00
CA VAL B 147 -56.52 -23.86 -2.65
C VAL B 147 -56.77 -23.60 -4.13
N PRO B 148 -55.84 -23.95 -5.03
CA PRO B 148 -56.08 -23.73 -6.46
C PRO B 148 -57.34 -24.43 -6.92
N ALA B 149 -57.71 -24.14 -8.17
CA ALA B 149 -58.93 -24.70 -8.74
C ALA B 149 -58.87 -26.22 -8.77
N VAL B 150 -59.93 -26.86 -8.29
CA VAL B 150 -60.04 -28.31 -8.25
C VAL B 150 -60.80 -28.76 -9.50
N GLN B 151 -60.22 -29.68 -10.24
CA GLN B 151 -60.85 -30.16 -11.46
C GLN B 151 -62.07 -31.01 -11.13
N ASN B 152 -62.95 -31.17 -12.11
CA ASN B 152 -64.23 -31.82 -11.89
C ASN B 152 -64.02 -33.25 -11.37
N ARG B 153 -64.74 -33.58 -10.30
CA ARG B 153 -64.76 -34.96 -9.82
C ARG B 153 -65.64 -35.85 -10.71
N ALA B 154 -66.76 -35.31 -11.20
CA ALA B 154 -67.65 -36.03 -12.10
C ALA B 154 -67.98 -35.08 -13.24
N SER B 155 -67.40 -35.32 -14.41
CA SER B 155 -67.64 -34.44 -15.55
C SER B 155 -69.10 -34.45 -15.96
N GLY B 156 -69.73 -35.62 -15.95
CA GLY B 156 -71.14 -35.72 -16.32
C GLY B 156 -72.07 -35.06 -15.34
N ALA B 157 -71.63 -34.83 -14.10
CA ALA B 157 -72.50 -34.24 -13.10
C ALA B 157 -72.92 -32.82 -13.50
N GLU B 158 -71.97 -32.03 -14.00
CA GLU B 158 -72.26 -30.66 -14.40
C GLU B 158 -71.37 -30.27 -15.57
N ILE B 159 -71.96 -29.56 -16.52
CA ILE B 159 -71.24 -29.06 -17.69
C ILE B 159 -71.01 -27.56 -17.62
N GLY B 160 -71.94 -26.82 -17.01
CA GLY B 160 -71.79 -25.39 -16.88
C GLY B 160 -70.91 -24.94 -15.73
N ARG B 161 -70.87 -25.70 -14.64
CA ARG B 161 -70.04 -25.32 -13.50
C ARG B 161 -68.58 -25.39 -13.88
N ILE B 162 -67.82 -24.36 -13.48
CA ILE B 162 -66.40 -24.26 -13.77
C ILE B 162 -65.68 -23.88 -12.47
N PRO B 163 -64.59 -24.55 -12.10
CA PRO B 163 -63.95 -24.26 -10.83
C PRO B 163 -63.05 -23.03 -10.91
N VAL B 164 -62.87 -22.39 -9.75
CA VAL B 164 -61.99 -21.23 -9.62
C VAL B 164 -61.13 -21.42 -8.38
N ASP B 165 -60.01 -20.69 -8.35
CA ASP B 165 -59.13 -20.72 -7.20
C ASP B 165 -59.86 -20.15 -5.99
N SER B 166 -59.49 -20.66 -4.81
CA SER B 166 -60.19 -20.36 -3.57
C SER B 166 -59.21 -19.75 -2.57
N ILE B 167 -59.34 -18.44 -2.33
CA ILE B 167 -58.58 -17.77 -1.29
C ILE B 167 -59.45 -17.85 -0.04
N TYR B 168 -59.37 -18.99 0.65
CA TYR B 168 -60.16 -19.15 1.86
C TYR B 168 -59.66 -18.23 2.97
N SER B 169 -58.35 -18.09 3.09
CA SER B 169 -57.76 -17.33 4.19
C SER B 169 -58.18 -15.88 4.12
N PRO B 170 -58.67 -15.29 5.22
CA PRO B 170 -59.04 -13.87 5.18
C PRO B 170 -57.85 -12.94 5.16
N VAL B 171 -56.65 -13.47 5.42
CA VAL B 171 -55.42 -12.68 5.43
C VAL B 171 -54.83 -12.70 4.03
N LEU B 172 -54.63 -11.52 3.46
CA LEU B 172 -54.18 -11.40 2.07
C LEU B 172 -52.66 -11.42 1.93
N LYS B 173 -51.96 -10.68 2.78
CA LYS B 173 -50.52 -10.52 2.64
C LYS B 173 -49.88 -10.32 4.00
N VAL B 174 -48.79 -11.03 4.24
CA VAL B 174 -48.02 -10.90 5.48
C VAL B 174 -46.54 -10.82 5.12
N THR B 175 -45.86 -9.86 5.75
CA THR B 175 -44.42 -9.71 5.56
C THR B 175 -43.80 -9.32 6.89
N TYR B 176 -42.53 -9.69 7.08
CA TYR B 176 -41.87 -9.53 8.35
C TYR B 176 -40.40 -9.16 8.13
N LYS B 177 -39.80 -8.58 9.17
CA LYS B 177 -38.40 -8.20 9.17
C LYS B 177 -37.84 -8.40 10.57
N VAL B 178 -36.54 -8.18 10.72
CA VAL B 178 -35.91 -8.13 12.03
C VAL B 178 -34.91 -6.98 12.05
N ASP B 179 -34.71 -6.42 13.24
CA ASP B 179 -33.74 -5.34 13.43
C ASP B 179 -33.00 -5.62 14.73
N ALA B 180 -31.92 -4.89 14.97
CA ALA B 180 -31.14 -5.01 16.20
C ALA B 180 -31.53 -3.88 17.12
N THR B 181 -32.00 -4.22 18.32
CA THR B 181 -32.58 -3.23 19.25
C THR B 181 -32.08 -3.55 20.66
N ARG B 182 -30.98 -2.92 21.06
CA ARG B 182 -30.58 -2.87 22.46
C ARG B 182 -29.31 -2.06 22.59
N VAL B 183 -29.20 -1.33 23.70
CA VAL B 183 -27.92 -0.83 24.19
C VAL B 183 -27.87 -1.22 25.67
N GLU B 184 -27.45 -2.44 25.96
CA GLU B 184 -27.33 -2.93 27.32
C GLU B 184 -26.08 -3.81 27.44
N GLN B 185 -24.98 -3.34 26.87
CA GLN B 185 -23.73 -4.09 26.68
C GLN B 185 -23.89 -5.16 25.61
N ARG B 186 -25.05 -5.23 24.95
CA ARG B 186 -25.30 -6.28 23.95
C ARG B 186 -26.28 -5.72 22.92
N THR B 187 -25.74 -5.25 21.79
CA THR B 187 -26.56 -4.73 20.70
C THR B 187 -26.77 -5.80 19.63
N ASP B 188 -27.45 -6.88 20.02
CA ASP B 188 -27.53 -8.07 19.18
C ASP B 188 -28.92 -8.68 19.10
N PHE B 189 -29.91 -8.10 19.79
CA PHE B 189 -31.21 -8.75 19.90
C PHE B 189 -32.01 -8.57 18.60
N ASP B 190 -33.27 -8.99 18.63
CA ASP B 190 -34.14 -8.98 17.47
C ASP B 190 -35.43 -8.24 17.76
N LYS B 191 -36.06 -7.72 16.71
CA LYS B 191 -37.34 -7.04 16.80
C LYS B 191 -38.16 -7.41 15.57
N LEU B 192 -39.14 -8.27 15.74
CA LEU B 192 -39.97 -8.72 14.63
C LEU B 192 -41.01 -7.67 14.30
N ILE B 193 -41.07 -7.29 13.03
CA ILE B 193 -41.97 -6.25 12.54
C ILE B 193 -42.88 -6.91 11.52
N LEU B 194 -44.03 -7.41 11.98
CA LEU B 194 -45.01 -7.99 11.06
C LEU B 194 -45.73 -6.89 10.30
N ASP B 195 -46.36 -7.28 9.20
CA ASP B 195 -47.16 -6.35 8.38
C ASP B 195 -48.31 -7.16 7.80
N VAL B 196 -49.45 -7.11 8.47
CA VAL B 196 -50.60 -7.94 8.13
C VAL B 196 -51.59 -7.12 7.32
N GLU B 197 -52.04 -7.68 6.20
CA GLU B 197 -53.07 -7.07 5.36
C GLU B 197 -54.17 -8.10 5.16
N THR B 198 -55.37 -7.79 5.62
CA THR B 198 -56.49 -8.72 5.65
C THR B 198 -57.67 -8.16 4.89
N LYS B 199 -58.70 -9.00 4.75
CA LYS B 199 -59.92 -8.62 4.05
C LYS B 199 -60.91 -8.00 5.05
N ASN B 200 -62.09 -7.62 4.55
CA ASN B 200 -63.10 -7.04 5.41
C ASN B 200 -63.63 -8.03 6.45
N SER B 201 -63.42 -9.33 6.25
CA SER B 201 -63.98 -10.32 7.16
C SER B 201 -63.40 -10.17 8.57
N ILE B 202 -62.07 -10.10 8.68
CA ILE B 202 -61.38 -10.16 9.96
C ILE B 202 -60.37 -9.01 10.03
N SER B 203 -60.36 -8.32 11.16
CA SER B 203 -59.32 -7.33 11.41
C SER B 203 -57.98 -8.04 11.64
N PRO B 204 -56.86 -7.40 11.30
CA PRO B 204 -55.57 -8.09 11.46
C PRO B 204 -55.30 -8.51 12.89
N ARG B 205 -55.82 -7.77 13.87
CA ARG B 205 -55.67 -8.15 15.26
C ARG B 205 -56.24 -9.53 15.53
N ASP B 206 -57.48 -9.78 15.06
CA ASP B 206 -58.12 -11.06 15.31
C ASP B 206 -57.43 -12.18 14.54
N ALA B 207 -56.95 -11.90 13.32
CA ALA B 207 -56.23 -12.92 12.56
C ALA B 207 -54.94 -13.30 13.27
N LEU B 208 -54.20 -12.32 13.80
CA LEU B 208 -52.99 -12.62 14.56
C LEU B 208 -53.33 -13.42 15.81
N ALA B 209 -54.43 -13.09 16.47
CA ALA B 209 -54.84 -13.86 17.64
C ALA B 209 -55.14 -15.31 17.26
N SER B 210 -55.84 -15.51 16.15
CA SER B 210 -56.16 -16.87 15.72
C SER B 210 -54.90 -17.66 15.39
N ALA B 211 -53.94 -17.02 14.72
CA ALA B 211 -52.68 -17.69 14.43
C ALA B 211 -51.95 -18.05 15.72
N GLY B 212 -51.93 -17.13 16.69
CA GLY B 212 -51.36 -17.45 17.98
C GLY B 212 -52.03 -18.64 18.62
N LYS B 213 -53.36 -18.72 18.54
CA LYS B 213 -54.06 -19.87 19.09
C LYS B 213 -53.63 -21.16 18.40
N THR B 214 -53.54 -21.13 17.07
CA THR B 214 -53.15 -22.33 16.33
C THR B 214 -51.76 -22.80 16.75
N LEU B 215 -50.80 -21.88 16.80
CA LEU B 215 -49.44 -22.28 17.14
C LEU B 215 -49.34 -22.70 18.61
N VAL B 216 -50.12 -22.06 19.48
CA VAL B 216 -50.14 -22.50 20.87
C VAL B 216 -50.63 -23.93 20.96
N GLU B 217 -51.69 -24.27 20.20
CA GLU B 217 -52.19 -25.64 20.23
C GLU B 217 -51.13 -26.62 19.73
N LEU B 218 -50.49 -26.29 18.60
CA LEU B 218 -49.50 -27.22 18.05
C LEU B 218 -48.33 -27.43 19.01
N PHE B 219 -47.77 -26.34 19.53
CA PHE B 219 -46.61 -26.48 20.39
C PHE B 219 -46.96 -26.99 21.77
N GLY B 220 -48.21 -26.82 22.21
CA GLY B 220 -48.65 -27.50 23.43
C GLY B 220 -48.76 -28.99 23.23
N LEU B 221 -49.24 -29.41 22.05
CA LEU B 221 -49.18 -30.83 21.70
C LEU B 221 -47.74 -31.33 21.73
N ALA B 222 -46.82 -30.50 21.22
CA ALA B 222 -45.40 -30.89 21.26
C ALA B 222 -44.89 -30.98 22.69
N ARG B 223 -45.32 -30.06 23.55
CA ARG B 223 -44.80 -30.01 24.92
C ARG B 223 -45.42 -31.08 25.81
N GLU B 224 -46.52 -31.70 25.39
CA GLU B 224 -47.22 -32.65 26.25
C GLU B 224 -46.39 -33.88 26.55
N LEU B 225 -45.29 -34.10 25.84
CA LEU B 225 -44.44 -35.26 26.11
C LEU B 225 -43.91 -35.24 27.53
N ASN B 226 -43.48 -34.07 28.01
CA ASN B 226 -42.94 -33.92 29.36
C ASN B 226 -43.40 -32.58 29.91
N VAL B 227 -44.43 -32.60 30.77
CA VAL B 227 -44.99 -31.36 31.30
C VAL B 227 -43.99 -30.69 32.25
N GLU B 228 -43.44 -31.46 33.17
CA GLU B 228 -42.51 -30.91 34.17
C GLU B 228 -41.06 -30.96 33.65
N ALA B 229 -40.86 -30.26 32.55
CA ALA B 229 -39.54 -30.11 31.95
C ALA B 229 -39.04 -28.68 32.14
N GLU B 230 -37.72 -28.53 32.18
CA GLU B 230 -37.09 -27.23 32.38
C GLU B 230 -36.97 -26.52 31.04
N GLY B 231 -37.48 -25.30 30.97
CA GLY B 231 -37.43 -24.52 29.74
C GLY B 231 -37.47 -23.04 30.06
N ILE B 232 -37.51 -22.24 28.99
CA ILE B 232 -37.54 -20.78 29.14
C ILE B 232 -38.99 -20.33 29.19
N GLU B 233 -39.31 -19.49 30.17
CA GLU B 233 -40.64 -18.96 30.37
C GLU B 233 -40.61 -17.44 30.33
N ILE B 234 -41.45 -16.84 29.48
CA ILE B 234 -41.54 -15.39 29.44
C ILE B 234 -42.20 -14.85 30.69
N GLY B 235 -43.18 -15.56 31.24
CA GLY B 235 -43.84 -15.16 32.46
C GLY B 235 -45.21 -14.56 32.20
N PRO B 236 -46.01 -14.41 33.25
CA PRO B 236 -47.35 -13.83 33.09
C PRO B 236 -47.37 -12.32 33.15
N SER B 237 -48.00 -11.70 32.15
CA SER B 237 -48.14 -10.25 32.09
C SER B 237 -46.79 -9.55 32.20
N SER C 20 1.81 -44.32 -4.90
CA SER C 20 1.83 -45.27 -3.79
C SER C 20 1.30 -44.62 -2.52
N SER C 21 2.15 -43.82 -1.87
CA SER C 21 1.78 -43.16 -0.63
C SER C 21 2.62 -41.91 -0.43
N SER C 22 2.62 -41.36 0.79
CA SER C 22 3.36 -40.13 1.05
C SER C 22 4.84 -40.30 0.73
N ASN C 23 5.52 -41.20 1.42
CA ASN C 23 6.94 -41.42 1.21
C ASN C 23 7.45 -42.56 2.09
N ASN C 24 8.71 -42.95 1.90
CA ASN C 24 9.33 -44.00 2.69
C ASN C 24 10.53 -43.44 3.46
N SER C 25 11.01 -42.26 3.04
CA SER C 25 12.21 -41.71 3.66
C SER C 25 11.99 -41.40 5.14
N VAL C 26 10.85 -40.81 5.48
CA VAL C 26 10.56 -40.43 6.86
C VAL C 26 10.01 -41.64 7.60
N PRO C 27 10.58 -42.03 8.74
CA PRO C 27 10.05 -43.23 9.43
C PRO C 27 8.60 -43.09 9.87
N GLY C 28 8.27 -42.04 10.64
CA GLY C 28 6.93 -41.88 11.15
C GLY C 28 6.04 -41.08 10.24
N ALA C 29 6.13 -41.31 8.95
CA ALA C 29 5.30 -40.58 8.00
C ALA C 29 3.86 -41.04 8.12
N PRO C 30 2.89 -40.13 8.29
CA PRO C 30 1.49 -40.55 8.27
C PRO C 30 1.12 -41.14 6.91
N ASN C 31 0.23 -42.12 6.91
CA ASN C 31 -0.16 -42.76 5.67
C ASN C 31 -1.06 -41.82 4.86
N ARG C 32 -0.43 -40.96 4.07
CA ARG C 32 -1.14 -39.97 3.25
C ARG C 32 -1.02 -40.43 1.80
N VAL C 33 -2.07 -41.07 1.29
CA VAL C 33 -2.02 -41.62 -0.05
C VAL C 33 -1.95 -40.48 -1.06
N SER C 34 -1.31 -40.73 -2.19
CA SER C 34 -1.05 -39.71 -3.19
C SER C 34 -1.68 -40.09 -4.51
N PHE C 35 -2.20 -39.08 -5.21
CA PHE C 35 -2.67 -39.26 -6.58
C PHE C 35 -1.54 -39.16 -7.60
N ALA C 36 -0.29 -39.25 -7.16
CA ALA C 36 0.86 -39.10 -8.05
C ALA C 36 0.88 -40.18 -9.12
N LYS C 37 1.01 -39.78 -10.39
CA LYS C 37 1.21 -40.74 -11.47
C LYS C 37 2.68 -40.97 -11.73
N LEU C 38 3.47 -39.91 -11.83
CA LEU C 38 4.90 -40.00 -12.09
C LEU C 38 5.64 -40.39 -10.82
N ARG C 39 6.77 -41.07 -11.00
CA ARG C 39 7.62 -41.45 -9.88
C ARG C 39 8.49 -40.27 -9.45
N GLU C 40 9.40 -40.53 -8.53
CA GLU C 40 10.25 -39.51 -7.93
C GLU C 40 11.72 -39.91 -8.11
N PRO C 41 12.37 -39.49 -9.19
CA PRO C 41 13.77 -39.87 -9.39
C PRO C 41 14.69 -39.38 -8.30
N LEU C 42 14.33 -38.30 -7.61
CA LEU C 42 15.20 -37.71 -6.60
C LEU C 42 14.32 -37.25 -5.44
N GLU C 43 14.95 -37.10 -4.27
CA GLU C 43 14.28 -36.64 -3.08
C GLU C 43 14.63 -35.17 -2.85
N VAL C 44 13.69 -34.42 -2.28
CA VAL C 44 13.87 -32.99 -2.05
C VAL C 44 15.10 -32.81 -1.16
N PRO C 45 16.10 -32.00 -1.57
CA PRO C 45 17.29 -31.84 -0.73
C PRO C 45 16.96 -31.24 0.62
N GLY C 46 17.94 -31.17 1.52
CA GLY C 46 17.77 -30.41 2.72
C GLY C 46 17.41 -28.99 2.34
N LEU C 47 16.30 -28.48 2.86
CA LEU C 47 15.83 -27.17 2.44
C LEU C 47 16.66 -26.03 3.00
N LEU C 48 17.17 -26.18 4.22
CA LEU C 48 18.06 -25.18 4.81
C LEU C 48 19.52 -25.42 4.45
N ASP C 49 19.79 -26.37 3.56
CA ASP C 49 21.17 -26.74 3.26
C ASP C 49 21.93 -25.60 2.60
N VAL C 50 21.23 -24.67 1.97
CA VAL C 50 21.93 -23.56 1.30
C VAL C 50 22.69 -22.73 2.33
N GLN C 51 22.01 -22.30 3.39
CA GLN C 51 22.65 -21.45 4.39
C GLN C 51 23.71 -22.22 5.16
N THR C 52 23.37 -23.42 5.62
CA THR C 52 24.30 -24.20 6.40
C THR C 52 25.56 -24.53 5.61
N ASP C 53 25.40 -24.95 4.35
CA ASP C 53 26.51 -25.37 3.53
C ASP C 53 27.27 -24.20 2.92
N SER C 54 26.71 -22.99 2.97
CA SER C 54 27.46 -21.80 2.60
C SER C 54 28.14 -21.13 3.78
N PHE C 55 27.74 -21.47 5.00
CA PHE C 55 28.43 -20.94 6.18
C PHE C 55 29.54 -21.87 6.66
N GLU C 56 29.29 -23.18 6.65
CA GLU C 56 30.37 -24.11 7.00
C GLU C 56 31.50 -24.06 5.99
N TRP C 57 31.23 -23.60 4.77
CA TRP C 57 32.30 -23.22 3.86
C TRP C 57 33.08 -22.03 4.41
N LEU C 58 32.37 -21.04 4.96
CA LEU C 58 33.03 -19.86 5.48
C LEU C 58 33.98 -20.23 6.61
N ILE C 59 33.48 -20.96 7.61
CA ILE C 59 34.34 -21.33 8.73
C ILE C 59 35.23 -22.53 8.41
N GLY C 60 35.04 -23.16 7.25
CA GLY C 60 35.91 -24.27 6.87
C GLY C 60 35.81 -25.48 7.76
N SER C 61 34.59 -25.92 8.08
CA SER C 61 34.43 -27.08 8.94
C SER C 61 34.86 -28.34 8.21
N PRO C 62 35.15 -29.42 8.94
CA PRO C 62 35.54 -30.67 8.28
C PRO C 62 34.49 -31.20 7.33
N ARG C 63 33.20 -31.00 7.62
CA ARG C 63 32.15 -31.52 6.76
C ARG C 63 32.21 -30.89 5.37
N TRP C 64 32.45 -29.57 5.32
CA TRP C 64 32.63 -28.93 4.03
C TRP C 64 33.87 -29.45 3.31
N ARG C 65 34.94 -29.74 4.04
CA ARG C 65 36.13 -30.30 3.42
C ARG C 65 35.81 -31.65 2.80
N GLU C 66 35.06 -32.50 3.50
CA GLU C 66 34.65 -33.78 2.93
C GLU C 66 33.77 -33.57 1.70
N SER C 67 32.86 -32.60 1.76
CA SER C 67 31.98 -32.35 0.62
C SER C 67 32.80 -31.93 -0.60
N ALA C 68 33.80 -31.07 -0.41
CA ALA C 68 34.65 -30.66 -1.52
C ALA C 68 35.61 -31.76 -1.96
N ALA C 69 35.92 -32.71 -1.08
CA ALA C 69 36.86 -33.76 -1.43
C ALA C 69 36.35 -34.58 -2.62
N GLU C 70 35.06 -34.92 -2.62
CA GLU C 70 34.47 -35.67 -3.73
C GLU C 70 33.96 -34.73 -4.82
N ARG C 71 34.79 -33.78 -5.21
CA ARG C 71 34.42 -32.76 -6.18
C ARG C 71 35.54 -31.75 -6.36
N GLY C 72 35.69 -30.85 -5.39
CA GLY C 72 36.65 -29.76 -5.48
C GLY C 72 37.92 -30.00 -4.69
N ASP C 73 38.45 -31.22 -4.75
CA ASP C 73 39.66 -31.56 -4.03
C ASP C 73 40.88 -30.81 -4.54
N VAL C 74 40.79 -30.17 -5.71
CA VAL C 74 41.96 -29.51 -6.30
C VAL C 74 42.44 -28.36 -5.43
N ASN C 75 41.52 -27.64 -4.79
CA ASN C 75 41.87 -26.49 -3.97
C ASN C 75 40.77 -26.20 -2.96
N PRO C 76 40.66 -27.01 -1.91
CA PRO C 76 39.71 -26.68 -0.83
C PRO C 76 40.26 -25.63 0.12
N VAL C 77 39.71 -24.41 0.05
CA VAL C 77 40.16 -23.32 0.90
C VAL C 77 38.93 -22.57 1.41
N GLY C 78 38.91 -22.30 2.71
CA GLY C 78 37.76 -21.66 3.33
C GLY C 78 37.72 -20.17 3.07
N GLY C 79 36.62 -19.55 3.51
CA GLY C 79 36.45 -18.12 3.31
C GLY C 79 37.44 -17.31 4.12
N LEU C 80 37.55 -17.61 5.41
CA LEU C 80 38.55 -16.93 6.24
C LEU C 80 39.96 -17.22 5.74
N GLU C 81 40.23 -18.47 5.40
CA GLU C 81 41.55 -18.82 4.88
C GLU C 81 41.83 -18.08 3.58
N GLU C 82 40.83 -17.99 2.70
CA GLU C 82 41.02 -17.25 1.45
C GLU C 82 41.31 -15.78 1.73
N VAL C 83 40.57 -15.18 2.67
CA VAL C 83 40.80 -13.77 2.99
C VAL C 83 42.21 -13.57 3.51
N LEU C 84 42.64 -14.43 4.43
CA LEU C 84 43.99 -14.29 4.99
C LEU C 84 45.05 -14.50 3.91
N TYR C 85 44.88 -15.50 3.04
CA TYR C 85 45.86 -15.74 2.00
C TYR C 85 45.96 -14.55 1.05
N GLU C 86 44.82 -13.97 0.67
CA GLU C 86 44.85 -12.80 -0.20
C GLU C 86 45.49 -11.61 0.50
N LEU C 87 45.22 -11.45 1.80
CA LEU C 87 45.76 -10.32 2.54
C LEU C 87 47.26 -10.48 2.78
N SER C 88 47.65 -11.55 3.47
CA SER C 88 49.04 -11.72 3.84
C SER C 88 49.90 -11.98 2.60
N PRO C 89 51.20 -11.65 2.66
CA PRO C 89 51.93 -10.98 3.74
C PRO C 89 51.77 -9.47 3.70
N ILE C 90 51.99 -8.78 4.81
CA ILE C 90 51.91 -7.32 4.89
C ILE C 90 53.32 -6.80 5.11
N GLU C 91 53.86 -6.09 4.12
CA GLU C 91 55.24 -5.65 4.13
C GLU C 91 55.33 -4.16 3.89
N ASP C 92 56.38 -3.55 4.46
CA ASP C 92 56.62 -2.13 4.29
C ASP C 92 57.19 -1.84 2.90
N PHE C 93 57.37 -0.55 2.61
CA PHE C 93 57.91 -0.17 1.31
C PHE C 93 59.32 -0.72 1.11
N SER C 94 60.14 -0.65 2.16
CA SER C 94 61.50 -1.17 2.07
C SER C 94 61.54 -2.69 2.00
N GLY C 95 60.45 -3.36 2.38
CA GLY C 95 60.46 -4.81 2.40
C GLY C 95 61.31 -5.40 3.50
N SER C 96 61.61 -4.61 4.54
CA SER C 96 62.47 -5.05 5.63
C SER C 96 61.73 -5.85 6.69
N MET C 97 60.40 -5.95 6.60
CA MET C 97 59.63 -6.67 7.60
C MET C 97 58.33 -7.15 6.95
N SER C 98 57.69 -8.12 7.61
CA SER C 98 56.48 -8.71 7.07
C SER C 98 55.60 -9.19 8.21
N LEU C 99 54.30 -9.23 7.95
CA LEU C 99 53.31 -9.83 8.85
C LEU C 99 52.40 -10.72 8.03
N SER C 100 52.18 -11.94 8.52
CA SER C 100 51.41 -12.94 7.80
C SER C 100 50.48 -13.67 8.75
N PHE C 101 49.35 -14.11 8.22
CA PHE C 101 48.33 -14.85 8.96
C PHE C 101 48.15 -16.23 8.33
N SER C 102 47.53 -17.13 9.09
CA SER C 102 47.29 -18.48 8.62
C SER C 102 46.48 -19.22 9.66
N ASP C 103 46.02 -20.42 9.28
CA ASP C 103 45.27 -21.36 10.10
C ASP C 103 44.28 -20.67 11.04
N PRO C 104 43.21 -20.09 10.52
CA PRO C 104 42.13 -19.62 11.39
C PRO C 104 41.53 -20.77 12.18
N ARG C 105 41.19 -20.49 13.44
CA ARG C 105 40.78 -21.52 14.39
C ARG C 105 39.61 -21.02 15.22
N PHE C 106 38.70 -21.93 15.53
CA PHE C 106 37.52 -21.63 16.33
C PHE C 106 37.49 -22.50 17.58
N ASP C 107 37.02 -21.92 18.68
CA ASP C 107 36.83 -22.63 19.92
C ASP C 107 35.34 -22.89 20.13
N ASP C 108 35.01 -23.58 21.23
CA ASP C 108 33.63 -23.85 21.56
C ASP C 108 32.88 -22.56 21.84
N VAL C 109 31.59 -22.56 21.49
CA VAL C 109 30.77 -21.38 21.73
C VAL C 109 30.73 -21.10 23.22
N LYS C 110 30.64 -19.81 23.58
CA LYS C 110 30.68 -19.44 24.98
C LYS C 110 29.49 -20.01 25.74
N ALA C 111 28.31 -19.96 25.14
CA ALA C 111 27.09 -20.44 25.78
C ALA C 111 26.23 -21.15 24.76
N PRO C 112 25.37 -22.07 25.18
CA PRO C 112 24.49 -22.76 24.24
C PRO C 112 23.38 -21.84 23.72
N VAL C 113 22.78 -22.27 22.61
CA VAL C 113 21.88 -21.41 21.85
C VAL C 113 20.77 -20.86 22.74
N ASP C 114 20.19 -21.71 23.58
CA ASP C 114 19.10 -21.27 24.44
C ASP C 114 19.56 -20.18 25.40
N GLU C 115 20.77 -20.31 25.94
CA GLU C 115 21.27 -19.30 26.87
C GLU C 115 21.39 -17.94 26.20
N CYS C 116 21.98 -17.90 25.00
CA CYS C 116 22.13 -16.63 24.30
C CYS C 116 20.77 -16.04 23.94
N LYS C 117 19.84 -16.89 23.49
CA LYS C 117 18.51 -16.38 23.16
C LYS C 117 17.81 -15.81 24.40
N ASP C 118 17.93 -16.51 25.54
CA ASP C 118 17.31 -16.08 26.78
C ASP C 118 17.89 -14.75 27.26
N LYS C 119 19.18 -14.75 27.59
CA LYS C 119 19.80 -13.55 28.17
C LYS C 119 19.74 -12.37 27.21
N ASP C 120 20.43 -12.51 26.07
CA ASP C 120 20.65 -11.48 25.06
C ASP C 120 22.05 -11.58 24.46
N MET C 121 22.84 -12.55 24.90
CA MET C 121 24.16 -12.77 24.33
C MET C 121 24.01 -13.23 22.89
N THR C 122 24.90 -12.77 22.02
CA THR C 122 24.94 -13.28 20.66
C THR C 122 25.59 -14.66 20.65
N TYR C 123 25.11 -15.51 19.76
CA TYR C 123 25.63 -16.87 19.63
C TYR C 123 26.91 -16.80 18.79
N ALA C 124 28.06 -16.77 19.46
CA ALA C 124 29.33 -16.55 18.79
C ALA C 124 30.39 -17.45 19.45
N ALA C 125 31.49 -17.64 18.75
CA ALA C 125 32.61 -18.41 19.24
C ALA C 125 33.90 -17.63 18.99
N PRO C 126 34.94 -17.86 19.79
CA PRO C 126 36.21 -17.15 19.55
C PRO C 126 36.82 -17.52 18.22
N LEU C 127 37.59 -16.58 17.67
CA LEU C 127 38.34 -16.78 16.44
C LEU C 127 39.80 -16.43 16.70
N PHE C 128 40.70 -17.37 16.41
CA PHE C 128 42.12 -17.18 16.61
C PHE C 128 42.86 -17.41 15.29
N VAL C 129 43.99 -16.72 15.14
CA VAL C 129 44.84 -16.86 13.96
C VAL C 129 46.30 -16.79 14.39
N THR C 130 47.13 -17.58 13.73
CA THR C 130 48.56 -17.61 14.01
C THR C 130 49.24 -16.52 13.19
N ALA C 131 49.72 -15.49 13.87
CA ALA C 131 50.37 -14.35 13.22
C ALA C 131 51.87 -14.45 13.43
N GLU C 132 52.62 -14.33 12.34
CA GLU C 132 54.08 -14.42 12.37
C GLU C 132 54.66 -13.10 11.86
N PHE C 133 55.65 -12.58 12.59
CA PHE C 133 56.37 -11.37 12.21
C PHE C 133 57.80 -11.74 11.86
N ILE C 134 58.22 -11.40 10.64
CA ILE C 134 59.54 -11.73 10.13
C ILE C 134 60.25 -10.43 9.76
N ASN C 135 61.44 -10.25 10.29
CA ASN C 135 62.28 -9.10 9.95
C ASN C 135 63.25 -9.51 8.86
N ASN C 136 63.26 -8.77 7.75
CA ASN C 136 64.01 -9.15 6.57
C ASN C 136 65.47 -8.74 6.61
N ASN C 137 65.99 -8.36 7.79
CA ASN C 137 67.40 -8.00 7.92
C ASN C 137 68.07 -8.61 9.15
N THR C 138 67.32 -9.33 9.99
CA THR C 138 67.90 -10.04 11.12
C THR C 138 67.55 -11.52 11.17
N GLY C 139 66.59 -11.99 10.37
CA GLY C 139 66.18 -13.37 10.41
C GLY C 139 65.37 -13.76 11.62
N GLU C 140 65.06 -12.81 12.51
CA GLU C 140 64.31 -13.09 13.72
C GLU C 140 62.85 -13.28 13.35
N ILE C 141 62.25 -14.37 13.84
CA ILE C 141 60.86 -14.70 13.57
C ILE C 141 60.12 -14.80 14.90
N LYS C 142 59.08 -13.98 15.06
CA LYS C 142 58.24 -13.98 16.25
C LYS C 142 56.82 -14.33 15.84
N SER C 143 56.27 -15.39 16.45
CA SER C 143 54.95 -15.89 16.13
C SER C 143 54.06 -15.82 17.36
N GLN C 144 52.77 -15.58 17.13
CA GLN C 144 51.82 -15.48 18.22
C GLN C 144 50.44 -15.92 17.76
N THR C 145 49.61 -16.28 18.73
CA THR C 145 48.20 -16.64 18.51
C THR C 145 47.36 -15.45 18.94
N VAL C 146 46.89 -14.67 17.98
CA VAL C 146 46.19 -13.42 18.24
C VAL C 146 44.70 -13.66 18.18
N PHE C 147 44.00 -13.22 19.22
CA PHE C 147 42.55 -13.39 19.33
C PHE C 147 41.87 -12.37 18.42
N MET C 148 41.03 -12.86 17.51
CA MET C 148 40.43 -12.03 16.46
C MET C 148 39.00 -11.63 16.78
N GLY C 149 38.53 -11.82 18.00
CA GLY C 149 37.18 -11.45 18.39
C GLY C 149 36.26 -12.65 18.45
N ASP C 150 35.02 -12.37 18.84
CA ASP C 150 33.97 -13.38 18.92
C ASP C 150 33.21 -13.40 17.60
N PHE C 151 33.20 -14.56 16.94
CA PHE C 151 32.61 -14.69 15.62
C PHE C 151 31.18 -15.19 15.75
N PRO C 152 30.16 -14.44 15.30
CA PRO C 152 28.80 -14.97 15.36
C PRO C 152 28.68 -16.29 14.62
N MET C 153 28.07 -17.26 15.27
CA MET C 153 27.94 -18.61 14.74
C MET C 153 26.51 -18.86 14.29
N MET C 154 26.35 -19.90 13.47
CA MET C 154 25.06 -20.26 12.90
C MET C 154 24.49 -21.45 13.64
N THR C 155 23.24 -21.35 14.06
CA THR C 155 22.55 -22.47 14.67
C THR C 155 22.33 -23.56 13.62
N GLU C 156 21.78 -24.69 14.07
CA GLU C 156 21.66 -25.84 13.20
C GLU C 156 20.59 -25.62 12.12
N LYS C 157 19.83 -24.54 12.23
CA LYS C 157 18.76 -24.25 11.28
C LYS C 157 19.19 -23.32 10.16
N GLY C 158 20.03 -22.33 10.44
CA GLY C 158 20.39 -21.33 9.45
C GLY C 158 20.16 -19.92 9.96
N THR C 159 20.09 -19.76 11.27
CA THR C 159 19.79 -18.49 11.90
C THR C 159 20.95 -18.07 12.79
N PHE C 160 21.29 -16.78 12.73
CA PHE C 160 22.28 -16.19 13.62
C PHE C 160 21.54 -15.48 14.75
N ILE C 161 21.80 -15.91 15.97
CA ILE C 161 21.25 -15.22 17.13
C ILE C 161 22.10 -14.00 17.43
N ILE C 162 21.49 -12.83 17.33
CA ILE C 162 22.17 -11.56 17.53
C ILE C 162 21.43 -10.79 18.61
N ASN C 163 22.12 -10.47 19.70
CA ASN C 163 21.52 -9.75 20.82
C ASN C 163 20.27 -10.47 21.34
N GLY C 164 20.30 -11.79 21.31
CA GLY C 164 19.18 -12.61 21.71
C GLY C 164 18.14 -12.81 20.61
N THR C 165 17.90 -11.79 19.79
CA THR C 165 16.98 -11.92 18.69
C THR C 165 17.58 -12.81 17.60
N GLU C 166 16.70 -13.55 16.92
CA GLU C 166 17.10 -14.51 15.90
C GLU C 166 16.97 -13.87 14.53
N ARG C 167 18.06 -13.83 13.77
CA ARG C 167 18.12 -13.15 12.50
C ARG C 167 18.49 -14.14 11.40
N VAL C 168 18.14 -13.76 10.17
CA VAL C 168 18.43 -14.57 8.99
C VAL C 168 19.15 -13.70 7.97
N VAL C 169 20.27 -14.19 7.47
CA VAL C 169 21.04 -13.52 6.42
C VAL C 169 20.47 -13.97 5.09
N VAL C 170 19.78 -13.07 4.40
CA VAL C 170 19.11 -13.39 3.14
C VAL C 170 20.13 -13.37 2.02
N SER C 171 20.08 -14.40 1.17
CA SER C 171 20.95 -14.44 0.00
C SER C 171 20.58 -13.28 -0.93
N GLN C 172 21.60 -12.77 -1.62
CA GLN C 172 21.47 -11.59 -2.47
C GLN C 172 21.82 -11.93 -3.91
N LEU C 173 21.01 -11.45 -4.84
CA LEU C 173 21.19 -11.70 -6.27
C LEU C 173 21.89 -10.50 -6.89
N VAL C 174 23.21 -10.43 -6.66
CA VAL C 174 24.02 -9.38 -7.25
C VAL C 174 24.34 -9.74 -8.69
N ARG C 175 24.86 -8.77 -9.44
CA ARG C 175 25.34 -8.99 -10.79
C ARG C 175 26.75 -9.56 -10.72
N SER C 176 26.97 -10.66 -11.42
CA SER C 176 28.28 -11.28 -11.40
C SER C 176 29.29 -10.37 -12.10
N PRO C 177 30.44 -10.08 -11.48
CA PRO C 177 31.39 -9.17 -12.11
C PRO C 177 31.95 -9.77 -13.40
N GLY C 178 32.24 -8.92 -14.37
CA GLY C 178 32.82 -9.37 -15.61
C GLY C 178 32.39 -8.48 -16.77
N VAL C 179 32.84 -8.88 -17.96
CA VAL C 179 32.52 -8.14 -19.17
C VAL C 179 31.07 -8.36 -19.55
N TYR C 180 30.41 -7.29 -20.02
CA TYR C 180 28.99 -7.35 -20.37
C TYR C 180 28.74 -6.41 -21.55
N PHE C 181 28.41 -6.99 -22.70
CA PHE C 181 28.09 -6.21 -23.89
C PHE C 181 26.59 -5.95 -23.96
N ASP C 182 26.20 -5.16 -24.96
CA ASP C 182 24.80 -4.89 -25.26
C ASP C 182 24.74 -4.26 -26.64
N GLU C 183 23.52 -4.05 -27.15
CA GLU C 183 23.32 -3.55 -28.51
C GLU C 183 22.23 -2.48 -28.57
N THR C 184 22.34 -1.48 -27.69
CA THR C 184 21.42 -0.34 -27.74
C THR C 184 21.40 0.27 -29.14
N ILE C 185 20.27 0.91 -29.47
CA ILE C 185 20.04 1.48 -30.78
C ILE C 185 20.05 3.00 -30.67
N ASP C 186 20.77 3.66 -31.58
CA ASP C 186 20.87 5.10 -31.55
C ASP C 186 19.63 5.75 -32.17
N LYS C 187 19.51 7.06 -31.94
CA LYS C 187 18.43 7.84 -32.53
C LYS C 187 18.85 8.58 -33.79
N SER C 188 20.14 8.91 -33.93
CA SER C 188 20.62 9.59 -35.13
C SER C 188 21.15 8.57 -36.14
N THR C 189 22.15 7.79 -35.74
CA THR C 189 22.68 6.76 -36.64
C THR C 189 21.69 5.62 -36.81
N ASP C 190 20.92 5.31 -35.78
CA ASP C 190 19.97 4.19 -35.81
C ASP C 190 20.68 2.87 -36.12
N LYS C 191 21.88 2.69 -35.57
CA LYS C 191 22.66 1.47 -35.71
C LYS C 191 22.88 0.86 -34.32
N THR C 192 23.60 -0.25 -34.30
CA THR C 192 24.06 -0.81 -33.04
C THR C 192 25.13 0.08 -32.43
N LEU C 193 25.04 0.32 -31.13
CA LEU C 193 26.03 1.10 -30.38
C LEU C 193 26.68 0.24 -29.30
N HIS C 194 27.16 -0.93 -29.68
CA HIS C 194 27.64 -1.92 -28.74
C HIS C 194 28.52 -1.32 -27.65
N SER C 195 28.06 -1.41 -26.41
CA SER C 195 28.75 -0.88 -25.25
C SER C 195 29.14 -2.02 -24.33
N VAL C 196 30.35 -1.91 -23.76
CA VAL C 196 30.88 -2.93 -22.87
C VAL C 196 31.30 -2.26 -21.56
N LYS C 197 31.11 -2.99 -20.47
CA LYS C 197 31.53 -2.53 -19.15
C LYS C 197 32.18 -3.72 -18.46
N VAL C 198 33.48 -3.59 -18.15
CA VAL C 198 34.19 -4.66 -17.47
C VAL C 198 33.95 -4.48 -15.98
N ILE C 199 32.82 -5.00 -15.51
CA ILE C 199 32.33 -4.75 -14.15
C ILE C 199 33.20 -5.50 -13.16
N PRO C 200 34.08 -4.82 -12.41
CA PRO C 200 34.94 -5.54 -11.47
C PRO C 200 34.36 -5.60 -10.07
N SER C 201 34.83 -6.54 -9.27
CA SER C 201 34.51 -6.54 -7.84
C SER C 201 35.49 -5.63 -7.11
N ARG C 202 34.94 -4.66 -6.37
CA ARG C 202 35.72 -3.63 -5.68
C ARG C 202 36.81 -3.05 -6.57
N GLY C 203 36.53 -2.89 -7.86
CA GLY C 203 37.51 -2.36 -8.78
C GLY C 203 37.15 -0.98 -9.29
N ALA C 204 37.53 -0.67 -10.53
CA ALA C 204 37.20 0.60 -11.17
C ALA C 204 36.65 0.30 -12.56
N TRP C 205 35.47 0.84 -12.85
CA TRP C 205 34.83 0.60 -14.14
C TRP C 205 35.70 1.16 -15.26
N LEU C 206 35.81 0.39 -16.36
CA LEU C 206 36.62 0.76 -17.51
C LEU C 206 35.83 0.51 -18.79
N GLU C 207 34.59 1.04 -18.81
CA GLU C 207 33.70 0.86 -19.96
C GLU C 207 34.42 1.21 -21.26
N PHE C 208 34.00 0.54 -22.34
CA PHE C 208 34.45 0.87 -23.68
C PHE C 208 33.25 0.93 -24.62
N ASP C 209 32.63 2.10 -24.75
CA ASP C 209 31.46 2.21 -25.58
C ASP C 209 31.86 2.32 -27.06
N VAL C 210 30.90 2.01 -27.93
CA VAL C 210 31.00 2.39 -29.33
C VAL C 210 30.16 3.64 -29.50
N ASP C 211 30.78 4.81 -29.28
CA ASP C 211 30.05 6.06 -29.44
C ASP C 211 29.70 6.27 -30.90
N LYS C 212 28.54 6.88 -31.12
CA LYS C 212 27.99 7.04 -32.47
C LYS C 212 28.98 7.76 -33.39
N ARG C 213 28.68 7.75 -34.69
CA ARG C 213 29.59 8.27 -35.71
C ARG C 213 30.77 7.32 -35.89
N ASP C 214 30.50 6.01 -35.77
CA ASP C 214 31.50 4.96 -35.98
C ASP C 214 32.79 5.23 -35.18
N THR C 215 32.63 5.59 -33.91
CA THR C 215 33.76 5.92 -33.04
C THR C 215 33.72 5.00 -31.82
N VAL C 216 34.88 4.39 -31.51
CA VAL C 216 35.01 3.57 -30.32
C VAL C 216 35.82 4.31 -29.27
N GLY C 217 35.30 4.33 -28.04
CA GLY C 217 35.90 5.14 -26.99
C GLY C 217 35.82 4.46 -25.64
N VAL C 218 36.59 5.00 -24.69
CA VAL C 218 36.63 4.50 -23.32
C VAL C 218 35.91 5.50 -22.43
N ARG C 219 35.52 5.04 -21.24
CA ARG C 219 35.01 5.93 -20.21
C ARG C 219 35.59 5.56 -18.84
N ILE C 220 36.92 5.46 -18.75
CA ILE C 220 37.60 5.00 -17.54
C ILE C 220 36.96 5.61 -16.31
N ASP C 221 36.61 4.77 -15.34
CA ASP C 221 35.88 5.19 -14.15
C ASP C 221 34.61 5.88 -14.63
N ARG C 222 34.28 7.09 -14.15
CA ARG C 222 33.14 7.86 -14.65
C ARG C 222 33.59 9.21 -15.19
N LYS C 223 34.84 9.30 -15.66
CA LYS C 223 35.44 10.56 -16.08
C LYS C 223 35.21 10.75 -17.58
N ARG C 224 35.88 11.74 -18.17
CA ARG C 224 35.73 12.02 -19.60
C ARG C 224 36.07 10.79 -20.43
N ARG C 225 35.56 10.78 -21.66
CA ARG C 225 35.67 9.63 -22.56
C ARG C 225 36.85 9.87 -23.51
N GLN C 226 38.03 9.44 -23.09
CA GLN C 226 39.17 9.43 -24.01
C GLN C 226 39.10 8.19 -24.90
N PRO C 227 39.60 8.27 -26.15
CA PRO C 227 39.53 7.09 -27.04
C PRO C 227 40.29 5.90 -26.48
N VAL C 228 40.07 4.72 -27.06
CA VAL C 228 40.75 3.52 -26.56
C VAL C 228 42.11 3.35 -27.23
N THR C 229 42.31 3.95 -28.40
CA THR C 229 43.66 4.05 -28.93
C THR C 229 44.55 4.84 -27.99
N VAL C 230 43.96 5.82 -27.29
CA VAL C 230 44.70 6.53 -26.25
C VAL C 230 45.08 5.57 -25.13
N LEU C 231 44.16 4.70 -24.72
CA LEU C 231 44.49 3.74 -23.67
C LEU C 231 45.61 2.82 -24.12
N LEU C 232 45.56 2.34 -25.36
CA LEU C 232 46.61 1.48 -25.88
C LEU C 232 47.94 2.21 -25.95
N LYS C 233 47.94 3.47 -26.37
CA LYS C 233 49.17 4.26 -26.38
C LYS C 233 49.73 4.40 -24.97
N ALA C 234 48.86 4.61 -23.98
CA ALA C 234 49.30 4.60 -22.59
C ALA C 234 49.86 3.24 -22.20
N LEU C 235 49.34 2.17 -22.82
CA LEU C 235 49.91 0.84 -22.61
C LEU C 235 51.21 0.64 -23.35
N GLY C 236 51.62 1.60 -24.18
CA GLY C 236 52.81 1.48 -24.99
C GLY C 236 52.59 0.82 -26.33
N TRP C 237 51.37 0.38 -26.62
CA TRP C 237 51.04 -0.28 -27.88
C TRP C 237 51.39 0.62 -29.06
N THR C 238 52.05 0.05 -30.06
CA THR C 238 52.33 0.77 -31.28
C THR C 238 51.09 0.80 -32.16
N SER C 239 50.90 1.93 -32.87
CA SER C 239 49.81 2.01 -33.82
C SER C 239 49.86 0.86 -34.81
N GLU C 240 51.06 0.43 -35.18
CA GLU C 240 51.21 -0.72 -36.08
C GLU C 240 50.64 -1.99 -35.44
N GLN C 241 50.97 -2.23 -34.16
CA GLN C 241 50.44 -3.40 -33.48
C GLN C 241 48.91 -3.32 -33.36
N ILE C 242 48.40 -2.14 -33.01
CA ILE C 242 46.95 -1.96 -32.90
C ILE C 242 46.29 -2.32 -34.22
N VAL C 243 46.64 -1.60 -35.28
CA VAL C 243 46.04 -1.84 -36.59
C VAL C 243 46.35 -3.23 -37.12
N GLU C 244 47.33 -3.93 -36.54
CA GLU C 244 47.58 -5.32 -36.89
C GLU C 244 46.51 -6.21 -36.28
N ARG C 245 46.40 -6.21 -34.96
CA ARG C 245 45.34 -6.98 -34.30
C ARG C 245 43.96 -6.35 -34.48
N PHE C 246 43.89 -5.13 -35.01
CA PHE C 246 42.62 -4.45 -35.26
C PHE C 246 42.41 -4.19 -36.75
N GLY C 247 43.12 -4.93 -37.61
CA GLY C 247 43.12 -4.61 -39.03
C GLY C 247 41.74 -4.69 -39.65
N PHE C 248 41.01 -5.77 -39.35
CA PHE C 248 39.64 -5.91 -39.86
C PHE C 248 38.73 -4.79 -39.38
N SER C 249 39.04 -4.18 -38.24
CA SER C 249 38.21 -3.13 -37.66
C SER C 249 38.50 -1.82 -38.36
N GLU C 250 37.51 -1.29 -39.08
CA GLU C 250 37.62 0.04 -39.65
C GLU C 250 37.42 1.11 -38.58
N ILE C 251 36.54 0.85 -37.61
CA ILE C 251 36.23 1.84 -36.59
C ILE C 251 37.46 2.13 -35.73
N MET C 252 38.16 1.08 -35.32
CA MET C 252 39.35 1.29 -34.50
C MET C 252 40.48 1.91 -35.31
N ARG C 253 40.55 1.59 -36.60
CA ARG C 253 41.52 2.25 -37.47
C ARG C 253 41.25 3.75 -37.53
N SER C 254 39.98 4.12 -37.69
CA SER C 254 39.60 5.53 -37.65
C SER C 254 40.02 6.16 -36.33
N THR C 255 39.65 5.51 -35.22
CA THR C 255 40.03 6.03 -33.90
C THR C 255 41.54 6.08 -33.71
N LEU C 256 42.30 5.32 -34.50
CA LEU C 256 43.75 5.37 -34.46
C LEU C 256 44.27 6.60 -35.18
N GLU C 257 43.99 6.71 -36.49
CA GLU C 257 44.51 7.86 -37.23
C GLU C 257 43.81 9.14 -36.82
N LYS C 258 42.51 9.06 -36.50
CA LYS C 258 41.77 10.18 -35.92
C LYS C 258 41.72 9.96 -34.41
N ASP C 259 42.74 10.47 -33.73
CA ASP C 259 42.84 10.36 -32.28
C ASP C 259 43.25 11.65 -31.59
N ASN C 260 43.75 12.65 -32.32
CA ASN C 260 44.20 13.91 -31.73
C ASN C 260 45.24 13.67 -30.65
N THR C 261 46.16 12.73 -30.88
CA THR C 261 47.16 12.37 -29.90
C THR C 261 48.18 11.45 -30.55
N VAL C 262 49.45 11.68 -30.20
CA VAL C 262 50.57 10.94 -30.77
C VAL C 262 51.55 10.57 -29.66
N GLY C 263 52.43 9.60 -29.92
CA GLY C 263 53.42 9.21 -28.93
C GLY C 263 52.79 8.32 -27.87
N THR C 264 53.38 8.33 -26.68
CA THR C 264 52.86 7.58 -25.54
C THR C 264 52.69 8.49 -24.34
N ASP C 265 53.64 9.41 -24.16
CA ASP C 265 53.57 10.34 -23.03
C ASP C 265 52.35 11.24 -23.12
N GLU C 266 51.93 11.61 -24.33
CA GLU C 266 50.72 12.41 -24.48
C GLU C 266 49.52 11.68 -23.89
N ALA C 267 49.34 10.41 -24.26
CA ALA C 267 48.21 9.64 -23.74
C ALA C 267 48.32 9.43 -22.24
N LEU C 268 49.52 9.11 -21.75
CA LEU C 268 49.71 8.93 -20.32
C LEU C 268 49.31 10.18 -19.54
N LEU C 269 49.86 11.33 -19.95
CA LEU C 269 49.50 12.60 -19.32
C LEU C 269 48.01 12.85 -19.44
N ASP C 270 47.42 12.51 -20.59
CA ASP C 270 46.00 12.73 -20.81
C ASP C 270 45.17 11.98 -19.77
N ILE C 271 45.50 10.71 -19.55
CA ILE C 271 44.78 9.95 -18.53
C ILE C 271 44.95 10.61 -17.17
N TYR C 272 46.18 11.01 -16.84
CA TYR C 272 46.40 11.59 -15.52
C TYR C 272 45.65 12.91 -15.36
N ARG C 273 45.37 13.62 -16.46
CA ARG C 273 44.64 14.88 -16.37
C ARG C 273 43.31 14.69 -15.66
N LYS C 274 42.67 13.55 -15.87
CA LYS C 274 41.38 13.24 -15.27
C LYS C 274 41.47 12.38 -14.03
N LEU C 275 42.50 11.53 -13.93
CA LEU C 275 42.59 10.63 -12.79
C LEU C 275 42.70 11.40 -11.48
N ARG C 276 43.67 12.32 -11.39
CA ARG C 276 43.88 13.14 -10.20
C ARG C 276 44.22 14.56 -10.63
N PRO C 277 43.22 15.33 -11.08
CA PRO C 277 43.49 16.71 -11.52
C PRO C 277 44.08 17.54 -10.38
N GLY C 278 44.97 18.46 -10.74
CA GLY C 278 45.62 19.31 -9.78
C GLY C 278 46.97 18.81 -9.29
N GLU C 279 47.59 17.87 -9.99
CA GLU C 279 48.89 17.33 -9.62
C GLU C 279 49.77 17.26 -10.86
N PRO C 280 51.10 17.24 -10.73
CA PRO C 280 51.96 17.20 -11.91
C PRO C 280 51.81 15.89 -12.65
N PRO C 281 51.21 15.88 -13.84
CA PRO C 281 50.98 14.62 -14.55
C PRO C 281 52.24 14.07 -15.19
N THR C 282 53.25 13.76 -14.38
CA THR C 282 54.49 13.23 -14.92
C THR C 282 54.25 11.85 -15.53
N LYS C 283 55.04 11.53 -16.57
CA LYS C 283 54.93 10.23 -17.22
C LYS C 283 55.06 9.09 -16.21
N GLU C 284 55.99 9.21 -15.27
CA GLU C 284 56.19 8.14 -14.29
C GLU C 284 54.93 7.88 -13.48
N SER C 285 54.30 8.95 -12.99
CA SER C 285 53.08 8.77 -12.21
C SER C 285 51.95 8.19 -13.06
N ALA C 286 51.87 8.60 -14.33
CA ALA C 286 50.86 8.05 -15.21
C ALA C 286 51.05 6.55 -15.39
N GLN C 287 52.30 6.12 -15.61
CA GLN C 287 52.56 4.69 -15.72
C GLN C 287 52.20 3.97 -14.43
N THR C 288 52.59 4.55 -13.28
CA THR C 288 52.33 3.90 -12.00
C THR C 288 50.84 3.72 -11.78
N LEU C 289 50.04 4.76 -12.08
CA LEU C 289 48.61 4.67 -11.86
C LEU C 289 47.95 3.74 -12.88
N LEU C 290 48.41 3.75 -14.12
CA LEU C 290 47.89 2.83 -15.12
C LEU C 290 48.07 1.40 -14.66
N GLU C 291 49.25 1.08 -14.11
CA GLU C 291 49.46 -0.25 -13.53
C GLU C 291 48.60 -0.44 -12.27
N ASN C 292 48.44 0.62 -11.48
CA ASN C 292 47.85 0.49 -10.15
C ASN C 292 46.36 0.19 -10.22
N LEU C 293 45.62 0.96 -11.02
CA LEU C 293 44.16 0.89 -10.94
C LEU C 293 43.63 -0.47 -11.37
N PHE C 294 44.16 -1.01 -12.49
CA PHE C 294 43.61 -2.21 -13.10
C PHE C 294 44.47 -3.44 -12.84
N PHE C 295 45.77 -3.35 -13.13
CA PHE C 295 46.61 -4.54 -13.13
C PHE C 295 47.15 -4.91 -11.75
N LYS C 296 46.70 -4.25 -10.67
CA LYS C 296 47.09 -4.64 -9.33
C LYS C 296 46.11 -5.68 -8.77
N GLU C 297 46.43 -6.19 -7.59
CA GLU C 297 45.54 -7.11 -6.90
C GLU C 297 45.26 -6.66 -5.46
N LYS C 298 45.55 -5.40 -5.11
CA LYS C 298 45.24 -4.84 -3.80
C LYS C 298 44.29 -3.67 -3.89
N ARG C 299 44.09 -3.09 -5.08
CA ARG C 299 43.06 -2.08 -5.31
C ARG C 299 42.02 -2.51 -6.33
N TYR C 300 42.15 -3.70 -6.92
CA TYR C 300 41.27 -4.14 -7.99
C TYR C 300 41.31 -5.66 -8.03
N ASP C 301 40.16 -6.30 -7.82
CA ASP C 301 40.09 -7.74 -7.70
C ASP C 301 38.81 -8.23 -8.37
N LEU C 302 38.94 -8.79 -9.57
CA LEU C 302 37.79 -9.40 -10.24
C LEU C 302 37.23 -10.57 -9.44
N ALA C 303 38.02 -11.14 -8.52
CA ALA C 303 37.64 -12.32 -7.77
C ALA C 303 37.56 -13.52 -8.70
N ARG C 304 37.76 -14.73 -8.15
CA ARG C 304 37.79 -15.91 -8.99
C ARG C 304 36.46 -16.09 -9.72
N VAL C 305 35.37 -15.67 -9.11
CA VAL C 305 34.05 -15.74 -9.75
C VAL C 305 34.06 -14.87 -11.01
N GLY C 306 34.65 -13.68 -10.91
CA GLY C 306 34.73 -12.80 -12.05
C GLY C 306 35.74 -13.27 -13.08
N ARG C 307 36.87 -13.79 -12.60
CA ARG C 307 37.92 -14.24 -13.52
C ARG C 307 37.44 -15.42 -14.34
N TYR C 308 36.76 -16.38 -13.71
CA TYR C 308 36.22 -17.50 -14.46
C TYR C 308 35.20 -17.04 -15.48
N LYS C 309 34.35 -16.07 -15.11
CA LYS C 309 33.37 -15.56 -16.06
C LYS C 309 34.05 -14.92 -17.26
N VAL C 310 35.08 -14.11 -17.02
CA VAL C 310 35.78 -13.46 -18.12
C VAL C 310 36.45 -14.49 -19.03
N ASN C 311 37.12 -15.47 -18.41
CA ASN C 311 37.79 -16.50 -19.20
C ASN C 311 36.80 -17.29 -20.03
N LYS C 312 35.67 -17.69 -19.42
CA LYS C 312 34.65 -18.41 -20.17
C LYS C 312 34.12 -17.58 -21.33
N LYS C 313 33.83 -16.31 -21.08
CA LYS C 313 33.26 -15.47 -22.13
C LYS C 313 34.23 -15.30 -23.29
N LEU C 314 35.51 -15.07 -23.00
CA LEU C 314 36.51 -14.85 -24.03
C LEU C 314 37.33 -16.09 -24.33
N GLY C 315 37.19 -17.16 -23.55
CA GLY C 315 37.91 -18.40 -23.80
C GLY C 315 39.42 -18.22 -23.85
N LEU C 316 39.97 -17.49 -22.87
CA LEU C 316 41.40 -17.21 -22.86
C LEU C 316 42.18 -18.38 -22.28
N HIS C 317 41.92 -18.73 -21.01
CA HIS C 317 42.64 -19.79 -20.31
C HIS C 317 41.62 -20.85 -19.90
N VAL C 318 41.53 -21.91 -20.70
CA VAL C 318 40.59 -22.99 -20.40
C VAL C 318 41.20 -24.04 -19.47
N GLY C 319 42.51 -24.23 -19.51
CA GLY C 319 43.15 -25.29 -18.75
C GLY C 319 43.74 -24.85 -17.42
N GLU C 320 44.40 -23.70 -17.42
CA GLU C 320 45.09 -23.26 -16.21
C GLU C 320 44.08 -23.00 -15.09
N PRO C 321 44.37 -23.41 -13.86
CA PRO C 321 43.46 -23.08 -12.76
C PRO C 321 43.48 -21.60 -12.45
N ILE C 322 42.38 -21.13 -11.87
CA ILE C 322 42.20 -19.70 -11.59
C ILE C 322 43.00 -19.39 -10.32
N THR C 323 44.13 -18.70 -10.49
CA THR C 323 44.99 -18.29 -9.38
C THR C 323 45.41 -16.85 -9.62
N SER C 324 44.47 -16.03 -10.09
CA SER C 324 44.74 -14.63 -10.41
C SER C 324 43.42 -13.87 -10.50
N SER C 325 43.38 -12.67 -9.90
CA SER C 325 42.15 -11.89 -9.84
C SER C 325 42.38 -10.46 -10.31
N THR C 326 43.42 -10.20 -11.09
CA THR C 326 43.69 -8.88 -11.64
C THR C 326 43.67 -8.96 -13.15
N LEU C 327 43.29 -7.85 -13.78
CA LEU C 327 43.22 -7.78 -15.23
C LEU C 327 44.62 -7.94 -15.83
N THR C 328 44.65 -8.04 -17.16
CA THR C 328 45.89 -8.15 -17.90
C THR C 328 45.69 -7.52 -19.27
N GLU C 329 46.80 -7.20 -19.92
CA GLU C 329 46.75 -6.58 -21.25
C GLU C 329 45.95 -7.45 -22.20
N GLU C 330 46.15 -8.77 -22.11
CA GLU C 330 45.39 -9.68 -22.96
C GLU C 330 43.89 -9.52 -22.74
N ASP C 331 43.49 -9.34 -21.47
CA ASP C 331 42.07 -9.20 -21.17
C ASP C 331 41.49 -7.97 -21.87
N VAL C 332 42.18 -6.83 -21.78
CA VAL C 332 41.64 -5.60 -22.34
C VAL C 332 41.63 -5.65 -23.86
N VAL C 333 42.71 -6.16 -24.46
CA VAL C 333 42.76 -6.22 -25.92
C VAL C 333 41.71 -7.20 -26.44
N ALA C 334 41.53 -8.33 -25.75
CA ALA C 334 40.48 -9.27 -26.13
C ALA C 334 39.10 -8.64 -25.98
N THR C 335 38.91 -7.85 -24.92
CA THR C 335 37.65 -7.14 -24.74
C THR C 335 37.36 -6.23 -25.93
N ILE C 336 38.36 -5.46 -26.35
CA ILE C 336 38.16 -4.52 -27.45
C ILE C 336 37.92 -5.27 -28.75
N GLU C 337 38.67 -6.36 -28.97
CA GLU C 337 38.49 -7.15 -30.19
C GLU C 337 37.10 -7.76 -30.23
N TYR C 338 36.63 -8.32 -29.11
CA TYR C 338 35.29 -8.85 -29.02
C TYR C 338 34.27 -7.75 -29.28
N LEU C 339 34.51 -6.56 -28.74
CA LEU C 339 33.60 -5.44 -28.94
C LEU C 339 33.47 -5.08 -30.42
N VAL C 340 34.60 -4.95 -31.12
CA VAL C 340 34.53 -4.58 -32.53
C VAL C 340 33.93 -5.72 -33.35
N ARG C 341 34.26 -6.97 -33.03
CA ARG C 341 33.67 -8.09 -33.75
C ARG C 341 32.17 -8.15 -33.54
N LEU C 342 31.70 -7.87 -32.32
CA LEU C 342 30.27 -7.72 -32.09
C LEU C 342 29.71 -6.64 -32.98
N HIS C 343 30.38 -5.49 -33.03
CA HIS C 343 30.07 -4.49 -34.04
C HIS C 343 30.27 -5.09 -35.43
N GLU C 344 29.73 -4.40 -36.43
CA GLU C 344 29.73 -4.89 -37.81
C GLU C 344 28.79 -6.08 -37.92
N GLY C 345 29.29 -7.31 -37.73
CA GLY C 345 28.41 -8.46 -37.78
C GLY C 345 29.14 -9.80 -37.80
N GLN C 346 29.71 -10.20 -36.68
CA GLN C 346 30.42 -11.46 -36.57
C GLN C 346 29.52 -12.53 -35.93
N THR C 347 30.02 -13.77 -35.93
CA THR C 347 29.37 -14.88 -35.27
C THR C 347 30.26 -15.59 -34.25
N THR C 348 31.55 -15.29 -34.21
CA THR C 348 32.47 -15.88 -33.25
C THR C 348 33.81 -15.20 -33.41
N MET C 349 34.73 -15.51 -32.50
CA MET C 349 36.07 -14.96 -32.55
C MET C 349 37.07 -16.04 -32.14
N THR C 350 38.32 -15.84 -32.58
CA THR C 350 39.38 -16.84 -32.44
C THR C 350 40.66 -16.18 -31.91
N VAL C 351 40.52 -15.42 -30.83
CA VAL C 351 41.67 -14.74 -30.22
C VAL C 351 42.76 -15.78 -29.96
N PRO C 352 44.02 -15.53 -30.32
CA PRO C 352 45.04 -16.58 -30.23
C PRO C 352 45.30 -17.04 -28.80
N GLY C 353 45.76 -18.28 -28.65
CA GLY C 353 46.02 -18.83 -27.33
C GLY C 353 44.77 -19.19 -26.56
N GLY C 354 43.65 -19.36 -27.23
CA GLY C 354 42.41 -19.72 -26.57
C GLY C 354 41.40 -20.23 -27.55
N VAL C 355 40.51 -21.10 -27.08
CA VAL C 355 39.49 -21.67 -27.93
C VAL C 355 38.51 -20.58 -28.36
N GLU C 356 37.87 -20.80 -29.51
CA GLU C 356 36.91 -19.84 -30.03
C GLU C 356 35.71 -19.75 -29.09
N VAL C 357 34.99 -18.64 -29.18
CA VAL C 357 33.79 -18.41 -28.37
C VAL C 357 32.81 -17.59 -29.19
N PRO C 358 31.50 -17.85 -29.11
CA PRO C 358 30.56 -17.09 -29.92
C PRO C 358 30.53 -15.63 -29.52
N VAL C 359 30.30 -14.77 -30.50
CA VAL C 359 30.16 -13.34 -30.26
C VAL C 359 28.69 -13.04 -30.02
N GLU C 360 28.38 -12.42 -28.88
CA GLU C 360 27.01 -12.18 -28.49
C GLU C 360 26.97 -11.24 -27.31
N THR C 361 25.85 -10.52 -27.19
CA THR C 361 25.65 -9.62 -26.07
C THR C 361 25.38 -10.42 -24.79
N ASP C 362 25.13 -9.71 -23.70
CA ASP C 362 24.86 -10.31 -22.41
C ASP C 362 23.53 -9.81 -21.89
N ASP C 363 22.69 -10.73 -21.41
CA ASP C 363 21.45 -10.39 -20.73
C ASP C 363 21.74 -10.42 -19.23
N ILE C 364 21.63 -9.27 -18.58
CA ILE C 364 22.04 -9.14 -17.19
C ILE C 364 20.91 -9.63 -16.28
N ASP C 365 19.82 -10.08 -16.89
CA ASP C 365 18.76 -10.77 -16.15
C ASP C 365 19.00 -12.27 -16.08
N HIS C 366 19.55 -12.86 -17.15
CA HIS C 366 19.89 -14.27 -17.19
C HIS C 366 20.61 -14.68 -15.91
N PHE C 367 20.24 -15.82 -15.33
CA PHE C 367 20.82 -16.22 -14.06
C PHE C 367 22.28 -16.61 -14.18
N GLY C 368 22.79 -16.81 -15.39
CA GLY C 368 24.22 -16.95 -15.57
C GLY C 368 24.99 -15.65 -15.47
N ASN C 369 24.31 -14.52 -15.65
CA ASN C 369 24.92 -13.20 -15.57
C ASN C 369 24.59 -12.49 -14.26
N ARG C 370 23.98 -13.20 -13.31
CA ARG C 370 23.74 -12.67 -11.97
C ARG C 370 23.87 -13.83 -11.00
N ARG C 371 24.65 -13.64 -9.95
CA ARG C 371 25.02 -14.70 -9.03
C ARG C 371 24.37 -14.46 -7.67
N LEU C 372 24.60 -15.41 -6.76
CA LEU C 372 23.93 -15.44 -5.46
C LEU C 372 24.98 -15.25 -4.37
N ARG C 373 24.99 -14.07 -3.76
CA ARG C 373 25.85 -13.83 -2.61
C ARG C 373 25.25 -14.45 -1.36
N THR C 374 25.53 -15.72 -1.13
CA THR C 374 25.00 -16.42 0.03
C THR C 374 25.56 -15.80 1.30
N VAL C 375 25.10 -16.29 2.44
CA VAL C 375 25.51 -15.73 3.73
C VAL C 375 27.03 -15.77 3.88
N GLY C 376 27.66 -16.86 3.45
CA GLY C 376 29.10 -16.94 3.55
C GLY C 376 29.80 -15.84 2.79
N GLU C 377 29.35 -15.56 1.56
CA GLU C 377 30.00 -14.52 0.76
C GLU C 377 29.84 -13.15 1.41
N LEU C 378 28.64 -12.85 1.94
CA LEU C 378 28.42 -11.55 2.55
C LEU C 378 29.29 -11.38 3.80
N ILE C 379 29.30 -12.39 4.67
CA ILE C 379 30.11 -12.30 5.88
C ILE C 379 31.59 -12.20 5.51
N GLN C 380 32.00 -12.91 4.45
CA GLN C 380 33.38 -12.84 3.99
C GLN C 380 33.73 -11.44 3.52
N ASN C 381 32.82 -10.81 2.77
CA ASN C 381 33.10 -9.45 2.27
C ASN C 381 33.21 -8.46 3.42
N GLN C 382 32.33 -8.58 4.42
CA GLN C 382 32.43 -7.66 5.55
C GLN C 382 33.70 -7.90 6.37
N ILE C 383 34.09 -9.17 6.54
CA ILE C 383 35.38 -9.46 7.15
C ILE C 383 36.50 -8.89 6.31
N ARG C 384 36.34 -8.91 4.98
CA ARG C 384 37.38 -8.39 4.09
C ARG C 384 37.58 -6.90 4.29
N VAL C 385 36.48 -6.15 4.39
CA VAL C 385 36.62 -4.71 4.58
C VAL C 385 37.19 -4.41 5.96
N GLY C 386 36.75 -5.17 6.97
CA GLY C 386 37.35 -5.00 8.29
C GLY C 386 38.84 -5.31 8.30
N MET C 387 39.24 -6.34 7.56
CA MET C 387 40.64 -6.73 7.52
C MET C 387 41.46 -5.72 6.74
N SER C 388 40.87 -5.09 5.71
CA SER C 388 41.58 -4.03 5.01
C SER C 388 41.74 -2.80 5.90
N ARG C 389 40.72 -2.48 6.70
CA ARG C 389 40.88 -1.41 7.68
C ARG C 389 41.98 -1.72 8.69
N MET C 390 42.05 -2.96 9.18
CA MET C 390 43.14 -3.36 10.05
C MET C 390 44.49 -3.35 9.33
N GLU C 391 44.50 -3.69 8.04
CA GLU C 391 45.73 -3.71 7.27
C GLU C 391 46.31 -2.30 7.12
N ARG C 392 45.45 -1.31 6.88
CA ARG C 392 45.96 0.05 6.81
C ARG C 392 46.58 0.46 8.15
N VAL C 393 45.93 0.11 9.26
CA VAL C 393 46.46 0.45 10.57
C VAL C 393 47.80 -0.24 10.80
N VAL C 394 47.90 -1.52 10.43
CA VAL C 394 49.13 -2.24 10.68
C VAL C 394 50.27 -1.72 9.81
N ARG C 395 49.96 -1.36 8.55
CA ARG C 395 50.98 -0.76 7.70
C ARG C 395 51.42 0.59 8.26
N GLU C 396 50.48 1.39 8.76
CA GLU C 396 50.83 2.66 9.38
C GLU C 396 51.74 2.45 10.58
N ARG C 397 51.37 1.53 11.48
CA ARG C 397 52.14 1.29 12.68
C ARG C 397 53.43 0.54 12.39
N MET C 398 53.59 0.03 11.17
CA MET C 398 54.81 -0.67 10.79
C MET C 398 55.99 0.27 10.59
N THR C 399 55.73 1.57 10.44
CA THR C 399 56.78 2.56 10.23
C THR C 399 56.97 3.51 11.40
N THR C 400 56.06 3.53 12.38
CA THR C 400 56.17 4.42 13.53
C THR C 400 56.40 3.66 14.83
N GLN C 401 57.18 2.58 14.80
CA GLN C 401 57.57 1.86 16.00
C GLN C 401 58.93 1.23 15.76
N ASP C 402 59.82 1.35 16.75
CA ASP C 402 61.19 0.89 16.58
C ASP C 402 61.26 -0.62 16.42
N VAL C 403 62.25 -1.07 15.66
CA VAL C 403 62.49 -2.49 15.42
C VAL C 403 62.92 -3.13 16.74
N GLU C 404 62.93 -4.46 16.77
CA GLU C 404 63.33 -5.28 17.92
C GLU C 404 62.51 -4.98 19.17
N ALA C 405 61.40 -4.24 19.01
CA ALA C 405 60.37 -4.13 20.03
C ALA C 405 58.99 -4.46 19.47
N ILE C 406 58.88 -4.63 18.16
CA ILE C 406 57.61 -4.98 17.53
C ILE C 406 57.33 -6.46 17.73
N THR C 407 56.09 -6.77 18.10
CA THR C 407 55.60 -8.13 18.16
C THR C 407 54.26 -8.19 17.45
N PRO C 408 53.84 -9.37 16.97
CA PRO C 408 52.55 -9.44 16.25
C PRO C 408 51.38 -8.86 17.04
N GLN C 409 51.36 -9.06 18.36
CA GLN C 409 50.22 -8.64 19.16
C GLN C 409 50.18 -7.13 19.40
N THR C 410 51.31 -6.44 19.25
CA THR C 410 51.34 -4.99 19.45
C THR C 410 51.05 -4.21 18.18
N LEU C 411 50.97 -4.87 17.02
CA LEU C 411 50.63 -4.21 15.77
C LEU C 411 49.19 -4.44 15.35
N ILE C 412 48.51 -5.42 15.91
CA ILE C 412 47.18 -5.81 15.45
C ILE C 412 46.13 -5.17 16.35
N ASN C 413 45.23 -4.40 15.73
CA ASN C 413 44.10 -3.80 16.42
C ASN C 413 42.84 -4.45 15.87
N ILE C 414 42.16 -5.23 16.72
CA ILE C 414 41.02 -6.02 16.25
C ILE C 414 39.85 -5.12 15.91
N ARG C 415 39.75 -3.96 16.58
CA ARG C 415 38.58 -3.09 16.57
C ARG C 415 37.88 -3.00 15.21
N PRO C 416 38.59 -2.72 14.12
CA PRO C 416 37.89 -2.64 12.82
C PRO C 416 37.12 -3.90 12.46
N VAL C 417 37.68 -5.07 12.73
CA VAL C 417 37.02 -6.32 12.33
C VAL C 417 35.79 -6.58 13.18
N VAL C 418 35.94 -6.48 14.50
CA VAL C 418 34.83 -6.74 15.43
C VAL C 418 33.76 -5.67 15.25
N ALA C 419 34.15 -4.51 14.73
CA ALA C 419 33.20 -3.46 14.41
C ALA C 419 32.46 -3.69 13.11
N ALA C 420 33.14 -4.14 12.05
CA ALA C 420 32.46 -4.46 10.80
C ALA C 420 31.53 -5.64 10.94
N ILE C 421 31.91 -6.65 11.74
CA ILE C 421 31.02 -7.78 11.95
C ILE C 421 29.71 -7.33 12.59
N LYS C 422 29.81 -6.53 13.64
CA LYS C 422 28.61 -6.01 14.28
C LYS C 422 27.83 -5.10 13.35
N GLU C 423 28.53 -4.29 12.56
CA GLU C 423 27.88 -3.42 11.59
C GLU C 423 27.03 -4.24 10.62
N PHE C 424 27.57 -5.36 10.17
CA PHE C 424 26.82 -6.22 9.26
C PHE C 424 25.63 -6.87 9.96
N PHE C 425 25.86 -7.42 11.16
CA PHE C 425 24.82 -8.21 11.81
C PHE C 425 23.79 -7.35 12.54
N GLY C 426 23.93 -6.03 12.54
CA GLY C 426 22.95 -5.17 13.17
C GLY C 426 22.29 -4.17 12.25
N THR C 427 23.01 -3.72 11.21
CA THR C 427 22.62 -2.56 10.41
C THR C 427 22.78 -2.88 8.92
N SER C 428 22.27 -4.03 8.50
CA SER C 428 22.31 -4.41 7.09
C SER C 428 20.91 -4.75 6.62
N GLN C 429 20.70 -4.60 5.32
CA GLN C 429 19.44 -4.96 4.68
C GLN C 429 19.27 -6.47 4.52
N LEU C 430 20.36 -7.23 4.59
CA LEU C 430 20.31 -8.67 4.41
C LEU C 430 20.23 -9.45 5.72
N SER C 431 20.74 -8.90 6.82
CA SER C 431 20.58 -9.50 8.13
C SER C 431 19.19 -9.11 8.63
N GLN C 432 18.19 -9.88 8.23
CA GLN C 432 16.80 -9.53 8.43
C GLN C 432 16.22 -10.25 9.64
N PHE C 433 15.48 -9.50 10.45
CA PHE C 433 14.73 -10.09 11.55
C PHE C 433 13.87 -11.23 11.04
N MET C 434 14.07 -12.42 11.59
CA MET C 434 13.48 -13.63 11.05
C MET C 434 11.96 -13.61 11.21
N ASP C 435 11.26 -14.13 10.19
CA ASP C 435 9.80 -14.20 10.21
C ASP C 435 9.39 -15.53 10.82
N GLN C 436 8.75 -15.48 11.99
CA GLN C 436 8.38 -16.66 12.75
C GLN C 436 6.88 -16.71 13.01
N ASN C 437 6.07 -16.23 12.06
CA ASN C 437 4.62 -16.35 12.21
C ASN C 437 4.23 -17.81 12.38
N ASN C 438 4.72 -18.67 11.49
CA ASN C 438 4.44 -20.08 11.53
C ASN C 438 5.67 -20.80 11.01
N PRO C 439 5.83 -22.10 11.29
CA PRO C 439 7.02 -22.83 10.82
C PRO C 439 7.41 -22.59 9.37
N LEU C 440 6.45 -22.31 8.49
CA LEU C 440 6.78 -22.08 7.08
C LEU C 440 7.35 -20.71 6.81
N SER C 441 6.96 -19.69 7.58
CA SER C 441 7.45 -18.34 7.33
C SER C 441 8.97 -18.28 7.49
N GLY C 442 9.49 -18.88 8.55
CA GLY C 442 10.93 -18.91 8.77
C GLY C 442 11.67 -19.67 7.69
N LEU C 443 11.17 -20.85 7.33
CA LEU C 443 11.80 -21.64 6.29
C LEU C 443 11.80 -20.94 4.94
N THR C 444 10.74 -20.20 4.61
CA THR C 444 10.73 -19.41 3.39
C THR C 444 11.61 -18.18 3.48
N HIS C 445 11.79 -17.62 4.68
CA HIS C 445 12.71 -16.52 4.86
C HIS C 445 14.16 -16.96 4.65
N LYS C 446 14.50 -18.16 5.09
CA LYS C 446 15.87 -18.66 4.99
C LYS C 446 16.22 -19.05 3.55
N ARG C 447 15.24 -19.08 2.66
CA ARG C 447 15.47 -19.46 1.27
C ARG C 447 14.98 -18.36 0.34
N ARG C 448 15.24 -17.11 0.70
CA ARG C 448 14.82 -15.96 -0.08
C ARG C 448 16.00 -15.38 -0.85
N LEU C 449 15.70 -14.84 -2.04
CA LEU C 449 16.70 -14.24 -2.91
C LEU C 449 16.35 -12.76 -3.06
N SER C 450 16.87 -11.94 -2.15
CA SER C 450 16.59 -10.51 -2.18
C SER C 450 17.59 -9.81 -3.09
N ALA C 451 17.08 -9.21 -4.17
CA ALA C 451 17.92 -8.53 -5.14
C ALA C 451 18.25 -7.09 -4.74
N LEU C 452 17.85 -6.67 -3.54
CA LEU C 452 18.02 -5.28 -3.09
C LEU C 452 18.85 -5.27 -1.81
N GLY C 453 20.14 -5.00 -1.96
CA GLY C 453 21.03 -4.81 -0.84
C GLY C 453 22.14 -3.85 -1.22
N PRO C 454 23.06 -3.59 -0.29
CA PRO C 454 24.20 -2.73 -0.63
C PRO C 454 25.05 -3.38 -1.70
N GLY C 455 25.09 -2.79 -2.89
CA GLY C 455 25.69 -3.43 -4.04
C GLY C 455 24.65 -4.06 -4.93
N GLY C 456 23.37 -3.80 -4.64
CA GLY C 456 22.28 -4.34 -5.41
C GLY C 456 21.29 -3.25 -5.76
N LEU C 457 20.19 -3.67 -6.38
CA LEU C 457 19.20 -2.72 -6.88
C LEU C 457 18.53 -1.98 -5.73
N SER C 458 17.95 -0.82 -6.05
CA SER C 458 17.21 -0.01 -5.10
C SER C 458 15.73 -0.09 -5.45
N ARG C 459 14.90 -0.22 -4.41
CA ARG C 459 13.47 -0.43 -4.61
C ARG C 459 12.84 0.72 -5.38
N GLU C 460 13.17 1.95 -5.01
CA GLU C 460 12.62 3.12 -5.70
C GLU C 460 13.10 3.17 -7.15
N ARG C 461 14.36 2.81 -7.38
CA ARG C 461 14.96 2.99 -8.70
C ARG C 461 14.75 1.78 -9.60
N ALA C 462 14.52 0.60 -9.02
CA ALA C 462 14.39 -0.61 -9.82
C ALA C 462 13.26 -0.47 -10.83
N GLY C 463 13.53 -0.89 -12.05
CA GLY C 463 12.61 -0.72 -13.17
C GLY C 463 11.67 -1.89 -13.32
N LEU C 464 11.25 -2.14 -14.56
CA LEU C 464 10.31 -3.20 -14.88
C LEU C 464 10.96 -4.38 -15.59
N GLU C 465 12.22 -4.24 -16.03
CA GLU C 465 12.93 -5.36 -16.62
C GLU C 465 13.52 -6.30 -15.58
N VAL C 466 13.75 -5.82 -14.36
CA VAL C 466 14.19 -6.69 -13.27
C VAL C 466 12.99 -7.33 -12.57
N ARG C 467 11.91 -6.58 -12.40
CA ARG C 467 10.71 -7.08 -11.74
C ARG C 467 9.94 -8.00 -12.68
N ASP C 468 10.58 -9.09 -13.12
CA ASP C 468 9.96 -9.97 -14.10
C ASP C 468 10.32 -11.43 -13.86
N VAL C 469 9.73 -12.32 -14.64
CA VAL C 469 10.07 -13.74 -14.64
C VAL C 469 10.94 -13.99 -15.86
N HIS C 470 12.14 -14.51 -15.64
CA HIS C 470 13.04 -14.82 -16.73
C HIS C 470 12.95 -16.30 -17.05
N PRO C 471 13.10 -16.70 -18.32
CA PRO C 471 13.08 -18.14 -18.64
C PRO C 471 14.18 -18.94 -17.97
N SER C 472 15.23 -18.29 -17.47
CA SER C 472 16.27 -18.96 -16.72
C SER C 472 15.91 -19.18 -15.26
N HIS C 473 14.81 -18.58 -14.79
CA HIS C 473 14.33 -18.79 -13.43
C HIS C 473 13.75 -20.19 -13.23
N TYR C 474 13.49 -20.93 -14.30
CA TYR C 474 12.87 -22.24 -14.20
C TYR C 474 13.78 -23.15 -13.39
N GLY C 475 13.33 -23.57 -12.22
CA GLY C 475 14.06 -24.49 -11.38
C GLY C 475 15.15 -23.86 -10.53
N ARG C 476 15.28 -22.55 -10.56
CA ARG C 476 16.25 -21.83 -9.73
C ARG C 476 15.60 -20.76 -8.88
N MET C 477 14.62 -20.03 -9.41
CA MET C 477 13.81 -19.10 -8.65
C MET C 477 12.35 -19.35 -8.98
N CYS C 478 11.50 -19.25 -7.97
CA CYS C 478 10.09 -19.55 -8.15
C CYS C 478 9.41 -18.41 -8.91
N PRO C 479 8.73 -18.69 -10.03
CA PRO C 479 8.00 -17.61 -10.71
C PRO C 479 6.77 -17.14 -9.93
N ILE C 480 6.44 -17.80 -8.83
CA ILE C 480 5.31 -17.44 -7.96
C ILE C 480 5.92 -17.08 -6.61
N GLU C 481 5.08 -16.73 -5.64
CA GLU C 481 5.56 -16.42 -4.30
C GLU C 481 6.50 -15.23 -4.33
N THR C 482 5.96 -14.07 -4.70
CA THR C 482 6.68 -12.80 -4.73
C THR C 482 5.90 -11.80 -3.90
N PRO C 483 6.58 -10.83 -3.27
CA PRO C 483 5.83 -9.80 -2.54
C PRO C 483 4.84 -9.08 -3.44
N GLU C 484 3.67 -8.75 -2.91
CA GLU C 484 2.56 -8.24 -3.70
C GLU C 484 2.59 -6.72 -3.85
N GLY C 485 3.51 -6.04 -3.17
CA GLY C 485 3.54 -4.60 -3.16
C GLY C 485 4.70 -4.04 -3.96
N PRO C 486 5.47 -3.11 -3.38
CA PRO C 486 6.56 -2.50 -4.14
C PRO C 486 7.78 -3.39 -4.34
N ASN C 487 7.84 -4.53 -3.66
CA ASN C 487 8.95 -5.47 -3.80
C ASN C 487 8.61 -6.56 -4.79
N ILE C 488 7.74 -6.26 -5.76
CA ILE C 488 7.27 -7.24 -6.71
C ILE C 488 8.42 -7.52 -7.68
N GLY C 489 9.13 -8.63 -7.43
CA GLY C 489 10.16 -9.11 -8.32
C GLY C 489 11.57 -8.93 -7.80
N LEU C 490 11.78 -8.06 -6.81
CA LEU C 490 13.09 -7.84 -6.23
C LEU C 490 13.38 -8.80 -5.08
N ILE C 491 12.39 -9.59 -4.66
CA ILE C 491 12.57 -10.57 -3.60
C ILE C 491 11.94 -11.89 -4.06
N GLY C 492 12.77 -12.80 -4.57
CA GLY C 492 12.31 -14.09 -5.01
C GLY C 492 12.41 -15.14 -3.93
N SER C 493 12.19 -16.39 -4.34
CA SER C 493 12.34 -17.53 -3.45
C SER C 493 13.02 -18.66 -4.21
N LEU C 494 13.98 -19.30 -3.55
CA LEU C 494 14.74 -20.37 -4.17
C LEU C 494 13.85 -21.60 -4.34
N SER C 495 13.93 -22.21 -5.52
CA SER C 495 13.07 -23.35 -5.83
C SER C 495 13.43 -24.54 -4.94
N VAL C 496 12.66 -25.62 -5.05
CA VAL C 496 12.77 -26.73 -4.10
C VAL C 496 14.07 -27.49 -4.28
N TYR C 497 14.44 -27.84 -5.51
CA TYR C 497 15.57 -28.72 -5.79
C TYR C 497 16.86 -27.96 -6.08
N ALA C 498 16.80 -26.63 -6.13
CA ALA C 498 17.94 -25.84 -6.57
C ALA C 498 19.02 -25.77 -5.49
N ARG C 499 20.25 -25.56 -5.93
CA ARG C 499 21.40 -25.43 -5.05
C ARG C 499 22.44 -24.54 -5.73
N VAL C 500 23.35 -24.00 -4.93
CA VAL C 500 24.33 -23.01 -5.39
C VAL C 500 25.68 -23.68 -5.60
N ASN C 501 26.30 -23.41 -6.74
CA ASN C 501 27.60 -23.95 -7.04
C ASN C 501 28.67 -23.19 -6.26
N PRO C 502 29.93 -23.64 -6.30
CA PRO C 502 30.96 -22.95 -5.52
C PRO C 502 31.10 -21.47 -5.87
N PHE C 503 30.97 -21.10 -7.15
CA PHE C 503 31.09 -19.71 -7.55
C PHE C 503 30.00 -18.86 -6.90
N GLY C 504 28.77 -19.33 -6.94
CA GLY C 504 27.64 -18.58 -6.41
C GLY C 504 26.40 -18.72 -7.26
N PHE C 505 26.56 -19.20 -8.48
CA PHE C 505 25.44 -19.42 -9.37
C PHE C 505 24.61 -20.62 -8.88
N ILE C 506 23.36 -20.66 -9.31
CA ILE C 506 22.43 -21.69 -8.88
C ILE C 506 22.41 -22.80 -9.92
N GLU C 507 22.19 -24.02 -9.45
CA GLU C 507 22.07 -25.20 -10.29
C GLU C 507 20.81 -25.95 -9.89
N THR C 508 20.17 -26.60 -10.88
CA THR C 508 18.95 -27.34 -10.64
C THR C 508 19.10 -28.77 -11.15
N PRO C 509 18.65 -29.77 -10.38
CA PRO C 509 18.82 -31.16 -10.84
C PRO C 509 18.08 -31.43 -12.13
N TYR C 510 18.62 -32.35 -12.92
CA TYR C 510 17.96 -32.91 -14.08
C TYR C 510 18.14 -34.42 -14.03
N ARG C 511 17.64 -35.10 -15.07
CA ARG C 511 17.70 -36.56 -15.15
C ARG C 511 18.18 -36.89 -16.56
N LYS C 512 19.48 -37.15 -16.69
CA LYS C 512 20.10 -37.35 -18.00
C LYS C 512 19.36 -38.40 -18.81
N VAL C 513 18.74 -37.99 -19.91
CA VAL C 513 18.08 -38.92 -20.82
C VAL C 513 19.07 -39.22 -21.94
N VAL C 514 19.30 -40.51 -22.20
CA VAL C 514 20.33 -40.96 -23.14
C VAL C 514 19.66 -41.81 -24.21
N ASP C 515 19.85 -41.44 -25.47
CA ASP C 515 19.34 -42.22 -26.59
C ASP C 515 17.84 -42.46 -26.44
N GLY C 516 17.13 -41.46 -25.94
CA GLY C 516 15.72 -41.61 -25.67
C GLY C 516 15.39 -42.35 -24.39
N VAL C 517 16.39 -42.82 -23.66
CA VAL C 517 16.19 -43.51 -22.40
C VAL C 517 16.34 -42.48 -21.28
N VAL C 518 15.32 -42.35 -20.44
CA VAL C 518 15.34 -41.39 -19.35
C VAL C 518 16.10 -42.02 -18.20
N SER C 519 17.42 -41.85 -18.20
CA SER C 519 18.27 -42.54 -17.24
C SER C 519 18.43 -41.70 -15.99
N ASP C 520 18.79 -42.37 -14.89
CA ASP C 520 19.11 -41.73 -13.62
C ASP C 520 20.51 -41.17 -13.73
N GLU C 521 21.17 -40.94 -12.59
CA GLU C 521 22.43 -40.18 -12.53
C GLU C 521 22.16 -38.70 -12.81
N ILE C 522 21.31 -38.12 -11.94
CA ILE C 522 20.99 -36.71 -12.04
C ILE C 522 22.25 -35.88 -12.09
N VAL C 523 22.25 -34.85 -12.93
CA VAL C 523 23.35 -33.92 -13.07
C VAL C 523 22.81 -32.51 -12.81
N TYR C 524 23.47 -31.79 -11.90
CA TYR C 524 23.01 -30.46 -11.50
C TYR C 524 23.48 -29.41 -12.50
N LEU C 525 22.66 -29.14 -13.52
CA LEU C 525 23.03 -28.15 -14.52
C LEU C 525 22.81 -26.74 -14.00
N THR C 526 23.62 -25.81 -14.52
CA THR C 526 23.44 -24.39 -14.25
C THR C 526 22.64 -23.75 -15.39
N ALA C 527 22.38 -22.45 -15.29
CA ALA C 527 21.63 -21.73 -16.31
C ALA C 527 22.35 -21.66 -17.64
N ASP C 528 23.65 -21.36 -17.62
CA ASP C 528 24.41 -21.27 -18.87
C ASP C 528 24.41 -22.60 -19.62
N GLU C 529 24.78 -23.67 -18.93
CA GLU C 529 24.77 -24.98 -19.57
C GLU C 529 23.34 -25.44 -19.86
N GLU C 530 22.38 -24.97 -19.07
CA GLU C 530 20.99 -25.27 -19.37
C GLU C 530 20.59 -24.73 -20.74
N ASP C 531 21.06 -23.52 -21.05
CA ASP C 531 20.75 -22.94 -22.36
C ASP C 531 21.29 -23.81 -23.49
N ARG C 532 22.51 -24.34 -23.34
CA ARG C 532 23.15 -25.07 -24.42
C ARG C 532 22.34 -26.31 -24.82
N HIS C 533 21.88 -27.08 -23.83
CA HIS C 533 21.19 -28.33 -24.08
C HIS C 533 19.70 -28.06 -24.21
N VAL C 534 18.89 -29.13 -24.25
CA VAL C 534 17.44 -29.02 -24.33
C VAL C 534 16.83 -29.80 -23.18
N VAL C 535 16.11 -29.09 -22.30
CA VAL C 535 15.55 -29.72 -21.12
C VAL C 535 14.16 -30.26 -21.41
N ALA C 536 13.82 -31.39 -20.78
CA ALA C 536 12.57 -32.08 -20.98
C ALA C 536 11.73 -32.02 -19.71
N GLN C 537 10.41 -31.90 -19.88
CA GLN C 537 9.51 -31.81 -18.74
C GLN C 537 9.26 -33.20 -18.16
N ALA C 538 9.38 -33.33 -16.85
CA ALA C 538 9.22 -34.63 -16.20
C ALA C 538 7.80 -35.16 -16.31
N ASN C 539 6.82 -34.31 -16.56
CA ASN C 539 5.44 -34.76 -16.72
C ASN C 539 5.26 -35.48 -18.04
N SER C 540 6.29 -35.44 -18.90
CA SER C 540 6.24 -36.12 -20.19
C SER C 540 6.02 -37.61 -19.96
N PRO C 541 5.31 -38.31 -20.85
CA PRO C 541 4.93 -39.71 -20.58
C PRO C 541 6.05 -40.73 -20.81
N ILE C 542 6.91 -40.87 -19.79
CA ILE C 542 7.89 -41.95 -19.81
C ILE C 542 7.22 -43.27 -19.46
N ASP C 543 7.43 -44.27 -20.32
CA ASP C 543 6.69 -45.52 -20.25
C ASP C 543 7.37 -46.56 -19.37
N ALA C 544 8.20 -46.13 -18.42
CA ALA C 544 8.90 -47.03 -17.51
C ALA C 544 9.91 -47.91 -18.23
N ASP C 545 10.11 -47.68 -19.53
CA ASP C 545 11.04 -48.46 -20.34
C ASP C 545 12.09 -47.59 -21.01
N GLY C 546 12.30 -46.37 -20.52
CA GLY C 546 13.26 -45.48 -21.13
C GLY C 546 12.92 -45.11 -22.55
N ARG C 547 11.67 -44.71 -22.80
CA ARG C 547 11.26 -44.27 -24.13
C ARG C 547 9.91 -43.57 -24.02
N PHE C 548 9.83 -42.37 -24.58
CA PHE C 548 8.62 -41.59 -24.51
C PHE C 548 7.51 -42.24 -25.34
N VAL C 549 6.26 -41.95 -24.97
CA VAL C 549 5.11 -42.50 -25.67
C VAL C 549 5.00 -41.82 -27.03
N GLU C 550 4.84 -40.50 -27.04
CA GLU C 550 4.81 -39.75 -28.28
C GLU C 550 6.16 -39.09 -28.52
N PRO C 551 6.52 -38.82 -29.78
CA PRO C 551 7.84 -38.25 -30.07
C PRO C 551 7.93 -36.77 -29.72
N ARG C 552 6.80 -36.07 -29.83
CA ARG C 552 6.77 -34.62 -29.64
C ARG C 552 6.52 -34.30 -28.18
N VAL C 553 7.57 -33.85 -27.49
CA VAL C 553 7.51 -33.44 -26.09
C VAL C 553 7.99 -32.00 -26.01
N LEU C 554 7.23 -31.14 -25.33
CA LEU C 554 7.59 -29.75 -25.18
C LEU C 554 8.90 -29.61 -24.40
N VAL C 555 9.76 -28.71 -24.86
CA VAL C 555 11.07 -28.48 -24.26
C VAL C 555 11.46 -27.03 -24.44
N ARG C 556 12.15 -26.49 -23.42
CA ARG C 556 12.69 -25.12 -23.47
C ARG C 556 13.91 -25.15 -24.40
N ARG C 557 13.71 -24.62 -25.60
CA ARG C 557 14.65 -24.90 -26.69
C ARG C 557 16.05 -24.38 -26.42
N LYS C 558 16.27 -23.06 -26.57
CA LYS C 558 17.51 -22.45 -26.14
C LYS C 558 17.26 -21.24 -25.24
N ALA C 559 16.53 -20.26 -25.75
CA ALA C 559 16.19 -19.06 -25.00
C ALA C 559 14.78 -19.19 -24.44
N GLY C 560 14.52 -20.25 -23.68
CA GLY C 560 13.22 -20.43 -23.06
C GLY C 560 12.08 -20.43 -24.04
N GLU C 561 12.25 -21.10 -25.18
CA GLU C 561 11.19 -21.23 -26.19
C GLU C 561 10.66 -22.66 -26.12
N VAL C 562 9.46 -22.81 -25.56
CA VAL C 562 8.84 -24.13 -25.47
C VAL C 562 8.45 -24.59 -26.86
N GLU C 563 8.93 -25.76 -27.25
CA GLU C 563 8.69 -26.30 -28.59
C GLU C 563 8.74 -27.81 -28.53
N TYR C 564 8.10 -28.45 -29.51
CA TYR C 564 8.21 -29.90 -29.65
C TYR C 564 9.51 -30.27 -30.35
N VAL C 565 9.89 -31.54 -30.23
CA VAL C 565 11.17 -32.00 -30.76
C VAL C 565 11.18 -33.52 -30.78
N PRO C 566 12.01 -34.17 -31.59
CA PRO C 566 12.13 -35.63 -31.53
C PRO C 566 13.02 -36.08 -30.39
N SER C 567 12.78 -37.30 -29.93
CA SER C 567 13.45 -37.80 -28.73
C SER C 567 14.97 -37.79 -28.86
N SER C 568 15.49 -37.84 -30.09
CA SER C 568 16.95 -37.79 -30.27
C SER C 568 17.51 -36.42 -29.92
N GLU C 569 16.72 -35.36 -30.13
CA GLU C 569 17.21 -34.01 -29.84
C GLU C 569 17.26 -33.76 -28.33
N VAL C 570 16.32 -34.34 -27.59
CA VAL C 570 16.21 -34.12 -26.15
C VAL C 570 17.49 -34.57 -25.47
N ASP C 571 18.06 -33.69 -24.63
CA ASP C 571 19.33 -33.95 -23.96
C ASP C 571 19.15 -34.32 -22.50
N TYR C 572 18.41 -33.51 -21.75
CA TYR C 572 18.20 -33.69 -20.32
C TYR C 572 16.70 -33.68 -20.00
N MET C 573 16.38 -33.78 -18.71
CA MET C 573 15.00 -33.86 -18.27
C MET C 573 14.90 -33.28 -16.86
N ASP C 574 13.74 -32.71 -16.56
CA ASP C 574 13.45 -32.29 -15.20
C ASP C 574 13.44 -33.50 -14.27
N VAL C 575 13.54 -33.24 -12.98
CA VAL C 575 13.48 -34.32 -12.00
C VAL C 575 12.03 -34.66 -11.67
N SER C 576 11.21 -33.65 -11.41
CA SER C 576 9.82 -33.84 -11.04
C SER C 576 8.96 -32.76 -11.67
N PRO C 577 7.68 -33.07 -11.94
CA PRO C 577 6.75 -32.00 -12.33
C PRO C 577 6.32 -31.23 -11.09
N ARG C 578 7.17 -30.29 -10.65
CA ARG C 578 7.12 -29.71 -9.32
C ARG C 578 8.49 -29.14 -8.96
N GLN C 579 9.26 -28.75 -9.99
CA GLN C 579 10.64 -28.33 -9.79
C GLN C 579 10.80 -26.82 -9.85
N MET C 580 9.96 -26.13 -10.61
CA MET C 580 10.05 -24.68 -10.72
C MET C 580 9.48 -23.95 -9.50
N VAL C 581 8.66 -24.61 -8.69
CA VAL C 581 7.95 -23.96 -7.62
C VAL C 581 8.78 -24.02 -6.35
N SER C 582 8.45 -23.14 -5.40
CA SER C 582 9.18 -23.04 -4.14
C SER C 582 8.55 -23.97 -3.10
N VAL C 583 8.96 -23.79 -1.84
CA VAL C 583 8.50 -24.68 -0.76
C VAL C 583 7.11 -24.34 -0.27
N ALA C 584 6.72 -23.05 -0.25
CA ALA C 584 5.38 -22.67 0.15
C ALA C 584 4.38 -22.71 -0.98
N THR C 585 4.82 -22.59 -2.23
CA THR C 585 3.95 -22.74 -3.39
C THR C 585 3.73 -24.20 -3.74
N ALA C 586 4.58 -25.10 -3.26
CA ALA C 586 4.41 -26.53 -3.48
C ALA C 586 3.37 -27.13 -2.54
N MET C 587 2.93 -26.39 -1.53
CA MET C 587 1.93 -26.87 -0.59
C MET C 587 0.51 -26.52 -1.01
N ILE C 588 0.35 -25.84 -2.13
CA ILE C 588 -0.97 -25.52 -2.67
C ILE C 588 -1.46 -26.74 -3.44
N PRO C 589 -2.59 -27.35 -3.07
CA PRO C 589 -3.14 -28.43 -3.92
C PRO C 589 -3.81 -27.84 -5.14
N PHE C 590 -3.76 -28.58 -6.25
CA PHE C 590 -4.36 -28.12 -7.50
C PHE C 590 -3.81 -26.76 -7.91
N LEU C 591 -2.50 -26.57 -7.80
CA LEU C 591 -1.88 -25.33 -8.21
C LEU C 591 -2.08 -25.00 -9.67
N GLU C 592 -2.00 -26.00 -10.55
CA GLU C 592 -2.14 -25.74 -11.97
C GLU C 592 -3.51 -25.27 -12.35
N HIS C 593 -4.49 -25.39 -11.46
CA HIS C 593 -5.84 -24.91 -11.73
C HIS C 593 -6.07 -23.47 -11.29
N ASP C 594 -5.11 -22.86 -10.59
CA ASP C 594 -5.20 -21.46 -10.20
C ASP C 594 -4.38 -20.61 -11.16
N ASP C 595 -4.79 -19.35 -11.30
CA ASP C 595 -4.04 -18.39 -12.09
C ASP C 595 -2.87 -17.87 -11.28
N ALA C 596 -1.83 -17.40 -11.98
CA ALA C 596 -0.58 -17.03 -11.33
C ALA C 596 -0.80 -16.02 -10.21
N ASN C 597 -1.70 -15.06 -10.42
CA ASN C 597 -1.94 -14.05 -9.40
C ASN C 597 -2.48 -14.67 -8.12
N ARG C 598 -3.48 -15.54 -8.25
CA ARG C 598 -4.11 -16.11 -7.06
C ARG C 598 -3.18 -17.11 -6.38
N ALA C 599 -2.41 -17.86 -7.17
CA ALA C 599 -1.40 -18.73 -6.58
C ALA C 599 -0.35 -17.94 -5.82
N LEU C 600 0.05 -16.79 -6.36
CA LEU C 600 1.00 -15.92 -5.65
C LEU C 600 0.40 -15.44 -4.35
N MET C 601 -0.87 -15.03 -4.37
CA MET C 601 -1.53 -14.57 -3.16
C MET C 601 -1.62 -15.69 -2.12
N GLY C 602 -1.90 -16.91 -2.56
CA GLY C 602 -1.98 -18.04 -1.65
C GLY C 602 -0.65 -18.42 -1.07
N ALA C 603 0.41 -18.38 -1.89
CA ALA C 603 1.74 -18.67 -1.40
C ALA C 603 2.19 -17.64 -0.37
N ASN C 604 1.91 -16.35 -0.63
CA ASN C 604 2.24 -15.29 0.32
C ASN C 604 1.35 -15.31 1.55
N MET C 605 0.24 -16.04 1.51
CA MET C 605 -0.66 -16.18 2.64
C MET C 605 -0.35 -17.37 3.51
N GLN C 606 0.15 -18.46 2.94
CA GLN C 606 0.55 -19.59 3.77
C GLN C 606 1.63 -19.21 4.75
N ARG C 607 2.38 -18.14 4.48
CA ARG C 607 3.41 -17.64 5.38
C ARG C 607 2.87 -16.71 6.44
N GLN C 608 1.56 -16.49 6.48
CA GLN C 608 0.94 -15.60 7.45
C GLN C 608 -0.05 -16.29 8.38
N ALA C 609 -0.41 -17.54 8.11
CA ALA C 609 -1.33 -18.26 8.98
C ALA C 609 -0.78 -18.32 10.39
N VAL C 610 -1.64 -18.05 11.37
CA VAL C 610 -1.23 -18.04 12.77
C VAL C 610 -1.32 -19.46 13.32
N PRO C 611 -0.43 -19.87 14.23
CA PRO C 611 -0.58 -21.21 14.84
C PRO C 611 -1.82 -21.32 15.70
N LEU C 612 -2.72 -22.21 15.32
CA LEU C 612 -3.95 -22.44 16.03
C LEU C 612 -3.71 -23.32 17.25
N VAL C 613 -4.57 -23.18 18.25
CA VAL C 613 -4.36 -23.89 19.51
C VAL C 613 -4.30 -25.39 19.27
N ARG C 614 -5.15 -25.91 18.39
CA ARG C 614 -5.05 -27.27 17.90
C ARG C 614 -4.74 -27.23 16.41
N SER C 615 -4.05 -28.27 15.94
CA SER C 615 -3.62 -28.34 14.56
C SER C 615 -4.26 -29.54 13.88
N GLU C 616 -4.55 -29.38 12.59
CA GLU C 616 -5.19 -30.43 11.81
C GLU C 616 -4.60 -30.40 10.41
N ALA C 617 -3.89 -31.46 10.03
CA ALA C 617 -3.28 -31.53 8.72
C ALA C 617 -4.38 -31.59 7.65
N PRO C 618 -4.12 -31.03 6.47
CA PRO C 618 -5.15 -31.05 5.42
C PRO C 618 -5.50 -32.47 5.01
N LEU C 619 -6.78 -32.68 4.70
CA LEU C 619 -7.22 -33.91 4.06
C LEU C 619 -6.76 -34.00 2.62
N VAL C 620 -6.47 -32.87 1.98
CA VAL C 620 -6.21 -32.82 0.54
C VAL C 620 -4.90 -32.10 0.26
N GLY C 621 -3.93 -32.22 1.18
CA GLY C 621 -2.64 -31.59 0.98
C GLY C 621 -1.95 -32.09 -0.27
N THR C 622 -0.68 -31.72 -0.40
CA THR C 622 0.12 -32.08 -1.58
C THR C 622 1.20 -33.10 -1.27
N GLY C 623 1.84 -33.02 -0.11
CA GLY C 623 2.94 -33.92 0.20
C GLY C 623 4.16 -33.17 0.67
N MET C 624 4.31 -31.92 0.20
CA MET C 624 5.41 -31.08 0.66
C MET C 624 5.04 -30.41 1.98
N GLU C 625 4.62 -31.22 2.95
CA GLU C 625 4.26 -30.75 4.28
C GLU C 625 4.95 -31.50 5.39
N LEU C 626 5.25 -32.79 5.20
CA LEU C 626 6.10 -33.51 6.14
C LEU C 626 7.53 -33.03 6.03
N ARG C 627 8.04 -32.91 4.81
CA ARG C 627 9.41 -32.43 4.61
C ARG C 627 9.53 -30.95 4.94
N ALA C 628 8.51 -30.17 4.63
CA ALA C 628 8.50 -28.75 4.95
C ALA C 628 8.48 -28.49 6.45
N ALA C 629 8.18 -29.51 7.25
CA ALA C 629 8.19 -29.41 8.70
C ALA C 629 9.40 -30.06 9.34
N ILE C 630 9.95 -31.12 8.73
CA ILE C 630 11.12 -31.78 9.28
C ILE C 630 12.37 -31.04 8.85
N ASP C 631 12.28 -30.25 7.79
CA ASP C 631 13.39 -29.42 7.33
C ASP C 631 13.24 -27.97 7.78
N ALA C 632 12.24 -27.65 8.59
CA ALA C 632 12.04 -26.31 9.12
C ALA C 632 12.56 -26.14 10.53
N GLY C 633 12.73 -27.24 11.26
CA GLY C 633 13.37 -27.21 12.55
C GLY C 633 12.47 -26.96 13.73
N ASP C 634 11.15 -27.08 13.57
CA ASP C 634 10.22 -26.92 14.68
C ASP C 634 9.72 -28.25 15.24
N VAL C 635 9.65 -29.29 14.41
CA VAL C 635 9.39 -30.65 14.88
C VAL C 635 10.70 -31.21 15.40
N VAL C 636 10.65 -31.83 16.57
CA VAL C 636 11.85 -32.35 17.22
C VAL C 636 12.15 -33.72 16.64
N VAL C 637 12.87 -33.77 15.52
CA VAL C 637 13.22 -35.04 14.90
C VAL C 637 14.22 -35.76 15.79
N ALA C 638 14.00 -37.06 16.02
CA ALA C 638 14.87 -37.84 16.88
C ALA C 638 16.27 -37.94 16.28
N GLU C 639 17.29 -37.81 17.13
CA GLU C 639 18.67 -37.81 16.66
C GLU C 639 19.09 -39.20 16.19
N GLU C 640 18.81 -40.21 17.00
CA GLU C 640 19.18 -41.59 16.71
C GLU C 640 18.04 -42.52 17.11
N SER C 641 17.96 -43.67 16.42
CA SER C 641 16.92 -44.64 16.71
C SER C 641 17.02 -45.08 18.17
N GLY C 642 15.87 -45.42 18.73
CA GLY C 642 15.82 -45.82 20.13
C GLY C 642 14.40 -46.10 20.56
N VAL C 643 14.24 -46.31 21.86
CA VAL C 643 12.96 -46.61 22.47
C VAL C 643 12.66 -45.50 23.47
N ILE C 644 11.47 -44.90 23.34
CA ILE C 644 11.06 -43.89 24.32
C ILE C 644 10.97 -44.55 25.68
N GLU C 645 11.52 -43.89 26.70
CA GLU C 645 11.52 -44.43 28.05
C GLU C 645 10.53 -43.69 28.94
N GLU C 646 10.66 -42.37 29.06
CA GLU C 646 9.69 -41.54 29.77
C GLU C 646 9.37 -40.34 28.89
N VAL C 647 8.08 -40.18 28.56
CA VAL C 647 7.61 -39.08 27.73
C VAL C 647 6.64 -38.25 28.56
N SER C 648 6.92 -36.95 28.64
CA SER C 648 6.07 -36.01 29.36
C SER C 648 5.90 -34.75 28.52
N ALA C 649 5.07 -33.85 29.00
CA ALA C 649 4.77 -32.64 28.23
C ALA C 649 6.00 -31.77 28.01
N ASP C 650 7.05 -31.93 28.82
CA ASP C 650 8.19 -31.02 28.82
C ASP C 650 9.49 -31.77 28.51
N TYR C 651 9.43 -33.10 28.37
CA TYR C 651 10.65 -33.84 28.08
C TYR C 651 10.38 -35.24 27.55
N ILE C 652 10.94 -35.55 26.37
CA ILE C 652 11.06 -36.94 25.96
C ILE C 652 12.45 -37.43 26.31
N THR C 653 12.57 -38.74 26.58
CA THR C 653 13.83 -39.36 26.95
C THR C 653 14.03 -40.64 26.12
N VAL C 654 14.67 -40.50 24.96
CA VAL C 654 14.94 -41.66 24.13
C VAL C 654 16.07 -42.47 24.75
N MET C 655 15.79 -43.74 25.04
CA MET C 655 16.80 -44.67 25.55
C MET C 655 17.42 -45.36 24.34
N HIS C 656 18.61 -44.90 23.96
CA HIS C 656 19.24 -45.34 22.72
C HIS C 656 19.50 -46.84 22.73
N ASP C 657 19.89 -47.38 21.58
CA ASP C 657 20.21 -48.79 21.44
C ASP C 657 21.64 -49.11 21.87
N ASN C 658 22.29 -48.19 22.61
CA ASN C 658 23.63 -48.42 23.12
C ASN C 658 23.73 -48.09 24.60
N GLY C 659 22.61 -47.95 25.30
CA GLY C 659 22.61 -47.61 26.71
C GLY C 659 22.63 -46.12 27.02
N THR C 660 22.74 -45.26 26.01
CA THR C 660 22.78 -43.82 26.21
C THR C 660 21.36 -43.25 26.20
N ARG C 661 21.15 -42.21 27.01
CA ARG C 661 19.88 -41.52 27.10
C ARG C 661 20.06 -40.06 26.70
N ARG C 662 19.22 -39.60 25.76
CA ARG C 662 19.28 -38.25 25.21
C ARG C 662 17.90 -37.61 25.39
N THR C 663 17.75 -36.82 26.44
CA THR C 663 16.47 -36.21 26.76
C THR C 663 16.24 -34.99 25.87
N TYR C 664 15.13 -34.97 25.15
CA TYR C 664 14.72 -33.82 24.36
C TYR C 664 13.80 -32.94 25.19
N ARG C 665 14.18 -31.68 25.38
CA ARG C 665 13.36 -30.74 26.14
C ARG C 665 12.47 -29.94 25.20
N MET C 666 11.19 -29.87 25.53
CA MET C 666 10.17 -29.25 24.70
C MET C 666 10.00 -27.79 25.11
N ARG C 667 10.08 -26.88 24.15
CA ARG C 667 9.86 -25.46 24.42
C ARG C 667 8.36 -25.20 24.41
N LYS C 668 7.78 -25.09 25.61
CA LYS C 668 6.34 -24.98 25.76
C LYS C 668 5.93 -23.53 25.92
N PHE C 669 4.95 -23.11 25.10
CA PHE C 669 4.38 -21.77 25.18
C PHE C 669 5.45 -20.69 25.17
N ALA C 670 6.30 -20.68 24.16
CA ALA C 670 7.30 -19.63 23.99
C ALA C 670 6.72 -18.55 23.08
N ARG C 671 7.50 -17.49 22.87
CA ARG C 671 7.10 -16.38 22.02
C ARG C 671 7.97 -16.36 20.78
N SER C 672 7.34 -16.35 19.62
CA SER C 672 8.05 -16.22 18.35
C SER C 672 8.33 -14.74 18.08
N ASN C 673 9.02 -14.49 16.97
CA ASN C 673 9.36 -13.13 16.58
C ASN C 673 8.12 -12.28 16.36
N HIS C 674 6.98 -12.92 16.13
CA HIS C 674 5.73 -12.21 15.86
C HIS C 674 4.64 -12.53 16.90
N GLY C 675 5.03 -12.74 18.15
CA GLY C 675 4.05 -12.86 19.21
C GLY C 675 3.17 -14.08 19.15
N THR C 676 3.53 -15.08 18.35
CA THR C 676 2.74 -16.29 18.20
C THR C 676 3.34 -17.39 19.06
N CYS C 677 2.46 -18.20 19.63
CA CYS C 677 2.91 -19.26 20.52
C CYS C 677 3.69 -20.32 19.74
N ALA C 678 4.63 -20.96 20.43
CA ALA C 678 5.53 -21.94 19.83
C ALA C 678 5.43 -23.27 20.57
N ASN C 679 4.21 -23.75 20.74
CA ASN C 679 3.99 -25.01 21.43
C ASN C 679 4.72 -26.15 20.74
N GLN C 680 5.29 -27.04 21.57
CA GLN C 680 5.82 -28.32 21.09
C GLN C 680 5.32 -29.40 22.04
N CYS C 681 4.65 -30.41 21.48
CA CYS C 681 4.08 -31.47 22.29
C CYS C 681 4.52 -32.83 21.76
N PRO C 682 4.83 -33.77 22.64
CA PRO C 682 5.27 -35.10 22.18
C PRO C 682 4.12 -35.88 21.55
N ILE C 683 4.46 -36.68 20.54
CA ILE C 683 3.48 -37.47 19.81
C ILE C 683 3.86 -38.95 19.87
N VAL C 684 4.54 -39.36 20.94
CA VAL C 684 4.97 -40.74 21.10
C VAL C 684 4.62 -41.20 22.51
N ASP C 685 4.53 -42.51 22.68
CA ASP C 685 4.21 -43.11 23.97
C ASP C 685 5.49 -43.64 24.62
N ALA C 686 5.37 -43.99 25.90
CA ALA C 686 6.53 -44.41 26.70
C ALA C 686 7.08 -45.77 26.30
N GLY C 687 6.39 -46.50 25.42
CA GLY C 687 6.85 -47.82 25.01
C GLY C 687 7.28 -47.89 23.56
N ASP C 688 6.90 -46.89 22.76
CA ASP C 688 7.15 -46.91 21.33
C ASP C 688 8.65 -47.01 21.05
N ARG C 689 8.98 -47.48 19.86
CA ARG C 689 10.34 -47.46 19.33
C ARG C 689 10.38 -46.47 18.18
N VAL C 690 11.29 -45.51 18.27
CA VAL C 690 11.47 -44.50 17.23
C VAL C 690 12.73 -44.81 16.45
N GLU C 691 12.79 -44.29 15.23
CA GLU C 691 13.92 -44.48 14.34
C GLU C 691 14.61 -43.16 14.12
N ALA C 692 15.89 -43.21 13.75
CA ALA C 692 16.63 -42.01 13.45
C ALA C 692 15.94 -41.25 12.32
N GLY C 693 15.72 -39.96 12.52
CA GLY C 693 14.98 -39.15 11.58
C GLY C 693 13.49 -39.16 11.78
N GLN C 694 12.99 -39.78 12.85
CA GLN C 694 11.55 -39.79 13.11
C GLN C 694 11.14 -38.57 13.90
N VAL C 695 9.97 -38.03 13.56
CA VAL C 695 9.42 -36.89 14.28
C VAL C 695 8.96 -37.36 15.66
N ILE C 696 9.49 -36.74 16.70
CA ILE C 696 9.22 -37.16 18.08
C ILE C 696 8.31 -36.20 18.81
N ALA C 697 8.01 -35.03 18.23
CA ALA C 697 7.17 -34.04 18.91
C ALA C 697 6.65 -33.07 17.86
N ASP C 698 5.43 -32.58 18.05
CA ASP C 698 4.86 -31.61 17.13
C ASP C 698 5.40 -30.21 17.43
N GLY C 699 5.14 -29.28 16.51
CA GLY C 699 5.56 -27.91 16.64
C GLY C 699 4.39 -26.96 16.64
N PRO C 700 4.66 -25.67 16.36
CA PRO C 700 3.58 -24.67 16.39
C PRO C 700 2.45 -24.97 15.42
N CYS C 701 2.75 -25.10 14.12
CA CYS C 701 1.77 -25.49 13.10
C CYS C 701 2.19 -26.85 12.55
N THR C 702 1.74 -27.91 13.22
CA THR C 702 2.10 -29.26 12.81
C THR C 702 1.09 -30.25 13.35
N ASP C 703 0.87 -31.31 12.59
CA ASP C 703 -0.02 -32.40 13.00
C ASP C 703 0.66 -33.71 12.58
N ASP C 704 1.23 -34.42 13.56
CA ASP C 704 1.94 -35.67 13.31
C ASP C 704 3.14 -35.46 12.39
N GLY C 705 3.79 -34.30 12.49
CA GLY C 705 4.97 -34.02 11.71
C GLY C 705 4.73 -33.28 10.40
N GLU C 706 3.47 -33.10 9.99
CA GLU C 706 3.16 -32.40 8.76
C GLU C 706 2.65 -30.99 9.04
N MET C 707 2.95 -30.06 8.13
CA MET C 707 2.46 -28.70 8.26
C MET C 707 0.94 -28.69 8.34
N ALA C 708 0.41 -27.98 9.33
CA ALA C 708 -1.04 -27.82 9.50
C ALA C 708 -1.28 -26.36 9.88
N LEU C 709 -1.43 -25.51 8.87
CA LEU C 709 -1.58 -24.08 9.07
C LEU C 709 -3.03 -23.65 9.25
N GLY C 710 -3.97 -24.57 9.20
CA GLY C 710 -5.37 -24.22 9.26
C GLY C 710 -6.21 -25.39 9.73
N LYS C 711 -7.47 -25.39 9.31
CA LYS C 711 -8.43 -26.42 9.69
C LYS C 711 -9.29 -26.79 8.49
N ASN C 712 -9.87 -27.98 8.54
CA ASN C 712 -10.79 -28.45 7.52
C ASN C 712 -12.21 -28.10 7.92
N LEU C 713 -12.85 -27.22 7.15
CA LEU C 713 -14.17 -26.71 7.47
C LEU C 713 -15.15 -27.06 6.36
N LEU C 714 -16.39 -27.36 6.74
CA LEU C 714 -17.44 -27.61 5.76
C LEU C 714 -17.90 -26.29 5.17
N VAL C 715 -17.75 -26.16 3.85
CA VAL C 715 -17.95 -24.89 3.16
C VAL C 715 -19.07 -25.03 2.14
N ALA C 716 -19.88 -23.98 2.01
CA ALA C 716 -20.85 -23.84 0.94
C ALA C 716 -20.44 -22.69 0.04
N ILE C 717 -20.80 -22.78 -1.23
CA ILE C 717 -20.31 -21.86 -2.25
C ILE C 717 -21.48 -21.03 -2.78
N MET C 718 -22.44 -20.75 -1.93
CA MET C 718 -23.60 -19.98 -2.33
C MET C 718 -23.50 -18.54 -1.81
N PRO C 719 -24.10 -17.57 -2.52
CA PRO C 719 -24.32 -16.25 -1.91
C PRO C 719 -25.42 -16.35 -0.88
N TRP C 720 -25.24 -15.66 0.25
CA TRP C 720 -26.13 -15.81 1.39
C TRP C 720 -26.51 -14.46 1.97
N GLU C 721 -27.66 -13.93 1.55
CA GLU C 721 -28.27 -12.75 2.16
C GLU C 721 -27.37 -11.53 2.15
N GLY C 722 -26.33 -11.53 1.31
CA GLY C 722 -25.46 -10.40 1.17
C GLY C 722 -24.43 -10.23 2.27
N HIS C 723 -24.37 -11.14 3.24
CA HIS C 723 -23.38 -11.02 4.30
C HIS C 723 -21.99 -11.40 3.81
N ASN C 724 -21.91 -12.36 2.89
CA ASN C 724 -20.66 -12.69 2.21
C ASN C 724 -20.62 -11.98 0.86
N TYR C 725 -20.62 -10.66 0.93
CA TYR C 725 -20.66 -9.80 -0.25
C TYR C 725 -19.29 -9.18 -0.47
N GLU C 726 -18.78 -9.31 -1.69
CA GLU C 726 -17.51 -8.70 -2.08
C GLU C 726 -16.38 -9.19 -1.18
N ASP C 727 -16.11 -10.50 -1.26
CA ASP C 727 -15.00 -11.21 -0.65
C ASP C 727 -15.17 -11.43 0.85
N ALA C 728 -16.28 -11.00 1.45
CA ALA C 728 -16.47 -11.26 2.87
C ALA C 728 -16.79 -12.75 3.09
N ILE C 729 -16.81 -13.15 4.36
CA ILE C 729 -16.99 -14.55 4.74
C ILE C 729 -18.03 -14.62 5.85
N ILE C 730 -18.78 -15.72 5.83
CA ILE C 730 -19.75 -16.04 6.88
C ILE C 730 -19.29 -17.29 7.57
N LEU C 731 -19.06 -17.21 8.88
CA LEU C 731 -18.63 -18.34 9.68
C LEU C 731 -19.76 -18.84 10.55
N SER C 732 -19.75 -20.14 10.83
CA SER C 732 -20.61 -20.70 11.84
C SER C 732 -20.09 -20.33 13.23
N ASN C 733 -21.00 -20.33 14.19
CA ASN C 733 -20.60 -20.09 15.57
C ASN C 733 -19.86 -21.28 16.17
N ARG C 734 -19.94 -22.45 15.53
CA ARG C 734 -19.24 -23.62 16.02
C ARG C 734 -17.74 -23.40 16.05
N LEU C 735 -17.20 -22.63 15.12
CA LEU C 735 -15.77 -22.34 15.06
C LEU C 735 -15.31 -21.43 16.19
N VAL C 736 -16.24 -20.77 16.87
CA VAL C 736 -15.95 -19.95 18.02
C VAL C 736 -16.13 -20.72 19.33
N GLU C 737 -17.20 -21.50 19.43
CA GLU C 737 -17.47 -22.25 20.66
C GLU C 737 -16.47 -23.40 20.83
N GLU C 738 -16.12 -24.08 19.74
CA GLU C 738 -15.25 -25.24 19.81
C GLU C 738 -13.78 -24.90 19.66
N ASP C 739 -13.43 -23.62 19.58
CA ASP C 739 -12.03 -23.20 19.41
C ASP C 739 -11.40 -23.85 18.17
N VAL C 740 -12.18 -23.95 17.10
CA VAL C 740 -11.63 -24.49 15.85
C VAL C 740 -10.56 -23.58 15.30
N LEU C 741 -10.78 -22.27 15.38
CA LEU C 741 -9.79 -21.26 14.99
C LEU C 741 -9.61 -20.35 16.20
N THR C 742 -8.71 -20.75 17.10
CA THR C 742 -8.44 -20.00 18.33
C THR C 742 -6.94 -19.98 18.56
N SER C 743 -6.31 -18.87 18.22
CA SER C 743 -4.87 -18.77 18.26
C SER C 743 -4.39 -18.14 19.57
N ILE C 744 -3.29 -18.68 20.09
CA ILE C 744 -2.64 -18.17 21.28
C ILE C 744 -1.58 -17.17 20.84
N HIS C 745 -1.58 -15.99 21.45
CA HIS C 745 -0.59 -14.97 21.18
C HIS C 745 0.05 -14.55 22.50
N ILE C 746 1.31 -14.15 22.43
CA ILE C 746 2.08 -13.76 23.60
C ILE C 746 2.79 -12.45 23.30
N GLU C 747 2.76 -11.52 24.25
CA GLU C 747 3.45 -10.24 24.12
C GLU C 747 4.55 -10.15 25.18
N GLU C 748 5.59 -9.41 24.83
CA GLU C 748 6.83 -9.35 25.62
C GLU C 748 7.05 -7.90 26.07
N HIS C 749 6.82 -7.65 27.36
CA HIS C 749 6.99 -6.32 27.94
C HIS C 749 8.29 -6.31 28.76
N GLU C 750 9.12 -5.31 28.51
CA GLU C 750 10.41 -5.20 29.18
C GLU C 750 10.58 -3.81 29.77
N ILE C 751 11.35 -3.75 30.85
CA ILE C 751 11.73 -2.49 31.49
C ILE C 751 13.01 -2.73 32.26
N ASP C 752 13.88 -1.72 32.27
CA ASP C 752 15.19 -1.82 32.90
C ASP C 752 15.43 -0.60 33.79
N ALA C 753 16.30 -0.79 34.77
CA ALA C 753 16.67 0.25 35.73
C ALA C 753 18.13 0.62 35.46
N ARG C 754 18.33 1.70 34.70
CA ARG C 754 19.67 2.13 34.34
C ARG C 754 20.40 2.71 35.54
N ASP C 755 21.71 2.48 35.60
CA ASP C 755 22.51 3.14 36.62
C ASP C 755 22.39 4.66 36.50
N THR C 756 22.64 5.19 35.30
CA THR C 756 22.61 6.63 35.07
C THR C 756 23.68 7.34 35.89
N LYS C 757 24.00 8.58 35.52
CA LYS C 757 25.00 9.32 36.27
C LYS C 757 24.55 9.54 37.71
N LEU C 758 23.27 9.85 37.91
CA LEU C 758 22.77 10.09 39.27
C LEU C 758 22.83 8.83 40.11
N GLY C 759 22.47 7.69 39.53
CA GLY C 759 22.54 6.42 40.25
C GLY C 759 21.26 6.09 41.00
N ALA C 760 21.27 4.88 41.56
CA ALA C 760 20.31 4.37 42.54
C ALA C 760 18.98 3.92 41.94
N GLU C 761 18.84 3.81 40.63
CA GLU C 761 17.59 3.31 40.06
C GLU C 761 17.30 1.91 40.58
N GLU C 762 16.07 1.70 41.05
CA GLU C 762 15.71 0.46 41.70
C GLU C 762 14.26 0.12 41.36
N ILE C 763 13.99 -1.16 41.16
CA ILE C 763 12.64 -1.65 40.86
C ILE C 763 12.01 -1.99 42.20
N THR C 764 11.26 -1.04 42.75
CA THR C 764 10.66 -1.16 44.07
C THR C 764 9.15 -1.37 43.95
N ARG C 765 8.58 -2.02 44.97
CA ARG C 765 7.15 -2.25 44.99
C ARG C 765 6.38 -0.97 45.32
N ASP C 766 6.72 -0.33 46.43
CA ASP C 766 6.04 0.89 46.84
C ASP C 766 6.09 1.94 45.74
N ILE C 767 4.93 2.28 45.21
CA ILE C 767 4.82 3.26 44.12
C ILE C 767 4.43 4.60 44.75
N PRO C 768 5.20 5.66 44.55
CA PRO C 768 4.83 6.95 45.16
C PRO C 768 3.48 7.44 44.64
N ASN C 769 2.69 8.02 45.54
CA ASN C 769 1.37 8.57 45.20
C ASN C 769 0.53 7.53 44.46
N ILE C 770 0.25 6.42 45.14
CA ILE C 770 -0.46 5.31 44.56
C ILE C 770 -1.51 4.81 45.54
N SER C 771 -2.48 4.05 45.01
CA SER C 771 -3.50 3.42 45.83
C SER C 771 -3.06 2.01 46.24
N ASP C 772 -3.70 1.50 47.29
CA ASP C 772 -3.38 0.16 47.77
C ASP C 772 -3.96 -0.91 46.86
N GLU C 773 -5.19 -0.71 46.38
CA GLU C 773 -5.85 -1.75 45.58
C GLU C 773 -5.08 -2.03 44.30
N VAL C 774 -4.62 -0.98 43.62
CA VAL C 774 -3.83 -1.16 42.40
C VAL C 774 -2.52 -1.87 42.67
N LEU C 775 -2.00 -1.77 43.89
CA LEU C 775 -0.74 -2.40 44.27
C LEU C 775 -0.92 -3.82 44.78
N ALA C 776 -2.14 -4.34 44.78
CA ALA C 776 -2.39 -5.67 45.35
C ALA C 776 -1.64 -6.75 44.57
N ASP C 777 -1.65 -6.66 43.24
CA ASP C 777 -1.12 -7.75 42.42
C ASP C 777 0.39 -7.89 42.58
N LEU C 778 1.12 -6.78 42.62
CA LEU C 778 2.57 -6.83 42.60
C LEU C 778 3.10 -7.64 43.77
N ASP C 779 4.11 -8.45 43.50
CA ASP C 779 4.73 -9.31 44.51
C ASP C 779 5.65 -8.46 45.38
N GLU C 780 6.37 -9.10 46.30
CA GLU C 780 7.22 -8.37 47.23
C GLU C 780 8.29 -7.57 46.50
N ARG C 781 8.89 -8.17 45.47
CA ARG C 781 9.92 -7.46 44.71
C ARG C 781 9.33 -6.29 43.93
N GLY C 782 8.06 -6.40 43.55
CA GLY C 782 7.41 -5.37 42.75
C GLY C 782 7.06 -5.85 41.36
N ILE C 783 7.00 -7.16 41.18
CA ILE C 783 6.71 -7.79 39.90
C ILE C 783 5.39 -8.55 40.05
N VAL C 784 4.50 -8.39 39.07
CA VAL C 784 3.19 -9.03 39.15
C VAL C 784 3.37 -10.54 39.29
N ARG C 785 2.49 -11.14 40.09
CA ARG C 785 2.54 -12.58 40.28
C ARG C 785 2.05 -13.29 39.02
N ILE C 786 2.82 -14.28 38.58
CA ILE C 786 2.53 -14.99 37.33
C ILE C 786 1.19 -15.69 37.49
N GLY C 787 0.32 -15.55 36.49
CA GLY C 787 -1.00 -16.16 36.53
C GLY C 787 -2.12 -15.18 36.81
N ALA C 788 -1.79 -13.89 36.91
CA ALA C 788 -2.76 -12.84 37.17
C ALA C 788 -3.13 -12.17 35.85
N GLU C 789 -4.44 -12.05 35.60
CA GLU C 789 -4.94 -11.48 34.36
C GLU C 789 -4.74 -9.97 34.39
N VAL C 790 -3.64 -9.50 33.79
CA VAL C 790 -3.30 -8.07 33.80
C VAL C 790 -4.06 -7.44 32.64
N ARG C 791 -5.14 -6.74 32.96
CA ARG C 791 -5.92 -6.04 31.95
C ARG C 791 -5.23 -4.71 31.59
N ASP C 792 -5.67 -4.12 30.47
CA ASP C 792 -5.09 -2.88 30.00
C ASP C 792 -5.13 -1.80 31.09
N GLY C 793 -3.99 -1.16 31.32
CA GLY C 793 -3.90 -0.13 32.33
C GLY C 793 -3.34 -0.61 33.65
N ASP C 794 -3.37 -1.92 33.87
CA ASP C 794 -2.90 -2.48 35.14
C ASP C 794 -1.39 -2.35 35.24
N ILE C 795 -0.90 -2.36 36.48
CA ILE C 795 0.54 -2.23 36.72
C ILE C 795 1.21 -3.59 36.53
N LEU C 796 2.37 -3.58 35.89
CA LEU C 796 3.19 -4.78 35.70
C LEU C 796 4.47 -4.74 36.53
N VAL C 797 5.21 -3.64 36.48
CA VAL C 797 6.44 -3.51 37.23
C VAL C 797 6.56 -2.09 37.78
N GLY C 798 6.36 -1.93 39.08
CA GLY C 798 6.54 -0.63 39.71
C GLY C 798 7.98 -0.17 39.68
N LYS C 799 8.28 0.83 38.86
CA LYS C 799 9.62 1.36 38.72
C LYS C 799 9.61 2.82 39.13
N VAL C 800 10.57 3.22 39.95
CA VAL C 800 10.73 4.60 40.40
C VAL C 800 12.02 5.15 39.79
N THR C 801 12.09 6.48 39.66
CA THR C 801 13.21 7.13 39.00
C THR C 801 13.93 8.07 39.97
N PRO C 802 14.95 7.59 40.70
CA PRO C 802 15.64 8.48 41.64
C PRO C 802 16.51 9.50 40.95
N LYS C 803 15.89 10.60 40.52
CA LYS C 803 16.59 11.70 39.85
C LYS C 803 17.46 12.46 40.86
N GLY C 804 18.49 11.78 41.34
CA GLY C 804 19.38 12.36 42.34
C GLY C 804 20.03 13.65 41.89
N ARG C 824 10.55 12.59 47.63
CA ARG C 824 11.73 12.20 46.88
C ARG C 824 11.47 12.33 45.38
N GLU C 825 12.51 12.67 44.63
CA GLU C 825 12.42 12.82 43.18
C GLU C 825 12.38 11.41 42.56
N VAL C 826 11.19 10.81 42.63
CA VAL C 826 10.97 9.46 42.12
C VAL C 826 9.66 9.40 41.36
N ARG C 827 9.74 9.49 40.03
CA ARG C 827 8.55 9.34 39.20
C ARG C 827 8.13 7.89 39.11
N ASP C 828 6.84 7.63 39.29
CA ASP C 828 6.32 6.28 39.20
C ASP C 828 6.15 5.88 37.74
N THR C 829 7.26 5.80 37.01
CA THR C 829 7.23 5.37 35.62
C THR C 829 7.23 3.84 35.58
N SER C 830 6.07 3.25 35.79
CA SER C 830 5.92 1.81 35.93
C SER C 830 5.42 1.22 34.62
N LEU C 831 6.04 0.13 34.19
CA LEU C 831 5.54 -0.59 33.02
C LEU C 831 4.12 -1.09 33.30
N LYS C 832 3.20 -0.74 32.41
CA LYS C 832 1.81 -1.10 32.55
C LYS C 832 1.35 -1.83 31.29
N VAL C 833 0.23 -2.55 31.43
CA VAL C 833 -0.36 -3.26 30.30
C VAL C 833 -0.61 -2.24 29.19
N PRO C 834 0.13 -2.25 28.09
CA PRO C 834 0.00 -1.19 27.09
C PRO C 834 -1.41 -1.09 26.54
N HIS C 835 -1.64 -0.02 25.79
CA HIS C 835 -2.94 0.23 25.18
C HIS C 835 -3.32 -0.92 24.26
N GLY C 836 -4.41 -1.61 24.61
CA GLY C 836 -4.88 -2.73 23.82
C GLY C 836 -4.17 -4.03 24.12
N GLU C 837 -3.88 -4.28 25.40
CA GLU C 837 -3.27 -5.53 25.84
C GLU C 837 -4.11 -6.12 26.97
N SER C 838 -3.99 -7.43 27.14
CA SER C 838 -4.72 -8.15 28.18
C SER C 838 -4.13 -9.54 28.35
N GLY C 839 -4.77 -10.37 29.15
CA GLY C 839 -4.37 -11.76 29.28
C GLY C 839 -3.49 -12.00 30.50
N LYS C 840 -3.33 -13.28 30.83
CA LYS C 840 -2.59 -13.69 32.02
C LYS C 840 -1.09 -13.41 31.88
N VAL C 841 -0.38 -13.41 33.00
CA VAL C 841 1.07 -13.24 33.02
C VAL C 841 1.68 -14.63 33.19
N ILE C 842 2.39 -15.11 32.16
CA ILE C 842 2.85 -16.49 32.12
C ILE C 842 4.30 -16.65 32.50
N GLY C 843 5.08 -15.58 32.55
CA GLY C 843 6.49 -15.70 32.85
C GLY C 843 7.19 -14.37 33.03
N ILE C 844 8.04 -14.29 34.05
CA ILE C 844 8.85 -13.11 34.32
C ILE C 844 10.32 -13.52 34.29
N ARG C 845 11.12 -12.71 33.62
CA ARG C 845 12.56 -12.93 33.55
C ARG C 845 13.27 -11.68 34.01
N VAL C 846 14.03 -11.79 35.10
CA VAL C 846 14.74 -10.68 35.70
C VAL C 846 16.21 -11.05 35.79
N PHE C 847 17.07 -10.17 35.26
CA PHE C 847 18.51 -10.37 35.27
C PHE C 847 19.14 -9.31 36.17
N SER C 848 19.86 -9.75 37.20
CA SER C 848 20.36 -8.87 38.24
C SER C 848 21.88 -8.72 38.11
N ARG C 849 22.35 -7.49 38.29
CA ARG C 849 23.79 -7.24 38.30
C ARG C 849 24.46 -7.96 39.46
N GLU C 850 23.79 -8.01 40.62
CA GLU C 850 24.35 -8.69 41.77
C GLU C 850 24.60 -10.17 41.50
N ASP C 851 23.90 -10.76 40.53
CA ASP C 851 24.10 -12.14 40.14
C ASP C 851 25.11 -12.28 39.00
N GLU C 852 26.02 -11.32 38.87
CA GLU C 852 27.05 -11.32 37.81
C GLU C 852 26.47 -11.80 36.48
N ASP C 853 25.44 -11.10 36.02
CA ASP C 853 24.84 -11.36 34.72
C ASP C 853 25.49 -10.47 33.66
N GLU C 854 25.32 -10.88 32.40
CA GLU C 854 25.82 -10.09 31.27
C GLU C 854 24.74 -9.09 30.86
N LEU C 855 24.66 -8.02 31.63
CA LEU C 855 23.71 -6.94 31.37
C LEU C 855 24.38 -5.86 30.53
N PRO C 856 23.59 -5.00 29.88
CA PRO C 856 24.19 -3.88 29.15
C PRO C 856 24.96 -2.97 30.09
N ALA C 857 25.75 -2.08 29.51
CA ALA C 857 26.57 -1.17 30.32
C ALA C 857 25.68 -0.14 31.02
N GLY C 858 25.83 -0.05 32.33
CA GLY C 858 25.14 0.97 33.09
C GLY C 858 23.73 0.63 33.54
N VAL C 859 23.41 -0.65 33.71
CA VAL C 859 22.13 -1.08 34.25
C VAL C 859 22.38 -1.94 35.48
N ASN C 860 21.30 -2.26 36.18
CA ASN C 860 21.33 -3.22 37.27
C ASN C 860 20.31 -4.34 37.10
N GLU C 861 19.11 -4.02 36.59
CA GLU C 861 18.07 -5.02 36.38
C GLU C 861 17.47 -4.85 34.99
N LEU C 862 17.09 -5.97 34.40
CA LEU C 862 16.48 -6.02 33.07
C LEU C 862 15.22 -6.87 33.11
N VAL C 863 14.34 -6.58 34.09
CA VAL C 863 13.14 -7.38 34.27
C VAL C 863 12.31 -7.36 32.99
N ARG C 864 11.67 -8.49 32.70
CA ARG C 864 10.88 -8.65 31.48
C ARG C 864 9.70 -9.55 31.79
N VAL C 865 8.56 -9.29 31.15
CA VAL C 865 7.30 -9.97 31.44
C VAL C 865 6.69 -10.47 30.15
N TYR C 866 5.92 -11.55 30.27
CA TYR C 866 5.18 -12.14 29.15
C TYR C 866 3.70 -12.19 29.51
N VAL C 867 2.86 -11.61 28.65
CA VAL C 867 1.42 -11.69 28.79
C VAL C 867 0.87 -12.45 27.59
N ALA C 868 0.09 -13.49 27.86
CA ALA C 868 -0.45 -14.35 26.82
C ALA C 868 -1.97 -14.21 26.78
N GLN C 869 -2.52 -14.32 25.57
CA GLN C 869 -3.95 -14.10 25.35
C GLN C 869 -4.43 -15.02 24.24
N LYS C 870 -5.53 -15.73 24.51
CA LYS C 870 -6.16 -16.60 23.51
C LYS C 870 -7.17 -15.77 22.72
N ARG C 871 -6.95 -15.67 21.42
CA ARG C 871 -7.80 -14.87 20.54
C ARG C 871 -8.65 -15.80 19.68
N LYS C 872 -9.95 -15.83 19.97
CA LYS C 872 -10.88 -16.55 19.12
C LYS C 872 -11.11 -15.78 17.82
N ILE C 873 -11.71 -16.47 16.85
CA ILE C 873 -11.98 -15.83 15.57
C ILE C 873 -13.23 -14.98 15.69
N SER C 874 -13.14 -13.73 15.21
CA SER C 874 -14.23 -12.78 15.33
C SER C 874 -14.38 -12.03 14.02
N ASP C 875 -15.38 -11.15 13.98
CA ASP C 875 -15.65 -10.38 12.77
C ASP C 875 -14.51 -9.41 12.50
N GLY C 876 -13.88 -9.55 11.33
CA GLY C 876 -12.76 -8.73 10.93
C GLY C 876 -11.48 -9.51 10.68
N ASP C 877 -11.30 -10.64 11.36
CA ASP C 877 -10.17 -11.51 11.09
C ASP C 877 -10.21 -11.96 9.64
N LYS C 878 -9.10 -12.47 9.12
CA LYS C 878 -8.84 -12.51 7.69
C LYS C 878 -8.55 -13.93 7.23
N LEU C 879 -9.43 -14.87 7.57
CA LEU C 879 -9.29 -16.24 7.07
C LEU C 879 -9.02 -16.24 5.59
N ALA C 880 -8.32 -17.27 5.13
CA ALA C 880 -7.98 -17.38 3.72
C ALA C 880 -7.52 -18.79 3.42
N GLY C 881 -7.98 -19.34 2.30
CA GLY C 881 -7.54 -20.65 1.86
C GLY C 881 -6.13 -20.62 1.32
N ARG C 882 -5.72 -21.68 0.64
CA ARG C 882 -4.39 -21.75 0.05
C ARG C 882 -4.36 -21.23 -1.39
N HIS C 883 -5.53 -20.91 -1.96
CA HIS C 883 -5.62 -20.56 -3.37
C HIS C 883 -5.72 -19.06 -3.61
N GLY C 884 -5.63 -18.23 -2.58
CA GLY C 884 -5.75 -16.80 -2.76
C GLY C 884 -7.16 -16.28 -2.50
N ASN C 885 -8.02 -17.13 -1.95
CA ASN C 885 -9.40 -16.74 -1.65
C ASN C 885 -9.49 -16.11 -0.26
N LYS C 886 -8.77 -15.01 -0.11
CA LYS C 886 -8.75 -14.29 1.15
C LYS C 886 -10.04 -13.50 1.35
N GLY C 887 -10.34 -13.20 2.60
CA GLY C 887 -11.50 -12.41 2.95
C GLY C 887 -11.52 -12.14 4.43
N VAL C 888 -12.43 -11.26 4.84
CA VAL C 888 -12.60 -10.91 6.25
C VAL C 888 -13.98 -11.38 6.68
N ILE C 889 -14.05 -11.96 7.88
CA ILE C 889 -15.30 -12.50 8.38
C ILE C 889 -16.32 -11.38 8.52
N GLY C 890 -17.38 -11.45 7.73
CA GLY C 890 -18.40 -10.43 7.75
C GLY C 890 -19.43 -10.65 8.83
N LYS C 891 -19.72 -11.91 9.16
CA LYS C 891 -20.70 -12.22 10.19
C LYS C 891 -20.45 -13.61 10.71
N ILE C 892 -20.62 -13.80 12.03
CA ILE C 892 -20.56 -15.12 12.65
C ILE C 892 -21.97 -15.55 13.02
N LEU C 893 -22.60 -16.34 12.15
CA LEU C 893 -23.99 -16.73 12.38
C LEU C 893 -24.07 -17.75 13.51
N PRO C 894 -25.15 -17.74 14.29
CA PRO C 894 -25.36 -18.82 15.25
C PRO C 894 -25.57 -20.14 14.53
N VAL C 895 -25.13 -21.22 15.17
CA VAL C 895 -25.17 -22.53 14.54
C VAL C 895 -26.58 -22.96 14.15
N GLU C 896 -27.61 -22.40 14.78
CA GLU C 896 -28.99 -22.72 14.47
C GLU C 896 -29.40 -22.25 13.07
N ASP C 897 -29.07 -21.02 12.70
CA ASP C 897 -29.53 -20.43 11.44
C ASP C 897 -28.42 -20.52 10.38
N MET C 898 -28.06 -21.76 10.06
CA MET C 898 -27.02 -22.04 9.08
C MET C 898 -27.56 -23.05 8.06
N PRO C 899 -27.21 -22.91 6.78
CA PRO C 899 -27.60 -23.94 5.82
C PRO C 899 -27.10 -25.31 6.27
N PHE C 900 -28.05 -26.20 6.59
CA PHE C 900 -27.71 -27.53 7.05
C PHE C 900 -28.11 -28.56 6.02
N LEU C 901 -27.30 -29.60 5.89
CA LEU C 901 -27.53 -30.67 4.94
C LEU C 901 -28.79 -31.44 5.29
N ALA C 902 -29.15 -32.42 4.45
CA ALA C 902 -30.36 -33.19 4.72
C ALA C 902 -30.30 -33.88 6.07
N ASP C 903 -29.09 -34.23 6.54
CA ASP C 903 -28.91 -34.93 7.80
C ASP C 903 -28.74 -33.99 8.98
N GLY C 904 -28.88 -32.68 8.78
CA GLY C 904 -28.84 -31.72 9.86
C GLY C 904 -27.47 -31.13 10.15
N THR C 905 -26.43 -31.55 9.46
CA THR C 905 -25.10 -31.02 9.74
C THR C 905 -25.00 -29.60 9.20
N PRO C 906 -24.80 -28.59 10.05
CA PRO C 906 -24.67 -27.22 9.54
C PRO C 906 -23.32 -26.97 8.91
N VAL C 907 -23.31 -26.30 7.76
CA VAL C 907 -22.05 -25.92 7.16
C VAL C 907 -21.35 -24.93 8.09
N ASP C 908 -20.02 -24.95 8.07
CA ASP C 908 -19.22 -24.12 8.97
C ASP C 908 -18.87 -22.78 8.36
N ILE C 909 -18.83 -22.67 7.04
CA ILE C 909 -18.41 -21.43 6.38
C ILE C 909 -19.13 -21.32 5.04
N ILE C 910 -19.42 -20.10 4.63
CA ILE C 910 -20.09 -19.84 3.35
C ILE C 910 -19.23 -18.86 2.57
N LEU C 911 -18.88 -19.23 1.34
CA LEU C 911 -18.07 -18.40 0.47
C LEU C 911 -18.88 -18.00 -0.76
N ASN C 912 -18.78 -16.72 -1.11
CA ASN C 912 -19.58 -16.17 -2.19
C ASN C 912 -19.24 -16.82 -3.51
N THR C 913 -20.25 -16.96 -4.37
CA THR C 913 -20.04 -17.57 -5.68
C THR C 913 -19.34 -16.64 -6.65
N HIS C 914 -19.52 -15.32 -6.50
CA HIS C 914 -19.02 -14.36 -7.45
C HIS C 914 -17.52 -14.15 -7.37
N GLY C 915 -16.85 -14.74 -6.38
CA GLY C 915 -15.42 -14.55 -6.25
C GLY C 915 -14.59 -15.58 -7.01
N VAL C 916 -15.15 -16.76 -7.23
CA VAL C 916 -14.39 -17.85 -7.84
C VAL C 916 -14.22 -17.65 -9.33
N PRO C 917 -15.30 -17.59 -10.12
CA PRO C 917 -15.12 -17.59 -11.58
C PRO C 917 -14.34 -16.39 -12.10
N ARG C 918 -14.49 -15.24 -11.46
CA ARG C 918 -13.81 -14.04 -11.93
C ARG C 918 -12.31 -14.13 -11.73
N ARG C 919 -11.86 -14.70 -10.62
CA ARG C 919 -10.46 -14.64 -10.22
C ARG C 919 -9.62 -15.77 -10.76
N MET C 920 -10.22 -16.75 -11.45
CA MET C 920 -9.48 -17.83 -12.09
C MET C 920 -8.65 -18.61 -11.07
N ASN C 921 -9.30 -18.96 -9.96
CA ASN C 921 -8.72 -19.83 -8.93
C ASN C 921 -9.65 -21.00 -8.66
N ILE C 922 -10.10 -21.65 -9.73
CA ILE C 922 -11.03 -22.76 -9.61
C ILE C 922 -10.47 -23.90 -8.78
N GLY C 923 -9.15 -23.91 -8.54
CA GLY C 923 -8.54 -24.95 -7.76
C GLY C 923 -9.16 -25.10 -6.39
N GLN C 924 -9.73 -24.02 -5.85
CA GLN C 924 -10.40 -24.10 -4.55
C GLN C 924 -11.64 -24.98 -4.64
N ILE C 925 -12.35 -24.92 -5.76
CA ILE C 925 -13.54 -25.76 -5.93
C ILE C 925 -13.15 -27.23 -6.01
N LEU C 926 -12.10 -27.53 -6.77
CA LEU C 926 -11.61 -28.90 -6.83
C LEU C 926 -11.14 -29.37 -5.46
N GLU C 927 -10.51 -28.48 -4.70
CA GLU C 927 -10.11 -28.81 -3.34
C GLU C 927 -11.34 -29.11 -2.49
N THR C 928 -12.41 -28.34 -2.67
CA THR C 928 -13.63 -28.58 -1.92
C THR C 928 -14.21 -29.95 -2.24
N HIS C 929 -14.26 -30.30 -3.52
CA HIS C 929 -14.78 -31.60 -3.92
C HIS C 929 -13.94 -32.74 -3.36
N LEU C 930 -12.61 -32.64 -3.51
CA LEU C 930 -11.76 -33.71 -3.02
C LEU C 930 -11.76 -33.76 -1.50
N GLY C 931 -11.98 -32.62 -0.85
CA GLY C 931 -12.12 -32.62 0.60
C GLY C 931 -13.37 -33.35 1.05
N TRP C 932 -14.47 -33.15 0.33
CA TRP C 932 -15.66 -33.92 0.62
C TRP C 932 -15.40 -35.41 0.42
N CYS C 933 -14.74 -35.77 -0.69
CA CYS C 933 -14.45 -37.18 -0.95
C CYS C 933 -13.58 -37.78 0.14
N ALA C 934 -12.56 -37.05 0.59
CA ALA C 934 -11.67 -37.54 1.63
C ALA C 934 -12.41 -37.67 2.96
N HIS C 935 -13.23 -36.68 3.31
CA HIS C 935 -13.94 -36.72 4.58
C HIS C 935 -14.94 -37.87 4.61
N SER C 936 -15.68 -38.06 3.52
CA SER C 936 -16.69 -39.11 3.48
C SER C 936 -16.09 -40.50 3.30
N GLY C 937 -14.93 -40.61 2.66
CA GLY C 937 -14.39 -41.91 2.32
C GLY C 937 -15.14 -42.47 1.14
N TRP C 938 -14.51 -43.34 0.35
CA TRP C 938 -15.14 -43.88 -0.84
C TRP C 938 -14.76 -45.34 -1.02
N LYS C 939 -15.40 -45.97 -2.01
CA LYS C 939 -15.06 -47.34 -2.38
C LYS C 939 -15.46 -47.53 -3.85
N VAL C 940 -14.47 -47.48 -4.74
CA VAL C 940 -14.74 -47.77 -6.14
C VAL C 940 -15.08 -49.25 -6.28
N ASP C 941 -16.20 -49.54 -6.94
CA ASP C 941 -16.71 -50.91 -7.05
C ASP C 941 -16.10 -51.55 -8.30
N ALA C 942 -15.04 -52.32 -8.09
CA ALA C 942 -14.44 -53.14 -9.15
C ALA C 942 -15.05 -54.54 -9.17
N ALA C 943 -16.38 -54.61 -9.12
CA ALA C 943 -17.06 -55.90 -9.12
C ALA C 943 -16.79 -56.66 -10.41
N LYS C 944 -16.92 -55.99 -11.55
CA LYS C 944 -16.65 -56.58 -12.86
C LYS C 944 -15.72 -55.63 -13.60
N GLY C 945 -14.41 -55.81 -13.39
CA GLY C 945 -13.42 -54.95 -14.01
C GLY C 945 -13.39 -53.59 -13.36
N VAL C 946 -12.21 -52.97 -13.30
CA VAL C 946 -12.11 -51.63 -12.72
C VAL C 946 -12.74 -50.63 -13.67
N PRO C 947 -13.21 -49.47 -13.20
CA PRO C 947 -13.77 -48.47 -14.12
C PRO C 947 -12.71 -47.93 -15.05
N ASP C 948 -13.17 -47.44 -16.20
CA ASP C 948 -12.24 -46.84 -17.16
C ASP C 948 -11.55 -45.62 -16.58
N TRP C 949 -12.28 -44.78 -15.85
CA TRP C 949 -11.71 -43.56 -15.32
C TRP C 949 -10.75 -43.82 -14.16
N ALA C 950 -10.69 -45.06 -13.65
CA ALA C 950 -9.83 -45.40 -12.53
C ALA C 950 -8.74 -46.39 -12.94
N ALA C 951 -8.50 -46.57 -14.24
CA ALA C 951 -7.49 -47.52 -14.68
C ALA C 951 -6.10 -47.13 -14.20
N ARG C 952 -5.76 -45.85 -14.34
CA ARG C 952 -4.45 -45.36 -13.90
C ARG C 952 -4.48 -44.78 -12.50
N LEU C 953 -5.60 -44.86 -11.80
CA LEU C 953 -5.65 -44.45 -10.40
C LEU C 953 -4.85 -45.44 -9.57
N PRO C 954 -3.92 -44.97 -8.73
CA PRO C 954 -3.12 -45.91 -7.93
C PRO C 954 -3.99 -46.75 -7.01
N ASP C 955 -3.55 -47.98 -6.77
CA ASP C 955 -4.18 -48.81 -5.76
C ASP C 955 -4.00 -48.15 -4.39
N GLU C 956 -4.86 -48.53 -3.45
CA GLU C 956 -4.95 -47.88 -2.13
C GLU C 956 -5.68 -46.55 -2.26
N LEU C 957 -6.01 -46.15 -3.50
CA LEU C 957 -6.87 -45.01 -3.76
C LEU C 957 -8.20 -45.42 -4.38
N LEU C 958 -8.38 -46.72 -4.65
CA LEU C 958 -9.65 -47.26 -5.11
C LEU C 958 -10.62 -47.47 -3.96
N GLU C 959 -10.17 -47.30 -2.72
CA GLU C 959 -11.04 -47.44 -1.56
C GLU C 959 -10.38 -46.76 -0.36
N ALA C 960 -11.08 -45.84 0.28
CA ALA C 960 -10.54 -45.08 1.39
C ALA C 960 -11.58 -44.97 2.49
N GLN C 961 -11.17 -45.23 3.72
CA GLN C 961 -12.04 -45.10 4.87
C GLN C 961 -12.30 -43.63 5.15
N PRO C 962 -13.35 -43.31 5.91
CA PRO C 962 -13.66 -41.90 6.17
C PRO C 962 -12.52 -41.18 6.87
N ASN C 963 -12.40 -39.89 6.57
CA ASN C 963 -11.36 -39.03 7.12
C ASN C 963 -9.98 -39.42 6.59
N ALA C 964 -9.95 -40.03 5.41
CA ALA C 964 -8.71 -40.48 4.81
C ALA C 964 -7.99 -39.31 4.16
N ILE C 965 -6.87 -38.91 4.75
CA ILE C 965 -6.03 -37.86 4.20
C ILE C 965 -5.42 -38.36 2.90
N VAL C 966 -5.47 -37.54 1.85
CA VAL C 966 -4.87 -37.83 0.57
C VAL C 966 -3.89 -36.72 0.23
N SER C 967 -3.16 -36.92 -0.85
CA SER C 967 -2.27 -35.88 -1.36
C SER C 967 -2.40 -35.80 -2.87
N THR C 968 -2.38 -34.58 -3.39
CA THR C 968 -2.35 -34.32 -4.83
C THR C 968 -1.11 -33.49 -5.11
N PRO C 969 0.01 -34.10 -5.53
CA PRO C 969 1.21 -33.30 -5.83
C PRO C 969 0.90 -32.12 -6.73
N VAL C 970 1.77 -31.10 -6.68
CA VAL C 970 1.39 -29.78 -7.12
C VAL C 970 0.96 -29.78 -8.59
N PHE C 971 1.73 -30.45 -9.44
CA PHE C 971 1.42 -30.51 -10.87
C PHE C 971 1.10 -31.92 -11.35
N ASP C 972 1.14 -32.92 -10.46
CA ASP C 972 0.79 -34.30 -10.81
C ASP C 972 -0.11 -34.83 -9.70
N GLY C 973 -1.41 -34.57 -9.82
CA GLY C 973 -2.37 -34.91 -8.79
C GLY C 973 -3.62 -35.53 -9.39
N ALA C 974 -4.76 -35.12 -8.85
CA ALA C 974 -6.05 -35.68 -9.22
C ALA C 974 -6.57 -35.00 -10.47
N GLN C 975 -6.82 -35.77 -11.52
CA GLN C 975 -7.43 -35.24 -12.73
C GLN C 975 -8.91 -34.94 -12.46
N GLU C 976 -9.58 -34.43 -13.50
CA GLU C 976 -10.98 -34.07 -13.34
C GLU C 976 -11.88 -35.30 -13.41
N ALA C 977 -11.56 -36.25 -14.29
CA ALA C 977 -12.36 -37.46 -14.38
C ALA C 977 -12.29 -38.25 -13.07
N GLU C 978 -11.12 -38.28 -12.44
CA GLU C 978 -10.98 -39.00 -11.18
C GLU C 978 -11.81 -38.33 -10.09
N LEU C 979 -11.85 -36.99 -10.07
CA LEU C 979 -12.73 -36.32 -9.12
C LEU C 979 -14.19 -36.63 -9.38
N GLN C 980 -14.59 -36.63 -10.66
CA GLN C 980 -15.95 -37.01 -10.99
C GLN C 980 -16.28 -38.39 -10.46
N GLY C 981 -15.40 -39.36 -10.70
CA GLY C 981 -15.65 -40.70 -10.25
C GLY C 981 -15.72 -40.82 -8.74
N LEU C 982 -14.75 -40.22 -8.05
CA LEU C 982 -14.70 -40.33 -6.60
C LEU C 982 -15.88 -39.60 -5.96
N LEU C 983 -16.48 -38.66 -6.68
CA LEU C 983 -17.75 -38.09 -6.23
C LEU C 983 -18.90 -39.03 -6.52
N SER C 984 -18.83 -39.77 -7.63
CA SER C 984 -19.90 -40.70 -7.97
C SER C 984 -20.03 -41.82 -6.95
N CYS C 985 -18.92 -42.23 -6.33
CA CYS C 985 -18.91 -43.33 -5.37
C CYS C 985 -18.35 -42.82 -4.04
N THR C 986 -19.23 -42.58 -3.08
CA THR C 986 -18.81 -42.20 -1.73
C THR C 986 -19.73 -42.92 -0.75
N LEU C 987 -19.22 -43.13 0.46
CA LEU C 987 -19.95 -43.92 1.44
C LEU C 987 -21.08 -43.09 2.07
N PRO C 988 -22.20 -43.72 2.42
CA PRO C 988 -23.21 -43.01 3.21
C PRO C 988 -22.67 -42.62 4.57
N ASN C 989 -23.37 -41.66 5.20
CA ASN C 989 -22.82 -41.07 6.43
C ASN C 989 -23.08 -41.96 7.65
N ARG C 990 -24.33 -42.09 8.06
CA ARG C 990 -24.76 -43.09 9.03
C ARG C 990 -25.87 -43.97 8.49
N ASP C 991 -26.89 -43.37 7.91
CA ASP C 991 -27.93 -44.07 7.20
C ASP C 991 -27.58 -44.10 5.71
N GLY C 992 -28.27 -44.97 4.98
CA GLY C 992 -27.94 -45.16 3.58
C GLY C 992 -28.36 -43.98 2.72
N ASP C 993 -27.85 -42.80 3.05
CA ASP C 993 -28.19 -41.57 2.35
C ASP C 993 -26.90 -40.85 1.95
N VAL C 994 -26.78 -40.54 0.66
CA VAL C 994 -25.65 -39.78 0.14
C VAL C 994 -26.09 -38.33 0.03
N LEU C 995 -25.50 -37.48 0.87
CA LEU C 995 -25.91 -36.09 0.97
C LEU C 995 -25.42 -35.24 -0.20
N VAL C 996 -24.41 -35.70 -0.93
CA VAL C 996 -23.83 -34.94 -2.03
C VAL C 996 -23.86 -35.82 -3.27
N ASP C 997 -24.50 -35.33 -4.32
CA ASP C 997 -24.73 -36.12 -5.52
C ASP C 997 -23.47 -36.13 -6.38
N ALA C 998 -23.59 -36.64 -7.60
CA ALA C 998 -22.43 -36.77 -8.49
C ALA C 998 -21.83 -35.41 -8.83
N ASP C 999 -22.69 -34.41 -9.06
CA ASP C 999 -22.20 -33.08 -9.38
C ASP C 999 -21.37 -32.48 -8.25
N GLY C 1000 -21.52 -32.99 -7.03
CA GLY C 1000 -20.86 -32.44 -5.87
C GLY C 1000 -21.68 -31.43 -5.10
N LYS C 1001 -22.94 -31.23 -5.47
CA LYS C 1001 -23.79 -30.23 -4.85
C LYS C 1001 -24.86 -30.91 -4.01
N ALA C 1002 -25.01 -30.44 -2.77
CA ALA C 1002 -25.99 -30.96 -1.84
C ALA C 1002 -27.29 -30.17 -1.93
N MET C 1003 -28.33 -30.73 -1.32
CA MET C 1003 -29.63 -30.07 -1.22
C MET C 1003 -29.76 -29.51 0.18
N LEU C 1004 -29.47 -28.22 0.33
CA LEU C 1004 -29.36 -27.59 1.64
C LEU C 1004 -30.71 -27.10 2.12
N PHE C 1005 -30.83 -26.98 3.44
CA PHE C 1005 -32.00 -26.38 4.06
C PHE C 1005 -31.63 -25.05 4.69
N ASP C 1006 -32.35 -23.99 4.33
CA ASP C 1006 -32.12 -22.68 4.92
C ASP C 1006 -32.54 -22.72 6.38
N GLY C 1007 -31.55 -22.67 7.28
CA GLY C 1007 -31.86 -22.70 8.69
C GLY C 1007 -32.57 -21.45 9.17
N ARG C 1008 -32.45 -20.35 8.43
CA ARG C 1008 -33.06 -19.09 8.86
C ARG C 1008 -34.57 -19.08 8.67
N SER C 1009 -35.06 -19.66 7.57
CA SER C 1009 -36.48 -19.68 7.26
C SER C 1009 -37.08 -21.07 7.28
N GLY C 1010 -36.30 -22.10 6.96
CA GLY C 1010 -36.77 -23.47 7.02
C GLY C 1010 -36.95 -24.10 5.66
N GLU C 1011 -37.44 -23.33 4.71
CA GLU C 1011 -37.67 -23.85 3.37
C GLU C 1011 -36.34 -24.31 2.77
N PRO C 1012 -36.33 -25.44 2.06
CA PRO C 1012 -35.10 -25.84 1.37
C PRO C 1012 -34.77 -24.85 0.27
N PHE C 1013 -33.48 -24.64 0.05
CA PHE C 1013 -33.07 -23.77 -1.03
C PHE C 1013 -33.53 -24.36 -2.36
N PRO C 1014 -33.98 -23.53 -3.30
CA PRO C 1014 -34.59 -24.09 -4.52
C PRO C 1014 -33.66 -24.99 -5.31
N TYR C 1015 -32.36 -24.75 -5.27
CA TYR C 1015 -31.41 -25.47 -6.11
C TYR C 1015 -30.32 -26.11 -5.25
N PRO C 1016 -29.67 -27.16 -5.75
CA PRO C 1016 -28.56 -27.76 -5.01
C PRO C 1016 -27.38 -26.80 -4.92
N VAL C 1017 -26.62 -26.96 -3.83
CA VAL C 1017 -25.52 -26.06 -3.50
C VAL C 1017 -24.24 -26.88 -3.35
N THR C 1018 -23.17 -26.36 -3.94
CA THR C 1018 -21.86 -26.98 -3.82
C THR C 1018 -21.40 -26.95 -2.36
N VAL C 1019 -21.07 -28.13 -1.83
CA VAL C 1019 -20.57 -28.25 -0.47
C VAL C 1019 -19.32 -29.13 -0.47
N GLY C 1020 -18.56 -29.02 0.60
CA GLY C 1020 -17.37 -29.82 0.75
C GLY C 1020 -16.53 -29.30 1.88
N TYR C 1021 -15.33 -29.85 2.02
CA TYR C 1021 -14.41 -29.47 3.08
C TYR C 1021 -13.23 -28.75 2.46
N MET C 1022 -13.06 -27.48 2.83
CA MET C 1022 -11.94 -26.66 2.36
C MET C 1022 -11.07 -26.28 3.54
N TYR C 1023 -9.76 -26.28 3.29
CA TYR C 1023 -8.75 -25.99 4.30
C TYR C 1023 -8.47 -24.49 4.26
N ILE C 1024 -8.83 -23.78 5.33
CA ILE C 1024 -8.65 -22.34 5.41
C ILE C 1024 -7.81 -22.02 6.65
N MET C 1025 -7.08 -20.91 6.56
CA MET C 1025 -6.06 -20.53 7.54
C MET C 1025 -6.35 -19.13 8.08
N LYS C 1026 -6.16 -18.97 9.37
CA LYS C 1026 -6.38 -17.70 10.07
C LYS C 1026 -5.13 -16.86 9.92
N LEU C 1027 -5.20 -15.82 9.09
CA LEU C 1027 -4.05 -14.96 8.84
C LEU C 1027 -3.76 -14.07 10.04
N HIS C 1028 -2.51 -13.59 10.09
CA HIS C 1028 -2.06 -12.73 11.19
C HIS C 1028 -2.41 -11.27 10.88
N HIS C 1029 -3.69 -11.05 10.62
CA HIS C 1029 -4.25 -9.71 10.36
C HIS C 1029 -5.54 -9.54 11.13
N LEU C 1030 -5.47 -9.84 12.43
CA LEU C 1030 -6.64 -9.84 13.28
C LEU C 1030 -7.16 -8.41 13.48
N VAL C 1031 -8.45 -8.30 13.76
CA VAL C 1031 -9.07 -6.99 13.92
C VAL C 1031 -8.66 -6.37 15.26
N ASP C 1032 -8.21 -7.20 16.21
CA ASP C 1032 -7.84 -6.68 17.51
C ASP C 1032 -6.65 -5.74 17.45
N ASP C 1033 -5.80 -5.90 16.43
CA ASP C 1033 -4.61 -5.07 16.27
C ASP C 1033 -4.84 -3.85 15.39
N LYS C 1034 -6.00 -3.75 14.75
CA LYS C 1034 -6.27 -2.70 13.77
C LYS C 1034 -7.28 -1.67 14.28
N ILE C 1035 -8.24 -2.07 15.10
CA ILE C 1035 -9.16 -1.11 15.69
C ILE C 1035 -8.36 -0.12 16.53
N HIS C 1036 -8.73 1.15 16.44
CA HIS C 1036 -8.00 2.21 17.13
C HIS C 1036 -8.78 3.51 17.00
N ALA C 1037 -8.77 4.30 18.07
CA ALA C 1037 -9.49 5.57 18.08
C ALA C 1037 -8.77 6.55 19.01
N ARG C 1038 -9.02 7.84 18.77
CA ARG C 1038 -8.39 8.90 19.56
C ARG C 1038 -9.36 10.06 19.68
N SER C 1039 -9.55 10.55 20.90
CA SER C 1039 -10.16 11.86 21.10
C SER C 1039 -9.11 12.91 21.43
N THR C 1040 -8.20 12.58 22.34
CA THR C 1040 -7.05 13.42 22.64
C THR C 1040 -6.01 12.54 23.32
N GLY C 1041 -4.76 12.98 23.26
CA GLY C 1041 -3.67 12.21 23.81
C GLY C 1041 -2.32 12.85 23.55
N PRO C 1042 -1.27 12.04 23.43
CA PRO C 1042 0.05 12.59 23.17
C PRO C 1042 0.10 13.39 21.89
N TYR C 1043 0.85 14.50 21.92
CA TYR C 1043 1.05 15.36 20.76
C TYR C 1043 2.53 15.44 20.43
N SER C 1044 2.82 15.60 19.13
CA SER C 1044 4.20 15.74 18.70
C SER C 1044 4.82 16.99 19.34
N MET C 1045 6.14 17.09 19.26
CA MET C 1045 6.89 18.11 19.99
C MET C 1045 7.27 19.30 19.11
N ILE C 1046 7.97 19.06 18.00
CA ILE C 1046 8.45 20.14 17.15
C ILE C 1046 7.25 20.82 16.51
N THR C 1047 6.52 20.08 15.68
CA THR C 1047 5.18 20.51 15.25
C THR C 1047 4.19 19.94 16.25
N GLN C 1048 3.23 20.77 16.67
CA GLN C 1048 2.34 20.36 17.75
C GLN C 1048 1.18 19.53 17.24
N GLN C 1049 1.34 18.93 16.07
CA GLN C 1049 0.35 17.98 15.59
C GLN C 1049 0.29 16.77 16.51
N PRO C 1050 -0.82 16.02 16.50
CA PRO C 1050 -0.88 14.79 17.29
C PRO C 1050 0.19 13.80 16.89
N LEU C 1051 0.36 12.75 17.69
CA LEU C 1051 1.35 11.72 17.39
C LEU C 1051 0.77 10.68 16.44
N GLY C 1052 1.66 9.89 15.86
CA GLY C 1052 1.28 8.88 14.88
C GLY C 1052 1.53 7.47 15.38
N GLY C 1053 0.60 6.57 15.07
CA GLY C 1053 0.74 5.18 15.42
C GLY C 1053 -0.24 4.73 16.48
N LYS C 1054 -0.68 3.47 16.39
CA LYS C 1054 -1.59 2.92 17.39
C LYS C 1054 -0.90 2.71 18.73
N ALA C 1055 0.43 2.74 18.78
CA ALA C 1055 1.15 2.40 20.00
C ALA C 1055 0.96 3.47 21.06
N GLN C 1056 1.34 4.71 20.73
CA GLN C 1056 1.21 5.83 21.66
C GLN C 1056 -0.06 6.59 21.30
N PHE C 1057 -1.18 5.90 21.51
CA PHE C 1057 -2.48 6.43 21.14
C PHE C 1057 -2.44 6.87 19.68
N GLY C 1058 -2.11 8.12 19.39
CA GLY C 1058 -1.88 8.55 18.03
C GLY C 1058 -3.19 8.80 17.28
N GLY C 1059 -3.08 9.59 16.22
CA GLY C 1059 -4.23 9.97 15.43
C GLY C 1059 -4.04 9.75 13.95
N GLN C 1060 -5.11 9.36 13.25
CA GLN C 1060 -5.01 9.07 11.83
C GLN C 1060 -4.72 10.35 11.04
N ARG C 1061 -3.97 10.20 9.97
CA ARG C 1061 -3.46 11.33 9.19
C ARG C 1061 -4.50 11.74 8.16
N PHE C 1062 -4.86 13.03 8.17
CA PHE C 1062 -5.74 13.60 7.16
C PHE C 1062 -4.88 14.04 5.98
N GLY C 1063 -4.58 13.08 5.10
CA GLY C 1063 -3.61 13.26 4.05
C GLY C 1063 -3.85 14.45 3.14
N GLU C 1064 -2.90 14.72 2.25
CA GLU C 1064 -3.02 15.85 1.34
C GLU C 1064 -4.22 15.67 0.41
N MET C 1065 -4.51 14.45 0.00
CA MET C 1065 -5.58 14.17 -0.95
C MET C 1065 -6.91 13.91 -0.26
N GLU C 1066 -6.95 13.98 1.07
CA GLU C 1066 -8.20 14.08 1.81
C GLU C 1066 -8.57 15.52 2.08
N CYS C 1067 -7.65 16.46 1.88
CA CYS C 1067 -7.97 17.87 1.81
C CYS C 1067 -8.54 18.25 0.46
N TRP C 1068 -8.08 17.63 -0.62
CA TRP C 1068 -8.66 17.86 -1.94
C TRP C 1068 -10.11 17.43 -1.99
N ALA C 1069 -10.46 16.30 -1.37
CA ALA C 1069 -11.84 15.86 -1.36
C ALA C 1069 -12.73 16.85 -0.61
N MET C 1070 -12.28 17.32 0.55
CA MET C 1070 -13.06 18.29 1.30
C MET C 1070 -13.21 19.60 0.54
N GLN C 1071 -12.14 20.05 -0.12
CA GLN C 1071 -12.23 21.25 -0.93
C GLN C 1071 -13.22 21.07 -2.08
N ALA C 1072 -13.18 19.91 -2.73
CA ALA C 1072 -14.12 19.62 -3.81
C ALA C 1072 -15.55 19.59 -3.33
N TYR C 1073 -15.81 19.06 -2.13
CA TYR C 1073 -17.13 19.14 -1.53
C TYR C 1073 -17.57 20.57 -1.25
N GLY C 1074 -16.63 21.51 -1.19
CA GLY C 1074 -16.92 22.85 -0.76
C GLY C 1074 -17.03 23.02 0.74
N ALA C 1075 -16.81 21.95 1.51
CA ALA C 1075 -16.88 22.03 2.96
C ALA C 1075 -15.65 22.77 3.48
N ALA C 1076 -15.82 24.05 3.78
CA ALA C 1076 -14.73 24.89 4.26
C ALA C 1076 -14.55 24.83 5.77
N TYR C 1077 -15.64 24.85 6.53
CA TYR C 1077 -15.52 24.91 7.98
C TYR C 1077 -15.00 23.61 8.55
N THR C 1078 -15.45 22.47 8.00
CA THR C 1078 -14.94 21.18 8.49
C THR C 1078 -13.46 21.06 8.24
N LEU C 1079 -13.00 21.41 7.05
CA LEU C 1079 -11.57 21.36 6.74
C LEU C 1079 -10.79 22.32 7.64
N GLN C 1080 -11.31 23.53 7.83
CA GLN C 1080 -10.63 24.50 8.69
C GLN C 1080 -10.49 23.97 10.10
N GLU C 1081 -11.57 23.42 10.67
CA GLU C 1081 -11.48 22.91 12.03
C GLU C 1081 -10.52 21.73 12.10
N LEU C 1082 -10.60 20.82 11.13
CA LEU C 1082 -9.71 19.66 11.10
C LEU C 1082 -8.25 20.08 11.08
N LEU C 1083 -7.90 21.13 10.32
CA LEU C 1083 -6.52 21.53 10.19
C LEU C 1083 -6.06 22.51 11.27
N THR C 1084 -6.98 23.14 12.01
CA THR C 1084 -6.59 24.13 13.01
C THR C 1084 -6.84 23.66 14.43
N ILE C 1085 -8.09 23.38 14.80
CA ILE C 1085 -8.44 23.18 16.20
C ILE C 1085 -8.35 21.73 16.61
N LYS C 1086 -8.16 20.82 15.66
CA LYS C 1086 -7.95 19.42 15.96
C LYS C 1086 -6.49 19.01 15.94
N SER C 1087 -5.61 19.80 15.31
CA SER C 1087 -4.24 19.35 15.07
C SER C 1087 -3.26 20.23 15.82
N ASP C 1088 -3.16 21.53 15.51
CA ASP C 1088 -2.02 22.33 15.92
C ASP C 1088 -2.39 23.74 16.40
N ASP C 1089 -3.64 23.97 16.76
CA ASP C 1089 -4.05 25.21 17.43
C ASP C 1089 -4.25 24.88 18.90
N THR C 1090 -3.16 24.90 19.67
CA THR C 1090 -3.15 24.41 21.05
C THR C 1090 -4.25 25.06 21.88
N VAL C 1091 -4.30 26.40 21.87
CA VAL C 1091 -5.39 27.10 22.56
C VAL C 1091 -6.72 26.68 21.96
N GLY C 1092 -6.78 26.56 20.63
CA GLY C 1092 -7.98 26.08 19.99
C GLY C 1092 -8.36 24.69 20.45
N ARG C 1093 -7.38 23.80 20.53
CA ARG C 1093 -7.66 22.43 20.97
C ARG C 1093 -8.25 22.41 22.37
N VAL C 1094 -7.58 23.06 23.31
CA VAL C 1094 -8.04 23.01 24.70
C VAL C 1094 -9.41 23.65 24.83
N LYS C 1095 -9.63 24.77 24.14
CA LYS C 1095 -10.93 25.43 24.23
C LYS C 1095 -12.02 24.60 23.58
N VAL C 1096 -11.71 23.87 22.50
CA VAL C 1096 -12.70 22.99 21.90
C VAL C 1096 -13.08 21.88 22.88
N TYR C 1097 -12.08 21.31 23.56
CA TYR C 1097 -12.38 20.28 24.54
C TYR C 1097 -13.25 20.81 25.66
N GLU C 1098 -12.91 21.99 26.18
CA GLU C 1098 -13.72 22.59 27.24
C GLU C 1098 -15.13 22.90 26.76
N ALA C 1099 -15.25 23.36 25.52
CA ALA C 1099 -16.57 23.69 24.98
C ALA C 1099 -17.43 22.44 24.88
N ILE C 1100 -16.86 21.33 24.41
CA ILE C 1100 -17.66 20.12 24.26
C ILE C 1100 -18.05 19.56 25.63
N VAL C 1101 -17.09 19.49 26.56
CA VAL C 1101 -17.44 18.95 27.87
C VAL C 1101 -18.49 19.81 28.54
N LYS C 1102 -18.36 21.13 28.46
CA LYS C 1102 -19.43 22.03 28.86
C LYS C 1102 -20.43 22.12 27.71
N GLY C 1103 -21.39 23.04 27.80
CA GLY C 1103 -22.41 23.14 26.77
C GLY C 1103 -22.15 24.24 25.76
N GLU C 1104 -21.08 25.01 25.96
CA GLU C 1104 -20.84 26.18 25.15
C GLU C 1104 -20.54 25.80 23.70
N ASN C 1105 -20.79 26.75 22.80
CA ASN C 1105 -20.53 26.54 21.38
C ASN C 1105 -19.04 26.27 21.15
N ILE C 1106 -18.73 25.73 19.98
CA ILE C 1106 -17.35 25.38 19.63
C ILE C 1106 -16.60 26.66 19.29
N PRO C 1107 -15.44 26.94 19.91
CA PRO C 1107 -14.76 28.22 19.69
C PRO C 1107 -14.28 28.38 18.26
N GLU C 1108 -13.71 29.55 17.99
CA GLU C 1108 -13.14 29.87 16.70
C GLU C 1108 -11.71 29.33 16.63
N PRO C 1109 -11.16 29.18 15.43
CA PRO C 1109 -9.80 28.64 15.32
C PRO C 1109 -8.73 29.70 15.56
N GLY C 1110 -7.48 29.31 15.40
CA GLY C 1110 -6.38 30.23 15.54
C GLY C 1110 -5.45 30.13 14.36
N ILE C 1111 -4.15 30.03 14.67
CA ILE C 1111 -3.11 29.93 13.65
C ILE C 1111 -2.47 28.55 13.79
N PRO C 1112 -2.30 27.80 12.69
CA PRO C 1112 -1.57 26.52 12.80
C PRO C 1112 -0.16 26.71 13.34
N GLU C 1113 0.18 25.97 14.38
CA GLU C 1113 1.56 26.01 14.88
C GLU C 1113 2.53 25.58 13.79
N SER C 1114 2.08 24.75 12.86
CA SER C 1114 2.93 24.35 11.74
C SER C 1114 3.31 25.54 10.89
N PHE C 1115 2.39 26.48 10.67
CA PHE C 1115 2.70 27.66 9.87
C PHE C 1115 3.75 28.53 10.55
N LYS C 1116 3.64 28.71 11.87
CA LYS C 1116 4.67 29.47 12.58
C LYS C 1116 6.01 28.75 12.55
N VAL C 1117 6.00 27.42 12.67
CA VAL C 1117 7.24 26.66 12.53
C VAL C 1117 7.85 26.90 11.16
N LEU C 1118 7.03 26.88 10.12
CA LEU C 1118 7.53 27.14 8.77
C LEU C 1118 8.10 28.54 8.66
N LEU C 1119 7.43 29.52 9.26
CA LEU C 1119 7.94 30.90 9.20
C LEU C 1119 9.31 30.98 9.86
N LYS C 1120 9.46 30.35 11.03
CA LYS C 1120 10.75 30.40 11.71
C LYS C 1120 11.83 29.70 10.90
N GLU C 1121 11.49 28.57 10.27
CA GLU C 1121 12.48 27.87 9.45
C GLU C 1121 12.88 28.71 8.24
N LEU C 1122 11.90 29.36 7.60
CA LEU C 1122 12.20 30.19 6.44
C LEU C 1122 13.08 31.37 6.84
N GLN C 1123 12.83 31.96 8.01
CA GLN C 1123 13.71 33.00 8.52
C GLN C 1123 15.10 32.45 8.79
N SER C 1124 15.17 31.28 9.40
CA SER C 1124 16.45 30.65 9.74
C SER C 1124 17.28 30.41 8.49
N LEU C 1125 16.62 30.16 7.35
CA LEU C 1125 17.38 30.03 6.11
C LEU C 1125 18.12 31.32 5.81
N CYS C 1126 17.42 32.45 5.88
CA CYS C 1126 17.93 33.83 5.84
C CYS C 1126 16.98 34.68 5.01
N LEU C 1127 15.67 34.54 5.24
CA LEU C 1127 14.65 35.18 4.43
C LEU C 1127 13.66 35.87 5.36
N ASN C 1128 13.57 37.19 5.28
CA ASN C 1128 12.73 37.93 6.21
C ASN C 1128 11.26 37.79 5.85
N VAL C 1129 10.73 36.56 5.96
CA VAL C 1129 9.31 36.36 5.77
C VAL C 1129 8.54 37.13 6.83
N GLU C 1130 7.46 37.79 6.42
CA GLU C 1130 6.69 38.62 7.31
C GLU C 1130 5.22 38.56 6.90
N VAL C 1131 4.34 38.78 7.87
CA VAL C 1131 2.89 38.69 7.66
C VAL C 1131 2.37 40.12 7.73
N LEU C 1132 2.24 40.75 6.56
CA LEU C 1132 1.75 42.12 6.53
C LEU C 1132 0.28 42.18 6.92
N SER C 1133 -0.25 43.40 6.95
CA SER C 1133 -1.63 43.61 7.37
C SER C 1133 -2.31 44.67 6.51
N GLY D 1 4.72 43.63 9.84
CA GLY D 1 3.39 43.83 10.48
C GLY D 1 2.83 42.55 11.09
N ALA D 2 1.79 42.71 11.91
CA ALA D 2 1.06 41.58 12.50
C ALA D 2 1.89 40.82 13.54
N MET D 3 3.15 41.21 13.73
CA MET D 3 4.03 40.56 14.69
C MET D 3 3.93 39.04 14.60
N LEU D 4 3.63 38.37 15.71
CA LEU D 4 3.50 36.92 15.69
C LEU D 4 2.41 36.47 14.73
N ASP D 5 1.15 36.74 15.07
CA ASP D 5 0.00 36.25 14.30
C ASP D 5 -1.29 36.93 14.77
N VAL D 6 -2.43 36.39 14.34
CA VAL D 6 -3.81 36.79 14.66
C VAL D 6 -4.49 37.07 13.33
N ASN D 7 -5.55 36.31 13.03
CA ASN D 7 -6.03 36.17 11.65
C ASN D 7 -6.70 37.44 11.14
N PHE D 8 -5.88 38.44 10.82
CA PHE D 8 -6.26 39.58 10.01
C PHE D 8 -5.26 39.74 8.87
N PHE D 9 -4.74 38.62 8.38
CA PHE D 9 -3.57 38.61 7.50
C PHE D 9 -3.95 39.05 6.09
N ASP D 10 -2.96 39.53 5.35
CA ASP D 10 -3.02 39.69 3.91
C ASP D 10 -1.63 40.04 3.39
N GLU D 11 -1.28 39.50 2.23
CA GLU D 11 0.01 39.81 1.61
C GLU D 11 1.19 39.40 2.49
N LEU D 12 1.29 38.11 2.79
CA LEU D 12 2.50 37.55 3.40
C LEU D 12 3.66 37.81 2.43
N ARG D 13 4.72 38.44 2.92
CA ARG D 13 5.82 38.89 2.08
C ARG D 13 7.12 38.20 2.46
N ILE D 14 7.97 37.96 1.45
CA ILE D 14 9.27 37.35 1.62
C ILE D 14 10.30 38.23 0.94
N GLY D 15 11.54 38.10 1.40
CA GLY D 15 12.63 38.85 0.81
C GLY D 15 13.95 38.51 1.47
N LEU D 16 15.02 38.94 0.83
CA LEU D 16 16.35 38.72 1.39
C LEU D 16 16.50 39.45 2.71
N ALA D 17 17.13 38.79 3.67
CA ALA D 17 17.31 39.34 5.01
C ALA D 17 18.74 39.84 5.14
N THR D 18 18.87 41.12 5.49
CA THR D 18 20.18 41.73 5.68
C THR D 18 20.70 41.41 7.07
N ALA D 19 22.01 41.57 7.25
CA ALA D 19 22.62 41.29 8.54
C ALA D 19 21.97 42.11 9.64
N GLU D 20 21.53 43.34 9.32
CA GLU D 20 20.85 44.15 10.31
C GLU D 20 19.53 43.51 10.75
N ASP D 21 18.75 43.00 9.79
CA ASP D 21 17.51 42.31 10.14
C ASP D 21 17.81 41.06 10.95
N ILE D 22 18.85 40.31 10.57
CA ILE D 22 19.20 39.10 11.30
C ILE D 22 19.57 39.42 12.74
N ARG D 23 20.34 40.50 12.94
CA ARG D 23 20.71 40.90 14.29
C ARG D 23 19.54 41.47 15.07
N GLN D 24 18.54 42.02 14.38
CA GLN D 24 17.33 42.47 15.07
C GLN D 24 16.48 41.28 15.52
N TRP D 25 16.44 40.22 14.71
CA TRP D 25 15.68 39.04 15.09
C TRP D 25 16.24 38.41 16.36
N SER D 26 17.55 38.23 16.42
CA SER D 26 18.14 37.44 17.48
C SER D 26 18.02 38.15 18.83
N TYR D 27 17.74 37.35 19.87
CA TYR D 27 17.72 37.83 21.24
C TYR D 27 19.05 37.64 21.94
N GLY D 28 20.10 37.31 21.18
CA GLY D 28 21.41 37.14 21.78
C GLY D 28 22.38 36.63 20.73
N GLU D 29 23.56 36.21 21.20
CA GLU D 29 24.56 35.62 20.32
C GLU D 29 25.00 34.30 20.92
N VAL D 30 25.25 33.31 20.05
CA VAL D 30 25.75 32.00 20.48
C VAL D 30 27.22 31.94 20.13
N LYS D 31 28.07 31.77 21.16
CA LYS D 31 29.50 31.81 20.98
C LYS D 31 30.20 30.66 21.70
N LYS D 32 29.47 29.58 21.96
CA LYS D 32 30.04 28.38 22.57
C LYS D 32 29.27 27.17 22.05
N PRO D 33 29.95 26.20 21.43
CA PRO D 33 29.23 25.08 20.81
C PRO D 33 28.84 24.00 21.81
N GLU D 34 28.09 24.36 22.85
CA GLU D 34 27.63 23.42 23.85
C GLU D 34 26.11 23.25 23.73
N THR D 35 25.58 22.13 24.24
CA THR D 35 24.15 21.86 24.19
C THR D 35 23.55 21.73 25.59
N ILE D 36 24.19 20.94 26.45
CA ILE D 36 23.67 20.72 27.81
C ILE D 36 24.76 20.07 28.63
N ASN D 37 24.72 20.32 29.94
CA ASN D 37 25.64 19.68 30.88
C ASN D 37 25.02 18.37 31.36
N TYR D 38 25.84 17.30 31.38
CA TYR D 38 25.33 15.98 31.74
C TYR D 38 24.97 15.90 33.21
N ARG D 39 25.86 16.35 34.10
CA ARG D 39 25.67 16.12 35.53
C ARG D 39 24.41 16.82 36.03
N THR D 40 24.28 18.12 35.75
CA THR D 40 23.11 18.87 36.20
C THR D 40 21.91 18.68 35.29
N LEU D 41 22.14 18.23 34.04
CA LEU D 41 21.05 18.07 33.07
C LEU D 41 20.27 19.37 32.91
N LYS D 42 20.99 20.48 32.85
CA LYS D 42 20.43 21.80 32.65
C LYS D 42 21.16 22.49 31.51
N PRO D 43 20.53 23.46 30.84
CA PRO D 43 21.18 24.09 29.69
C PRO D 43 22.46 24.81 30.08
N GLU D 44 23.41 24.82 29.15
CA GLU D 44 24.67 25.52 29.38
C GLU D 44 24.47 27.02 29.19
N LYS D 45 25.55 27.77 29.38
CA LYS D 45 25.53 29.23 29.31
C LYS D 45 26.16 29.67 27.99
N ASP D 46 25.45 30.52 27.25
CA ASP D 46 25.89 31.03 25.96
C ASP D 46 26.06 29.94 24.92
N GLY D 47 25.34 28.83 25.05
CA GLY D 47 25.40 27.75 24.09
C GLY D 47 24.28 27.83 23.07
N LEU D 48 23.95 26.68 22.49
CA LEU D 48 22.85 26.59 21.54
C LEU D 48 21.49 26.46 22.22
N PHE D 49 21.45 26.43 23.56
CA PHE D 49 20.19 26.30 24.29
C PHE D 49 20.11 27.30 25.45
N CYS D 50 20.93 28.34 25.44
CA CYS D 50 21.01 29.24 26.59
C CYS D 50 19.65 29.81 26.94
N GLU D 51 19.27 29.71 28.21
CA GLU D 51 18.00 30.26 28.66
C GLU D 51 18.00 31.78 28.65
N LYS D 52 19.18 32.41 28.71
CA LYS D 52 19.26 33.87 28.62
C LYS D 52 19.02 34.35 27.19
N ILE D 53 19.15 33.47 26.20
CA ILE D 53 18.95 33.85 24.80
C ILE D 53 17.57 33.45 24.32
N PHE D 54 17.18 32.19 24.55
CA PHE D 54 15.95 31.63 23.99
C PHE D 54 14.78 31.67 24.97
N GLY D 55 15.02 31.61 26.27
CA GLY D 55 13.96 31.70 27.25
C GLY D 55 14.04 30.61 28.29
N PRO D 56 13.21 30.71 29.33
CA PRO D 56 13.25 29.71 30.40
C PRO D 56 12.89 28.32 29.89
N THR D 57 13.56 27.32 30.47
CA THR D 57 13.21 25.94 30.21
C THR D 57 12.06 25.45 31.08
N ARG D 58 11.67 26.25 32.09
CA ARG D 58 10.53 25.95 32.94
C ARG D 58 9.71 27.22 33.12
N ASP D 59 8.43 27.05 33.41
CA ASP D 59 7.53 28.18 33.55
C ASP D 59 7.88 28.99 34.79
N TRP D 60 8.24 30.25 34.59
CA TRP D 60 8.56 31.17 35.68
C TRP D 60 9.63 30.59 36.62
N GLU D 61 10.76 30.24 36.02
CA GLU D 61 11.90 29.73 36.79
C GLU D 61 13.18 30.21 36.14
N CYS D 62 13.93 31.05 36.85
CA CYS D 62 15.22 31.52 36.37
C CYS D 62 16.25 30.42 36.45
N TYR D 63 17.43 30.69 35.87
CA TYR D 63 18.50 29.71 35.89
C TYR D 63 19.04 29.50 37.31
N CYS D 64 19.30 30.60 38.02
CA CYS D 64 19.87 30.48 39.36
C CYS D 64 18.81 30.07 40.38
N GLY D 65 17.58 30.51 40.20
CA GLY D 65 16.51 30.23 41.13
C GLY D 65 16.13 31.37 42.05
N LYS D 66 16.66 32.57 41.83
CA LYS D 66 16.32 33.71 42.67
C LYS D 66 14.84 34.05 42.59
N TYR D 67 14.15 33.64 41.53
CA TYR D 67 12.72 33.89 41.37
C TYR D 67 12.06 32.63 40.83
N LYS D 68 11.01 32.17 41.51
CA LYS D 68 10.24 31.01 41.05
C LYS D 68 8.75 31.18 41.25
N ARG D 69 8.26 32.41 41.43
CA ARG D 69 6.85 32.66 41.72
C ARG D 69 6.24 33.53 40.63
N VAL D 70 4.93 33.34 40.41
CA VAL D 70 4.26 34.00 39.29
C VAL D 70 4.28 35.52 39.46
N ARG D 71 4.06 36.00 40.69
CA ARG D 71 4.01 37.44 40.95
C ARG D 71 5.23 38.14 40.37
N PHE D 72 6.40 37.51 40.49
CA PHE D 72 7.59 38.00 39.80
C PHE D 72 7.46 37.66 38.32
N LYS D 73 7.09 38.66 37.51
CA LYS D 73 6.76 38.45 36.10
C LYS D 73 7.33 39.60 35.28
N GLY D 74 8.12 39.26 34.27
CA GLY D 74 8.70 40.25 33.39
C GLY D 74 10.01 40.84 33.86
N ILE D 75 10.45 40.52 35.08
CA ILE D 75 11.70 41.06 35.60
C ILE D 75 12.86 40.23 35.03
N ILE D 76 13.83 40.93 34.45
CA ILE D 76 15.05 40.25 34.02
C ILE D 76 15.90 39.95 35.24
N CYS D 77 16.35 38.71 35.36
CA CYS D 77 17.10 38.29 36.53
C CYS D 77 18.35 39.14 36.70
N GLU D 78 18.57 39.63 37.93
CA GLU D 78 19.75 40.41 38.24
C GLU D 78 21.02 39.57 38.32
N ARG D 79 20.90 38.28 38.59
CA ARG D 79 22.05 37.41 38.79
C ARG D 79 22.38 36.55 37.59
N CYS D 80 21.41 35.78 37.10
CA CYS D 80 21.64 34.86 35.99
C CYS D 80 21.34 35.48 34.62
N GLY D 81 20.52 36.53 34.57
CA GLY D 81 20.29 37.25 33.33
C GLY D 81 19.21 36.69 32.43
N VAL D 82 18.53 35.62 32.83
CA VAL D 82 17.47 35.04 32.03
C VAL D 82 16.16 35.77 32.36
N GLU D 83 15.33 35.98 31.34
CA GLU D 83 14.07 36.67 31.53
C GLU D 83 13.01 35.69 32.02
N VAL D 84 12.27 36.09 33.05
CA VAL D 84 11.26 35.23 33.67
C VAL D 84 9.98 35.33 32.85
N THR D 85 9.54 34.22 32.28
CA THR D 85 8.28 34.15 31.54
C THR D 85 7.97 32.67 31.30
N ARG D 86 6.92 32.42 30.51
CA ARG D 86 6.48 31.06 30.24
C ARG D 86 7.47 30.36 29.31
N ALA D 87 7.55 29.04 29.44
CA ALA D 87 8.55 28.27 28.72
C ALA D 87 8.30 28.23 27.22
N LYS D 88 7.10 28.58 26.76
CA LYS D 88 6.79 28.50 25.34
C LYS D 88 7.63 29.47 24.51
N VAL D 89 8.27 30.46 25.14
CA VAL D 89 9.05 31.44 24.42
C VAL D 89 10.22 30.81 23.69
N ARG D 90 10.67 29.62 24.13
CA ARG D 90 11.78 28.95 23.47
C ARG D 90 11.45 28.51 22.06
N ARG D 91 10.18 28.52 21.66
CA ARG D 91 9.80 28.18 20.30
C ARG D 91 9.92 29.36 19.33
N GLU D 92 10.01 30.58 19.84
CA GLU D 92 9.91 31.77 19.01
C GLU D 92 11.21 32.55 18.92
N ARG D 93 11.89 32.78 20.05
CA ARG D 93 13.11 33.56 20.03
C ARG D 93 14.20 32.84 19.22
N MET D 94 14.99 33.62 18.50
CA MET D 94 16.12 33.10 17.73
C MET D 94 17.42 33.69 18.25
N GLY D 95 18.51 32.99 17.96
CA GLY D 95 19.86 33.49 18.17
C GLY D 95 20.57 33.66 16.84
N HIS D 96 21.73 34.33 16.91
CA HIS D 96 22.54 34.53 15.72
C HIS D 96 24.00 34.34 16.07
N ILE D 97 24.78 33.91 15.08
CA ILE D 97 26.21 33.71 15.21
C ILE D 97 26.92 34.78 14.41
N GLU D 98 27.74 35.59 15.09
CA GLU D 98 28.45 36.70 14.45
C GLU D 98 29.70 36.12 13.80
N LEU D 99 29.65 35.92 12.49
CA LEU D 99 30.76 35.29 11.78
C LEU D 99 32.00 36.18 11.86
N ALA D 100 33.14 35.54 12.11
CA ALA D 100 34.42 36.25 12.12
C ALA D 100 34.82 36.74 10.74
N ALA D 101 34.28 36.16 9.67
CA ALA D 101 34.55 36.58 8.31
C ALA D 101 33.26 36.54 7.51
N PRO D 102 33.17 37.33 6.43
CA PRO D 102 31.98 37.25 5.58
C PRO D 102 31.84 35.87 4.95
N VAL D 103 30.60 35.47 4.72
CA VAL D 103 30.28 34.17 4.14
C VAL D 103 29.14 34.35 3.15
N THR D 104 29.27 33.73 1.98
CA THR D 104 28.23 33.76 0.96
C THR D 104 27.11 32.79 1.32
N HIS D 105 25.92 33.07 0.80
CA HIS D 105 24.77 32.21 0.98
C HIS D 105 24.68 31.26 -0.22
N ILE D 106 24.74 29.95 0.05
CA ILE D 106 24.91 28.98 -1.04
C ILE D 106 23.72 28.98 -1.99
N TRP D 107 22.54 29.39 -1.51
CA TRP D 107 21.37 29.38 -2.37
C TRP D 107 21.57 30.27 -3.59
N TYR D 108 22.17 31.43 -3.40
CA TYR D 108 22.36 32.41 -4.48
C TYR D 108 23.71 32.26 -5.17
N PHE D 109 24.48 31.24 -4.83
CA PHE D 109 25.76 30.97 -5.47
C PHE D 109 25.77 29.66 -6.25
N LYS D 110 25.26 28.57 -5.66
CA LYS D 110 25.37 27.25 -6.26
C LYS D 110 24.10 26.85 -7.00
N GLY D 111 22.94 27.25 -6.52
CA GLY D 111 21.69 26.91 -7.18
C GLY D 111 21.66 27.39 -8.62
N VAL D 112 21.47 26.46 -9.55
CA VAL D 112 21.51 26.77 -10.97
C VAL D 112 20.19 27.47 -11.36
N PRO D 113 20.22 28.63 -12.01
CA PRO D 113 21.39 29.43 -12.41
C PRO D 113 21.99 30.17 -11.23
N SER D 114 23.31 30.36 -11.19
CA SER D 114 23.94 31.02 -10.07
C SER D 114 23.49 32.47 -10.05
N ARG D 115 22.75 32.85 -9.01
CA ARG D 115 22.16 34.18 -8.94
C ARG D 115 23.19 35.21 -8.47
N LEU D 116 24.41 34.75 -8.20
CA LEU D 116 25.55 35.65 -8.04
C LEU D 116 26.37 35.81 -9.31
N GLY D 117 26.46 34.79 -10.16
CA GLY D 117 27.16 34.93 -11.42
C GLY D 117 26.46 35.89 -12.36
N TYR D 118 25.13 35.78 -12.45
CA TYR D 118 24.39 36.70 -13.32
C TYR D 118 24.46 38.13 -12.80
N LEU D 119 24.36 38.31 -11.49
CA LEU D 119 24.40 39.66 -10.93
C LEU D 119 25.75 40.32 -11.18
N LEU D 120 26.84 39.57 -10.97
CA LEU D 120 28.18 40.11 -11.11
C LEU D 120 28.82 39.79 -12.45
N ASP D 121 28.17 39.02 -13.31
CA ASP D 121 28.69 38.68 -14.63
C ASP D 121 30.00 37.89 -14.52
N LEU D 122 29.96 36.87 -13.67
CA LEU D 122 31.11 36.00 -13.44
C LEU D 122 30.71 34.56 -13.70
N ALA D 123 31.60 33.81 -14.35
CA ALA D 123 31.33 32.41 -14.61
C ALA D 123 31.22 31.65 -13.30
N PRO D 124 30.40 30.60 -13.23
CA PRO D 124 30.30 29.84 -11.97
C PRO D 124 31.62 29.30 -11.49
N LYS D 125 32.53 28.93 -12.40
CA LYS D 125 33.86 28.49 -11.96
C LYS D 125 34.62 29.64 -11.29
N ASP D 126 34.47 30.86 -11.80
CA ASP D 126 35.13 32.00 -11.18
C ASP D 126 34.64 32.21 -9.75
N LEU D 127 33.33 32.08 -9.53
CA LEU D 127 32.82 32.18 -8.16
C LEU D 127 33.29 31.01 -7.32
N GLU D 128 33.30 29.81 -7.89
CA GLU D 128 33.81 28.64 -7.18
C GLU D 128 35.23 28.88 -6.69
N LYS D 129 36.05 29.56 -7.48
CA LYS D 129 37.43 29.81 -7.08
C LYS D 129 37.53 30.96 -6.09
N ILE D 130 36.90 32.10 -6.40
CA ILE D 130 37.02 33.27 -5.54
C ILE D 130 36.46 32.99 -4.15
N ILE D 131 35.27 32.40 -4.09
CA ILE D 131 34.62 32.13 -2.82
C ILE D 131 35.39 31.11 -1.99
N TYR D 132 35.93 30.07 -2.63
CA TYR D 132 36.64 29.02 -1.92
C TYR D 132 38.16 29.18 -2.00
N PHE D 133 38.62 30.43 -2.07
CA PHE D 133 40.01 30.77 -1.79
C PHE D 133 40.97 29.99 -2.70
N ALA D 134 40.59 29.88 -3.96
CA ALA D 134 41.44 29.28 -4.98
C ALA D 134 41.93 30.28 -6.02
N ALA D 135 41.67 31.58 -5.83
CA ALA D 135 42.11 32.59 -6.78
C ALA D 135 41.83 33.97 -6.21
N TYR D 136 42.68 34.92 -6.57
CA TYR D 136 42.46 36.33 -6.23
C TYR D 136 41.55 36.96 -7.28
N VAL D 137 40.89 38.05 -6.88
CA VAL D 137 40.02 38.80 -7.78
C VAL D 137 40.30 40.29 -7.60
N ILE D 138 40.31 41.01 -8.72
CA ILE D 138 40.52 42.45 -8.69
C ILE D 138 39.21 43.13 -8.29
N THR D 139 39.09 43.50 -7.02
CA THR D 139 37.88 44.17 -6.57
C THR D 139 37.65 45.47 -7.32
N SER D 140 38.72 46.18 -7.66
CA SER D 140 38.64 47.38 -8.46
C SER D 140 40.06 47.78 -8.82
N VAL D 141 40.18 48.56 -9.90
CA VAL D 141 41.46 49.05 -10.37
C VAL D 141 41.32 50.55 -10.63
N ASP D 142 42.24 51.33 -10.08
CA ASP D 142 42.20 52.77 -10.30
C ASP D 142 42.51 53.07 -11.76
N GLU D 143 41.73 53.98 -12.34
CA GLU D 143 41.87 54.34 -13.75
C GLU D 143 42.61 55.66 -13.95
N GLU D 144 42.17 56.71 -13.25
CA GLU D 144 42.85 58.00 -13.37
C GLU D 144 44.29 57.90 -12.87
N MET D 145 44.51 57.23 -11.74
CA MET D 145 45.87 57.03 -11.26
C MET D 145 46.65 56.11 -12.19
N ARG D 146 45.94 55.36 -13.04
CA ARG D 146 46.60 54.57 -14.07
C ARG D 146 46.81 55.41 -15.33
N HIS D 147 45.75 56.06 -15.82
CA HIS D 147 45.83 56.77 -17.09
C HIS D 147 46.83 57.92 -17.03
N ASN D 148 46.80 58.69 -15.94
CA ASN D 148 47.69 59.85 -15.84
C ASN D 148 49.15 59.42 -15.85
N GLU D 149 49.48 58.34 -15.16
CA GLU D 149 50.85 57.88 -15.02
C GLU D 149 51.23 56.79 -16.02
N LEU D 150 50.36 56.49 -16.99
CA LEU D 150 50.66 55.49 -17.99
C LEU D 150 51.97 55.75 -18.73
N SER D 151 52.14 56.95 -19.28
CA SER D 151 53.36 57.25 -20.04
C SER D 151 54.60 57.21 -19.15
N THR D 152 54.50 57.79 -17.95
CA THR D 152 55.64 57.78 -17.03
C THR D 152 56.02 56.36 -16.66
N LEU D 153 55.05 55.50 -16.39
CA LEU D 153 55.34 54.11 -16.06
C LEU D 153 55.84 53.34 -17.28
N GLU D 154 55.41 53.71 -18.48
CA GLU D 154 55.99 53.12 -19.68
C GLU D 154 57.47 53.46 -19.78
N ALA D 155 57.84 54.71 -19.53
CA ALA D 155 59.24 55.09 -19.52
C ALA D 155 60.01 54.34 -18.43
N GLU D 156 59.40 54.23 -17.25
CA GLU D 156 60.05 53.52 -16.15
C GLU D 156 60.26 52.05 -16.49
N MET D 157 59.27 51.42 -17.13
CA MET D 157 59.42 50.04 -17.53
C MET D 157 60.46 49.88 -18.62
N ALA D 158 60.54 50.83 -19.54
CA ALA D 158 61.61 50.79 -20.55
C ALA D 158 62.97 50.85 -19.87
N VAL D 159 63.13 51.74 -18.90
CA VAL D 159 64.40 51.83 -18.18
C VAL D 159 64.68 50.53 -17.44
N GLU D 160 63.65 49.96 -16.80
CA GLU D 160 63.81 48.73 -16.04
C GLU D 160 64.24 47.58 -16.97
N ARG D 161 63.57 47.44 -18.10
CA ARG D 161 63.91 46.37 -19.04
C ARG D 161 65.32 46.57 -19.59
N LYS D 162 65.69 47.81 -19.90
CA LYS D 162 67.05 48.05 -20.37
C LYS D 162 68.09 47.70 -19.31
N ALA D 163 67.82 48.05 -18.05
CA ALA D 163 68.76 47.74 -16.98
C ALA D 163 68.89 46.23 -16.78
N VAL D 164 67.76 45.52 -16.80
CA VAL D 164 67.80 44.07 -16.62
C VAL D 164 68.53 43.43 -17.79
N GLU D 165 68.28 43.92 -19.01
CA GLU D 165 68.97 43.40 -20.18
C GLU D 165 70.48 43.65 -20.08
N ASP D 166 70.86 44.83 -19.56
CA ASP D 166 72.28 45.12 -19.39
C ASP D 166 72.92 44.19 -18.37
N GLN D 167 72.23 43.93 -17.26
CA GLN D 167 72.76 42.99 -16.28
C GLN D 167 72.90 41.59 -16.89
N ARG D 168 71.91 41.17 -17.67
CA ARG D 168 71.98 39.87 -18.33
C ARG D 168 73.13 39.83 -19.34
N ASP D 169 73.35 40.92 -20.07
CA ASP D 169 74.45 40.97 -21.03
C ASP D 169 75.80 40.94 -20.31
N GLY D 170 75.88 41.55 -19.13
CA GLY D 170 77.09 41.43 -18.32
C GLY D 170 77.32 40.00 -17.87
N GLU D 171 76.25 39.32 -17.47
CA GLU D 171 76.37 37.90 -17.13
C GLU D 171 76.86 37.08 -18.33
N LEU D 172 76.32 37.38 -19.51
CA LEU D 172 76.76 36.67 -20.72
C LEU D 172 78.20 37.00 -21.05
N GLU D 173 78.64 38.23 -20.77
CA GLU D 173 80.04 38.58 -20.98
C GLU D 173 80.94 37.81 -20.02
N ALA D 174 80.51 37.66 -18.77
CA ALA D 174 81.27 36.83 -17.84
C ALA D 174 81.33 35.39 -18.31
N ARG D 175 80.21 34.88 -18.83
CA ARG D 175 80.20 33.53 -19.38
C ARG D 175 81.14 33.40 -20.57
N ALA D 176 81.21 34.44 -21.40
CA ALA D 176 82.14 34.44 -22.53
C ALA D 176 83.59 34.46 -22.04
N GLN D 177 83.84 35.18 -20.95
CA GLN D 177 85.17 35.15 -20.34
C GLN D 177 85.51 33.74 -19.85
N LYS D 178 84.53 33.06 -19.25
CA LYS D 178 84.72 31.68 -18.84
C LYS D 178 85.03 30.80 -20.05
N LEU D 179 84.33 31.03 -21.17
CA LEU D 179 84.58 30.28 -22.39
C LEU D 179 85.99 30.54 -22.90
N GLU D 180 86.45 31.79 -22.84
CA GLU D 180 87.81 32.11 -23.26
C GLU D 180 88.83 31.41 -22.38
N ALA D 181 88.58 31.37 -21.06
CA ALA D 181 89.47 30.65 -20.16
C ALA D 181 89.48 29.16 -20.50
N ASP D 182 88.31 28.60 -20.82
CA ASP D 182 88.25 27.20 -21.21
C ASP D 182 89.07 26.95 -22.48
N LEU D 183 88.95 27.84 -23.47
CA LEU D 183 89.72 27.68 -24.70
C LEU D 183 91.21 27.76 -24.42
N ALA D 184 91.61 28.70 -23.55
CA ALA D 184 93.02 28.80 -23.18
C ALA D 184 93.51 27.51 -22.51
N GLU D 185 92.70 26.96 -21.61
CA GLU D 185 93.07 25.70 -20.97
C GLU D 185 93.19 24.57 -22.00
N LEU D 186 92.26 24.51 -22.95
CA LEU D 186 92.30 23.47 -23.96
C LEU D 186 93.57 23.58 -24.81
N GLU D 187 93.91 24.80 -25.23
CA GLU D 187 95.06 24.99 -26.10
C GLU D 187 96.37 25.02 -25.32
N ALA D 188 96.33 25.04 -23.99
CA ALA D 188 97.55 25.05 -23.21
C ALA D 188 98.20 23.67 -23.18
N GLU D 189 97.46 22.67 -22.70
CA GLU D 189 97.94 21.31 -22.61
C GLU D 189 97.27 20.45 -23.67
N GLY D 190 97.63 19.17 -23.73
CA GLY D 190 97.12 18.28 -24.74
C GLY D 190 95.81 17.62 -24.34
N ALA D 191 94.72 18.05 -24.97
CA ALA D 191 93.40 17.46 -24.76
C ALA D 191 92.73 17.31 -26.12
N LYS D 192 92.44 16.07 -26.51
CA LYS D 192 91.92 15.78 -27.83
C LYS D 192 90.41 15.96 -27.85
N ALA D 193 89.78 15.62 -28.98
CA ALA D 193 88.43 16.09 -29.29
C ALA D 193 87.43 15.72 -28.21
N ASP D 194 87.67 14.64 -27.47
CA ASP D 194 86.74 14.23 -26.43
C ASP D 194 86.53 15.33 -25.41
N ALA D 195 87.60 15.74 -24.72
CA ALA D 195 87.46 16.77 -23.70
C ALA D 195 87.13 18.12 -24.30
N ARG D 196 87.65 18.42 -25.50
CA ARG D 196 87.31 19.67 -26.17
C ARG D 196 85.80 19.78 -26.34
N ARG D 197 85.18 18.75 -26.92
CA ARG D 197 83.75 18.75 -27.13
C ARG D 197 83.00 18.76 -25.81
N LYS D 198 83.49 18.03 -24.81
CA LYS D 198 82.83 18.03 -23.51
C LYS D 198 82.73 19.44 -22.94
N VAL D 199 83.87 20.13 -22.87
CA VAL D 199 83.88 21.47 -22.25
C VAL D 199 83.12 22.46 -23.12
N ARG D 200 83.21 22.34 -24.44
CA ARG D 200 82.50 23.28 -25.30
C ARG D 200 80.99 23.09 -25.19
N ASP D 201 80.53 21.84 -25.12
CA ASP D 201 79.12 21.59 -24.90
C ASP D 201 78.67 22.10 -23.54
N GLY D 202 79.50 21.92 -22.51
CA GLY D 202 79.17 22.50 -21.22
C GLY D 202 79.00 24.01 -21.31
N GLY D 203 79.95 24.68 -21.96
CA GLY D 203 79.89 26.12 -22.07
C GLY D 203 78.69 26.62 -22.85
N GLU D 204 78.38 25.96 -23.98
CA GLU D 204 77.23 26.39 -24.77
C GLU D 204 75.93 26.10 -24.03
N ARG D 205 75.89 25.03 -23.24
CA ARG D 205 74.73 24.78 -22.39
C ARG D 205 74.57 25.88 -21.36
N GLU D 206 75.68 26.33 -20.76
CA GLU D 206 75.59 27.44 -19.81
C GLU D 206 75.09 28.70 -20.49
N MET D 207 75.59 28.98 -21.70
CA MET D 207 75.13 30.16 -22.43
C MET D 207 73.64 30.06 -22.74
N ARG D 208 73.17 28.89 -23.15
CA ARG D 208 71.75 28.71 -23.42
C ARG D 208 70.93 28.88 -22.14
N GLN D 209 71.46 28.41 -21.01
CA GLN D 209 70.77 28.63 -19.73
C GLN D 209 70.66 30.13 -19.42
N ILE D 210 71.73 30.88 -19.64
CA ILE D 210 71.69 32.32 -19.39
C ILE D 210 70.66 32.98 -20.30
N ARG D 211 70.63 32.57 -21.58
CA ARG D 211 69.66 33.14 -22.51
C ARG D 211 68.23 32.77 -22.11
N ASP D 212 68.02 31.55 -21.62
CA ASP D 212 66.70 31.15 -21.16
C ASP D 212 66.26 31.99 -19.97
N ARG D 213 67.18 32.24 -19.02
CA ARG D 213 66.87 33.11 -17.90
C ARG D 213 66.51 34.51 -18.39
N ALA D 214 67.28 35.01 -19.36
CA ALA D 214 66.99 36.31 -19.95
C ALA D 214 65.58 36.36 -20.51
N GLN D 215 65.23 35.39 -21.35
CA GLN D 215 63.93 35.38 -21.99
C GLN D 215 62.81 35.24 -20.96
N ARG D 216 63.02 34.40 -19.94
CA ARG D 216 62.00 34.22 -18.92
C ARG D 216 61.76 35.51 -18.14
N GLU D 217 62.84 36.22 -17.78
CA GLU D 217 62.67 37.49 -17.08
C GLU D 217 61.97 38.53 -17.95
N LEU D 218 62.39 38.62 -19.22
CA LEU D 218 61.76 39.58 -20.14
C LEU D 218 60.28 39.27 -20.30
N ASP D 219 59.94 37.98 -20.42
CA ASP D 219 58.54 37.60 -20.58
C ASP D 219 57.76 37.83 -19.29
N ARG D 220 58.42 37.69 -18.13
CA ARG D 220 57.76 38.03 -16.87
C ARG D 220 57.38 39.50 -16.83
N LEU D 221 58.31 40.37 -17.23
CA LEU D 221 57.98 41.80 -17.26
C LEU D 221 56.92 42.11 -18.30
N GLU D 222 56.97 41.44 -19.45
CA GLU D 222 55.94 41.62 -20.47
C GLU D 222 54.58 41.20 -19.94
N ASP D 223 54.53 40.09 -19.21
CA ASP D 223 53.29 39.64 -18.59
C ASP D 223 52.79 40.64 -17.57
N ILE D 224 53.70 41.19 -16.77
CA ILE D 224 53.31 42.20 -15.79
C ILE D 224 52.65 43.39 -16.49
N TRP D 225 53.27 43.87 -17.57
CA TRP D 225 52.69 45.01 -18.27
C TRP D 225 51.39 44.66 -18.96
N SER D 226 51.28 43.45 -19.51
CA SER D 226 50.01 43.03 -20.13
C SER D 226 48.91 43.00 -19.09
N THR D 227 49.22 42.50 -17.89
CA THR D 227 48.26 42.52 -16.79
C THR D 227 47.88 43.96 -16.45
N PHE D 228 48.87 44.84 -16.39
CA PHE D 228 48.60 46.22 -15.97
C PHE D 228 47.75 46.96 -16.99
N THR D 229 47.95 46.69 -18.28
CA THR D 229 47.19 47.36 -19.33
C THR D 229 45.87 46.65 -19.61
N LYS D 230 45.57 45.60 -18.85
CA LYS D 230 44.33 44.85 -19.01
C LYS D 230 43.60 44.68 -17.68
N LEU D 231 44.18 45.20 -16.60
CA LEU D 231 43.60 45.04 -15.27
C LEU D 231 42.28 45.80 -15.21
N ALA D 232 41.20 45.07 -15.03
CA ALA D 232 39.86 45.62 -14.87
C ALA D 232 39.15 44.85 -13.77
N PRO D 233 38.08 45.41 -13.20
CA PRO D 233 37.35 44.67 -12.17
C PRO D 233 36.81 43.34 -12.68
N LYS D 234 36.65 42.37 -11.78
CA LYS D 234 36.14 41.05 -12.13
C LYS D 234 37.13 40.29 -13.01
N GLN D 235 38.38 40.24 -12.55
CA GLN D 235 39.43 39.48 -13.21
C GLN D 235 40.15 38.64 -12.15
N LEU D 236 40.31 37.35 -12.42
CA LEU D 236 40.90 36.43 -11.46
C LEU D 236 42.40 36.31 -11.72
N ILE D 237 43.20 36.58 -10.69
CA ILE D 237 44.67 36.50 -10.80
C ILE D 237 45.10 35.27 -10.00
N VAL D 238 45.20 34.15 -10.70
CA VAL D 238 45.71 32.90 -10.16
C VAL D 238 47.24 32.99 -10.14
N ASP D 239 47.90 31.98 -9.58
CA ASP D 239 49.37 32.00 -9.47
C ASP D 239 49.82 33.09 -8.51
N GLU D 240 49.56 32.86 -7.21
CA GLU D 240 49.86 33.83 -6.16
C GLU D 240 51.19 34.55 -6.38
N ASN D 241 52.19 33.86 -6.95
CA ASN D 241 53.48 34.51 -7.18
C ASN D 241 53.32 35.70 -8.13
N LEU D 242 52.51 35.54 -9.18
CA LEU D 242 52.29 36.64 -10.12
C LEU D 242 51.62 37.83 -9.43
N TYR D 243 50.59 37.56 -8.62
CA TYR D 243 49.92 38.63 -7.90
C TYR D 243 50.87 39.30 -6.91
N ARG D 244 51.73 38.51 -6.27
CA ARG D 244 52.70 39.07 -5.34
C ARG D 244 53.67 39.99 -6.06
N GLU D 245 54.14 39.59 -7.24
CA GLU D 245 55.00 40.46 -8.03
C GLU D 245 54.27 41.74 -8.42
N LEU D 246 53.01 41.61 -8.85
CA LEU D 246 52.25 42.78 -9.27
C LEU D 246 52.08 43.77 -8.13
N VAL D 247 51.70 43.27 -6.95
CA VAL D 247 51.46 44.17 -5.82
C VAL D 247 52.77 44.75 -5.30
N ASP D 248 53.83 43.94 -5.24
CA ASP D 248 55.11 44.45 -4.75
C ASP D 248 55.66 45.53 -5.66
N ARG D 249 55.61 45.32 -6.98
CA ARG D 249 56.09 46.32 -7.90
C ARG D 249 55.13 47.51 -7.98
N TYR D 250 53.83 47.23 -8.01
CA TYR D 250 52.80 48.26 -8.02
C TYR D 250 51.81 47.95 -6.91
N GLY D 251 52.11 48.43 -5.70
CA GLY D 251 51.19 48.28 -4.59
C GLY D 251 49.90 49.06 -4.76
N GLU D 252 49.99 50.26 -5.30
CA GLU D 252 48.82 51.08 -5.57
C GLU D 252 48.32 50.80 -6.99
N TYR D 253 47.44 51.66 -7.50
CA TYR D 253 46.82 51.59 -8.81
C TYR D 253 45.73 50.54 -8.90
N PHE D 254 45.54 49.72 -7.86
CA PHE D 254 44.48 48.71 -7.87
C PHE D 254 44.40 48.11 -6.48
N THR D 255 43.37 47.29 -6.27
CA THR D 255 43.16 46.57 -5.04
C THR D 255 42.51 45.23 -5.35
N GLY D 256 43.14 44.15 -4.92
CA GLY D 256 42.61 42.82 -5.13
C GLY D 256 42.40 42.11 -3.80
N ALA D 257 41.30 41.38 -3.71
CA ALA D 257 40.95 40.66 -2.49
C ALA D 257 40.67 39.21 -2.86
N MET D 258 40.24 38.42 -1.88
CA MET D 258 40.02 37.00 -2.13
C MET D 258 39.17 36.39 -1.02
N GLY D 259 38.10 35.71 -1.40
CA GLY D 259 37.15 35.16 -0.46
C GLY D 259 35.78 35.80 -0.62
N ALA D 260 34.97 35.64 0.42
CA ALA D 260 33.62 36.21 0.40
C ALA D 260 33.68 37.73 0.49
N GLU D 261 34.65 38.27 1.23
CA GLU D 261 34.74 39.72 1.37
C GLU D 261 35.06 40.39 0.04
N SER D 262 35.78 39.71 -0.85
CA SER D 262 36.05 40.28 -2.17
C SER D 262 34.75 40.44 -2.95
N ILE D 263 33.88 39.43 -2.92
CA ILE D 263 32.60 39.53 -3.61
C ILE D 263 31.72 40.58 -2.94
N GLN D 264 31.80 40.69 -1.62
CA GLN D 264 31.07 41.74 -0.93
C GLN D 264 31.53 43.12 -1.42
N LYS D 265 32.84 43.30 -1.57
CA LYS D 265 33.38 44.55 -2.10
C LYS D 265 32.89 44.78 -3.52
N LEU D 266 32.90 43.74 -4.35
CA LEU D 266 32.43 43.89 -5.72
C LEU D 266 30.97 44.34 -5.75
N ILE D 267 30.14 43.76 -4.88
CA ILE D 267 28.73 44.15 -4.83
C ILE D 267 28.61 45.59 -4.36
N GLU D 268 29.43 45.99 -3.39
CA GLU D 268 29.38 47.38 -2.92
C GLU D 268 29.76 48.34 -4.04
N ASN D 269 30.82 48.03 -4.79
CA ASN D 269 31.27 48.87 -5.90
C ASN D 269 30.61 48.38 -7.19
N PHE D 270 29.28 48.41 -7.18
CA PHE D 270 28.49 47.88 -8.29
C PHE D 270 27.17 48.63 -8.32
N ASP D 271 27.03 49.57 -9.25
CA ASP D 271 25.77 50.28 -9.43
C ASP D 271 24.83 49.45 -10.27
N ILE D 272 23.54 49.49 -9.93
CA ILE D 272 22.54 48.64 -10.59
C ILE D 272 21.94 49.31 -11.83
N ASP D 273 21.87 50.63 -11.86
CA ASP D 273 21.23 51.33 -12.98
C ASP D 273 22.05 51.22 -14.27
N ALA D 274 23.37 51.43 -14.18
CA ALA D 274 24.19 51.35 -15.38
C ALA D 274 24.20 49.94 -15.97
N GLU D 275 24.28 48.93 -15.11
CA GLU D 275 24.26 47.56 -15.60
C GLU D 275 22.92 47.23 -16.26
N ALA D 276 21.81 47.68 -15.64
CA ALA D 276 20.50 47.47 -16.24
C ALA D 276 20.41 48.17 -17.60
N GLU D 277 20.93 49.40 -17.69
CA GLU D 277 20.90 50.12 -18.96
C GLU D 277 21.72 49.37 -20.01
N SER D 278 22.89 48.87 -19.63
CA SER D 278 23.73 48.14 -20.58
C SER D 278 23.03 46.88 -21.08
N LEU D 279 22.41 46.13 -20.17
CA LEU D 279 21.73 44.92 -20.59
C LEU D 279 20.52 45.23 -21.46
N ARG D 280 19.78 46.30 -21.12
CA ARG D 280 18.65 46.70 -21.95
C ARG D 280 19.12 47.12 -23.34
N ASP D 281 20.26 47.80 -23.42
CA ASP D 281 20.80 48.18 -24.72
C ASP D 281 21.21 46.94 -25.52
N VAL D 282 21.87 45.99 -24.86
CA VAL D 282 22.28 44.76 -25.54
C VAL D 282 21.05 44.00 -26.04
N ILE D 283 19.95 44.07 -25.30
CA ILE D 283 18.73 43.37 -25.66
C ILE D 283 18.08 44.05 -26.85
N ARG D 284 17.73 45.33 -26.69
CA ARG D 284 17.00 46.05 -27.74
C ARG D 284 17.82 46.14 -29.01
N ASN D 285 19.07 46.55 -28.91
CA ASN D 285 19.98 46.66 -30.05
C ASN D 285 20.77 45.36 -30.16
N GLY D 286 21.81 45.26 -30.98
CA GLY D 286 22.63 44.07 -31.04
C GLY D 286 21.84 42.84 -31.45
N LYS D 287 21.70 41.90 -30.50
CA LYS D 287 20.89 40.68 -30.58
C LYS D 287 21.78 39.47 -30.76
N GLY D 288 21.25 38.28 -30.49
CA GLY D 288 21.99 37.04 -30.57
C GLY D 288 22.14 36.37 -29.22
N GLN D 289 23.19 35.55 -29.13
CA GLN D 289 23.51 34.87 -27.87
C GLN D 289 23.82 35.91 -26.81
N LYS D 290 24.43 37.02 -27.22
CA LYS D 290 24.60 38.15 -26.33
C LYS D 290 23.26 38.56 -25.73
N LYS D 291 22.24 38.69 -26.58
CA LYS D 291 20.92 39.11 -26.10
C LYS D 291 20.31 38.06 -25.19
N LEU D 292 20.46 36.77 -25.52
CA LEU D 292 19.91 35.73 -24.66
C LEU D 292 20.52 35.78 -23.27
N ARG D 293 21.86 35.84 -23.21
CA ARG D 293 22.52 35.90 -21.91
C ARG D 293 22.16 37.18 -21.16
N ALA D 294 22.09 38.30 -21.89
CA ALA D 294 21.75 39.57 -21.25
C ALA D 294 20.33 39.57 -20.74
N LEU D 295 19.42 38.85 -21.41
CA LEU D 295 18.05 38.74 -20.92
C LEU D 295 18.00 37.89 -19.65
N LYS D 296 18.71 36.76 -19.65
CA LYS D 296 18.76 35.93 -18.46
C LYS D 296 19.34 36.72 -17.28
N ARG D 297 20.34 37.56 -17.55
CA ARG D 297 20.94 38.37 -16.49
C ARG D 297 20.01 39.50 -16.06
N LEU D 298 19.30 40.11 -17.01
CA LEU D 298 18.39 41.18 -16.68
C LEU D 298 17.28 40.67 -15.79
N LYS D 299 16.86 39.42 -15.98
CA LYS D 299 15.84 38.85 -15.12
C LYS D 299 16.23 38.94 -13.64
N VAL D 300 17.53 38.84 -13.35
CA VAL D 300 17.98 38.92 -11.96
C VAL D 300 18.37 40.34 -11.56
N VAL D 301 18.83 41.16 -12.51
CA VAL D 301 19.29 42.50 -12.19
C VAL D 301 18.11 43.42 -11.92
N ALA D 302 17.06 43.30 -12.75
CA ALA D 302 15.89 44.15 -12.61
C ALA D 302 15.20 43.89 -11.27
N ALA D 303 15.32 42.67 -10.76
CA ALA D 303 14.70 42.35 -9.47
C ALA D 303 15.25 43.22 -8.36
N PHE D 304 16.58 43.41 -8.33
CA PHE D 304 17.18 44.30 -7.35
C PHE D 304 17.00 45.77 -7.73
N GLN D 305 16.99 46.10 -9.02
CA GLN D 305 16.85 47.48 -9.42
C GLN D 305 15.50 48.05 -9.00
N GLN D 306 14.41 47.33 -9.31
CA GLN D 306 13.07 47.87 -9.12
C GLN D 306 12.78 48.12 -7.65
N SER D 307 13.18 47.19 -6.78
CA SER D 307 12.82 47.26 -5.37
C SER D 307 13.88 48.01 -4.58
N GLY D 308 13.54 48.31 -3.32
CA GLY D 308 14.49 48.94 -2.42
C GLY D 308 15.45 47.97 -1.75
N ASN D 309 15.27 46.67 -1.95
CA ASN D 309 16.19 45.70 -1.38
C ASN D 309 17.54 45.77 -2.09
N SER D 310 18.60 45.46 -1.34
CA SER D 310 19.95 45.53 -1.87
C SER D 310 20.49 44.12 -2.14
N PRO D 311 21.34 43.95 -3.16
CA PRO D 311 21.91 42.61 -3.40
C PRO D 311 22.89 42.16 -2.34
N MET D 312 23.23 43.01 -1.37
CA MET D 312 24.19 42.64 -0.34
C MET D 312 23.66 41.59 0.63
N GLY D 313 22.41 41.16 0.47
CA GLY D 313 21.88 40.10 1.33
C GLY D 313 22.40 38.73 0.99
N MET D 314 23.09 38.58 -0.13
CA MET D 314 23.63 37.28 -0.50
C MET D 314 24.85 36.92 0.35
N VAL D 315 25.60 37.93 0.78
CA VAL D 315 26.80 37.73 1.59
C VAL D 315 26.43 37.98 3.06
N LEU D 316 26.69 36.99 3.90
CA LEU D 316 26.27 37.04 5.29
C LEU D 316 27.41 37.46 6.20
N ASP D 317 27.07 38.32 7.17
CA ASP D 317 27.95 38.60 8.30
C ASP D 317 27.44 37.97 9.59
N ALA D 318 26.15 37.69 9.68
CA ALA D 318 25.56 36.96 10.79
C ALA D 318 24.73 35.81 10.24
N VAL D 319 24.53 34.79 11.06
CA VAL D 319 23.80 33.59 10.68
C VAL D 319 22.74 33.34 11.74
N PRO D 320 21.46 33.21 11.39
CA PRO D 320 20.44 33.01 12.42
C PRO D 320 20.43 31.59 12.94
N VAL D 321 20.00 31.46 14.20
CA VAL D 321 19.93 30.18 14.89
C VAL D 321 18.46 29.89 15.17
N ILE D 322 17.98 28.76 14.67
CA ILE D 322 16.57 28.39 14.78
C ILE D 322 16.26 28.16 16.25
N PRO D 323 15.02 28.36 16.70
CA PRO D 323 14.73 28.17 18.12
C PRO D 323 14.96 26.74 18.54
N PRO D 324 15.37 26.51 19.80
CA PRO D 324 15.71 25.13 20.20
C PRO D 324 14.56 24.15 20.10
N GLU D 325 13.34 24.56 20.50
CA GLU D 325 12.22 23.63 20.49
C GLU D 325 11.90 23.14 19.09
N LEU D 326 12.35 23.85 18.06
CA LEU D 326 12.22 23.38 16.69
C LEU D 326 13.42 22.56 16.25
N ARG D 327 14.40 22.35 17.14
CA ARG D 327 15.53 21.47 16.88
C ARG D 327 15.94 20.78 18.18
N PRO D 328 15.02 20.09 18.86
CA PRO D 328 15.29 19.62 20.21
C PRO D 328 16.17 18.38 20.23
N MET D 329 16.66 18.07 21.43
CA MET D 329 17.36 16.81 21.70
C MET D 329 16.51 15.97 22.64
N VAL D 330 16.39 14.69 22.33
CA VAL D 330 15.54 13.76 23.08
C VAL D 330 16.43 12.93 23.99
N GLN D 331 16.16 12.99 25.29
CA GLN D 331 16.95 12.27 26.29
C GLN D 331 16.29 10.92 26.58
N LEU D 332 16.54 9.98 25.67
CA LEU D 332 16.07 8.62 25.88
C LEU D 332 16.76 8.01 27.09
N ASP D 333 16.09 7.05 27.72
CA ASP D 333 16.64 6.42 28.92
C ASP D 333 18.01 5.83 28.63
N GLY D 334 18.94 6.04 29.56
CA GLY D 334 20.30 5.57 29.41
C GLY D 334 21.28 6.61 28.95
N GLY D 335 20.90 7.89 28.96
CA GLY D 335 21.78 8.92 28.45
C GLY D 335 21.88 8.96 26.94
N ARG D 336 20.99 8.24 26.25
CA ARG D 336 21.01 8.14 24.79
C ARG D 336 20.39 9.41 24.22
N PHE D 337 21.13 10.51 24.32
CA PHE D 337 20.64 11.82 23.89
C PHE D 337 20.90 11.95 22.38
N ALA D 338 19.82 11.96 21.61
CA ALA D 338 19.93 12.12 20.17
C ALA D 338 19.82 13.60 19.80
N THR D 339 20.83 14.11 19.12
CA THR D 339 20.88 15.51 18.70
C THR D 339 20.46 15.59 17.25
N SER D 340 19.49 16.45 16.96
CA SER D 340 19.05 16.64 15.58
C SER D 340 20.24 17.01 14.70
N ASP D 341 20.10 16.74 13.40
CA ASP D 341 21.19 17.05 12.48
C ASP D 341 21.51 18.54 12.49
N LEU D 342 20.52 19.37 12.82
CA LEU D 342 20.75 20.81 12.87
C LEU D 342 21.80 21.17 13.91
N ASN D 343 21.69 20.60 15.11
CA ASN D 343 22.60 20.97 16.19
C ASN D 343 24.04 20.59 15.83
N ASP D 344 24.23 19.48 15.14
CA ASP D 344 25.58 19.08 14.75
C ASP D 344 26.19 20.10 13.81
N LEU D 345 25.45 20.52 12.79
CA LEU D 345 25.94 21.50 11.82
C LEU D 345 26.18 22.86 12.46
N TYR D 346 25.27 23.26 13.36
CA TYR D 346 25.45 24.49 14.11
C TYR D 346 26.74 24.43 14.91
N ARG D 347 27.01 23.27 15.53
CA ARG D 347 28.26 23.10 16.26
C ARG D 347 29.46 23.20 15.33
N ARG D 348 29.38 22.61 14.14
CA ARG D 348 30.48 22.72 13.19
C ARG D 348 30.78 24.19 12.89
N VAL D 349 29.72 24.94 12.56
CA VAL D 349 29.90 26.34 12.19
C VAL D 349 30.46 27.14 13.35
N ILE D 350 29.94 26.90 14.56
CA ILE D 350 30.41 27.64 15.73
C ILE D 350 31.86 27.31 16.03
N ASN D 351 32.23 26.02 15.95
CA ASN D 351 33.62 25.63 16.15
C ASN D 351 34.53 26.36 15.18
N ARG D 352 34.19 26.32 13.90
CA ARG D 352 35.07 26.95 12.91
C ARG D 352 35.11 28.46 13.07
N ASN D 353 33.98 29.07 13.42
CA ASN D 353 33.96 30.50 13.65
C ASN D 353 34.87 30.89 14.81
N ASN D 354 34.81 30.13 15.91
CA ASN D 354 35.69 30.42 17.04
C ASN D 354 37.14 30.19 16.69
N ARG D 355 37.43 29.12 15.93
CA ARG D 355 38.79 28.85 15.47
C ARG D 355 39.32 30.05 14.69
N LEU D 356 38.56 30.50 13.70
CA LEU D 356 39.00 31.59 12.83
C LEU D 356 39.10 32.90 13.62
N LYS D 357 38.22 33.09 14.59
CA LYS D 357 38.29 34.26 15.45
C LYS D 357 39.57 34.28 16.26
N ARG D 358 39.91 33.15 16.88
CA ARG D 358 41.15 33.08 17.66
C ARG D 358 42.36 33.28 16.75
N LEU D 359 42.35 32.68 15.56
CA LEU D 359 43.51 32.79 14.69
C LEU D 359 43.74 34.22 14.23
N ILE D 360 42.67 34.96 13.96
CA ILE D 360 42.83 36.37 13.60
C ILE D 360 43.27 37.19 14.81
N ASP D 361 42.64 36.95 15.97
CA ASP D 361 42.97 37.73 17.16
C ASP D 361 44.43 37.55 17.56
N LEU D 362 44.91 36.31 17.56
CA LEU D 362 46.29 36.01 17.89
C LEU D 362 47.25 36.34 16.75
N GLY D 363 46.72 36.64 15.57
CA GLY D 363 47.57 36.88 14.42
C GLY D 363 48.03 35.58 13.80
N ALA D 364 48.09 35.53 12.48
CA ALA D 364 48.49 34.31 11.77
C ALA D 364 48.83 34.69 10.34
N PRO D 365 49.60 33.86 9.64
CA PRO D 365 49.86 34.15 8.23
C PRO D 365 48.58 34.10 7.42
N GLU D 366 48.54 34.95 6.38
CA GLU D 366 47.33 35.07 5.59
C GLU D 366 46.90 33.74 5.00
N ILE D 367 47.85 32.84 4.75
CA ILE D 367 47.51 31.54 4.17
C ILE D 367 46.65 30.72 5.13
N ILE D 368 47.07 30.66 6.41
CA ILE D 368 46.31 29.89 7.38
C ILE D 368 44.93 30.49 7.60
N VAL D 369 44.86 31.81 7.71
CA VAL D 369 43.59 32.48 7.91
C VAL D 369 42.66 32.26 6.72
N ASN D 370 43.22 32.30 5.51
CA ASN D 370 42.42 32.04 4.32
C ASN D 370 41.90 30.61 4.31
N ASN D 371 42.74 29.65 4.71
CA ASN D 371 42.29 28.26 4.80
C ASN D 371 41.16 28.12 5.81
N GLU D 372 41.28 28.78 6.95
CA GLU D 372 40.23 28.69 7.96
C GLU D 372 38.95 29.35 7.46
N LYS D 373 39.06 30.46 6.74
CA LYS D 373 37.89 31.08 6.16
C LYS D 373 37.23 30.17 5.14
N ARG D 374 38.03 29.44 4.36
CA ARG D 374 37.46 28.46 3.44
C ARG D 374 36.70 27.39 4.20
N MET D 375 37.25 26.90 5.31
CA MET D 375 36.55 25.89 6.09
C MET D 375 35.26 26.44 6.68
N LEU D 376 35.28 27.68 7.14
CA LEU D 376 34.07 28.31 7.65
C LEU D 376 33.02 28.44 6.55
N GLN D 377 33.45 28.85 5.35
CA GLN D 377 32.53 28.94 4.22
C GLN D 377 31.89 27.59 3.94
N GLU D 378 32.70 26.53 3.92
CA GLU D 378 32.16 25.20 3.67
C GLU D 378 31.21 24.77 4.77
N SER D 379 31.52 25.11 6.02
CA SER D 379 30.63 24.75 7.13
C SER D 379 29.29 25.44 7.00
N VAL D 380 29.29 26.74 6.67
CA VAL D 380 28.02 27.46 6.51
C VAL D 380 27.25 26.92 5.32
N ASP D 381 27.94 26.61 4.23
CA ASP D 381 27.28 26.03 3.07
C ASP D 381 26.63 24.70 3.42
N ALA D 382 27.33 23.87 4.20
CA ALA D 382 26.73 22.63 4.67
C ALA D 382 25.51 22.89 5.55
N LEU D 383 25.61 23.86 6.46
CA LEU D 383 24.47 24.15 7.32
C LEU D 383 23.23 24.54 6.53
N PHE D 384 23.38 25.45 5.57
CA PHE D 384 22.21 25.88 4.81
C PHE D 384 21.73 24.79 3.85
N ASP D 385 22.64 24.18 3.11
CA ASP D 385 22.26 23.16 2.12
C ASP D 385 23.40 22.15 2.06
N ASN D 386 23.24 21.06 2.81
CA ASN D 386 24.29 20.04 2.91
C ASN D 386 24.23 19.13 1.69
N GLY D 387 25.40 18.84 1.12
CA GLY D 387 25.50 17.94 -0.01
C GLY D 387 25.37 18.61 -1.37
N ARG D 388 24.98 19.88 -1.41
CA ARG D 388 24.86 20.57 -2.70
C ARG D 388 26.22 20.70 -3.38
N ARG D 389 27.26 21.03 -2.63
CA ARG D 389 28.60 21.20 -3.16
C ARG D 389 29.52 20.21 -2.48
N GLY D 390 30.28 19.45 -3.29
CA GLY D 390 31.25 18.52 -2.74
C GLY D 390 30.57 17.34 -2.04
N ARG D 391 31.31 16.74 -1.12
CA ARG D 391 30.83 15.56 -0.39
C ARG D 391 29.94 16.00 0.77
N PRO D 392 28.73 15.45 0.92
CA PRO D 392 27.90 15.85 2.05
C PRO D 392 28.58 15.56 3.38
N VAL D 393 28.39 16.46 4.33
CA VAL D 393 28.88 16.26 5.69
C VAL D 393 28.09 15.11 6.30
N THR D 394 28.73 13.97 6.47
CA THR D 394 28.07 12.76 6.95
C THR D 394 28.37 12.53 8.42
N GLY D 395 27.38 11.99 9.13
CA GLY D 395 27.49 11.74 10.53
C GLY D 395 27.71 10.26 10.82
N PRO D 396 27.12 9.74 11.90
CA PRO D 396 27.36 8.32 12.23
C PRO D 396 26.86 7.40 11.13
N GLY D 397 27.66 6.37 10.84
CA GLY D 397 27.27 5.38 9.85
C GLY D 397 27.12 5.91 8.44
N ASN D 398 27.93 6.90 8.08
CA ASN D 398 27.99 7.43 6.72
C ASN D 398 26.59 7.71 6.16
N ARG D 399 25.90 8.64 6.79
CA ARG D 399 24.64 9.16 6.29
C ARG D 399 24.69 10.68 6.24
N PRO D 400 24.28 11.31 5.14
CA PRO D 400 24.28 12.78 5.10
C PRO D 400 23.31 13.35 6.10
N LEU D 401 23.62 14.56 6.56
CA LEU D 401 22.88 15.23 7.61
C LEU D 401 21.75 16.05 7.01
N LYS D 402 20.64 16.16 7.75
CA LYS D 402 19.47 16.93 7.33
C LYS D 402 19.73 18.39 7.62
N SER D 403 20.04 19.14 6.56
CA SER D 403 20.33 20.56 6.70
C SER D 403 19.03 21.36 6.82
N LEU D 404 19.18 22.68 6.94
CA LEU D 404 18.01 23.54 7.01
C LEU D 404 17.22 23.48 5.71
N SER D 405 17.92 23.40 4.58
CA SER D 405 17.25 23.31 3.29
C SER D 405 16.41 22.03 3.17
N ASP D 406 16.74 20.99 3.92
CA ASP D 406 16.02 19.73 3.83
C ASP D 406 14.71 19.72 4.62
N LEU D 407 14.57 20.58 5.63
CA LEU D 407 13.31 20.64 6.36
C LEU D 407 12.19 21.23 5.52
N LEU D 408 12.50 21.82 4.37
CA LEU D 408 11.52 22.48 3.52
C LEU D 408 11.40 21.82 2.14
N LYS D 409 11.84 20.57 2.01
CA LYS D 409 11.90 19.92 0.71
C LYS D 409 11.37 18.50 0.80
N GLY D 410 10.87 18.00 -0.32
CA GLY D 410 10.47 16.61 -0.46
C GLY D 410 9.15 16.31 0.23
N LYS D 411 8.72 15.05 0.07
CA LYS D 411 7.50 14.60 0.71
C LYS D 411 7.61 14.63 2.23
N GLN D 412 8.83 14.62 2.77
CA GLN D 412 9.04 14.70 4.20
C GLN D 412 9.18 16.14 4.70
N GLY D 413 9.44 17.09 3.82
CA GLY D 413 9.59 18.47 4.22
C GLY D 413 8.34 19.01 4.90
N ARG D 414 8.46 20.24 5.41
CA ARG D 414 7.34 20.85 6.11
C ARG D 414 6.14 21.02 5.19
N PHE D 415 6.37 21.49 3.96
CA PHE D 415 5.26 21.93 3.12
C PHE D 415 4.28 20.81 2.85
N ARG D 416 4.77 19.63 2.52
CA ARG D 416 3.93 18.51 2.10
C ARG D 416 3.69 17.50 3.21
N GLN D 417 4.19 17.78 4.40
CA GLN D 417 4.04 16.82 5.51
C GLN D 417 3.24 17.42 6.65
N ASN D 418 3.55 18.65 7.04
CA ASN D 418 2.96 19.25 8.23
C ASN D 418 1.94 20.34 7.92
N LEU D 419 1.96 20.90 6.70
CA LEU D 419 1.07 22.00 6.34
C LEU D 419 -0.11 21.50 5.53
N LEU D 420 0.12 20.83 4.40
CA LEU D 420 -0.97 20.38 3.56
C LEU D 420 -1.75 19.26 4.25
N GLY D 421 -1.08 18.13 4.50
CA GLY D 421 -1.64 17.07 5.32
C GLY D 421 -1.39 17.35 6.79
N LYS D 422 -2.25 16.76 7.62
CA LYS D 422 -2.21 16.98 9.06
C LYS D 422 -2.50 15.66 9.75
N ARG D 423 -2.33 15.66 11.08
CA ARG D 423 -2.79 14.57 11.93
C ARG D 423 -3.86 15.14 12.84
N VAL D 424 -4.91 14.36 13.08
CA VAL D 424 -6.14 14.87 13.66
C VAL D 424 -6.61 13.97 14.78
N ASP D 425 -7.11 14.59 15.85
CA ASP D 425 -7.74 13.87 16.95
C ASP D 425 -9.17 13.53 16.53
N TYR D 426 -9.91 12.90 17.43
CA TYR D 426 -11.29 12.51 17.11
C TYR D 426 -11.27 11.69 15.83
N SER D 427 -10.34 10.74 15.75
CA SER D 427 -10.19 9.93 14.55
C SER D 427 -9.79 8.52 14.95
N GLY D 428 -10.20 7.56 14.14
CA GLY D 428 -9.93 6.16 14.42
C GLY D 428 -9.86 5.38 13.13
N ARG D 429 -9.60 4.08 13.27
CA ARG D 429 -9.37 3.24 12.11
C ARG D 429 -9.60 1.78 12.49
N SER D 430 -10.40 1.09 11.67
CA SER D 430 -10.67 -0.33 11.87
C SER D 430 -10.83 -0.98 10.50
N VAL D 431 -11.04 -2.30 10.52
CA VAL D 431 -11.33 -3.03 9.30
C VAL D 431 -12.82 -2.92 9.00
N ILE D 432 -13.16 -2.81 7.73
CA ILE D 432 -14.54 -2.68 7.29
C ILE D 432 -15.07 -4.06 6.93
N VAL D 433 -16.34 -4.31 7.27
CA VAL D 433 -17.06 -5.49 6.82
C VAL D 433 -18.41 -5.04 6.29
N VAL D 434 -18.99 -5.87 5.44
CA VAL D 434 -20.22 -5.52 4.75
C VAL D 434 -21.38 -5.68 5.70
N GLY D 435 -22.13 -4.60 5.90
CA GLY D 435 -23.37 -4.65 6.63
C GLY D 435 -24.54 -4.50 5.69
N PRO D 436 -25.23 -5.60 5.36
CA PRO D 436 -26.34 -5.52 4.40
C PRO D 436 -27.66 -5.07 4.99
N GLN D 437 -27.78 -5.01 6.31
CA GLN D 437 -28.98 -4.49 6.96
C GLN D 437 -28.91 -2.98 7.18
N LEU D 438 -27.81 -2.34 6.82
CA LEU D 438 -27.67 -0.91 6.97
C LEU D 438 -28.43 -0.17 5.88
N LYS D 439 -28.56 1.13 6.06
CA LYS D 439 -29.16 2.02 5.08
C LYS D 439 -28.09 2.99 4.57
N LEU D 440 -28.34 3.54 3.38
CA LEU D 440 -27.30 4.26 2.66
C LEU D 440 -26.73 5.43 3.45
N HIS D 441 -27.56 6.05 4.30
CA HIS D 441 -27.09 7.11 5.17
C HIS D 441 -26.46 6.60 6.46
N GLN D 442 -26.53 5.29 6.72
CA GLN D 442 -26.09 4.71 7.97
C GLN D 442 -24.78 3.95 7.79
N CYS D 443 -23.99 3.93 8.86
CA CYS D 443 -22.82 3.10 8.96
C CYS D 443 -22.80 2.47 10.34
N GLY D 444 -22.32 1.23 10.43
CA GLY D 444 -22.18 0.58 11.72
C GLY D 444 -20.80 0.85 12.30
N LEU D 445 -20.75 1.24 13.56
CA LEU D 445 -19.52 1.64 14.22
C LEU D 445 -19.29 0.77 15.45
N PRO D 446 -18.12 0.12 15.61
CA PRO D 446 -17.85 -0.58 16.87
C PRO D 446 -18.09 0.30 18.08
N LYS D 447 -18.73 -0.26 19.11
CA LYS D 447 -19.06 0.54 20.28
C LYS D 447 -17.80 1.02 21.00
N LEU D 448 -16.73 0.22 20.97
CA LEU D 448 -15.49 0.61 21.62
C LEU D 448 -14.69 1.64 20.84
N MET D 449 -15.08 1.93 19.59
CA MET D 449 -14.51 3.05 18.85
C MET D 449 -15.37 4.30 19.00
N ALA D 450 -16.69 4.13 19.01
CA ALA D 450 -17.58 5.25 19.26
C ALA D 450 -17.35 5.81 20.65
N LEU D 451 -17.14 4.93 21.63
CA LEU D 451 -16.95 5.36 23.00
C LEU D 451 -15.71 6.25 23.13
N GLU D 452 -14.76 6.09 22.22
CA GLU D 452 -13.53 6.89 22.26
C GLU D 452 -13.65 8.15 21.42
N LEU D 453 -14.22 8.06 20.22
CA LEU D 453 -14.39 9.26 19.41
C LEU D 453 -15.32 10.26 20.07
N PHE D 454 -16.43 9.78 20.65
CA PHE D 454 -17.44 10.63 21.27
C PHE D 454 -17.24 10.76 22.77
N LYS D 455 -15.99 10.68 23.24
CA LYS D 455 -15.74 10.69 24.69
C LYS D 455 -16.22 11.97 25.36
N PRO D 456 -15.89 13.16 24.87
CA PRO D 456 -16.38 14.38 25.54
C PRO D 456 -17.90 14.48 25.58
N PHE D 457 -18.57 14.09 24.50
CA PHE D 457 -20.03 14.14 24.49
C PHE D 457 -20.60 13.21 25.56
N VAL D 458 -20.05 12.00 25.67
CA VAL D 458 -20.52 11.05 26.67
C VAL D 458 -20.26 11.59 28.07
N MET D 459 -19.11 12.22 28.28
CA MET D 459 -18.83 12.79 29.59
C MET D 459 -19.83 13.89 29.94
N LYS D 460 -20.13 14.77 28.98
CA LYS D 460 -21.10 15.83 29.24
C LYS D 460 -22.46 15.25 29.57
N ARG D 461 -22.89 14.23 28.81
CA ARG D 461 -24.22 13.68 29.05
C ARG D 461 -24.27 12.92 30.38
N LEU D 462 -23.17 12.27 30.75
CA LEU D 462 -23.12 11.62 32.06
C LEU D 462 -23.26 12.64 33.18
N VAL D 463 -22.54 13.77 33.06
CA VAL D 463 -22.66 14.81 34.09
C VAL D 463 -24.07 15.40 34.10
N ASP D 464 -24.67 15.53 32.91
CA ASP D 464 -26.03 16.08 32.83
C ASP D 464 -27.03 15.15 33.52
N LEU D 465 -26.89 13.84 33.32
CA LEU D 465 -27.84 12.87 33.86
C LEU D 465 -27.54 12.48 35.30
N ASN D 466 -26.71 13.25 36.00
CA ASN D 466 -26.43 13.03 37.42
C ASN D 466 -25.84 11.65 37.70
N HIS D 467 -25.26 11.01 36.69
CA HIS D 467 -24.53 9.76 36.90
C HIS D 467 -23.09 10.00 37.34
N ALA D 468 -22.67 11.26 37.41
CA ALA D 468 -21.33 11.61 37.86
C ALA D 468 -21.36 13.06 38.32
N GLN D 469 -21.08 13.27 39.62
CA GLN D 469 -21.26 14.60 40.20
C GLN D 469 -20.41 15.64 39.49
N ASN D 470 -19.23 15.24 39.00
CA ASN D 470 -18.32 16.17 38.33
C ASN D 470 -17.78 15.50 37.06
N ILE D 471 -16.97 16.25 36.33
CA ILE D 471 -16.43 15.76 35.06
C ILE D 471 -15.47 14.61 35.30
N LYS D 472 -14.69 14.67 36.38
CA LYS D 472 -13.72 13.61 36.64
C LYS D 472 -14.42 12.27 36.88
N SER D 473 -15.54 12.28 37.60
CA SER D 473 -16.28 11.04 37.82
C SER D 473 -16.80 10.48 36.51
N ALA D 474 -17.32 11.34 35.63
CA ALA D 474 -17.79 10.87 34.34
C ALA D 474 -16.65 10.31 33.50
N LYS D 475 -15.49 10.96 33.55
CA LYS D 475 -14.33 10.45 32.82
C LYS D 475 -13.93 9.08 33.34
N ARG D 476 -13.95 8.89 34.66
CA ARG D 476 -13.64 7.59 35.23
C ARG D 476 -14.66 6.54 34.81
N MET D 477 -15.95 6.92 34.80
CA MET D 477 -16.99 6.01 34.36
C MET D 477 -16.75 5.57 32.93
N VAL D 478 -16.41 6.51 32.05
CA VAL D 478 -16.11 6.17 30.66
C VAL D 478 -14.90 5.25 30.59
N GLU D 479 -13.87 5.55 31.40
CA GLU D 479 -12.65 4.74 31.37
C GLU D 479 -12.92 3.30 31.79
N ARG D 480 -13.77 3.11 32.80
CA ARG D 480 -14.07 1.76 33.30
C ARG D 480 -15.29 1.14 32.63
N GLN D 481 -15.99 1.87 31.76
CA GLN D 481 -17.09 1.34 30.97
C GLN D 481 -18.16 0.70 31.86
N ARG D 482 -18.79 1.53 32.68
CA ARG D 482 -19.93 1.07 33.46
C ARG D 482 -21.13 0.84 32.53
N PRO D 483 -22.07 -0.01 32.93
CA PRO D 483 -23.12 -0.43 31.99
C PRO D 483 -24.03 0.69 31.48
N GLN D 484 -23.92 1.90 32.03
CA GLN D 484 -24.78 3.00 31.60
C GLN D 484 -24.11 3.91 30.56
N VAL D 485 -22.79 3.80 30.40
CA VAL D 485 -22.13 4.60 29.37
C VAL D 485 -22.67 4.25 27.99
N TRP D 486 -22.99 2.97 27.76
CA TRP D 486 -23.55 2.58 26.47
C TRP D 486 -24.92 3.20 26.28
N ASP D 487 -25.73 3.21 27.35
CA ASP D 487 -27.07 3.79 27.27
C ASP D 487 -27.01 5.27 26.95
N VAL D 488 -26.08 6.01 27.55
CA VAL D 488 -25.99 7.43 27.21
C VAL D 488 -25.29 7.62 25.87
N LEU D 489 -24.45 6.67 25.46
CA LEU D 489 -23.71 6.81 24.20
C LEU D 489 -24.62 6.67 23.00
N GLU D 490 -25.59 5.75 23.06
CA GLU D 490 -26.51 5.61 21.96
C GLU D 490 -27.33 6.89 21.76
N GLU D 491 -27.70 7.54 22.85
CA GLU D 491 -28.35 8.85 22.77
C GLU D 491 -27.42 9.93 22.25
N VAL D 492 -26.15 9.91 22.67
CA VAL D 492 -25.20 10.95 22.29
C VAL D 492 -24.91 10.91 20.79
N ILE D 493 -24.59 9.72 20.26
CA ILE D 493 -24.21 9.62 18.86
C ILE D 493 -25.38 9.71 17.90
N ALA D 494 -26.60 9.79 18.42
CA ALA D 494 -27.78 9.83 17.56
C ALA D 494 -27.78 11.07 16.67
N GLU D 495 -27.94 10.88 15.37
CA GLU D 495 -28.01 11.96 14.39
C GLU D 495 -26.78 12.87 14.46
N HIS D 496 -25.60 12.28 14.61
CA HIS D 496 -24.34 13.02 14.55
C HIS D 496 -23.49 12.43 13.43
N PRO D 497 -23.41 13.09 12.26
CA PRO D 497 -22.73 12.46 11.13
C PRO D 497 -21.26 12.19 11.42
N VAL D 498 -20.73 11.15 10.79
CA VAL D 498 -19.36 10.71 10.95
C VAL D 498 -18.76 10.51 9.56
N LEU D 499 -17.69 11.22 9.26
CA LEU D 499 -17.07 11.16 7.93
C LEU D 499 -16.16 9.94 7.87
N LEU D 500 -16.53 8.97 7.03
CA LEU D 500 -15.72 7.78 6.83
C LEU D 500 -14.82 8.00 5.62
N ASN D 501 -13.53 7.76 5.79
CA ASN D 501 -12.52 8.01 4.77
C ASN D 501 -11.72 6.73 4.50
N ARG D 502 -11.44 6.49 3.22
CA ARG D 502 -10.58 5.41 2.80
C ARG D 502 -9.43 5.95 1.97
N ALA D 503 -8.23 5.45 2.25
CA ALA D 503 -7.05 5.85 1.49
C ALA D 503 -6.71 4.80 0.45
N PRO D 504 -6.38 5.19 -0.79
CA PRO D 504 -6.26 6.55 -1.32
C PRO D 504 -7.61 7.20 -1.58
N THR D 505 -7.75 8.48 -1.26
CA THR D 505 -8.97 9.23 -1.55
C THR D 505 -8.82 9.79 -2.97
N LEU D 506 -9.04 8.91 -3.94
CA LEU D 506 -8.77 9.25 -5.33
C LEU D 506 -9.69 10.35 -5.84
N HIS D 507 -10.94 10.36 -5.38
CA HIS D 507 -11.93 11.32 -5.85
C HIS D 507 -12.73 11.86 -4.67
N ARG D 508 -13.69 12.73 -4.98
CA ARG D 508 -14.42 13.45 -3.95
C ARG D 508 -15.17 12.50 -3.02
N LEU D 509 -15.80 11.47 -3.57
CA LEU D 509 -16.63 10.57 -2.79
C LEU D 509 -15.81 9.57 -1.97
N GLY D 510 -14.49 9.74 -1.89
CA GLY D 510 -13.72 8.95 -0.96
C GLY D 510 -13.96 9.30 0.49
N ILE D 511 -14.50 10.50 0.74
CA ILE D 511 -14.95 10.90 2.06
C ILE D 511 -16.46 11.11 1.98
N GLN D 512 -17.19 10.36 2.80
CA GLN D 512 -18.64 10.51 2.89
C GLN D 512 -19.05 10.43 4.35
N ALA D 513 -20.16 11.07 4.68
CA ALA D 513 -20.64 11.17 6.05
C ALA D 513 -21.87 10.28 6.21
N PHE D 514 -21.82 9.38 7.17
CA PHE D 514 -22.91 8.47 7.50
C PHE D 514 -23.41 8.77 8.90
N GLU D 515 -24.47 8.06 9.30
CA GLU D 515 -25.01 8.15 10.64
C GLU D 515 -24.49 6.97 11.46
N PRO D 516 -23.77 7.19 12.56
CA PRO D 516 -23.16 6.06 13.28
C PRO D 516 -24.21 5.23 14.01
N MET D 517 -24.06 3.91 13.94
CA MET D 517 -24.85 2.97 14.72
C MET D 517 -23.90 2.01 15.42
N LEU D 518 -24.08 1.85 16.73
CA LEU D 518 -23.26 0.90 17.46
C LEU D 518 -23.51 -0.51 16.95
N VAL D 519 -22.43 -1.25 16.70
CA VAL D 519 -22.49 -2.63 16.27
C VAL D 519 -21.62 -3.47 17.19
N GLU D 520 -22.12 -4.64 17.56
CA GLU D 520 -21.34 -5.55 18.38
C GLU D 520 -20.22 -6.16 17.53
N GLY D 521 -18.97 -5.92 17.96
CA GLY D 521 -17.81 -6.36 17.23
C GLY D 521 -16.69 -5.34 17.29
N LYS D 522 -15.75 -5.46 16.36
CA LYS D 522 -14.59 -4.57 16.31
C LYS D 522 -14.29 -4.13 14.88
N ALA D 523 -15.30 -4.13 14.01
CA ALA D 523 -15.13 -3.75 12.61
C ALA D 523 -16.21 -2.76 12.23
N ILE D 524 -15.82 -1.72 11.51
CA ILE D 524 -16.78 -0.77 10.94
C ILE D 524 -17.62 -1.52 9.92
N GLN D 525 -18.94 -1.37 10.02
CA GLN D 525 -19.84 -2.00 9.06
C GLN D 525 -20.22 -0.98 7.99
N LEU D 526 -19.82 -1.25 6.75
CA LEU D 526 -19.99 -0.33 5.65
C LEU D 526 -21.10 -0.81 4.75
N HIS D 527 -22.04 0.09 4.46
CA HIS D 527 -23.17 -0.24 3.61
C HIS D 527 -22.67 -0.69 2.23
N PRO D 528 -23.19 -1.80 1.69
CA PRO D 528 -22.56 -2.37 0.48
C PRO D 528 -22.62 -1.47 -0.74
N LEU D 529 -23.54 -0.50 -0.81
CA LEU D 529 -23.68 0.31 -2.02
C LEU D 529 -22.59 1.36 -2.16
N VAL D 530 -22.02 1.87 -1.06
CA VAL D 530 -20.95 2.84 -1.14
C VAL D 530 -19.60 2.22 -1.41
N CYS D 531 -19.55 0.89 -1.59
CA CYS D 531 -18.27 0.24 -1.87
C CYS D 531 -17.67 0.72 -3.18
N GLU D 532 -18.48 0.87 -4.22
CA GLU D 532 -17.95 1.35 -5.48
C GLU D 532 -17.43 2.78 -5.37
N ALA D 533 -18.14 3.62 -4.61
CA ALA D 533 -17.67 4.98 -4.38
C ALA D 533 -16.33 4.99 -3.67
N PHE D 534 -16.23 4.27 -2.54
CA PHE D 534 -14.96 4.16 -1.83
C PHE D 534 -13.97 3.26 -2.56
N ASN D 535 -14.42 2.51 -3.56
CA ASN D 535 -13.59 1.50 -4.22
C ASN D 535 -13.05 0.51 -3.17
N ALA D 536 -13.91 0.15 -2.23
CA ALA D 536 -13.54 -0.66 -1.08
C ALA D 536 -14.17 -2.04 -1.19
N ASP D 537 -13.35 -3.07 -1.15
CA ASP D 537 -13.81 -4.43 -0.96
C ASP D 537 -13.59 -4.84 0.48
N PHE D 538 -13.87 -6.12 0.77
CA PHE D 538 -13.82 -6.65 2.13
C PHE D 538 -12.82 -7.80 2.23
N ASP D 539 -11.62 -7.61 1.66
CA ASP D 539 -10.53 -8.56 1.79
C ASP D 539 -9.44 -8.07 2.75
N GLY D 540 -9.78 -7.19 3.68
CA GLY D 540 -8.82 -6.71 4.65
C GLY D 540 -8.63 -5.20 4.62
N ASP D 541 -9.46 -4.51 3.85
CA ASP D 541 -9.33 -3.06 3.74
C ASP D 541 -9.74 -2.39 5.04
N GLN D 542 -9.06 -1.30 5.37
CA GLN D 542 -9.35 -0.50 6.55
C GLN D 542 -9.84 0.87 6.11
N MET D 543 -10.45 1.60 7.03
CA MET D 543 -10.95 2.93 6.74
C MET D 543 -10.80 3.81 7.97
N ALA D 544 -10.59 5.10 7.73
CA ALA D 544 -10.48 6.10 8.78
C ALA D 544 -11.84 6.68 9.09
N VAL D 545 -12.01 7.11 10.34
CA VAL D 545 -13.24 7.71 10.82
C VAL D 545 -12.91 9.10 11.34
N HIS D 546 -13.70 10.09 10.95
CA HIS D 546 -13.52 11.46 11.41
C HIS D 546 -14.86 12.03 11.85
N LEU D 547 -14.82 12.76 12.97
CA LEU D 547 -16.00 13.29 13.61
C LEU D 547 -15.94 14.82 13.59
N PRO D 548 -16.81 15.49 12.82
CA PRO D 548 -16.86 16.95 12.91
C PRO D 548 -17.54 17.40 14.20
N LEU D 549 -17.10 18.56 14.69
CA LEU D 549 -17.50 19.05 16.00
C LEU D 549 -18.34 20.32 15.91
N SER D 550 -17.83 21.36 15.26
CA SER D 550 -18.53 22.64 15.22
C SER D 550 -19.85 22.49 14.46
N ALA D 551 -20.85 23.29 14.85
CA ALA D 551 -22.15 23.22 14.21
C ALA D 551 -22.04 23.44 12.71
N GLU D 552 -21.12 24.32 12.28
CA GLU D 552 -20.83 24.43 10.86
C GLU D 552 -20.35 23.10 10.31
N ALA D 553 -19.41 22.46 11.00
CA ALA D 553 -18.78 21.25 10.47
C ALA D 553 -19.81 20.13 10.31
N GLN D 554 -20.71 19.99 11.27
CA GLN D 554 -21.73 18.95 11.16
C GLN D 554 -22.75 19.28 10.08
N ALA D 555 -23.00 20.57 9.83
CA ALA D 555 -23.89 20.94 8.73
C ALA D 555 -23.32 20.48 7.40
N GLU D 556 -22.02 20.68 7.18
CA GLU D 556 -21.39 20.13 5.98
C GLU D 556 -21.51 18.62 5.92
N ALA D 557 -21.25 17.94 7.03
CA ALA D 557 -21.29 16.49 7.08
C ALA D 557 -22.69 15.93 6.87
N ARG D 558 -23.72 16.73 7.11
CA ARG D 558 -25.09 16.24 7.05
C ARG D 558 -25.75 16.64 5.75
N ILE D 559 -25.27 17.70 5.10
CA ILE D 559 -25.88 18.20 3.88
C ILE D 559 -24.93 18.02 2.70
N LEU D 560 -23.75 18.63 2.79
CA LEU D 560 -22.77 18.54 1.72
C LEU D 560 -22.32 17.11 1.48
N MET D 561 -22.02 16.38 2.56
CA MET D 561 -21.27 15.13 2.46
C MET D 561 -22.06 13.87 2.81
N LEU D 562 -23.36 13.96 3.08
CA LEU D 562 -24.09 12.75 3.43
C LEU D 562 -24.11 11.79 2.24
N SER D 563 -24.03 10.50 2.55
CA SER D 563 -23.86 9.50 1.50
C SER D 563 -25.09 9.44 0.60
N SER D 564 -26.29 9.48 1.19
CA SER D 564 -27.52 9.37 0.42
C SER D 564 -27.68 10.52 -0.58
N ASN D 565 -27.15 11.70 -0.28
CA ASN D 565 -27.17 12.82 -1.20
C ASN D 565 -26.13 12.68 -2.31
N ASN D 566 -25.12 11.83 -2.12
CA ASN D 566 -24.06 11.62 -3.10
C ASN D 566 -24.31 10.27 -3.75
N ILE D 567 -25.11 10.26 -4.80
CA ILE D 567 -25.42 9.04 -5.55
C ILE D 567 -24.81 9.05 -6.94
N LEU D 568 -24.56 10.22 -7.52
CA LEU D 568 -24.06 10.34 -8.89
C LEU D 568 -22.58 10.70 -8.84
N SER D 569 -21.81 10.10 -9.73
CA SER D 569 -20.38 10.39 -9.78
C SER D 569 -20.15 11.80 -10.35
N PRO D 570 -19.38 12.65 -9.67
CA PRO D 570 -19.13 13.99 -10.25
C PRO D 570 -18.38 13.93 -11.57
N ALA D 571 -17.67 12.84 -11.85
CA ALA D 571 -16.90 12.75 -13.08
C ALA D 571 -17.80 12.69 -14.29
N SER D 572 -18.88 11.91 -14.21
CA SER D 572 -19.78 11.70 -15.34
C SER D 572 -21.25 11.80 -14.98
N GLY D 573 -21.60 11.85 -13.70
CA GLY D 573 -22.99 11.89 -13.30
C GLY D 573 -23.68 10.55 -13.25
N ARG D 574 -22.99 9.47 -13.59
CA ARG D 574 -23.60 8.15 -13.50
C ARG D 574 -23.78 7.77 -12.02
N PRO D 575 -24.79 6.97 -11.71
CA PRO D 575 -25.03 6.59 -10.31
C PRO D 575 -23.95 5.65 -9.80
N LEU D 576 -23.53 5.89 -8.55
CA LEU D 576 -22.54 5.06 -7.87
C LEU D 576 -23.12 4.25 -6.73
N ALA D 577 -24.32 4.55 -6.27
CA ALA D 577 -25.02 3.73 -5.28
C ALA D 577 -25.93 2.71 -5.93
N MET D 578 -25.60 2.31 -7.15
CA MET D 578 -26.34 1.35 -7.96
C MET D 578 -26.08 -0.07 -7.48
N PRO D 579 -27.07 -0.98 -7.54
CA PRO D 579 -26.81 -2.37 -7.15
C PRO D 579 -25.77 -3.01 -8.06
N ARG D 580 -24.98 -3.91 -7.47
CA ARG D 580 -23.89 -4.56 -8.20
C ARG D 580 -23.62 -5.92 -7.56
N LEU D 581 -23.01 -6.80 -8.35
CA LEU D 581 -22.64 -8.14 -7.90
C LEU D 581 -23.86 -8.93 -7.44
N ASP D 582 -23.95 -9.22 -6.14
CA ASP D 582 -25.02 -10.08 -5.65
C ASP D 582 -26.38 -9.45 -5.91
N MET D 583 -26.50 -8.12 -5.74
CA MET D 583 -27.77 -7.47 -6.02
C MET D 583 -28.17 -7.62 -7.48
N VAL D 584 -27.21 -7.42 -8.39
CA VAL D 584 -27.51 -7.57 -9.80
C VAL D 584 -27.93 -8.99 -10.12
N THR D 585 -27.23 -9.98 -9.56
CA THR D 585 -27.62 -11.38 -9.81
C THR D 585 -29.02 -11.66 -9.28
N GLY D 586 -29.31 -11.18 -8.07
CA GLY D 586 -30.62 -11.44 -7.49
C GLY D 586 -31.75 -10.83 -8.30
N LEU D 587 -31.58 -9.56 -8.69
CA LEU D 587 -32.63 -8.91 -9.46
C LEU D 587 -32.75 -9.49 -10.86
N TYR D 588 -31.62 -9.90 -11.45
CA TYR D 588 -31.65 -10.56 -12.75
C TYR D 588 -32.43 -11.86 -12.66
N TYR D 589 -32.22 -12.63 -11.60
CA TYR D 589 -32.97 -13.87 -11.42
C TYR D 589 -34.44 -13.59 -11.19
N LEU D 590 -34.75 -12.66 -10.29
CA LEU D 590 -36.14 -12.35 -9.96
C LEU D 590 -36.91 -11.91 -11.19
N THR D 591 -36.34 -11.01 -11.97
CA THR D 591 -37.01 -10.47 -13.15
C THR D 591 -36.61 -11.25 -14.40
N THR D 592 -37.07 -12.49 -14.51
CA THR D 592 -36.81 -13.30 -15.69
C THR D 592 -38.06 -14.11 -16.02
N GLU D 593 -38.28 -14.34 -17.31
CA GLU D 593 -39.42 -15.09 -17.81
C GLU D 593 -38.88 -16.34 -18.47
N VAL D 594 -39.04 -17.49 -17.82
CA VAL D 594 -38.57 -18.76 -18.34
C VAL D 594 -39.78 -19.51 -18.92
N PRO D 595 -39.81 -19.81 -20.22
CA PRO D 595 -40.97 -20.49 -20.78
C PRO D 595 -41.17 -21.88 -20.19
N GLY D 596 -42.43 -22.31 -20.15
CA GLY D 596 -42.75 -23.64 -19.67
C GLY D 596 -42.46 -23.85 -18.20
N ASP D 597 -42.80 -22.86 -17.37
CA ASP D 597 -42.57 -22.93 -15.94
C ASP D 597 -43.88 -23.26 -15.22
N THR D 598 -43.77 -23.57 -13.92
CA THR D 598 -44.95 -23.92 -13.14
C THR D 598 -45.86 -22.71 -12.97
N GLY D 599 -47.16 -22.94 -13.12
CA GLY D 599 -48.13 -21.87 -12.97
C GLY D 599 -48.17 -20.90 -14.12
N GLU D 600 -47.69 -21.28 -15.29
CA GLU D 600 -47.67 -20.38 -16.43
C GLU D 600 -49.08 -20.22 -17.01
N TYR D 601 -49.30 -19.08 -17.65
CA TYR D 601 -50.60 -18.81 -18.26
C TYR D 601 -50.84 -19.76 -19.42
N GLN D 602 -52.08 -20.26 -19.52
CA GLN D 602 -52.49 -21.18 -20.58
C GLN D 602 -53.82 -20.68 -21.14
N PRO D 603 -54.00 -20.62 -22.46
CA PRO D 603 -55.32 -20.24 -22.99
C PRO D 603 -56.37 -21.32 -22.71
N ALA D 604 -57.61 -21.00 -23.05
CA ALA D 604 -58.69 -21.97 -22.91
C ALA D 604 -58.54 -23.08 -23.94
N SER D 605 -58.82 -24.31 -23.53
CA SER D 605 -58.70 -25.48 -24.38
C SER D 605 -60.03 -25.94 -24.96
N GLY D 606 -61.12 -25.20 -24.72
CA GLY D 606 -62.43 -25.57 -25.19
C GLY D 606 -63.21 -26.46 -24.24
N ASP D 607 -62.58 -26.93 -23.17
CA ASP D 607 -63.24 -27.71 -22.14
C ASP D 607 -63.23 -27.05 -20.77
N HIS D 608 -62.19 -26.29 -20.45
CA HIS D 608 -62.09 -25.55 -19.21
C HIS D 608 -61.66 -24.12 -19.49
N PRO D 609 -61.97 -23.18 -18.58
CA PRO D 609 -61.62 -21.77 -18.85
C PRO D 609 -60.12 -21.51 -18.82
N GLU D 610 -59.74 -20.25 -18.95
CA GLU D 610 -58.33 -19.90 -18.91
C GLU D 610 -57.74 -20.24 -17.55
N THR D 611 -56.45 -20.56 -17.55
CA THR D 611 -55.74 -20.97 -16.35
C THR D 611 -54.49 -20.12 -16.18
N GLY D 612 -54.17 -19.79 -14.93
CA GLY D 612 -53.01 -18.98 -14.63
C GLY D 612 -53.28 -17.50 -14.49
N VAL D 613 -54.54 -17.10 -14.40
CA VAL D 613 -54.91 -15.69 -14.23
C VAL D 613 -55.20 -15.46 -12.75
N TYR D 614 -54.63 -14.39 -12.21
CA TYR D 614 -54.69 -14.10 -10.79
C TYR D 614 -55.38 -12.76 -10.56
N SER D 615 -56.23 -12.71 -9.55
CA SER D 615 -57.02 -11.52 -9.25
C SER D 615 -56.19 -10.39 -8.66
N SER D 616 -55.02 -10.68 -8.13
CA SER D 616 -54.18 -9.65 -7.53
C SER D 616 -52.80 -10.20 -7.24
N PRO D 617 -51.78 -9.36 -7.10
CA PRO D 617 -50.45 -9.88 -6.73
C PRO D 617 -50.44 -10.62 -5.40
N ALA D 618 -51.36 -10.29 -4.49
CA ALA D 618 -51.45 -11.03 -3.24
C ALA D 618 -51.79 -12.49 -3.50
N GLU D 619 -52.74 -12.74 -4.41
CA GLU D 619 -53.08 -14.12 -4.76
C GLU D 619 -51.91 -14.82 -5.43
N ALA D 620 -51.17 -14.10 -6.27
CA ALA D 620 -50.00 -14.70 -6.92
C ALA D 620 -48.95 -15.09 -5.90
N ILE D 621 -48.73 -14.24 -4.89
CA ILE D 621 -47.75 -14.55 -3.86
C ILE D 621 -48.23 -15.73 -3.02
N MET D 622 -49.54 -15.78 -2.74
CA MET D 622 -50.08 -16.90 -2.00
C MET D 622 -49.90 -18.21 -2.77
N ALA D 623 -50.12 -18.17 -4.09
CA ALA D 623 -49.90 -19.35 -4.92
C ALA D 623 -48.43 -19.75 -4.93
N ALA D 624 -47.53 -18.76 -5.03
CA ALA D 624 -46.10 -19.07 -5.05
C ALA D 624 -45.66 -19.71 -3.75
N ASP D 625 -46.17 -19.21 -2.61
CA ASP D 625 -45.78 -19.78 -1.32
C ASP D 625 -46.39 -21.15 -1.09
N ARG D 626 -47.31 -21.59 -1.95
CA ARG D 626 -47.86 -22.93 -1.90
C ARG D 626 -47.20 -23.86 -2.90
N GLY D 627 -46.23 -23.38 -3.68
CA GLY D 627 -45.55 -24.19 -4.66
C GLY D 627 -46.28 -24.31 -5.98
N VAL D 628 -47.51 -23.81 -6.08
CA VAL D 628 -48.27 -23.94 -7.31
C VAL D 628 -47.81 -22.98 -8.39
N LEU D 629 -47.12 -21.90 -8.02
CA LEU D 629 -46.68 -20.89 -8.97
C LEU D 629 -45.18 -20.66 -8.81
N SER D 630 -44.54 -20.38 -9.95
CA SER D 630 -43.13 -20.04 -9.99
C SER D 630 -42.98 -18.53 -10.16
N VAL D 631 -42.04 -17.95 -9.43
CA VAL D 631 -41.83 -16.51 -9.46
C VAL D 631 -41.28 -16.03 -10.79
N ARG D 632 -40.98 -16.95 -11.71
CA ARG D 632 -40.48 -16.60 -13.03
C ARG D 632 -41.35 -17.18 -14.15
N ALA D 633 -42.65 -17.30 -13.92
CA ALA D 633 -43.58 -17.83 -14.89
C ALA D 633 -44.52 -16.73 -15.35
N LYS D 634 -44.74 -16.62 -16.66
CA LYS D 634 -45.64 -15.62 -17.18
C LYS D 634 -47.06 -15.87 -16.67
N ILE D 635 -47.67 -14.86 -16.08
CA ILE D 635 -49.03 -14.91 -15.58
C ILE D 635 -49.76 -13.64 -15.99
N LYS D 636 -51.08 -13.67 -15.88
CA LYS D 636 -51.91 -12.49 -16.06
C LYS D 636 -52.51 -12.12 -14.71
N VAL D 637 -52.04 -11.01 -14.14
CA VAL D 637 -52.52 -10.51 -12.87
C VAL D 637 -53.38 -9.28 -13.13
N ARG D 638 -54.10 -8.87 -12.10
CA ARG D 638 -54.99 -7.70 -12.16
C ARG D 638 -54.40 -6.68 -11.19
N LEU D 639 -53.55 -5.81 -11.71
CA LEU D 639 -52.81 -4.86 -10.89
C LEU D 639 -53.63 -3.61 -10.64
N THR D 640 -53.54 -3.11 -9.40
CA THR D 640 -54.25 -1.88 -9.02
C THR D 640 -53.37 -0.93 -8.22
N GLN D 641 -52.05 -1.15 -8.16
CA GLN D 641 -51.13 -0.28 -7.44
C GLN D 641 -49.88 0.03 -8.25
N LEU D 642 -49.74 -0.57 -9.43
CA LEU D 642 -48.62 -0.32 -10.32
C LEU D 642 -49.09 0.51 -11.49
N ARG D 643 -48.45 1.65 -11.70
CA ARG D 643 -48.83 2.51 -12.82
C ARG D 643 -48.55 1.80 -14.13
N PRO D 644 -49.52 1.73 -15.05
CA PRO D 644 -49.30 0.99 -16.30
C PRO D 644 -48.27 1.66 -17.17
N PRO D 645 -47.73 0.96 -18.17
CA PRO D 645 -46.81 1.62 -19.12
C PRO D 645 -47.49 2.74 -19.90
N VAL D 646 -46.72 3.46 -20.71
CA VAL D 646 -47.26 4.62 -21.41
C VAL D 646 -48.35 4.19 -22.39
N GLU D 647 -48.04 3.19 -23.22
CA GLU D 647 -48.98 2.81 -24.28
C GLU D 647 -50.26 2.22 -23.68
N ILE D 648 -50.14 1.38 -22.67
CA ILE D 648 -51.32 0.76 -22.06
C ILE D 648 -52.18 1.83 -21.40
N GLU D 649 -51.56 2.78 -20.72
CA GLU D 649 -52.33 3.87 -20.12
C GLU D 649 -53.04 4.70 -21.18
N ALA D 650 -52.34 5.00 -22.27
CA ALA D 650 -52.95 5.80 -23.34
C ALA D 650 -54.13 5.09 -23.96
N GLU D 651 -54.01 3.79 -24.21
CA GLU D 651 -55.04 3.04 -24.91
C GLU D 651 -56.07 2.41 -23.97
N LEU D 652 -55.94 2.59 -22.66
CA LEU D 652 -56.93 2.10 -21.71
C LEU D 652 -57.60 3.21 -20.92
N PHE D 653 -56.82 4.09 -20.29
CA PHE D 653 -57.40 5.17 -19.49
C PHE D 653 -57.55 6.45 -20.29
N GLY D 654 -56.48 6.91 -20.94
CA GLY D 654 -56.53 8.21 -21.59
C GLY D 654 -56.84 9.28 -20.58
N HIS D 655 -57.84 10.11 -20.89
CA HIS D 655 -58.31 11.13 -19.96
C HIS D 655 -57.15 11.97 -19.44
N SER D 656 -56.70 11.70 -18.21
CA SER D 656 -55.59 12.43 -17.60
C SER D 656 -54.52 11.50 -17.05
N GLY D 657 -54.90 10.33 -16.55
CA GLY D 657 -53.93 9.43 -15.96
C GLY D 657 -54.62 8.20 -15.43
N TRP D 658 -53.84 7.38 -14.71
CA TRP D 658 -54.37 6.13 -14.19
C TRP D 658 -54.95 6.25 -12.79
N GLN D 659 -54.69 7.37 -12.08
CA GLN D 659 -55.42 7.67 -10.86
C GLN D 659 -55.35 6.50 -9.88
N PRO D 660 -54.21 6.31 -9.17
CA PRO D 660 -53.98 5.05 -8.43
C PRO D 660 -55.19 4.50 -7.69
N GLY D 661 -55.31 3.18 -7.69
CA GLY D 661 -56.51 2.51 -7.24
C GLY D 661 -57.21 1.86 -8.41
N ASP D 662 -57.12 2.50 -9.57
CA ASP D 662 -57.70 1.94 -10.79
C ASP D 662 -56.97 0.66 -11.18
N ALA D 663 -57.73 -0.31 -11.68
CA ALA D 663 -57.21 -1.64 -11.96
C ALA D 663 -56.89 -1.79 -13.44
N TRP D 664 -55.91 -2.66 -13.74
CA TRP D 664 -55.55 -2.98 -15.10
C TRP D 664 -54.90 -4.36 -15.13
N MET D 665 -55.16 -5.10 -16.20
CA MET D 665 -54.63 -6.44 -16.37
C MET D 665 -53.24 -6.39 -16.96
N ALA D 666 -52.31 -7.11 -16.35
CA ALA D 666 -50.92 -7.13 -16.78
C ALA D 666 -50.47 -8.57 -16.96
N GLU D 667 -49.98 -8.89 -18.15
CA GLU D 667 -49.42 -10.21 -18.44
C GLU D 667 -47.91 -10.13 -18.19
N THR D 668 -47.48 -10.55 -17.01
CA THR D 668 -46.09 -10.49 -16.61
C THR D 668 -45.79 -11.67 -15.69
N THR D 669 -44.58 -11.69 -15.17
CA THR D 669 -44.16 -12.69 -14.20
C THR D 669 -44.25 -12.09 -12.80
N LEU D 670 -44.48 -12.95 -11.81
CA LEU D 670 -44.62 -12.47 -10.44
C LEU D 670 -43.37 -11.73 -9.99
N GLY D 671 -42.19 -12.19 -10.40
CA GLY D 671 -40.97 -11.54 -9.99
C GLY D 671 -40.90 -10.08 -10.45
N ARG D 672 -41.34 -9.81 -11.67
CA ARG D 672 -41.33 -8.44 -12.17
C ARG D 672 -42.33 -7.56 -11.43
N VAL D 673 -43.47 -8.12 -11.02
CA VAL D 673 -44.38 -7.38 -10.17
C VAL D 673 -43.70 -7.05 -8.84
N MET D 674 -43.02 -8.02 -8.24
CA MET D 674 -42.31 -7.76 -6.99
C MET D 674 -41.26 -6.67 -7.17
N PHE D 675 -40.53 -6.71 -8.28
CA PHE D 675 -39.47 -5.74 -8.51
C PHE D 675 -40.06 -4.34 -8.71
N ASN D 676 -41.08 -4.21 -9.55
CA ASN D 676 -41.72 -2.91 -9.76
C ASN D 676 -42.42 -2.42 -8.50
N GLU D 677 -42.72 -3.31 -7.56
CA GLU D 677 -43.26 -2.86 -6.28
C GLU D 677 -42.21 -2.19 -5.42
N LEU D 678 -40.94 -2.19 -5.84
CA LEU D 678 -39.88 -1.50 -5.13
C LEU D 678 -39.58 -0.13 -5.71
N LEU D 679 -40.06 0.15 -6.92
CA LEU D 679 -39.89 1.45 -7.53
C LEU D 679 -40.96 2.41 -6.99
N PRO D 680 -40.78 3.72 -7.17
CA PRO D 680 -41.75 4.68 -6.63
C PRO D 680 -43.15 4.48 -7.20
N LEU D 681 -44.16 4.97 -6.48
CA LEU D 681 -45.54 4.72 -6.88
C LEU D 681 -45.82 5.26 -8.28
N GLY D 682 -45.28 6.44 -8.59
CA GLY D 682 -45.55 7.05 -9.87
C GLY D 682 -44.74 6.54 -11.03
N TYR D 683 -43.79 5.64 -10.80
CA TYR D 683 -42.94 5.15 -11.87
C TYR D 683 -43.74 4.21 -12.77
N PRO D 684 -43.71 4.40 -14.09
CA PRO D 684 -44.41 3.46 -14.97
C PRO D 684 -43.84 2.05 -14.84
N PHE D 685 -44.73 1.07 -15.01
CA PHE D 685 -44.37 -0.33 -14.85
C PHE D 685 -43.24 -0.68 -15.81
N VAL D 686 -42.22 -1.36 -15.30
CA VAL D 686 -41.06 -1.78 -16.08
C VAL D 686 -41.12 -3.30 -16.18
N ASN D 687 -41.58 -3.80 -17.31
CA ASN D 687 -41.66 -5.23 -17.58
C ASN D 687 -40.46 -5.60 -18.45
N LYS D 688 -39.32 -5.81 -17.81
CA LYS D 688 -38.10 -6.16 -18.52
C LYS D 688 -37.21 -6.98 -17.61
N GLN D 689 -36.30 -7.74 -18.23
CA GLN D 689 -35.29 -8.47 -17.47
C GLN D 689 -34.20 -7.51 -17.03
N MET D 690 -33.97 -7.43 -15.72
CA MET D 690 -33.16 -6.36 -15.14
C MET D 690 -31.68 -6.70 -15.23
N HIS D 691 -31.16 -6.59 -16.44
CA HIS D 691 -29.72 -6.58 -16.65
C HIS D 691 -29.15 -5.37 -15.90
N LYS D 692 -27.85 -5.30 -15.73
CA LYS D 692 -27.27 -4.15 -15.04
C LYS D 692 -27.51 -2.84 -15.79
N LYS D 693 -27.53 -2.87 -17.12
CA LYS D 693 -27.87 -1.69 -17.89
C LYS D 693 -29.28 -1.21 -17.58
N VAL D 694 -30.24 -2.14 -17.50
CA VAL D 694 -31.63 -1.76 -17.24
C VAL D 694 -31.75 -1.13 -15.86
N GLN D 695 -31.11 -1.72 -14.86
CA GLN D 695 -31.14 -1.16 -13.52
C GLN D 695 -30.47 0.21 -13.48
N ALA D 696 -29.36 0.37 -14.22
CA ALA D 696 -28.71 1.67 -14.29
C ALA D 696 -29.66 2.70 -14.88
N ALA D 697 -30.38 2.32 -15.93
CA ALA D 697 -31.34 3.22 -16.56
C ALA D 697 -32.42 3.63 -15.57
N ILE D 698 -32.95 2.66 -14.82
CA ILE D 698 -33.97 2.96 -13.83
C ILE D 698 -33.45 3.96 -12.80
N ILE D 699 -32.25 3.69 -12.27
CA ILE D 699 -31.71 4.54 -11.22
C ILE D 699 -31.46 5.95 -11.75
N ASN D 700 -30.91 6.05 -12.96
CA ASN D 700 -30.63 7.37 -13.52
C ASN D 700 -31.90 8.14 -13.84
N ASP D 701 -32.93 7.45 -14.33
CA ASP D 701 -34.21 8.10 -14.57
C ASP D 701 -34.80 8.62 -13.26
N LEU D 702 -34.73 7.81 -12.20
CA LEU D 702 -35.19 8.29 -10.90
C LEU D 702 -34.40 9.51 -10.45
N ALA D 703 -33.07 9.48 -10.64
CA ALA D 703 -32.25 10.60 -10.22
C ALA D 703 -32.60 11.87 -10.98
N GLU D 704 -32.88 11.75 -12.27
CA GLU D 704 -33.14 12.91 -13.10
C GLU D 704 -34.59 13.38 -13.05
N ARG D 705 -35.50 12.58 -12.48
CA ARG D 705 -36.92 12.96 -12.40
C ARG D 705 -37.43 13.10 -10.98
N TYR D 706 -36.86 12.38 -10.02
CA TYR D 706 -37.41 12.31 -8.67
C TYR D 706 -36.42 12.96 -7.71
N PRO D 707 -36.87 13.34 -6.51
CA PRO D 707 -35.93 13.83 -5.50
C PRO D 707 -34.89 12.79 -5.16
N MET D 708 -33.85 13.23 -4.46
CA MET D 708 -32.75 12.33 -4.12
C MET D 708 -33.14 11.34 -3.04
N ILE D 709 -34.07 11.70 -2.16
CA ILE D 709 -34.48 10.78 -1.11
C ILE D 709 -35.22 9.59 -1.70
N VAL D 710 -36.03 9.83 -2.73
CA VAL D 710 -36.72 8.74 -3.41
C VAL D 710 -35.70 7.78 -4.02
N VAL D 711 -34.66 8.34 -4.66
CA VAL D 711 -33.65 7.50 -5.29
C VAL D 711 -32.91 6.68 -4.24
N ALA D 712 -32.56 7.31 -3.11
CA ALA D 712 -31.86 6.58 -2.06
C ALA D 712 -32.70 5.44 -1.51
N GLN D 713 -33.97 5.71 -1.21
CA GLN D 713 -34.85 4.67 -0.69
C GLN D 713 -35.04 3.55 -1.72
N THR D 714 -35.14 3.92 -2.99
CA THR D 714 -35.31 2.92 -4.04
C THR D 714 -34.09 2.02 -4.13
N VAL D 715 -32.89 2.59 -4.08
CA VAL D 715 -31.69 1.76 -4.18
C VAL D 715 -31.57 0.87 -2.95
N ASP D 716 -31.97 1.37 -1.78
CA ASP D 716 -31.95 0.52 -0.59
C ASP D 716 -32.90 -0.66 -0.74
N LYS D 717 -34.12 -0.41 -1.22
CA LYS D 717 -35.07 -1.50 -1.41
C LYS D 717 -34.58 -2.50 -2.45
N LEU D 718 -33.98 -2.00 -3.54
CA LEU D 718 -33.44 -2.90 -4.55
C LEU D 718 -32.28 -3.72 -3.99
N LYS D 719 -31.45 -3.12 -3.14
CA LYS D 719 -30.40 -3.87 -2.46
C LYS D 719 -31.00 -5.01 -1.66
N ASP D 720 -32.01 -4.72 -0.85
CA ASP D 720 -32.61 -5.77 -0.03
C ASP D 720 -33.17 -6.88 -0.89
N ALA D 721 -33.91 -6.53 -1.93
CA ALA D 721 -34.53 -7.55 -2.79
C ALA D 721 -33.48 -8.37 -3.51
N GLY D 722 -32.44 -7.72 -4.04
CA GLY D 722 -31.40 -8.45 -4.75
C GLY D 722 -30.63 -9.39 -3.84
N PHE D 723 -30.31 -8.95 -2.62
CA PHE D 723 -29.63 -9.84 -1.68
C PHE D 723 -30.54 -11.01 -1.31
N TYR D 724 -31.84 -10.76 -1.12
CA TYR D 724 -32.74 -11.86 -0.81
C TYR D 724 -32.78 -12.88 -1.95
N TRP D 725 -32.89 -12.42 -3.19
CA TRP D 725 -33.13 -13.33 -4.32
C TRP D 725 -31.85 -13.86 -4.95
N ALA D 726 -30.67 -13.34 -4.58
CA ALA D 726 -29.44 -13.95 -5.06
C ALA D 726 -29.15 -15.24 -4.30
N THR D 727 -29.55 -15.31 -3.03
CA THR D 727 -29.41 -16.54 -2.27
C THR D 727 -30.24 -17.66 -2.87
N ARG D 728 -31.42 -17.33 -3.39
CA ARG D 728 -32.33 -18.30 -3.98
C ARG D 728 -32.10 -18.50 -5.47
N SER D 729 -31.17 -17.75 -6.08
CA SER D 729 -30.89 -17.93 -7.49
C SER D 729 -30.14 -19.23 -7.77
N GLY D 730 -29.60 -19.87 -6.74
CA GLY D 730 -28.89 -21.12 -6.92
C GLY D 730 -27.65 -20.99 -7.78
N VAL D 731 -26.90 -19.91 -7.59
CA VAL D 731 -25.64 -19.69 -8.31
C VAL D 731 -24.54 -20.26 -7.42
N THR D 732 -23.92 -21.33 -7.90
CA THR D 732 -22.78 -21.95 -7.25
C THR D 732 -21.79 -22.39 -8.32
N VAL D 733 -20.66 -22.91 -7.87
CA VAL D 733 -19.60 -23.37 -8.75
C VAL D 733 -19.31 -24.83 -8.44
N SER D 734 -19.17 -25.63 -9.48
CA SER D 734 -18.64 -26.99 -9.38
C SER D 734 -18.00 -27.30 -10.73
N MET D 735 -17.06 -28.24 -10.73
CA MET D 735 -16.45 -28.61 -12.00
C MET D 735 -17.45 -29.26 -12.94
N ALA D 736 -18.61 -29.70 -12.44
CA ALA D 736 -19.70 -30.12 -13.29
C ALA D 736 -20.42 -28.95 -13.94
N ASP D 737 -20.46 -27.80 -13.27
CA ASP D 737 -21.01 -26.57 -13.84
C ASP D 737 -20.08 -25.92 -14.86
N VAL D 738 -18.79 -26.25 -14.84
CA VAL D 738 -17.84 -25.72 -15.81
C VAL D 738 -17.77 -26.74 -16.93
N LEU D 739 -18.66 -26.60 -17.91
CA LEU D 739 -18.70 -27.52 -19.03
C LEU D 739 -17.60 -27.18 -20.02
N VAL D 740 -17.20 -28.18 -20.81
CA VAL D 740 -16.15 -28.00 -21.81
C VAL D 740 -16.76 -28.07 -23.20
N PRO D 741 -16.18 -27.42 -24.21
CA PRO D 741 -16.72 -27.53 -25.55
C PRO D 741 -16.61 -28.96 -26.05
N PRO D 742 -17.53 -29.39 -26.91
CA PRO D 742 -17.59 -30.83 -27.24
C PRO D 742 -16.50 -31.28 -28.19
N ARG D 743 -16.14 -30.47 -29.19
CA ARG D 743 -15.21 -30.87 -30.25
C ARG D 743 -13.94 -30.04 -30.17
N LYS D 744 -13.45 -29.80 -28.95
CA LYS D 744 -12.24 -29.01 -28.80
C LYS D 744 -11.04 -29.68 -29.46
N LYS D 745 -10.93 -31.01 -29.30
CA LYS D 745 -9.81 -31.72 -29.90
C LYS D 745 -9.82 -31.59 -31.42
N GLU D 746 -11.00 -31.65 -32.03
CA GLU D 746 -11.08 -31.53 -33.48
C GLU D 746 -10.54 -30.18 -33.95
N ILE D 747 -10.97 -29.09 -33.29
CA ILE D 747 -10.51 -27.76 -33.67
C ILE D 747 -9.00 -27.65 -33.44
N LEU D 748 -8.51 -28.15 -32.31
CA LEU D 748 -7.09 -28.03 -32.01
C LEU D 748 -6.25 -28.79 -33.02
N ASP D 749 -6.70 -29.99 -33.43
CA ASP D 749 -5.99 -30.72 -34.47
C ASP D 749 -6.05 -29.99 -35.80
N HIS D 750 -7.21 -29.41 -36.13
CA HIS D 750 -7.35 -28.69 -37.38
C HIS D 750 -6.35 -27.54 -37.47
N TYR D 751 -6.20 -26.78 -36.40
CA TYR D 751 -5.26 -25.67 -36.41
C TYR D 751 -3.82 -26.14 -36.21
N GLU D 752 -3.62 -27.30 -35.57
CA GLU D 752 -2.29 -27.88 -35.48
C GLU D 752 -1.77 -28.26 -36.86
N GLU D 753 -2.66 -28.71 -37.74
CA GLU D 753 -2.25 -29.00 -39.12
C GLU D 753 -1.73 -27.74 -39.81
N ARG D 754 -2.43 -26.62 -39.61
CA ARG D 754 -1.96 -25.35 -40.18
C ARG D 754 -0.62 -24.96 -39.60
N ALA D 755 -0.45 -25.12 -38.29
CA ALA D 755 0.83 -24.81 -37.67
C ALA D 755 1.94 -25.67 -38.24
N ASP D 756 1.66 -26.96 -38.45
CA ASP D 756 2.65 -27.86 -39.03
C ASP D 756 3.02 -27.43 -40.45
N LYS D 757 2.03 -27.05 -41.24
CA LYS D 757 2.33 -26.59 -42.60
C LYS D 757 3.18 -25.33 -42.58
N VAL D 758 2.87 -24.40 -41.70
CA VAL D 758 3.68 -23.18 -41.60
C VAL D 758 5.10 -23.53 -41.18
N GLU D 759 5.24 -24.45 -40.23
CA GLU D 759 6.56 -24.85 -39.77
C GLU D 759 7.36 -25.50 -40.88
N LYS D 760 6.73 -26.35 -41.69
CA LYS D 760 7.44 -26.98 -42.80
C LYS D 760 7.86 -25.94 -43.83
N GLN D 761 6.98 -24.98 -44.12
CA GLN D 761 7.35 -23.92 -45.06
C GLN D 761 8.54 -23.12 -44.53
N PHE D 762 8.55 -22.84 -43.23
CA PHE D 762 9.70 -22.17 -42.62
C PHE D 762 10.96 -23.02 -42.76
N GLN D 763 10.84 -24.33 -42.54
CA GLN D 763 12.00 -25.21 -42.66
C GLN D 763 12.56 -25.20 -44.07
N ARG D 764 11.70 -25.17 -45.09
CA ARG D 764 12.15 -25.13 -46.47
C ARG D 764 12.65 -23.75 -46.90
N GLY D 765 12.81 -22.81 -45.97
CA GLY D 765 13.33 -21.50 -46.30
C GLY D 765 12.34 -20.58 -46.99
N ALA D 766 11.06 -20.97 -47.07
CA ALA D 766 10.08 -20.15 -47.75
C ALA D 766 9.85 -18.80 -47.06
N LEU D 767 10.18 -18.69 -45.77
CA LEU D 767 9.94 -17.47 -45.03
C LEU D 767 10.91 -17.40 -43.86
N ASN D 768 11.07 -16.20 -43.32
CA ASN D 768 12.00 -15.95 -42.23
C ASN D 768 11.32 -16.23 -40.89
N HIS D 769 11.99 -15.84 -39.80
CA HIS D 769 11.46 -16.13 -38.46
C HIS D 769 10.23 -15.29 -38.17
N ASP D 770 10.27 -14.00 -38.52
CA ASP D 770 9.18 -13.10 -38.18
C ASP D 770 7.88 -13.52 -38.88
N GLU D 771 7.98 -13.88 -40.16
CA GLU D 771 6.78 -14.31 -40.89
C GLU D 771 6.20 -15.59 -40.29
N ARG D 772 7.07 -16.53 -39.91
CA ARG D 772 6.59 -17.76 -39.27
C ARG D 772 5.87 -17.46 -37.97
N ASN D 773 6.46 -16.60 -37.13
CA ASN D 773 5.82 -16.27 -35.86
C ASN D 773 4.49 -15.57 -36.09
N GLU D 774 4.44 -14.64 -37.05
CA GLU D 774 3.19 -13.95 -37.35
C GLU D 774 2.12 -14.92 -37.82
N ALA D 775 2.49 -15.85 -38.72
CA ALA D 775 1.52 -16.80 -39.23
C ALA D 775 0.99 -17.70 -38.12
N LEU D 776 1.89 -18.20 -37.26
CA LEU D 776 1.44 -19.04 -36.15
C LEU D 776 0.56 -18.25 -35.19
N VAL D 777 0.88 -16.99 -34.94
CA VAL D 777 0.06 -16.17 -34.05
C VAL D 777 -1.34 -16.01 -34.63
N GLU D 778 -1.43 -15.72 -35.93
CA GLU D 778 -2.74 -15.60 -36.54
C GLU D 778 -3.51 -16.91 -36.48
N ILE D 779 -2.83 -18.02 -36.76
CA ILE D 779 -3.49 -19.33 -36.75
C ILE D 779 -4.07 -19.61 -35.37
N TRP D 780 -3.28 -19.38 -34.32
CA TRP D 780 -3.74 -19.72 -32.98
C TRP D 780 -4.75 -18.71 -32.45
N LYS D 781 -4.68 -17.46 -32.90
CA LYS D 781 -5.73 -16.51 -32.56
C LYS D 781 -7.07 -16.95 -33.16
N GLU D 782 -7.04 -17.39 -34.42
CA GLU D 782 -8.25 -17.94 -35.03
C GLU D 782 -8.74 -19.15 -34.27
N ALA D 783 -7.81 -20.03 -33.85
CA ALA D 783 -8.19 -21.22 -33.10
C ALA D 783 -8.87 -20.85 -31.80
N THR D 784 -8.30 -19.89 -31.05
CA THR D 784 -8.88 -19.49 -29.79
C THR D 784 -10.26 -18.86 -29.99
N ASP D 785 -10.40 -18.04 -31.04
CA ASP D 785 -11.70 -17.44 -31.32
C ASP D 785 -12.74 -18.51 -31.64
N GLU D 786 -12.36 -19.51 -32.44
CA GLU D 786 -13.30 -20.58 -32.77
C GLU D 786 -13.68 -21.38 -31.53
N VAL D 787 -12.71 -21.68 -30.67
CA VAL D 787 -13.01 -22.42 -29.45
C VAL D 787 -13.92 -21.60 -28.55
N GLY D 788 -13.69 -20.29 -28.47
CA GLY D 788 -14.58 -19.44 -27.70
C GLY D 788 -15.99 -19.43 -28.25
N GLN D 789 -16.13 -19.39 -29.57
CA GLN D 789 -17.45 -19.44 -30.17
C GLN D 789 -18.15 -20.75 -29.84
N ALA D 790 -17.45 -21.87 -29.96
CA ALA D 790 -18.05 -23.16 -29.65
C ALA D 790 -18.45 -23.24 -28.18
N LEU D 791 -17.59 -22.75 -27.29
CA LEU D 791 -17.90 -22.76 -25.87
C LEU D 791 -19.10 -21.88 -25.56
N ARG D 792 -19.19 -20.72 -26.21
CA ARG D 792 -20.34 -19.85 -26.03
C ARG D 792 -21.62 -20.55 -26.47
N GLU D 793 -21.58 -21.24 -27.60
CA GLU D 793 -22.76 -21.95 -28.07
C GLU D 793 -23.14 -23.08 -27.12
N HIS D 794 -22.15 -23.77 -26.55
CA HIS D 794 -22.43 -25.00 -25.82
C HIS D 794 -23.18 -24.74 -24.52
N TYR D 795 -22.80 -23.71 -23.77
CA TYR D 795 -23.34 -23.53 -22.43
C TYR D 795 -24.85 -23.25 -22.51
N PRO D 796 -25.65 -23.81 -21.59
CA PRO D 796 -27.06 -23.40 -21.51
C PRO D 796 -27.19 -21.94 -21.10
N ASP D 797 -28.41 -21.42 -21.15
CA ASP D 797 -28.66 -20.04 -20.76
C ASP D 797 -28.77 -19.86 -19.26
N ASP D 798 -28.81 -20.95 -18.49
CA ASP D 798 -28.98 -20.89 -17.04
C ASP D 798 -27.76 -21.39 -16.27
N ASN D 799 -26.65 -21.65 -16.95
CA ASN D 799 -25.45 -22.05 -16.24
C ASN D 799 -25.03 -20.93 -15.28
N PRO D 800 -24.74 -21.24 -14.01
CA PRO D 800 -24.42 -20.15 -13.07
C PRO D 800 -23.29 -19.25 -13.53
N ILE D 801 -22.25 -19.81 -14.17
CA ILE D 801 -21.15 -19.00 -14.66
C ILE D 801 -21.64 -18.05 -15.74
N ILE D 802 -22.36 -18.58 -16.73
CA ILE D 802 -22.92 -17.73 -17.77
C ILE D 802 -23.98 -16.80 -17.22
N THR D 803 -24.76 -17.23 -16.22
CA THR D 803 -25.72 -16.31 -15.61
C THR D 803 -25.00 -15.11 -15.01
N ILE D 804 -23.91 -15.35 -14.27
CA ILE D 804 -23.20 -14.27 -13.61
C ILE D 804 -22.54 -13.37 -14.64
N VAL D 805 -22.03 -13.95 -15.74
CA VAL D 805 -21.36 -13.14 -16.75
C VAL D 805 -22.37 -12.30 -17.54
N ASP D 806 -23.43 -12.93 -18.03
CA ASP D 806 -24.41 -12.23 -18.84
C ASP D 806 -25.25 -11.27 -18.02
N SER D 807 -25.32 -11.48 -16.69
CA SER D 807 -26.10 -10.62 -15.82
C SER D 807 -25.47 -9.25 -15.62
N GLY D 808 -24.26 -9.02 -16.13
CA GLY D 808 -23.57 -7.79 -15.90
C GLY D 808 -23.03 -7.62 -14.50
N ALA D 809 -23.18 -8.64 -13.65
CA ALA D 809 -22.73 -8.52 -12.27
C ALA D 809 -21.22 -8.31 -12.19
N THR D 810 -20.46 -9.18 -12.84
CA THR D 810 -19.01 -9.11 -12.76
C THR D 810 -18.41 -10.14 -13.70
N GLY D 811 -17.21 -9.84 -14.20
CA GLY D 811 -16.52 -10.72 -15.12
C GLY D 811 -17.02 -10.59 -16.54
N ASN D 812 -16.32 -11.27 -17.45
CA ASN D 812 -16.64 -11.27 -18.86
C ASN D 812 -16.45 -12.69 -19.40
N PHE D 813 -16.73 -12.87 -20.69
CA PHE D 813 -16.61 -14.20 -21.29
C PHE D 813 -15.17 -14.54 -21.65
N THR D 814 -14.26 -13.57 -21.63
CA THR D 814 -12.84 -13.92 -21.78
C THR D 814 -12.41 -14.82 -20.62
N GLN D 815 -12.82 -14.47 -19.40
CA GLN D 815 -12.49 -15.30 -18.25
C GLN D 815 -13.19 -16.65 -18.32
N THR D 816 -14.42 -16.68 -18.80
CA THR D 816 -15.12 -17.95 -18.98
C THR D 816 -14.40 -18.85 -19.98
N ARG D 817 -13.93 -18.27 -21.09
CA ARG D 817 -13.15 -19.04 -22.04
C ARG D 817 -11.87 -19.56 -21.39
N THR D 818 -11.16 -18.69 -20.67
CA THR D 818 -9.91 -19.11 -20.03
C THR D 818 -10.16 -20.25 -19.05
N LEU D 819 -11.31 -20.23 -18.38
CA LEU D 819 -11.63 -21.28 -17.41
C LEU D 819 -12.04 -22.58 -18.07
N ALA D 820 -12.84 -22.52 -19.13
CA ALA D 820 -13.39 -23.72 -19.75
C ALA D 820 -12.68 -24.11 -21.04
N GLY D 821 -12.67 -23.22 -22.04
CA GLY D 821 -12.18 -23.59 -23.34
C GLY D 821 -10.66 -23.71 -23.43
N MET D 822 -9.98 -22.57 -23.31
CA MET D 822 -8.55 -22.52 -23.57
C MET D 822 -8.07 -21.09 -23.39
N LYS D 823 -6.84 -20.93 -22.90
CA LYS D 823 -6.36 -19.58 -22.57
C LYS D 823 -5.81 -18.85 -23.78
N GLY D 824 -5.16 -19.58 -24.69
CA GLY D 824 -4.67 -18.97 -25.92
C GLY D 824 -3.24 -18.49 -25.82
N LEU D 825 -2.96 -17.43 -26.57
CA LEU D 825 -1.62 -16.88 -26.63
C LEU D 825 -1.25 -16.22 -25.30
N VAL D 826 0.05 -16.30 -24.98
CA VAL D 826 0.62 -15.64 -23.82
C VAL D 826 1.80 -14.80 -24.29
N THR D 827 2.18 -13.83 -23.47
CA THR D 827 3.15 -12.82 -23.85
C THR D 827 4.52 -13.13 -23.26
N ASN D 828 5.55 -12.86 -24.05
CA ASN D 828 6.93 -12.93 -23.60
C ASN D 828 7.22 -11.75 -22.69
N PRO D 829 8.29 -11.81 -21.89
CA PRO D 829 8.65 -10.63 -21.10
C PRO D 829 8.86 -9.39 -21.94
N LYS D 830 9.38 -9.55 -23.17
CA LYS D 830 9.49 -8.42 -24.08
C LYS D 830 8.12 -7.85 -24.40
N GLY D 831 7.13 -8.72 -24.65
CA GLY D 831 5.81 -8.29 -25.02
C GLY D 831 5.25 -9.08 -26.19
N GLU D 832 6.13 -9.70 -26.96
CA GLU D 832 5.70 -10.51 -28.09
C GLU D 832 4.97 -11.76 -27.61
N PHE D 833 4.01 -12.23 -28.40
CA PHE D 833 3.27 -13.42 -28.06
C PHE D 833 4.14 -14.66 -28.17
N ILE D 834 3.92 -15.61 -27.26
CA ILE D 834 4.57 -16.92 -27.37
C ILE D 834 3.86 -17.72 -28.45
N PRO D 835 4.55 -18.20 -29.49
CA PRO D 835 3.86 -18.93 -30.56
C PRO D 835 3.45 -20.35 -30.22
N ARG D 836 3.44 -20.75 -28.94
CA ARG D 836 3.24 -22.16 -28.63
C ARG D 836 1.85 -22.61 -29.08
N PRO D 837 0.73 -22.07 -28.53
CA PRO D 837 0.51 -21.19 -27.38
C PRO D 837 0.07 -21.97 -26.16
N VAL D 838 -0.40 -21.32 -25.10
CA VAL D 838 -1.08 -22.06 -24.04
C VAL D 838 -2.30 -22.74 -24.65
N LYS D 839 -2.46 -24.04 -24.34
CA LYS D 839 -3.48 -24.86 -24.98
C LYS D 839 -4.40 -25.55 -23.99
N SER D 840 -4.18 -25.41 -22.69
CA SER D 840 -5.01 -26.04 -21.68
C SER D 840 -5.65 -24.99 -20.79
N SER D 841 -6.94 -25.15 -20.55
CA SER D 841 -7.69 -24.24 -19.71
C SER D 841 -7.32 -24.47 -18.24
N PHE D 842 -7.83 -23.59 -17.37
CA PHE D 842 -7.58 -23.74 -15.95
C PHE D 842 -8.49 -24.77 -15.31
N ARG D 843 -9.42 -25.36 -16.08
CA ARG D 843 -10.19 -26.49 -15.57
C ARG D 843 -9.44 -27.78 -15.79
N GLU D 844 -8.91 -28.00 -17.00
CA GLU D 844 -8.15 -29.21 -17.28
C GLU D 844 -6.81 -29.20 -16.57
N GLY D 845 -6.30 -28.03 -16.19
CA GLY D 845 -5.03 -27.92 -15.50
C GLY D 845 -3.86 -27.75 -16.43
N LEU D 846 -3.18 -26.62 -16.31
CA LEU D 846 -2.04 -26.32 -17.15
C LEU D 846 -0.85 -27.22 -16.80
N THR D 847 -0.05 -27.53 -17.80
CA THR D 847 1.18 -28.27 -17.59
C THR D 847 2.21 -27.33 -16.98
N VAL D 848 3.45 -27.80 -16.83
CA VAL D 848 4.47 -27.00 -16.16
C VAL D 848 4.88 -25.81 -17.05
N LEU D 849 5.13 -26.10 -18.33
CA LEU D 849 5.57 -25.06 -19.25
C LEU D 849 4.48 -24.02 -19.49
N GLU D 850 3.23 -24.48 -19.65
CA GLU D 850 2.14 -23.53 -19.86
C GLU D 850 1.98 -22.60 -18.66
N TYR D 851 2.04 -23.17 -17.46
CA TYR D 851 1.95 -22.35 -16.26
C TYR D 851 3.09 -21.35 -16.18
N PHE D 852 4.32 -21.78 -16.50
CA PHE D 852 5.45 -20.87 -16.46
C PHE D 852 5.27 -19.72 -17.43
N ILE D 853 4.91 -20.03 -18.68
CA ILE D 853 4.76 -18.97 -19.68
C ILE D 853 3.55 -18.09 -19.39
N ASN D 854 2.60 -18.58 -18.59
CA ASN D 854 1.52 -17.71 -18.12
C ASN D 854 2.00 -16.75 -17.03
N THR D 855 2.79 -17.26 -16.09
CA THR D 855 3.36 -16.38 -15.07
C THR D 855 4.20 -15.29 -15.68
N HIS D 856 4.88 -15.60 -16.79
CA HIS D 856 5.64 -14.62 -17.55
C HIS D 856 4.85 -13.32 -17.73
N GLY D 857 3.63 -13.44 -18.26
CA GLY D 857 2.80 -12.28 -18.49
C GLY D 857 2.05 -11.78 -17.28
N ALA D 858 1.76 -12.64 -16.31
CA ALA D 858 1.06 -12.18 -15.11
C ALA D 858 1.91 -11.24 -14.26
N ARG D 859 3.19 -11.56 -14.07
CA ARG D 859 4.03 -10.73 -13.21
C ARG D 859 4.18 -9.33 -13.79
N LYS D 860 4.32 -9.21 -15.12
CA LYS D 860 4.44 -7.91 -15.74
C LYS D 860 3.21 -7.07 -15.45
N GLY D 861 2.03 -7.69 -15.51
CA GLY D 861 0.80 -6.99 -15.19
C GLY D 861 0.81 -6.46 -13.77
N LEU D 862 1.20 -7.31 -12.81
CA LEU D 862 1.22 -6.85 -11.42
C LEU D 862 2.19 -5.69 -11.24
N ALA D 863 3.41 -5.82 -11.77
CA ALA D 863 4.42 -4.78 -11.57
C ALA D 863 3.99 -3.48 -12.25
N ASP D 864 3.46 -3.56 -13.46
CA ASP D 864 3.01 -2.36 -14.15
C ASP D 864 1.86 -1.71 -13.41
N THR D 865 0.98 -2.52 -12.79
CA THR D 865 -0.09 -1.94 -11.97
C THR D 865 0.50 -1.09 -10.86
N ALA D 866 1.48 -1.64 -10.14
CA ALA D 866 2.09 -0.89 -9.04
C ALA D 866 2.73 0.41 -9.55
N LEU D 867 3.54 0.30 -10.60
CA LEU D 867 4.23 1.50 -11.10
C LEU D 867 3.25 2.52 -11.64
N ARG D 868 2.16 2.07 -12.26
CA ARG D 868 1.21 3.01 -12.83
C ARG D 868 0.38 3.71 -11.75
N THR D 869 0.04 3.03 -10.66
CA THR D 869 -0.61 3.77 -9.58
C THR D 869 0.35 4.80 -9.00
N ALA D 870 1.64 4.44 -8.89
CA ALA D 870 2.62 5.42 -8.43
C ALA D 870 2.65 6.65 -9.35
N ASP D 871 2.64 6.44 -10.66
CA ASP D 871 2.64 7.55 -11.60
C ASP D 871 1.34 8.35 -11.61
N SER D 872 0.20 7.67 -11.49
CA SER D 872 -1.08 8.37 -11.52
C SER D 872 -1.25 9.26 -10.30
N GLY D 873 -0.71 8.85 -9.15
CA GLY D 873 -0.73 9.74 -8.00
C GLY D 873 -0.04 11.06 -8.28
N TYR D 874 1.14 11.00 -8.90
CA TYR D 874 1.87 12.22 -9.24
C TYR D 874 1.12 13.06 -10.25
N LEU D 875 0.53 12.41 -11.26
CA LEU D 875 -0.24 13.16 -12.25
C LEU D 875 -1.43 13.87 -11.58
N THR D 876 -2.12 13.18 -10.68
CA THR D 876 -3.25 13.80 -9.99
C THR D 876 -2.78 14.96 -9.14
N ARG D 877 -1.63 14.83 -8.47
CA ARG D 877 -1.13 15.94 -7.66
C ARG D 877 -0.85 17.16 -8.53
N ARG D 878 -0.20 16.95 -9.67
CA ARG D 878 0.10 18.07 -10.56
C ARG D 878 -1.18 18.70 -11.10
N LEU D 879 -2.17 17.88 -11.46
CA LEU D 879 -3.42 18.41 -11.99
C LEU D 879 -4.18 19.20 -10.92
N VAL D 880 -4.16 18.72 -9.67
CA VAL D 880 -4.84 19.44 -8.61
C VAL D 880 -4.13 20.75 -8.31
N ASP D 881 -2.80 20.78 -8.47
CA ASP D 881 -2.07 22.02 -8.26
C ASP D 881 -2.29 23.03 -9.37
N VAL D 882 -2.31 22.60 -10.63
CA VAL D 882 -2.46 23.56 -11.73
C VAL D 882 -3.84 24.22 -11.72
N SER D 883 -4.89 23.49 -11.36
CA SER D 883 -6.25 23.99 -11.46
C SER D 883 -6.92 24.03 -10.08
N GLN D 884 -6.22 24.55 -9.08
CA GLN D 884 -6.78 24.68 -7.75
C GLN D 884 -7.52 25.99 -7.53
N ASP D 885 -7.31 26.97 -8.40
CA ASP D 885 -7.91 28.30 -8.25
C ASP D 885 -8.93 28.57 -9.34
N VAL D 886 -9.59 27.54 -9.84
CA VAL D 886 -10.73 27.68 -10.75
C VAL D 886 -11.96 27.43 -9.90
N ILE D 887 -12.78 28.47 -9.72
CA ILE D 887 -13.94 28.42 -8.87
C ILE D 887 -15.07 29.15 -9.58
N VAL D 888 -16.29 28.64 -9.42
CA VAL D 888 -17.46 29.35 -9.94
C VAL D 888 -17.66 30.60 -9.11
N ARG D 889 -17.57 31.76 -9.76
CA ARG D 889 -17.61 33.05 -9.08
C ARG D 889 -18.84 33.87 -9.41
N GLU D 890 -19.25 33.89 -10.67
CA GLU D 890 -20.45 34.60 -11.10
C GLU D 890 -21.50 33.61 -11.60
N HIS D 891 -22.76 33.97 -11.38
CA HIS D 891 -23.87 33.18 -11.89
C HIS D 891 -23.97 33.20 -13.41
N ASP D 892 -23.56 34.30 -14.03
CA ASP D 892 -23.57 34.39 -15.49
C ASP D 892 -22.73 35.59 -15.90
N CYS D 893 -21.75 35.36 -16.77
CA CYS D 893 -20.99 36.46 -17.35
C CYS D 893 -21.73 37.11 -18.51
N GLN D 894 -22.83 36.51 -18.97
CA GLN D 894 -23.66 37.08 -20.01
C GLN D 894 -22.87 37.32 -21.29
N THR D 895 -21.88 36.46 -21.54
CA THR D 895 -21.09 36.54 -22.75
C THR D 895 -21.81 35.80 -23.87
N GLU D 896 -21.25 35.88 -25.09
CA GLU D 896 -21.79 35.18 -26.24
C GLU D 896 -20.81 34.19 -26.86
N ARG D 897 -19.58 34.13 -26.36
CA ARG D 897 -18.61 33.17 -26.87
C ARG D 897 -19.01 31.76 -26.48
N GLY D 898 -18.75 30.81 -27.38
CA GLY D 898 -19.10 29.42 -27.13
C GLY D 898 -18.40 28.53 -28.12
N ILE D 899 -18.52 27.23 -27.88
CA ILE D 899 -17.91 26.22 -28.72
C ILE D 899 -19.01 25.36 -29.34
N VAL D 900 -18.71 24.78 -30.49
CA VAL D 900 -19.66 23.98 -31.26
C VAL D 900 -19.34 22.51 -31.07
N VAL D 901 -20.38 21.71 -30.84
CA VAL D 901 -20.25 20.28 -30.58
C VAL D 901 -20.70 19.52 -31.81
N GLU D 902 -20.05 18.39 -32.08
CA GLU D 902 -20.33 17.64 -33.31
C GLU D 902 -21.79 17.26 -33.41
N LEU D 903 -22.32 16.62 -32.36
CA LEU D 903 -23.76 16.36 -32.22
C LEU D 903 -24.35 15.70 -33.46
N ALA D 904 -23.92 14.45 -33.67
CA ALA D 904 -24.59 13.54 -34.60
C ALA D 904 -24.55 14.06 -36.04
N GLU D 905 -23.33 14.08 -36.59
CA GLU D 905 -23.16 14.42 -37.99
C GLU D 905 -24.10 13.60 -38.87
N ARG D 906 -24.49 14.19 -40.00
CA ARG D 906 -25.50 13.57 -40.86
C ARG D 906 -24.87 12.48 -41.73
N ALA D 907 -25.68 11.47 -42.05
CA ALA D 907 -25.23 10.33 -42.83
C ALA D 907 -25.07 10.71 -44.30
N PRO D 908 -24.24 9.97 -45.05
CA PRO D 908 -24.07 10.29 -46.48
C PRO D 908 -25.33 10.09 -47.29
N ASP D 909 -25.95 8.91 -47.18
CA ASP D 909 -27.18 8.63 -47.90
C ASP D 909 -28.34 9.49 -47.40
N GLY D 910 -28.23 10.04 -46.20
CA GLY D 910 -29.27 10.88 -45.64
C GLY D 910 -29.93 10.24 -44.42
N THR D 911 -29.40 10.56 -43.25
CA THR D 911 -29.93 10.03 -41.98
C THR D 911 -29.18 10.69 -40.84
N LEU D 912 -29.83 10.79 -39.67
CA LEU D 912 -29.23 11.45 -38.51
C LEU D 912 -28.76 10.37 -37.53
N ILE D 913 -27.54 9.90 -37.76
CA ILE D 913 -26.91 8.92 -36.88
C ILE D 913 -26.34 9.66 -35.67
N ARG D 914 -26.72 9.21 -34.47
CA ARG D 914 -26.24 9.87 -33.27
C ARG D 914 -24.75 9.62 -33.09
N ASP D 915 -24.02 10.67 -32.73
CA ASP D 915 -22.61 10.53 -32.44
C ASP D 915 -22.44 9.67 -31.18
N PRO D 916 -21.59 8.64 -31.23
CA PRO D 916 -21.50 7.75 -30.05
C PRO D 916 -21.09 8.46 -28.77
N TYR D 917 -20.14 9.39 -28.86
CA TYR D 917 -19.62 10.08 -27.67
C TYR D 917 -20.26 11.45 -27.52
N ILE D 918 -21.58 11.43 -27.31
CA ILE D 918 -22.35 12.65 -27.08
C ILE D 918 -22.60 12.90 -25.59
N GLU D 919 -22.68 11.84 -24.79
CA GLU D 919 -22.91 12.00 -23.35
C GLU D 919 -21.82 12.80 -22.67
N THR D 920 -20.62 12.86 -23.25
CA THR D 920 -19.47 13.53 -22.64
C THR D 920 -19.06 14.79 -23.39
N SER D 921 -19.84 15.23 -24.39
CA SER D 921 -19.48 16.42 -25.14
C SER D 921 -20.64 17.38 -25.37
N ALA D 922 -21.89 16.98 -25.16
CA ALA D 922 -23.04 17.86 -25.37
C ALA D 922 -23.96 17.98 -24.16
N TYR D 923 -24.17 16.91 -23.39
CA TYR D 923 -25.02 17.00 -22.22
C TYR D 923 -24.38 17.89 -21.16
N ALA D 924 -25.20 18.34 -20.22
CA ALA D 924 -24.75 19.12 -19.08
C ALA D 924 -24.05 20.40 -19.54
N ARG D 925 -24.57 21.02 -20.59
CA ARG D 925 -24.07 22.28 -21.11
C ARG D 925 -25.22 23.28 -21.21
N THR D 926 -24.88 24.53 -21.50
CA THR D 926 -25.87 25.58 -21.70
C THR D 926 -25.63 26.21 -23.07
N LEU D 927 -26.70 26.33 -23.86
CA LEU D 927 -26.56 26.84 -25.22
C LEU D 927 -26.11 28.30 -25.21
N GLY D 928 -25.21 28.63 -26.13
CA GLY D 928 -24.77 30.01 -26.29
C GLY D 928 -25.62 30.78 -27.28
N THR D 929 -26.35 30.06 -28.12
CA THR D 929 -27.26 30.65 -29.09
C THR D 929 -28.58 29.88 -29.07
N ASP D 930 -29.45 30.19 -30.03
CA ASP D 930 -30.69 29.47 -30.23
C ASP D 930 -30.52 28.46 -31.35
N ALA D 931 -31.49 27.55 -31.45
CA ALA D 931 -31.49 26.51 -32.48
C ALA D 931 -32.67 26.70 -33.40
N VAL D 932 -32.39 26.93 -34.68
CA VAL D 932 -33.41 27.12 -35.71
C VAL D 932 -33.12 26.17 -36.86
N ASP D 933 -34.14 25.48 -37.34
CA ASP D 933 -34.00 24.49 -38.40
C ASP D 933 -34.94 24.82 -39.55
N GLU D 934 -34.40 24.81 -40.76
CA GLU D 934 -35.20 24.96 -41.99
C GLU D 934 -36.15 26.16 -41.88
N ALA D 935 -35.60 27.29 -41.43
CA ALA D 935 -36.34 28.53 -41.22
C ALA D 935 -37.41 28.40 -40.14
N GLY D 936 -37.41 27.32 -39.37
CA GLY D 936 -38.40 27.13 -38.34
C GLY D 936 -38.11 27.97 -37.11
N ASN D 937 -39.07 27.96 -36.19
CA ASN D 937 -38.93 28.70 -34.95
C ASN D 937 -37.79 28.10 -34.12
N VAL D 938 -37.42 28.82 -33.06
CA VAL D 938 -36.30 28.38 -32.22
C VAL D 938 -36.70 27.10 -31.50
N ILE D 939 -35.95 26.03 -31.75
CA ILE D 939 -36.27 24.74 -31.15
C ILE D 939 -35.95 24.75 -29.66
N VAL D 940 -34.76 25.23 -29.29
CA VAL D 940 -34.33 25.31 -27.90
C VAL D 940 -33.85 26.73 -27.63
N GLU D 941 -34.42 27.35 -26.59
CA GLU D 941 -34.06 28.71 -26.24
C GLU D 941 -32.65 28.76 -25.67
N ARG D 942 -32.01 29.92 -25.83
CA ARG D 942 -30.70 30.14 -25.25
C ARG D 942 -30.77 29.99 -23.74
N GLY D 943 -29.72 29.40 -23.15
CA GLY D 943 -29.69 29.19 -21.72
C GLY D 943 -30.57 28.04 -21.28
N GLN D 944 -30.32 26.85 -21.82
CA GLN D 944 -31.05 25.64 -21.45
C GLN D 944 -30.05 24.54 -21.12
N ASP D 945 -30.40 23.73 -20.12
CA ASP D 945 -29.46 22.73 -19.62
C ASP D 945 -29.05 21.72 -20.68
N LEU D 946 -29.84 21.57 -21.74
CA LEU D 946 -29.50 20.70 -22.87
C LEU D 946 -29.33 19.25 -22.40
N GLY D 947 -30.43 18.73 -21.86
CA GLY D 947 -30.49 17.35 -21.41
C GLY D 947 -31.06 16.42 -22.46
N ASP D 948 -31.60 15.31 -21.99
CA ASP D 948 -32.16 14.32 -22.92
C ASP D 948 -33.32 14.87 -23.74
N PRO D 949 -34.34 15.50 -23.15
CA PRO D 949 -35.41 16.05 -23.99
C PRO D 949 -34.91 17.07 -25.00
N GLU D 950 -33.95 17.91 -24.61
CA GLU D 950 -33.45 18.93 -25.51
C GLU D 950 -32.70 18.32 -26.69
N ILE D 951 -31.83 17.35 -26.42
CA ILE D 951 -31.06 16.75 -27.51
C ILE D 951 -31.98 15.93 -28.41
N ASP D 952 -32.96 15.25 -27.82
CA ASP D 952 -33.93 14.52 -28.64
C ASP D 952 -34.70 15.46 -29.55
N ALA D 953 -35.15 16.60 -29.02
CA ALA D 953 -35.86 17.56 -29.85
C ALA D 953 -34.97 18.14 -30.94
N LEU D 954 -33.70 18.41 -30.61
CA LEU D 954 -32.79 18.95 -31.61
C LEU D 954 -32.57 17.96 -32.74
N LEU D 955 -32.37 16.69 -32.40
CA LEU D 955 -32.18 15.67 -33.44
C LEU D 955 -33.43 15.47 -34.26
N ALA D 956 -34.60 15.49 -33.63
CA ALA D 956 -35.85 15.36 -34.37
C ALA D 956 -36.03 16.53 -35.33
N ALA D 957 -35.69 17.74 -34.89
CA ALA D 957 -35.79 18.90 -35.76
C ALA D 957 -34.87 18.76 -36.98
N GLY D 958 -33.74 18.08 -36.82
CA GLY D 958 -32.85 17.83 -37.93
C GLY D 958 -31.75 18.87 -38.07
N ILE D 959 -31.00 19.12 -36.99
CA ILE D 959 -29.87 20.02 -37.00
C ILE D 959 -28.70 19.33 -36.31
N THR D 960 -27.50 19.49 -36.86
CA THR D 960 -26.35 18.69 -36.49
C THR D 960 -25.39 19.37 -35.53
N GLN D 961 -25.28 20.70 -35.55
CA GLN D 961 -24.34 21.41 -34.70
C GLN D 961 -25.07 22.43 -33.83
N VAL D 962 -24.56 22.63 -32.62
CA VAL D 962 -25.09 23.62 -31.70
C VAL D 962 -23.94 24.23 -30.92
N LYS D 963 -24.02 25.54 -30.67
CA LYS D 963 -23.01 26.27 -29.91
C LYS D 963 -23.44 26.28 -28.45
N VAL D 964 -22.56 25.79 -27.58
CA VAL D 964 -22.85 25.70 -26.15
C VAL D 964 -21.74 26.44 -25.39
N ARG D 965 -22.11 26.93 -24.21
CA ARG D 965 -21.18 27.68 -23.39
C ARG D 965 -20.19 26.75 -22.70
N SER D 966 -18.93 27.16 -22.72
CA SER D 966 -17.85 26.34 -22.18
C SER D 966 -16.93 27.21 -21.33
N VAL D 967 -16.30 26.58 -20.34
CA VAL D 967 -15.37 27.28 -19.47
C VAL D 967 -14.18 27.82 -20.25
N LEU D 968 -13.87 27.23 -21.41
CA LEU D 968 -12.78 27.74 -22.23
C LEU D 968 -13.02 29.18 -22.67
N THR D 969 -14.28 29.64 -22.66
CA THR D 969 -14.64 30.94 -23.20
C THR D 969 -15.28 31.86 -22.15
N CYS D 970 -15.28 31.46 -20.88
CA CYS D 970 -15.89 32.29 -19.85
C CYS D 970 -15.15 33.63 -19.75
N ALA D 971 -15.90 34.69 -19.52
CA ALA D 971 -15.36 36.05 -19.52
C ALA D 971 -15.09 36.60 -18.14
N THR D 972 -15.35 35.82 -17.08
CA THR D 972 -15.11 36.31 -15.73
C THR D 972 -13.62 36.52 -15.50
N SER D 973 -13.30 37.62 -14.81
CA SER D 973 -11.90 37.97 -14.57
C SER D 973 -11.20 36.90 -13.75
N THR D 974 -11.84 36.40 -12.70
CA THR D 974 -11.27 35.40 -11.81
C THR D 974 -12.26 34.26 -11.65
N GLY D 975 -11.93 33.11 -12.20
CA GLY D 975 -12.79 31.94 -12.11
C GLY D 975 -13.84 31.92 -13.21
N VAL D 976 -14.47 30.76 -13.36
CA VAL D 976 -15.51 30.60 -14.37
C VAL D 976 -16.84 31.13 -13.84
N CYS D 977 -17.79 31.28 -14.75
CA CYS D 977 -19.16 31.59 -14.37
C CYS D 977 -19.95 30.28 -14.27
N ALA D 978 -21.12 30.35 -13.65
CA ALA D 978 -21.91 29.14 -13.40
C ALA D 978 -22.57 28.63 -14.67
N THR D 979 -23.02 29.53 -15.54
CA THR D 979 -23.71 29.10 -16.75
C THR D 979 -22.74 28.49 -17.76
N CYS D 980 -21.54 29.07 -17.87
CA CYS D 980 -20.55 28.52 -18.81
C CYS D 980 -20.18 27.09 -18.43
N TYR D 981 -19.97 26.84 -17.14
CA TYR D 981 -19.64 25.48 -16.70
C TYR D 981 -20.78 24.53 -16.99
N GLY D 982 -22.01 24.94 -16.74
CA GLY D 982 -23.16 24.11 -17.01
C GLY D 982 -23.61 23.33 -15.79
N ARG D 983 -24.36 22.26 -16.07
CA ARG D 983 -24.88 21.42 -15.00
C ARG D 983 -23.74 20.82 -14.18
N SER D 984 -23.94 20.79 -12.87
CA SER D 984 -23.04 20.05 -12.00
C SER D 984 -23.39 18.57 -12.06
N MET D 985 -22.45 17.75 -12.53
CA MET D 985 -22.75 16.35 -12.80
C MET D 985 -23.26 15.65 -11.54
N ALA D 986 -22.70 15.98 -10.38
CA ALA D 986 -23.08 15.31 -9.15
C ALA D 986 -24.52 15.64 -8.76
N THR D 987 -24.88 16.92 -8.72
CA THR D 987 -26.19 17.31 -8.23
C THR D 987 -27.28 17.19 -9.27
N GLY D 988 -26.93 17.29 -10.55
CA GLY D 988 -27.90 17.23 -11.62
C GLY D 988 -28.52 18.56 -12.00
N LYS D 989 -28.12 19.64 -11.35
CA LYS D 989 -28.65 20.98 -11.62
C LYS D 989 -27.49 21.91 -11.95
N LEU D 990 -27.81 23.20 -12.11
CA LEU D 990 -26.80 24.19 -12.42
C LEU D 990 -25.82 24.32 -11.25
N VAL D 991 -24.53 24.43 -11.59
CA VAL D 991 -23.51 24.47 -10.56
C VAL D 991 -23.71 25.69 -9.66
N ASP D 992 -23.23 25.58 -8.43
CA ASP D 992 -23.42 26.62 -7.43
C ASP D 992 -22.40 27.74 -7.62
N ILE D 993 -22.53 28.79 -6.80
CA ILE D 993 -21.70 29.98 -6.92
C ILE D 993 -20.44 29.90 -6.05
N GLY D 994 -20.23 28.77 -5.38
CA GLY D 994 -19.01 28.56 -4.61
C GLY D 994 -18.30 27.28 -4.97
N GLU D 995 -18.79 26.60 -6.02
CA GLU D 995 -18.23 25.31 -6.38
C GLU D 995 -16.76 25.44 -6.76
N ALA D 996 -15.94 24.55 -6.18
CA ALA D 996 -14.53 24.45 -6.54
C ALA D 996 -14.42 23.41 -7.65
N VAL D 997 -14.61 23.87 -8.89
CA VAL D 997 -14.72 22.94 -10.01
C VAL D 997 -13.35 22.47 -10.48
N GLY D 998 -12.30 23.24 -10.19
CA GLY D 998 -10.98 22.85 -10.64
C GLY D 998 -10.48 21.58 -9.97
N ILE D 999 -10.65 21.49 -8.65
CA ILE D 999 -10.26 20.28 -7.94
C ILE D 999 -11.12 19.10 -8.37
N VAL D 1000 -12.41 19.34 -8.60
CA VAL D 1000 -13.28 18.26 -9.07
C VAL D 1000 -12.80 17.74 -10.41
N ALA D 1001 -12.44 18.66 -11.31
CA ALA D 1001 -11.96 18.24 -12.63
C ALA D 1001 -10.65 17.45 -12.50
N ALA D 1002 -9.73 17.94 -11.67
CA ALA D 1002 -8.47 17.23 -11.50
C ALA D 1002 -8.67 15.83 -10.95
N GLN D 1003 -9.52 15.70 -9.92
CA GLN D 1003 -9.79 14.39 -9.35
C GLN D 1003 -10.50 13.48 -10.33
N SER D 1004 -11.47 14.00 -11.07
CA SER D 1004 -12.20 13.17 -12.03
C SER D 1004 -11.30 12.68 -13.15
N ILE D 1005 -10.35 13.52 -13.60
CA ILE D 1005 -9.39 13.08 -14.61
C ILE D 1005 -8.32 12.16 -14.03
N GLY D 1006 -8.02 12.29 -12.74
CA GLY D 1006 -6.93 11.54 -12.15
C GLY D 1006 -7.34 10.36 -11.30
N GLU D 1007 -8.63 10.17 -11.10
CA GLU D 1007 -9.10 9.02 -10.34
C GLU D 1007 -9.01 7.74 -11.17
N PRO D 1008 -9.47 7.74 -12.43
CA PRO D 1008 -9.31 6.53 -13.26
C PRO D 1008 -7.94 6.46 -13.95
N GLY D 1009 -6.89 6.51 -13.14
CA GLY D 1009 -5.54 6.34 -13.65
C GLY D 1009 -5.09 4.91 -13.52
N THR D 1010 -5.49 4.26 -12.42
CA THR D 1010 -5.19 2.84 -12.25
C THR D 1010 -5.86 2.01 -13.34
N GLN D 1011 -7.12 2.34 -13.66
CA GLN D 1011 -7.81 1.62 -14.74
C GLN D 1011 -7.07 1.79 -16.06
N LEU D 1012 -6.61 3.01 -16.32
CA LEU D 1012 -5.91 3.30 -17.56
C LEU D 1012 -4.54 2.65 -17.55
N THR D 1013 -4.33 1.69 -18.45
CA THR D 1013 -3.10 0.91 -18.46
C THR D 1013 -1.92 1.76 -18.92
N MET D 1014 -0.72 1.33 -18.52
CA MET D 1014 0.52 1.98 -18.92
C MET D 1014 1.03 1.48 -20.27
N ARG D 1015 0.25 0.68 -20.98
CA ARG D 1015 0.65 0.14 -22.28
C ARG D 1015 1.19 1.22 -23.21
N ASP D 1025 6.25 2.98 -31.26
CA ASP D 1025 6.91 3.71 -30.20
C ASP D 1025 6.02 4.82 -29.63
N ILE D 1026 4.91 5.09 -30.32
CA ILE D 1026 4.00 6.17 -29.92
C ILE D 1026 3.34 5.79 -28.60
N THR D 1027 3.37 6.71 -27.64
CA THR D 1027 2.74 6.47 -26.35
C THR D 1027 1.23 6.50 -26.47
N GLY D 1028 0.55 5.62 -25.72
CA GLY D 1028 -0.89 5.50 -25.81
C GLY D 1028 -1.60 5.23 -24.50
N GLY D 1029 -1.02 5.67 -23.38
CA GLY D 1029 -1.59 5.44 -22.07
C GLY D 1029 -1.33 6.60 -21.14
N LEU D 1030 -1.07 6.27 -19.88
CA LEU D 1030 -0.74 7.29 -18.88
C LEU D 1030 0.45 8.13 -19.28
N PRO D 1031 1.53 7.58 -19.87
CA PRO D 1031 2.58 8.46 -20.41
C PRO D 1031 2.06 9.42 -21.47
N ARG D 1032 1.11 8.97 -22.30
CA ARG D 1032 0.53 9.89 -23.28
C ARG D 1032 -0.23 11.01 -22.60
N VAL D 1033 -1.00 10.69 -21.56
CA VAL D 1033 -1.72 11.72 -20.82
C VAL D 1033 -0.73 12.69 -20.19
N GLN D 1034 0.36 12.17 -19.63
CA GLN D 1034 1.36 13.04 -19.00
C GLN D 1034 1.99 13.99 -20.01
N GLU D 1035 2.43 13.46 -21.15
CA GLU D 1035 3.06 14.31 -22.16
C GLU D 1035 2.06 15.18 -22.89
N LEU D 1036 0.76 14.91 -22.74
CA LEU D 1036 -0.27 15.83 -23.22
C LEU D 1036 -0.43 17.00 -22.27
N PHE D 1037 -0.76 16.72 -21.02
CA PHE D 1037 -1.02 17.79 -20.06
C PHE D 1037 0.25 18.61 -19.81
N GLU D 1038 1.42 18.01 -19.97
CA GLU D 1038 2.67 18.75 -19.88
C GLU D 1038 3.10 19.35 -21.21
N ALA D 1039 2.45 18.96 -22.31
CA ALA D 1039 2.76 19.48 -23.63
C ALA D 1039 4.27 19.46 -23.89
N ARG D 1040 4.91 18.31 -23.71
CA ARG D 1040 6.37 18.30 -23.74
C ARG D 1040 6.91 18.38 -25.16
N VAL D 1041 6.77 17.30 -25.93
CA VAL D 1041 6.89 17.30 -27.39
C VAL D 1041 6.41 15.94 -27.87
N PRO D 1042 5.13 15.59 -27.65
CA PRO D 1042 4.70 14.18 -27.69
C PRO D 1042 5.82 13.15 -27.66
N ARG D 1043 5.73 12.10 -28.48
CA ARG D 1043 6.81 11.15 -28.63
C ARG D 1043 7.36 11.33 -30.04
N GLY D 1044 6.54 11.17 -31.08
CA GLY D 1044 6.95 11.48 -32.44
C GLY D 1044 6.25 12.73 -32.94
N LYS D 1045 6.99 13.84 -33.04
CA LYS D 1045 6.38 15.09 -33.47
C LYS D 1045 6.03 15.04 -34.95
N ALA D 1046 4.94 14.37 -35.27
CA ALA D 1046 4.51 14.26 -36.65
C ALA D 1046 4.26 15.65 -37.23
N PRO D 1047 4.90 16.03 -38.33
CA PRO D 1047 4.71 17.38 -38.87
C PRO D 1047 3.27 17.61 -39.29
N ILE D 1048 2.82 18.85 -39.15
CA ILE D 1048 1.48 19.22 -39.58
C ILE D 1048 1.59 20.26 -40.68
N ALA D 1049 0.55 20.32 -41.53
CA ALA D 1049 0.54 21.28 -42.60
C ALA D 1049 0.48 22.70 -42.04
N ASP D 1050 1.04 23.64 -42.80
CA ASP D 1050 1.03 25.05 -42.43
C ASP D 1050 0.21 25.92 -43.38
N VAL D 1051 -0.06 25.46 -44.60
CA VAL D 1051 -0.84 26.22 -45.56
C VAL D 1051 -1.50 25.23 -46.51
N THR D 1052 -2.62 25.64 -47.10
CA THR D 1052 -3.35 24.79 -48.02
C THR D 1052 -2.57 24.62 -49.33
N GLY D 1053 -2.91 23.56 -50.07
CA GLY D 1053 -2.38 23.31 -51.38
C GLY D 1053 -1.97 21.87 -51.55
N ARG D 1054 -1.61 21.51 -52.78
CA ARG D 1054 -1.19 20.17 -53.11
C ARG D 1054 0.21 19.89 -52.56
N VAL D 1055 0.56 18.61 -52.50
CA VAL D 1055 1.80 18.15 -51.89
C VAL D 1055 2.60 17.40 -52.95
N ARG D 1056 3.92 17.58 -52.94
CA ARG D 1056 4.80 16.97 -53.92
C ARG D 1056 5.74 15.98 -53.25
N LEU D 1057 5.19 15.15 -52.36
CA LEU D 1057 5.98 14.19 -51.60
C LEU D 1057 6.81 13.31 -52.52
N GLU D 1058 8.08 13.13 -52.14
CA GLU D 1058 8.96 12.12 -52.74
C GLU D 1058 9.40 11.15 -51.65
N ASP D 1059 9.61 9.89 -52.06
CA ASP D 1059 9.85 8.80 -51.14
C ASP D 1059 11.32 8.40 -51.17
N GLY D 1060 11.93 8.34 -49.98
CA GLY D 1060 13.29 7.87 -49.83
C GLY D 1060 13.42 6.92 -48.66
N GLU D 1061 14.66 6.69 -48.22
CA GLU D 1061 14.93 5.85 -47.06
C GLU D 1061 15.43 6.73 -45.92
N ARG D 1062 14.88 6.52 -44.73
CA ARG D 1062 15.15 7.34 -43.55
C ARG D 1062 14.69 8.78 -43.72
N PHE D 1063 13.89 9.08 -44.74
CA PHE D 1063 13.40 10.42 -44.97
C PHE D 1063 12.42 10.41 -46.13
N TYR D 1064 11.72 11.53 -46.30
CA TYR D 1064 10.78 11.75 -47.39
C TYR D 1064 11.02 13.15 -47.96
N LYS D 1065 10.12 13.64 -48.81
CA LYS D 1065 10.23 15.01 -49.30
C LYS D 1065 8.87 15.70 -49.32
N ILE D 1066 8.13 15.65 -48.21
CA ILE D 1066 6.76 16.14 -48.22
C ILE D 1066 6.80 17.65 -48.38
N THR D 1067 6.59 18.11 -49.62
CA THR D 1067 6.60 19.53 -49.94
C THR D 1067 5.21 19.95 -50.38
N ILE D 1068 4.68 20.99 -49.72
CA ILE D 1068 3.30 21.43 -49.91
C ILE D 1068 3.32 22.68 -50.78
N VAL D 1069 2.67 22.61 -51.93
CA VAL D 1069 2.58 23.79 -52.80
C VAL D 1069 1.74 24.85 -52.10
N PRO D 1070 2.14 26.13 -52.12
CA PRO D 1070 1.32 27.15 -51.45
C PRO D 1070 0.11 27.58 -52.28
N ASP D 1071 -1.00 26.85 -52.17
CA ASP D 1071 -2.20 27.22 -52.89
C ASP D 1071 -2.62 28.64 -52.57
N ASP D 1072 -2.30 29.12 -51.36
CA ASP D 1072 -2.54 30.52 -51.03
C ASP D 1072 -1.79 31.44 -51.99
N GLY D 1073 -0.59 31.04 -52.40
CA GLY D 1073 0.21 31.82 -53.31
C GLY D 1073 1.54 32.29 -52.77
N GLY D 1074 1.98 31.76 -51.63
CA GLY D 1074 3.25 32.16 -51.05
C GLY D 1074 4.40 31.26 -51.49
N GLU D 1075 4.99 30.53 -50.54
CA GLU D 1075 6.13 29.66 -50.80
C GLU D 1075 5.86 28.27 -50.24
N GLU D 1076 6.57 27.29 -50.80
CA GLU D 1076 6.34 25.90 -50.47
C GLU D 1076 6.83 25.59 -49.05
N VAL D 1077 6.22 24.56 -48.46
CA VAL D 1077 6.60 24.07 -47.15
C VAL D 1077 7.52 22.87 -47.34
N VAL D 1078 8.39 22.64 -46.35
CA VAL D 1078 9.43 21.63 -46.44
C VAL D 1078 9.34 20.70 -45.22
N TYR D 1079 9.21 19.39 -45.48
CA TYR D 1079 9.35 18.34 -44.49
C TYR D 1079 10.09 17.18 -45.18
N ASP D 1080 11.42 17.20 -45.12
CA ASP D 1080 12.20 16.27 -45.92
C ASP D 1080 12.93 15.20 -45.09
N LYS D 1081 13.79 15.61 -44.16
CA LYS D 1081 14.65 14.65 -43.48
C LYS D 1081 13.89 13.86 -42.42
N ILE D 1082 12.65 14.25 -42.12
CA ILE D 1082 11.83 13.56 -41.14
C ILE D 1082 11.75 12.09 -41.53
N SER D 1083 12.04 11.20 -40.58
CA SER D 1083 12.28 9.79 -40.85
C SER D 1083 11.16 9.16 -41.68
N LYS D 1084 11.55 8.41 -42.71
CA LYS D 1084 10.56 7.73 -43.54
C LYS D 1084 9.94 6.56 -42.79
N ARG D 1085 10.60 6.07 -41.75
CA ARG D 1085 10.03 5.00 -40.93
C ARG D 1085 8.68 5.43 -40.37
N GLN D 1086 8.53 6.72 -40.06
CA GLN D 1086 7.24 7.26 -39.66
C GLN D 1086 6.25 7.12 -40.79
N ARG D 1087 5.08 6.58 -40.49
CA ARG D 1087 4.07 6.35 -41.51
C ARG D 1087 3.32 7.64 -41.83
N LEU D 1088 2.62 7.63 -42.96
CA LEU D 1088 1.80 8.75 -43.37
C LEU D 1088 0.42 8.64 -42.71
N ARG D 1089 -0.47 9.59 -43.02
CA ARG D 1089 -1.79 9.65 -42.40
C ARG D 1089 -2.84 9.71 -43.50
N VAL D 1090 -4.02 9.18 -43.20
CA VAL D 1090 -5.15 9.22 -44.14
C VAL D 1090 -6.21 10.17 -43.60
N PHE D 1091 -6.69 11.05 -44.49
CA PHE D 1091 -7.62 12.09 -44.10
C PHE D 1091 -8.64 12.29 -45.21
N LYS D 1092 -9.87 12.61 -44.82
CA LYS D 1092 -10.95 12.87 -45.76
C LYS D 1092 -11.21 11.65 -46.64
N ARG D 1099 -8.62 10.35 -47.93
CA ARG D 1099 -7.61 9.85 -48.85
C ARG D 1099 -6.24 9.78 -48.18
N VAL D 1100 -5.52 8.69 -48.41
CA VAL D 1100 -4.19 8.55 -47.84
C VAL D 1100 -3.28 9.63 -48.40
N LEU D 1101 -2.38 10.13 -47.57
CA LEU D 1101 -1.44 11.15 -48.03
C LEU D 1101 -0.57 10.60 -49.14
N SER D 1102 -0.45 11.37 -50.22
CA SER D 1102 0.35 10.96 -51.37
C SER D 1102 0.71 12.21 -52.17
N ASP D 1103 1.71 12.06 -53.04
CA ASP D 1103 2.08 13.15 -53.92
C ASP D 1103 0.88 13.57 -54.77
N GLY D 1104 0.64 14.88 -54.83
CA GLY D 1104 -0.51 15.43 -55.51
C GLY D 1104 -1.74 15.58 -54.63
N ASP D 1105 -1.76 14.90 -53.49
CA ASP D 1105 -2.90 15.02 -52.58
C ASP D 1105 -2.94 16.41 -51.96
N HIS D 1106 -4.14 16.94 -51.81
CA HIS D 1106 -4.32 18.28 -51.27
C HIS D 1106 -4.40 18.24 -49.75
N VAL D 1107 -3.59 19.07 -49.09
CA VAL D 1107 -3.54 19.15 -47.64
C VAL D 1107 -3.92 20.56 -47.22
N GLU D 1108 -4.68 20.67 -46.14
CA GLU D 1108 -5.23 21.94 -45.70
C GLU D 1108 -4.23 22.66 -44.80
N VAL D 1109 -4.68 23.75 -44.17
CA VAL D 1109 -3.76 24.61 -43.41
C VAL D 1109 -3.18 23.90 -42.20
N GLY D 1110 -3.89 22.92 -41.64
CA GLY D 1110 -3.43 22.24 -40.45
C GLY D 1110 -3.48 20.73 -40.52
N GLN D 1111 -3.72 20.20 -41.72
CA GLN D 1111 -3.77 18.75 -41.89
C GLN D 1111 -2.41 18.14 -41.56
N GLN D 1112 -2.44 17.03 -40.84
CA GLN D 1112 -1.22 16.36 -40.39
C GLN D 1112 -0.69 15.45 -41.49
N LEU D 1113 0.61 15.55 -41.76
CA LEU D 1113 1.22 14.76 -42.84
C LEU D 1113 1.51 13.34 -42.37
N MET D 1114 2.36 13.20 -41.36
CA MET D 1114 2.62 11.89 -40.76
C MET D 1114 1.44 11.55 -39.86
N GLU D 1115 1.57 10.46 -39.10
CA GLU D 1115 0.50 10.04 -38.20
C GLU D 1115 1.10 9.67 -36.85
N GLY D 1116 0.23 9.65 -35.84
CA GLY D 1116 0.65 9.46 -34.46
C GLY D 1116 0.21 10.60 -33.57
N SER D 1117 1.15 11.40 -33.10
CA SER D 1117 0.85 12.54 -32.24
C SER D 1117 1.50 13.78 -32.83
N ALA D 1118 0.87 14.92 -32.56
CA ALA D 1118 1.34 16.23 -33.01
C ALA D 1118 1.74 17.08 -31.82
N ASP D 1119 2.74 17.91 -32.01
CA ASP D 1119 3.22 18.75 -30.92
C ASP D 1119 2.18 19.83 -30.60
N PRO D 1120 1.67 19.93 -29.36
CA PRO D 1120 0.60 20.90 -29.09
C PRO D 1120 0.99 22.35 -29.35
N HIS D 1121 2.29 22.65 -29.33
CA HIS D 1121 2.71 24.04 -29.50
C HIS D 1121 2.59 24.51 -30.95
N GLU D 1122 3.01 23.68 -31.90
CA GLU D 1122 2.97 24.10 -33.30
C GLU D 1122 1.54 24.28 -33.79
N VAL D 1123 0.64 23.40 -33.35
CA VAL D 1123 -0.78 23.56 -33.72
C VAL D 1123 -1.31 24.88 -33.18
N LEU D 1124 -0.87 25.28 -31.98
CA LEU D 1124 -1.26 26.58 -31.45
C LEU D 1124 -0.73 27.71 -32.32
N ARG D 1125 0.54 27.60 -32.74
CA ARG D 1125 1.14 28.65 -33.56
C ARG D 1125 0.44 28.77 -34.92
N VAL D 1126 -0.04 27.66 -35.46
CA VAL D 1126 -0.61 27.65 -36.81
C VAL D 1126 -2.10 27.94 -36.78
N GLN D 1127 -2.85 27.23 -35.92
CA GLN D 1127 -4.30 27.26 -35.96
C GLN D 1127 -4.94 28.00 -34.80
N GLY D 1128 -4.16 28.53 -33.87
CA GLY D 1128 -4.70 29.39 -32.84
C GLY D 1128 -5.09 28.66 -31.57
N PRO D 1129 -5.65 29.41 -30.61
CA PRO D 1129 -5.95 28.80 -29.30
C PRO D 1129 -7.15 27.87 -29.32
N ARG D 1130 -8.20 28.20 -30.07
CA ARG D 1130 -9.37 27.33 -30.12
C ARG D 1130 -9.01 25.95 -30.66
N GLU D 1131 -8.20 25.91 -31.71
CA GLU D 1131 -7.85 24.63 -32.32
C GLU D 1131 -7.04 23.77 -31.36
N VAL D 1132 -6.09 24.37 -30.66
CA VAL D 1132 -5.29 23.58 -29.71
C VAL D 1132 -6.16 23.13 -28.54
N GLN D 1133 -7.13 23.95 -28.12
CA GLN D 1133 -8.04 23.53 -27.07
C GLN D 1133 -8.82 22.28 -27.49
N ILE D 1134 -9.45 22.32 -28.67
CA ILE D 1134 -10.20 21.17 -29.13
C ILE D 1134 -9.27 19.97 -29.33
N HIS D 1135 -8.06 20.22 -29.81
CA HIS D 1135 -7.11 19.13 -30.03
C HIS D 1135 -6.74 18.44 -28.71
N LEU D 1136 -6.44 19.23 -27.69
CA LEU D 1136 -6.07 18.64 -26.40
C LEU D 1136 -7.24 17.87 -25.79
N VAL D 1137 -8.44 18.45 -25.85
CA VAL D 1137 -9.60 17.76 -25.31
C VAL D 1137 -9.81 16.44 -26.05
N ARG D 1138 -9.71 16.48 -27.38
CA ARG D 1138 -9.92 15.27 -28.18
C ARG D 1138 -8.86 14.22 -27.87
N GLU D 1139 -7.60 14.64 -27.70
CA GLU D 1139 -6.54 13.68 -27.42
C GLU D 1139 -6.75 12.98 -26.08
N VAL D 1140 -7.01 13.78 -25.04
CA VAL D 1140 -7.20 13.18 -23.72
C VAL D 1140 -8.43 12.30 -23.70
N GLN D 1141 -9.51 12.74 -24.36
CA GLN D 1141 -10.72 11.92 -24.42
C GLN D 1141 -10.47 10.63 -25.19
N GLU D 1142 -9.68 10.68 -26.26
CA GLU D 1142 -9.34 9.46 -26.98
C GLU D 1142 -8.61 8.50 -26.06
N VAL D 1143 -7.61 9.00 -25.32
CA VAL D 1143 -6.84 8.14 -24.43
C VAL D 1143 -7.74 7.50 -23.40
N TYR D 1144 -8.68 8.27 -22.83
CA TYR D 1144 -9.53 7.73 -21.78
C TYR D 1144 -10.61 6.80 -22.33
N ARG D 1145 -11.16 7.11 -23.50
CA ARG D 1145 -12.18 6.26 -24.10
C ARG D 1145 -11.61 4.92 -24.52
N ALA D 1146 -10.34 4.90 -24.97
CA ALA D 1146 -9.74 3.64 -25.36
C ALA D 1146 -9.80 2.60 -24.24
N GLN D 1147 -9.76 3.05 -22.99
CA GLN D 1147 -9.82 2.17 -21.83
C GLN D 1147 -11.20 2.13 -21.19
N GLY D 1148 -12.25 2.50 -21.93
CA GLY D 1148 -13.61 2.40 -21.41
C GLY D 1148 -13.87 3.24 -20.18
N VAL D 1149 -13.39 4.47 -20.15
CA VAL D 1149 -13.59 5.39 -19.03
C VAL D 1149 -14.27 6.64 -19.56
N SER D 1150 -15.35 7.05 -18.90
CA SER D 1150 -16.14 8.21 -19.31
C SER D 1150 -15.83 9.37 -18.39
N ILE D 1151 -15.31 10.45 -18.96
CA ILE D 1151 -15.10 11.71 -18.26
C ILE D 1151 -15.70 12.81 -19.13
N HIS D 1152 -16.65 13.57 -18.57
CA HIS D 1152 -17.25 14.65 -19.34
C HIS D 1152 -16.17 15.67 -19.70
N ASP D 1153 -16.29 16.22 -20.91
CA ASP D 1153 -15.20 17.04 -21.44
C ASP D 1153 -14.99 18.32 -20.66
N LYS D 1154 -15.92 18.71 -19.79
CA LYS D 1154 -15.78 19.99 -19.11
C LYS D 1154 -14.62 19.98 -18.12
N HIS D 1155 -14.27 18.81 -17.57
CA HIS D 1155 -13.13 18.75 -16.66
C HIS D 1155 -11.82 18.97 -17.41
N ILE D 1156 -11.65 18.27 -18.53
CA ILE D 1156 -10.47 18.48 -19.36
C ILE D 1156 -10.46 19.90 -19.87
N GLU D 1157 -11.64 20.49 -20.12
CA GLU D 1157 -11.71 21.87 -20.55
C GLU D 1157 -11.23 22.83 -19.47
N VAL D 1158 -11.59 22.55 -18.20
CA VAL D 1158 -11.07 23.37 -17.11
C VAL D 1158 -9.55 23.30 -17.09
N ILE D 1159 -9.00 22.09 -17.18
CA ILE D 1159 -7.54 21.96 -17.13
C ILE D 1159 -6.90 22.70 -18.30
N VAL D 1160 -7.45 22.53 -19.50
CA VAL D 1160 -6.88 23.16 -20.68
C VAL D 1160 -6.98 24.68 -20.59
N ARG D 1161 -8.11 25.20 -20.11
CA ARG D 1161 -8.21 26.63 -19.82
C ARG D 1161 -7.07 27.07 -18.93
N GLN D 1162 -6.78 26.28 -17.89
CA GLN D 1162 -5.66 26.65 -17.00
C GLN D 1162 -4.33 26.60 -17.73
N MET D 1163 -4.18 25.71 -18.71
CA MET D 1163 -2.90 25.60 -19.42
C MET D 1163 -2.66 26.75 -20.39
N LEU D 1164 -3.73 27.34 -20.94
CA LEU D 1164 -3.64 28.38 -21.95
C LEU D 1164 -3.92 29.77 -21.36
N ARG D 1165 -3.39 30.05 -20.18
CA ARG D 1165 -3.73 31.29 -19.47
C ARG D 1165 -2.84 32.47 -19.87
N ARG D 1166 -1.57 32.23 -20.16
CA ARG D 1166 -0.60 33.31 -20.29
C ARG D 1166 -0.30 33.62 -21.76
N VAL D 1167 0.50 34.67 -21.95
CA VAL D 1167 1.00 35.08 -23.26
C VAL D 1167 2.45 35.47 -23.12
N THR D 1168 3.27 35.08 -24.10
CA THR D 1168 4.68 35.43 -24.13
C THR D 1168 4.86 36.82 -24.72
N ILE D 1169 5.81 37.58 -24.17
CA ILE D 1169 6.03 38.98 -24.55
C ILE D 1169 7.05 39.00 -25.67
N ILE D 1170 6.63 39.44 -26.85
CA ILE D 1170 7.55 39.55 -27.99
C ILE D 1170 8.26 40.89 -27.96
N ASP D 1171 7.52 41.99 -27.80
CA ASP D 1171 8.06 43.34 -27.75
C ASP D 1171 7.78 43.91 -26.37
N SER D 1172 8.82 44.37 -25.69
CA SER D 1172 8.67 44.94 -24.36
C SER D 1172 7.78 46.17 -24.39
N GLY D 1173 7.99 47.05 -25.37
CA GLY D 1173 7.19 48.26 -25.47
C GLY D 1173 7.45 49.21 -24.31
N SER D 1174 6.56 50.19 -24.20
CA SER D 1174 6.64 51.17 -23.12
C SER D 1174 6.36 50.51 -21.78
N THR D 1175 5.64 49.39 -21.80
CA THR D 1175 5.34 48.65 -20.58
C THR D 1175 6.58 47.90 -20.11
N GLU D 1176 6.61 47.60 -18.81
CA GLU D 1176 7.80 47.04 -18.15
C GLU D 1176 7.73 45.51 -18.19
N PHE D 1177 7.68 45.00 -19.42
CA PHE D 1177 7.64 43.55 -19.69
C PHE D 1177 8.94 43.18 -20.40
N LEU D 1178 9.76 42.37 -19.74
CA LEU D 1178 10.99 41.90 -20.34
C LEU D 1178 10.66 40.97 -21.51
N PRO D 1179 11.30 41.12 -22.67
CA PRO D 1179 10.97 40.24 -23.79
C PRO D 1179 11.18 38.77 -23.44
N GLY D 1180 10.29 37.92 -23.94
CA GLY D 1180 10.38 36.50 -23.70
C GLY D 1180 9.80 36.04 -22.38
N SER D 1181 9.28 36.95 -21.56
CA SER D 1181 8.68 36.58 -20.29
C SER D 1181 7.19 36.36 -20.47
N LEU D 1182 6.71 35.21 -19.99
CA LEU D 1182 5.29 34.88 -20.08
C LEU D 1182 4.54 35.56 -18.95
N ILE D 1183 3.61 36.44 -19.29
CA ILE D 1183 2.78 37.12 -18.30
C ILE D 1183 1.33 36.73 -18.56
N ASP D 1184 0.50 36.86 -17.52
CA ASP D 1184 -0.88 36.47 -17.62
C ASP D 1184 -1.64 37.44 -18.54
N ARG D 1185 -2.73 36.94 -19.12
CA ARG D 1185 -3.51 37.71 -20.06
C ARG D 1185 -4.17 38.93 -19.44
N ALA D 1186 -4.66 38.81 -18.21
CA ALA D 1186 -5.28 39.96 -17.54
C ALA D 1186 -4.28 41.09 -17.39
N GLU D 1187 -3.10 40.80 -16.84
CA GLU D 1187 -2.09 41.82 -16.65
C GLU D 1187 -1.65 42.41 -17.98
N PHE D 1188 -1.45 41.56 -18.98
CA PHE D 1188 -1.03 42.04 -20.30
C PHE D 1188 -2.03 43.03 -20.87
N GLU D 1189 -3.31 42.62 -20.92
CA GLU D 1189 -4.33 43.49 -21.49
C GLU D 1189 -4.47 44.77 -20.69
N ALA D 1190 -4.47 44.67 -19.35
CA ALA D 1190 -4.64 45.86 -18.52
C ALA D 1190 -3.47 46.83 -18.72
N GLU D 1191 -2.25 46.31 -18.79
CA GLU D 1191 -1.09 47.18 -18.95
C GLU D 1191 -1.09 47.84 -20.32
N ASN D 1192 -1.45 47.09 -21.37
CA ASN D 1192 -1.57 47.71 -22.69
C ASN D 1192 -2.62 48.81 -22.69
N ARG D 1193 -3.76 48.55 -22.06
CA ARG D 1193 -4.84 49.53 -22.05
C ARG D 1193 -4.45 50.76 -21.22
N ARG D 1194 -3.65 50.56 -20.17
CA ARG D 1194 -3.14 51.69 -19.41
C ARG D 1194 -2.15 52.52 -20.23
N VAL D 1195 -1.23 51.85 -20.91
CA VAL D 1195 -0.18 52.53 -21.67
C VAL D 1195 -0.80 53.33 -22.80
N VAL D 1196 -1.76 52.75 -23.52
CA VAL D 1196 -2.39 53.48 -24.62
C VAL D 1196 -3.08 54.73 -24.09
N ALA D 1197 -3.68 54.64 -22.90
CA ALA D 1197 -4.33 55.81 -22.32
C ALA D 1197 -3.33 56.87 -21.85
N GLU D 1198 -2.07 56.50 -21.64
CA GLU D 1198 -1.09 57.38 -21.00
C GLU D 1198 0.26 57.34 -21.74
N GLY D 1199 0.23 57.53 -23.06
CA GLY D 1199 1.46 57.54 -23.83
C GLY D 1199 1.71 56.29 -24.64
N GLY D 1200 0.68 55.84 -25.36
CA GLY D 1200 0.65 54.57 -26.04
C GLY D 1200 1.90 54.07 -26.72
N GLU D 1201 2.17 52.78 -26.52
CA GLU D 1201 3.20 52.00 -27.21
C GLU D 1201 2.88 50.54 -26.93
N PRO D 1202 1.84 49.99 -27.57
CA PRO D 1202 1.34 48.66 -27.18
C PRO D 1202 2.42 47.59 -27.31
N ALA D 1203 2.37 46.63 -26.39
CA ALA D 1203 3.32 45.53 -26.35
C ALA D 1203 2.80 44.36 -27.18
N ALA D 1204 3.72 43.71 -27.88
CA ALA D 1204 3.39 42.54 -28.68
C ALA D 1204 3.32 41.31 -27.80
N GLY D 1205 2.34 40.44 -28.08
CA GLY D 1205 2.16 39.25 -27.29
C GLY D 1205 1.60 38.09 -28.09
N ARG D 1206 2.26 36.94 -27.99
CA ARG D 1206 1.82 35.73 -28.68
C ARG D 1206 1.20 34.77 -27.67
N PRO D 1207 0.05 34.17 -27.95
CA PRO D 1207 -0.48 33.14 -27.05
C PRO D 1207 0.49 31.98 -26.91
N VAL D 1208 0.57 31.42 -25.70
CA VAL D 1208 1.53 30.38 -25.39
C VAL D 1208 0.81 29.24 -24.67
N LEU D 1209 1.37 28.04 -24.79
CA LEU D 1209 0.88 26.85 -24.11
C LEU D 1209 1.91 26.41 -23.10
N MET D 1210 1.46 26.14 -21.88
CA MET D 1210 2.33 25.74 -20.79
C MET D 1210 1.88 24.40 -20.23
N GLY D 1211 2.85 23.54 -19.94
CA GLY D 1211 2.56 22.33 -19.19
C GLY D 1211 2.02 22.66 -17.82
N ILE D 1212 1.42 21.65 -17.18
CA ILE D 1212 0.77 21.90 -15.89
C ILE D 1212 1.77 22.21 -14.79
N THR D 1213 3.00 21.71 -14.90
CA THR D 1213 4.02 22.04 -13.90
C THR D 1213 4.48 23.49 -14.03
N LYS D 1214 4.70 23.97 -15.26
CA LYS D 1214 5.07 25.38 -15.43
C LYS D 1214 3.96 26.29 -14.93
N ALA D 1215 2.71 25.98 -15.28
CA ALA D 1215 1.60 26.80 -14.84
C ALA D 1215 1.46 26.76 -13.32
N SER D 1216 1.66 25.58 -12.71
CA SER D 1216 1.59 25.47 -11.27
C SER D 1216 2.69 26.27 -10.57
N LEU D 1217 3.91 26.26 -11.12
CA LEU D 1217 5.02 26.97 -10.51
C LEU D 1217 5.07 28.45 -10.85
N ALA D 1218 4.28 28.90 -11.82
CA ALA D 1218 4.24 30.31 -12.21
C ALA D 1218 3.14 31.08 -11.50
N THR D 1219 2.62 30.54 -10.40
CA THR D 1219 1.54 31.21 -9.68
C THR D 1219 2.05 32.47 -9.01
N ASP D 1220 1.14 33.42 -8.79
CA ASP D 1220 1.46 34.65 -8.10
C ASP D 1220 1.85 34.42 -6.64
N SER D 1221 1.51 33.27 -6.08
CA SER D 1221 1.77 32.94 -4.68
C SER D 1221 3.02 32.10 -4.60
N TRP D 1222 4.10 32.65 -4.04
CA TRP D 1222 5.30 31.85 -3.84
C TRP D 1222 5.04 30.71 -2.86
N LEU D 1223 4.01 30.84 -2.02
CA LEU D 1223 3.73 29.78 -1.05
C LEU D 1223 3.20 28.53 -1.74
N SER D 1224 2.24 28.68 -2.65
CA SER D 1224 1.70 27.54 -3.36
C SER D 1224 2.76 26.88 -4.22
N ALA D 1225 3.53 27.68 -4.97
CA ALA D 1225 4.58 27.12 -5.82
C ALA D 1225 5.65 26.43 -4.98
N ALA D 1226 6.01 27.02 -3.84
CA ALA D 1226 7.00 26.40 -2.97
C ALA D 1226 6.50 25.07 -2.44
N SER D 1227 5.24 25.01 -2.02
CA SER D 1227 4.68 23.76 -1.51
C SER D 1227 4.48 22.73 -2.62
N PHE D 1228 4.41 23.16 -3.88
CA PHE D 1228 4.19 22.22 -4.96
C PHE D 1228 5.46 21.43 -5.27
N GLN D 1229 6.51 22.11 -5.73
CA GLN D 1229 7.76 21.46 -6.14
C GLN D 1229 8.90 22.47 -6.12
N GLU D 1230 10.12 21.94 -6.14
CA GLU D 1230 11.32 22.77 -6.24
C GLU D 1230 11.29 23.90 -5.24
N THR D 1231 11.18 23.54 -3.95
CA THR D 1231 10.99 24.56 -2.93
C THR D 1231 12.16 25.53 -2.87
N THR D 1232 13.38 25.02 -3.03
CA THR D 1232 14.55 25.88 -2.92
C THR D 1232 14.57 26.93 -4.04
N ARG D 1233 14.35 26.50 -5.27
CA ARG D 1233 14.35 27.43 -6.39
C ARG D 1233 13.25 28.48 -6.26
N VAL D 1234 12.04 28.05 -5.91
CA VAL D 1234 10.93 28.97 -5.76
C VAL D 1234 11.21 29.96 -4.64
N LEU D 1235 11.68 29.48 -3.49
CA LEU D 1235 11.98 30.37 -2.37
C LEU D 1235 13.09 31.36 -2.69
N THR D 1236 14.17 30.93 -3.34
CA THR D 1236 15.26 31.85 -3.63
C THR D 1236 14.86 32.88 -4.68
N ASP D 1237 14.12 32.47 -5.72
CA ASP D 1237 13.70 33.45 -6.71
C ASP D 1237 12.69 34.43 -6.12
N ALA D 1238 11.80 33.95 -5.25
CA ALA D 1238 10.88 34.84 -4.57
C ALA D 1238 11.63 35.83 -3.67
N ALA D 1239 12.65 35.35 -2.96
CA ALA D 1239 13.43 36.23 -2.10
C ALA D 1239 14.13 37.30 -2.92
N ILE D 1240 14.72 36.91 -4.06
CA ILE D 1240 15.35 37.89 -4.93
C ILE D 1240 14.33 38.93 -5.40
N ASN D 1241 13.18 38.45 -5.91
CA ASN D 1241 12.17 39.36 -6.43
C ASN D 1241 11.32 40.00 -5.35
N CYS D 1242 11.46 39.58 -4.08
CA CYS D 1242 10.72 40.17 -2.97
C CYS D 1242 9.22 40.12 -3.23
N ARG D 1243 8.73 38.94 -3.58
CA ARG D 1243 7.32 38.78 -3.92
C ARG D 1243 6.47 38.73 -2.65
N SER D 1244 5.33 39.42 -2.69
CA SER D 1244 4.34 39.37 -1.63
C SER D 1244 3.20 38.45 -2.06
N ASP D 1245 2.80 37.56 -1.15
CA ASP D 1245 1.80 36.54 -1.45
C ASP D 1245 0.45 37.01 -0.95
N LYS D 1246 -0.41 37.43 -1.86
CA LYS D 1246 -1.81 37.70 -1.54
C LYS D 1246 -2.48 36.36 -1.27
N LEU D 1247 -2.87 36.13 -0.01
CA LEU D 1247 -3.38 34.83 0.44
C LEU D 1247 -4.81 34.66 -0.08
N ASN D 1248 -4.92 34.56 -1.41
CA ASN D 1248 -6.20 34.50 -2.09
C ASN D 1248 -6.54 33.11 -2.62
N GLY D 1249 -5.62 32.15 -2.58
CA GLY D 1249 -5.84 30.83 -3.11
C GLY D 1249 -6.47 29.89 -2.10
N LEU D 1250 -6.61 28.64 -2.51
CA LEU D 1250 -7.14 27.59 -1.65
C LEU D 1250 -6.03 26.93 -0.83
N LYS D 1251 -4.94 26.56 -1.51
CA LYS D 1251 -3.82 25.94 -0.81
C LYS D 1251 -3.24 26.87 0.24
N GLU D 1252 -3.16 28.16 -0.08
CA GLU D 1252 -2.58 29.12 0.86
C GLU D 1252 -3.50 29.32 2.07
N ASN D 1253 -4.80 29.43 1.83
CA ASN D 1253 -5.73 29.60 2.94
C ASN D 1253 -5.79 28.35 3.80
N VAL D 1254 -5.52 27.18 3.21
CA VAL D 1254 -5.37 25.97 4.00
C VAL D 1254 -4.09 26.03 4.83
N ILE D 1255 -2.99 26.48 4.22
CA ILE D 1255 -1.72 26.51 4.92
C ILE D 1255 -1.78 27.44 6.12
N ILE D 1256 -2.36 28.63 5.96
CA ILE D 1256 -2.43 29.60 7.05
C ILE D 1256 -3.59 29.25 7.98
N GLY D 1257 -4.41 28.28 7.59
CA GLY D 1257 -5.55 27.88 8.40
C GLY D 1257 -6.66 28.91 8.44
N LYS D 1258 -6.99 29.47 7.29
CA LYS D 1258 -8.12 30.37 7.13
C LYS D 1258 -9.09 29.75 6.14
N LEU D 1259 -10.34 30.21 6.18
CA LEU D 1259 -11.38 29.60 5.36
C LEU D 1259 -11.01 29.68 3.89
N ILE D 1260 -11.13 28.55 3.19
CA ILE D 1260 -10.79 28.47 1.78
C ILE D 1260 -11.79 29.32 1.02
N PRO D 1261 -11.38 30.11 0.02
CA PRO D 1261 -12.37 30.92 -0.73
C PRO D 1261 -13.16 30.08 -1.72
N ALA D 1262 -13.87 29.09 -1.22
CA ALA D 1262 -14.63 28.19 -2.07
C ALA D 1262 -15.73 27.55 -1.23
N GLY D 1263 -16.74 27.02 -1.93
CA GLY D 1263 -17.79 26.30 -1.25
C GLY D 1263 -18.43 27.15 -0.18
N THR D 1264 -18.47 26.61 1.04
CA THR D 1264 -19.02 27.34 2.17
C THR D 1264 -17.94 28.21 2.81
N GLY D 1265 -17.22 28.97 2.00
CA GLY D 1265 -16.28 29.96 2.48
C GLY D 1265 -16.41 31.26 1.71
N ILE D 1266 -17.17 31.23 0.61
CA ILE D 1266 -17.42 32.42 -0.20
C ILE D 1266 -18.03 33.49 0.69
N ASN D 1267 -17.72 34.76 0.39
CA ASN D 1267 -18.23 35.86 1.21
C ASN D 1267 -19.75 35.85 1.24
N ARG D 1268 -20.38 35.37 0.18
CA ARG D 1268 -21.84 35.31 0.12
C ARG D 1268 -22.40 34.41 1.21
N TYR D 1269 -21.71 33.30 1.50
CA TYR D 1269 -22.27 32.24 2.35
C TYR D 1269 -21.81 32.35 3.80
N ARG D 1270 -20.58 32.78 4.05
CA ARG D 1270 -20.11 32.85 5.43
C ARG D 1270 -20.77 33.99 6.19
N ASN D 1271 -21.54 34.83 5.48
CA ASN D 1271 -22.17 36.01 6.07
C ASN D 1271 -23.68 36.01 5.85
N ILE D 1272 -24.31 34.84 5.95
CA ILE D 1272 -25.76 34.75 5.90
C ILE D 1272 -26.32 35.32 7.21
N ALA D 1273 -27.57 35.77 7.19
CA ALA D 1273 -28.22 36.36 8.36
C ALA D 1273 -29.47 35.54 8.68
N VAL D 1274 -29.32 34.55 9.55
CA VAL D 1274 -30.46 33.77 10.00
C VAL D 1274 -31.16 34.50 11.13
N GLN D 1275 -32.49 34.42 11.15
CA GLN D 1275 -33.27 35.09 12.17
C GLN D 1275 -34.71 34.58 12.14
N PRO D 1276 -35.34 34.35 13.29
CA PRO D 1276 -36.76 33.99 13.27
C PRO D 1276 -37.60 35.10 12.64
N THR D 1277 -38.63 34.69 11.89
CA THR D 1277 -39.53 35.66 11.30
C THR D 1277 -40.37 36.34 12.37
N GLU D 1278 -40.91 37.51 12.02
CA GLU D 1278 -41.70 38.27 12.99
C GLU D 1278 -42.91 37.46 13.47
N GLU D 1279 -43.56 36.75 12.55
CA GLU D 1279 -44.70 35.91 12.95
C GLU D 1279 -44.25 34.81 13.91
N ALA D 1280 -43.16 34.12 13.56
CA ALA D 1280 -42.67 33.04 14.40
C ALA D 1280 -42.07 33.59 15.69
N ARG D 1281 -41.44 34.77 15.61
CA ARG D 1281 -40.91 35.40 16.81
C ARG D 1281 -42.03 35.73 17.79
N ALA D 1282 -43.14 36.27 17.28
CA ALA D 1282 -44.27 36.58 18.14
C ALA D 1282 -44.92 35.31 18.68
N ALA D 1283 -44.99 34.26 17.85
CA ALA D 1283 -45.63 33.03 18.29
C ALA D 1283 -44.91 32.40 19.47
N ALA D 1284 -43.61 32.65 19.60
CA ALA D 1284 -42.83 32.09 20.71
C ALA D 1284 -43.21 32.78 22.02
N GLY E 28 -44.53 11.04 -1.91
CA GLY E 28 -44.09 9.96 -2.77
C GLY E 28 -42.87 9.22 -2.26
N TYR E 29 -42.74 9.21 -0.93
CA TYR E 29 -41.63 8.52 -0.28
C TYR E 29 -42.08 8.06 1.10
N ASP E 30 -41.36 7.09 1.65
CA ASP E 30 -41.62 6.64 3.00
C ASP E 30 -41.03 7.64 4.00
N THR E 31 -41.53 7.59 5.23
CA THR E 31 -41.12 8.52 6.27
C THR E 31 -39.60 8.54 6.39
N PRO E 32 -38.94 9.68 6.15
CA PRO E 32 -37.49 9.74 6.36
C PRO E 32 -37.16 9.44 7.81
N LEU E 33 -36.06 8.72 8.03
CA LEU E 33 -35.66 8.27 9.35
C LEU E 33 -34.26 8.75 9.67
N GLY E 34 -34.11 9.40 10.81
CA GLY E 34 -32.78 9.75 11.30
C GLY E 34 -32.20 10.94 10.56
N ILE E 35 -30.92 10.82 10.22
CA ILE E 35 -30.12 11.94 9.72
C ILE E 35 -30.69 12.45 8.40
N THR E 36 -31.42 11.61 7.68
CA THR E 36 -31.98 11.97 6.39
C THR E 36 -33.34 12.65 6.53
N ASN E 37 -33.74 13.02 7.75
CA ASN E 37 -34.99 13.70 8.01
C ASN E 37 -34.67 15.10 8.53
N PRO E 38 -35.29 16.16 7.99
CA PRO E 38 -36.29 16.22 6.91
C PRO E 38 -35.66 16.07 5.53
N PRO E 39 -36.46 15.84 4.49
CA PRO E 39 -35.90 15.68 3.14
C PRO E 39 -35.08 16.89 2.74
N ILE E 40 -34.00 16.64 2.01
CA ILE E 40 -33.07 17.71 1.67
C ILE E 40 -33.60 18.59 0.54
N ASP E 41 -34.44 18.05 -0.35
CA ASP E 41 -34.99 18.86 -1.42
C ASP E 41 -36.00 19.87 -0.90
N GLU E 42 -36.82 19.48 0.06
CA GLU E 42 -37.75 20.42 0.67
C GLU E 42 -37.01 21.51 1.42
N LEU E 43 -35.81 21.22 1.94
CA LEU E 43 -34.98 22.26 2.54
C LEU E 43 -34.38 23.16 1.47
N LEU E 44 -33.86 22.57 0.40
CA LEU E 44 -33.23 23.37 -0.65
C LEU E 44 -34.25 24.19 -1.41
N ASP E 45 -35.54 23.91 -1.21
CA ASP E 45 -36.56 24.79 -1.75
C ASP E 45 -36.49 26.17 -1.09
N ARG E 46 -36.23 26.21 0.21
CA ARG E 46 -36.19 27.49 0.93
C ARG E 46 -34.94 28.30 0.59
N VAL E 47 -33.87 27.64 0.14
CA VAL E 47 -32.61 28.32 -0.17
C VAL E 47 -32.26 28.07 -1.63
N SER E 48 -31.10 28.58 -2.06
CA SER E 48 -30.69 28.40 -3.45
C SER E 48 -29.69 27.26 -3.55
N SER E 49 -28.67 27.27 -2.69
CA SER E 49 -27.61 26.28 -2.78
C SER E 49 -27.49 25.49 -1.47
N LYS E 50 -27.03 24.25 -1.59
CA LYS E 50 -26.63 23.49 -0.40
C LYS E 50 -25.62 24.26 0.43
N TYR E 51 -24.77 25.06 -0.20
CA TYR E 51 -23.88 25.94 0.55
C TYR E 51 -24.66 26.94 1.40
N ALA E 52 -25.82 27.38 0.91
CA ALA E 52 -26.64 28.30 1.69
C ALA E 52 -27.28 27.59 2.88
N LEU E 53 -27.85 26.40 2.64
CA LEU E 53 -28.45 25.64 3.72
C LEU E 53 -27.43 25.27 4.79
N VAL E 54 -26.18 25.05 4.40
CA VAL E 54 -25.15 24.70 5.36
C VAL E 54 -25.04 25.79 6.42
N ILE E 55 -24.86 27.03 5.98
CA ILE E 55 -24.68 28.14 6.93
C ILE E 55 -25.99 28.46 7.62
N TYR E 56 -27.11 28.32 6.90
CA TYR E 56 -28.41 28.50 7.53
C TYR E 56 -28.54 27.62 8.77
N ALA E 57 -28.36 26.31 8.58
CA ALA E 57 -28.50 25.37 9.68
C ALA E 57 -27.42 25.60 10.73
N ALA E 58 -26.19 25.90 10.31
CA ALA E 58 -25.11 26.10 11.26
C ALA E 58 -25.40 27.29 12.18
N LYS E 59 -25.79 28.43 11.61
CA LYS E 59 -26.04 29.62 12.40
C LYS E 59 -27.26 29.41 13.31
N ARG E 60 -28.31 28.77 12.79
CA ARG E 60 -29.46 28.54 13.66
C ARG E 60 -29.10 27.59 14.80
N ALA E 61 -28.28 26.58 14.53
CA ALA E 61 -27.83 25.70 15.60
C ALA E 61 -27.00 26.45 16.63
N ARG E 62 -26.15 27.37 16.18
CA ARG E 62 -25.38 28.17 17.12
C ARG E 62 -26.32 28.99 18.00
N GLN E 63 -27.34 29.59 17.41
CA GLN E 63 -28.29 30.39 18.20
C GLN E 63 -29.04 29.52 19.20
N ILE E 64 -29.45 28.32 18.78
CA ILE E 64 -30.17 27.42 19.69
C ILE E 64 -29.28 27.01 20.85
N ASN E 65 -28.02 26.68 20.55
CA ASN E 65 -27.08 26.32 21.61
C ASN E 65 -26.83 27.49 22.55
N ASP E 66 -26.75 28.71 21.99
CA ASP E 66 -26.59 29.90 22.82
C ASP E 66 -27.79 30.07 23.75
N TYR E 67 -29.00 29.84 23.24
CA TYR E 67 -30.18 29.89 24.10
C TYR E 67 -30.08 28.87 25.21
N TYR E 68 -29.67 27.64 24.88
CA TYR E 68 -29.58 26.60 25.90
C TYR E 68 -28.58 26.97 26.98
N ASN E 69 -27.43 27.53 26.59
CA ASN E 69 -26.42 27.95 27.56
C ASN E 69 -26.79 29.23 28.28
N GLN E 70 -27.75 30.00 27.77
CA GLN E 70 -28.21 31.21 28.42
C GLN E 70 -29.47 31.02 29.24
N LEU E 71 -30.12 29.86 29.15
CA LEU E 71 -31.36 29.65 29.89
C LEU E 71 -31.13 29.73 31.40
N GLY E 72 -30.05 29.08 31.87
CA GLY E 72 -29.69 29.20 33.27
C GLY E 72 -29.24 30.60 33.63
N GLU E 73 -28.52 31.26 32.72
CA GLU E 73 -28.06 32.62 32.91
C GLU E 73 -29.17 33.58 32.46
N GLY E 74 -28.92 34.88 32.29
CA GLY E 74 -29.98 35.79 31.91
C GLY E 74 -30.36 35.69 30.44
N ILE E 75 -31.55 35.17 30.15
CA ILE E 75 -32.02 35.12 28.77
C ILE E 75 -32.22 36.54 28.26
N LEU E 76 -31.47 36.89 27.21
CA LEU E 76 -31.56 38.22 26.63
C LEU E 76 -32.11 38.20 25.21
N GLU E 77 -31.41 37.56 24.28
CA GLU E 77 -31.81 37.59 22.86
C GLU E 77 -31.81 36.23 22.20
N TYR E 78 -31.08 35.26 22.73
CA TYR E 78 -31.03 33.93 22.12
C TYR E 78 -32.38 33.26 22.29
N VAL E 79 -33.17 33.24 21.22
CA VAL E 79 -34.51 32.64 21.26
C VAL E 79 -34.39 31.12 21.10
N GLY E 80 -35.01 30.39 22.01
CA GLY E 80 -35.04 28.95 21.93
C GLY E 80 -35.72 28.45 20.67
N PRO E 81 -35.69 27.13 20.46
CA PRO E 81 -36.26 26.57 19.23
C PRO E 81 -37.74 26.89 19.07
N LEU E 82 -38.22 26.90 17.83
CA LEU E 82 -39.59 27.30 17.53
C LEU E 82 -40.46 26.06 17.39
N VAL E 83 -40.08 25.15 16.49
CA VAL E 83 -40.74 23.84 16.45
C VAL E 83 -40.36 23.09 17.72
N GLU E 84 -41.36 22.51 18.37
CA GLU E 84 -41.14 21.83 19.65
C GLU E 84 -40.01 20.82 19.52
N PRO E 85 -38.86 21.05 20.16
CA PRO E 85 -37.74 20.11 19.98
C PRO E 85 -38.08 18.74 20.54
N GLY E 86 -37.47 17.71 19.95
CA GLY E 86 -37.65 16.37 20.43
C GLY E 86 -37.13 16.19 21.85
N LEU E 87 -37.08 14.94 22.29
CA LEU E 87 -36.67 14.61 23.65
C LEU E 87 -35.32 15.24 23.96
N GLN E 88 -34.32 15.00 23.10
CA GLN E 88 -33.02 15.64 23.26
C GLN E 88 -32.41 16.05 21.93
N GLU E 89 -33.24 16.30 20.90
CA GLU E 89 -32.76 16.59 19.56
C GLU E 89 -31.65 17.63 19.56
N LYS E 90 -30.54 17.29 18.92
CA LYS E 90 -29.39 18.18 18.89
C LYS E 90 -29.75 19.45 18.11
N PRO E 91 -29.05 20.57 18.39
CA PRO E 91 -29.47 21.86 17.80
C PRO E 91 -29.57 21.84 16.28
N LEU E 92 -28.66 21.12 15.61
CA LEU E 92 -28.69 21.10 14.15
C LEU E 92 -29.97 20.46 13.63
N SER E 93 -30.42 19.38 14.27
CA SER E 93 -31.66 18.73 13.85
C SER E 93 -32.84 19.69 14.02
N ILE E 94 -32.89 20.41 15.13
CA ILE E 94 -33.98 21.35 15.37
C ILE E 94 -33.94 22.47 14.34
N ALA E 95 -32.74 22.95 14.02
CA ALA E 95 -32.62 24.02 13.02
C ALA E 95 -33.08 23.54 11.65
N LEU E 96 -32.73 22.31 11.28
CA LEU E 96 -33.19 21.78 10.01
C LEU E 96 -34.70 21.61 9.98
N ARG E 97 -35.29 21.16 11.10
CA ARG E 97 -36.75 21.09 11.16
C ARG E 97 -37.39 22.47 11.04
N GLU E 98 -36.79 23.48 11.67
CA GLU E 98 -37.32 24.84 11.57
C GLU E 98 -37.24 25.35 10.13
N ILE E 99 -36.12 25.10 9.46
CA ILE E 99 -36.00 25.51 8.06
C ILE E 99 -37.02 24.77 7.19
N HIS E 100 -37.26 23.49 7.48
CA HIS E 100 -38.28 22.73 6.76
C HIS E 100 -39.67 23.33 6.96
N ALA E 101 -40.01 23.72 8.19
CA ALA E 101 -41.28 24.36 8.48
C ALA E 101 -41.28 25.84 8.10
N ASP E 102 -40.12 26.40 7.75
CA ASP E 102 -40.03 27.74 7.17
C ASP E 102 -40.39 28.82 8.19
N LEU E 103 -40.03 28.58 9.46
CA LEU E 103 -40.17 29.62 10.47
C LEU E 103 -39.14 30.72 10.26
N LEU E 104 -37.93 30.35 9.86
CA LEU E 104 -36.80 31.26 9.79
C LEU E 104 -36.81 32.04 8.46
N GLU E 105 -35.87 32.97 8.34
CA GLU E 105 -35.65 33.72 7.11
C GLU E 105 -34.18 34.09 7.05
N HIS E 106 -33.63 34.06 5.83
CA HIS E 106 -32.20 34.28 5.63
C HIS E 106 -31.97 35.26 4.48
N THR E 107 -30.85 35.96 4.55
CA THR E 107 -30.43 36.87 3.50
C THR E 107 -28.95 36.66 3.22
N GLU E 108 -28.58 36.86 1.95
CA GLU E 108 -27.20 36.64 1.53
C GLU E 108 -26.35 37.87 1.82
N GLY E 109 -25.07 37.82 1.43
CA GLY E 109 -24.16 38.93 1.62
C GLY E 109 -23.30 39.19 0.40
N ASP F 33 68.43 40.58 20.40
CA ASP F 33 67.02 40.30 20.10
C ASP F 33 66.86 38.85 19.66
N PRO F 34 66.04 38.06 20.39
CA PRO F 34 65.78 36.70 19.93
C PRO F 34 65.19 36.64 18.54
N ALA F 35 64.34 37.61 18.19
CA ALA F 35 63.73 37.62 16.86
C ALA F 35 64.80 37.74 15.78
N ALA F 36 65.70 38.72 15.92
CA ALA F 36 66.77 38.89 14.94
C ALA F 36 67.71 37.69 14.94
N ALA F 37 68.00 37.14 16.12
CA ALA F 37 68.90 35.99 16.19
C ALA F 37 68.32 34.82 15.43
N LEU F 38 67.04 34.52 15.64
CA LEU F 38 66.42 33.40 14.93
C LEU F 38 66.25 33.71 13.44
N LYS F 39 66.02 34.97 13.09
CA LYS F 39 66.01 35.37 11.69
C LYS F 39 67.33 35.01 11.02
N ALA F 40 68.45 35.41 11.65
CA ALA F 40 69.76 35.10 11.09
C ALA F 40 69.99 33.59 11.05
N GLU F 41 69.58 32.87 12.10
CA GLU F 41 69.77 31.43 12.13
C GLU F 41 69.04 30.73 11.00
N LEU F 42 67.79 31.13 10.76
CA LEU F 42 66.97 30.46 9.75
C LEU F 42 67.25 30.98 8.34
N ARG F 43 67.95 32.11 8.21
CA ARG F 43 68.31 32.60 6.88
C ARG F 43 69.17 31.59 6.13
N SER F 44 70.18 31.02 6.80
CA SER F 44 71.14 30.17 6.12
C SER F 44 70.61 28.75 5.87
N LYS F 45 69.81 28.23 6.79
CA LYS F 45 69.43 26.82 6.71
C LYS F 45 68.62 26.55 5.44
N PRO F 46 68.84 25.43 4.77
CA PRO F 46 68.14 25.17 3.50
C PRO F 46 66.68 24.83 3.72
N GLY F 47 65.89 25.06 2.68
CA GLY F 47 64.48 24.73 2.72
C GLY F 47 63.60 25.89 3.12
N ASP F 48 62.50 26.09 2.39
CA ASP F 48 61.53 27.13 2.69
C ASP F 48 60.42 26.53 3.53
N TRP F 49 60.11 27.16 4.66
CA TRP F 49 59.07 26.66 5.53
C TRP F 49 57.74 26.61 4.79
N TYR F 50 57.02 25.51 4.99
CA TYR F 50 55.71 25.30 4.39
C TYR F 50 54.71 24.94 5.48
N VAL F 51 53.44 24.85 5.09
CA VAL F 51 52.34 24.58 6.02
C VAL F 51 51.54 23.40 5.50
N VAL F 52 51.08 22.56 6.43
CA VAL F 52 50.27 21.39 6.11
C VAL F 52 49.13 21.30 7.11
N HIS F 53 48.03 20.68 6.69
CA HIS F 53 46.80 20.62 7.47
C HIS F 53 46.60 19.22 8.05
N SER F 54 46.20 19.15 9.32
CA SER F 54 46.04 17.88 10.01
C SER F 54 44.61 17.74 10.55
N TYR F 55 44.38 16.71 11.38
CA TYR F 55 43.06 16.48 11.96
C TYR F 55 43.08 16.69 13.47
N ALA F 56 42.89 17.93 13.91
CA ALA F 56 42.66 18.23 15.33
C ALA F 56 43.82 17.62 16.14
N GLY F 57 43.53 16.91 17.24
CA GLY F 57 44.58 16.42 18.10
C GLY F 57 45.57 15.49 17.41
N TYR F 58 45.20 14.94 16.26
CA TYR F 58 46.14 14.16 15.46
C TYR F 58 47.13 15.11 14.80
N GLU F 59 48.03 15.69 15.61
CA GLU F 59 49.12 16.51 15.09
C GLU F 59 50.47 15.96 15.51
N ASN F 60 50.67 15.73 16.81
CA ASN F 60 51.97 15.22 17.27
C ASN F 60 52.25 13.84 16.70
N LYS F 61 51.22 13.00 16.60
CA LYS F 61 51.40 11.72 15.90
C LYS F 61 51.78 11.96 14.45
N VAL F 62 51.26 13.03 13.85
CA VAL F 62 51.59 13.34 12.46
C VAL F 62 53.07 13.64 12.33
N LYS F 63 53.58 14.53 13.20
CA LYS F 63 55.01 14.85 13.12
C LYS F 63 55.86 13.62 13.47
N ALA F 64 55.39 12.80 14.40
CA ALA F 64 56.09 11.58 14.76
C ALA F 64 56.30 10.74 13.51
N ASN F 65 55.20 10.36 12.86
CA ASN F 65 55.32 9.53 11.67
C ASN F 65 56.09 10.25 10.57
N LEU F 66 56.00 11.59 10.54
CA LEU F 66 56.64 12.34 9.47
C LEU F 66 58.17 12.24 9.56
N GLU F 67 58.73 12.63 10.71
CA GLU F 67 60.18 12.52 10.80
C GLU F 67 60.64 11.07 10.93
N THR F 68 59.78 10.17 11.39
CA THR F 68 60.14 8.75 11.33
C THR F 68 60.28 8.28 9.89
N ARG F 69 59.37 8.71 9.01
CA ARG F 69 59.49 8.43 7.59
C ARG F 69 60.69 9.15 6.99
N VAL F 70 61.08 10.28 7.56
CA VAL F 70 62.33 10.91 7.14
C VAL F 70 63.50 9.98 7.46
N GLN F 71 63.51 9.42 8.66
CA GLN F 71 64.58 8.51 9.05
C GLN F 71 64.61 7.26 8.17
N ASN F 72 63.43 6.72 7.86
CA ASN F 72 63.32 5.41 7.22
C ASN F 72 63.26 5.45 5.69
N LEU F 73 62.35 6.23 5.11
CA LEU F 73 62.12 6.22 3.67
C LEU F 73 63.26 6.84 2.86
N ASP F 74 64.29 7.36 3.52
CA ASP F 74 65.43 7.97 2.84
C ASP F 74 65.01 9.24 2.11
N VAL F 75 64.35 10.12 2.85
CA VAL F 75 63.94 11.43 2.34
C VAL F 75 64.51 12.51 3.24
N GLY F 76 65.65 12.22 3.88
CA GLY F 76 66.32 13.21 4.72
C GLY F 76 66.84 14.42 3.98
N ASP F 77 66.95 14.33 2.66
CA ASP F 77 67.35 15.47 1.84
C ASP F 77 66.25 16.49 1.65
N TYR F 78 65.03 16.20 2.11
CA TYR F 78 63.91 17.11 1.90
C TYR F 78 63.41 17.73 3.20
N ILE F 79 62.99 16.90 4.16
CA ILE F 79 62.47 17.42 5.43
C ILE F 79 63.64 17.68 6.36
N PHE F 80 64.00 18.95 6.50
CA PHE F 80 65.10 19.34 7.37
C PHE F 80 64.64 19.63 8.79
N GLN F 81 63.34 19.80 9.02
CA GLN F 81 62.80 20.00 10.35
C GLN F 81 61.28 19.96 10.32
N VAL F 82 60.67 19.46 11.40
CA VAL F 82 59.21 19.47 11.55
C VAL F 82 58.90 20.10 12.90
N GLU F 83 58.03 21.10 12.90
CA GLU F 83 57.68 21.83 14.10
C GLU F 83 56.17 21.92 14.25
N VAL F 84 55.70 21.69 15.47
CA VAL F 84 54.31 21.90 15.84
C VAL F 84 54.28 23.09 16.79
N PRO F 85 54.27 24.34 16.30
CA PRO F 85 54.33 25.49 17.20
C PRO F 85 53.22 25.43 18.24
N THR F 86 53.61 25.26 19.50
CA THR F 86 52.66 25.00 20.58
C THR F 86 53.18 25.62 21.87
N GLU F 87 52.42 26.57 22.41
CA GLU F 87 52.69 27.10 23.75
C GLU F 87 51.66 26.50 24.69
N GLU F 88 52.14 25.92 25.79
CA GLU F 88 51.29 25.17 26.69
C GLU F 88 50.55 26.15 27.59
N VAL F 89 49.22 26.20 27.46
CA VAL F 89 48.40 27.18 28.16
C VAL F 89 48.08 26.61 29.54
N THR F 90 48.72 27.17 30.56
CA THR F 90 48.45 26.77 31.95
C THR F 90 47.22 27.51 32.44
N GLU F 91 46.07 26.83 32.40
CA GLU F 91 44.78 27.41 32.71
C GLU F 91 44.19 26.79 33.96
N ILE F 92 43.37 27.56 34.67
CA ILE F 92 42.83 27.12 35.96
C ILE F 92 41.57 26.31 35.72
N LYS F 93 41.75 25.02 35.46
CA LYS F 93 40.63 24.10 35.27
C LYS F 93 40.65 23.02 36.34
N ASN F 94 39.46 22.57 36.73
CA ASN F 94 39.30 21.57 37.78
C ASN F 94 39.88 22.08 39.10
N GLY F 95 39.83 23.40 39.29
CA GLY F 95 40.28 23.99 40.53
C GLY F 95 41.78 24.18 40.64
N GLN F 96 42.54 23.80 39.61
CA GLN F 96 43.98 23.96 39.63
C GLN F 96 44.47 24.33 38.24
N ARG F 97 45.65 24.93 38.19
CA ARG F 97 46.25 25.28 36.91
C ARG F 97 46.73 24.03 36.19
N LYS F 98 46.45 23.97 34.89
CA LYS F 98 46.81 22.81 34.07
C LYS F 98 47.21 23.29 32.69
N GLN F 99 48.30 22.73 32.17
CA GLN F 99 48.82 23.12 30.87
C GLN F 99 48.11 22.37 29.75
N VAL F 100 47.83 23.08 28.66
CA VAL F 100 47.21 22.51 27.47
C VAL F 100 48.15 22.78 26.30
N ASN F 101 48.69 21.73 25.71
CA ASN F 101 49.65 21.88 24.62
C ASN F 101 48.93 22.17 23.30
N ARG F 102 48.14 23.24 23.28
CA ARG F 102 47.46 23.63 22.05
C ARG F 102 48.47 24.11 21.04
N LYS F 103 48.23 23.79 19.76
CA LYS F 103 49.24 23.98 18.73
C LYS F 103 49.19 25.36 18.11
N VAL F 104 49.21 26.41 18.93
CA VAL F 104 49.13 27.81 18.50
C VAL F 104 48.26 27.99 17.25
N LEU F 105 48.63 27.33 16.15
CA LEU F 105 47.81 27.22 14.96
C LEU F 105 47.22 25.81 14.90
N PRO F 106 46.11 25.53 15.59
CA PRO F 106 45.63 24.14 15.68
C PRO F 106 45.37 23.50 14.33
N GLY F 107 45.75 22.24 14.19
CA GLY F 107 45.53 21.49 12.97
C GLY F 107 46.52 21.76 11.87
N TYR F 108 47.53 22.59 12.10
CA TYR F 108 48.48 22.98 11.07
C TYR F 108 49.88 22.51 11.43
N ILE F 109 50.67 22.16 10.41
CA ILE F 109 52.01 21.62 10.57
C ILE F 109 52.96 22.53 9.81
N LEU F 110 53.98 23.04 10.49
CA LEU F 110 55.04 23.80 9.84
C LEU F 110 56.21 22.85 9.58
N VAL F 111 56.56 22.69 8.31
CA VAL F 111 57.59 21.73 7.89
C VAL F 111 58.52 22.42 6.92
N ARG F 112 59.81 22.43 7.23
CA ARG F 112 60.80 23.00 6.33
C ARG F 112 61.21 21.97 5.29
N MET F 113 61.15 22.37 4.02
CA MET F 113 61.39 21.43 2.93
C MET F 113 61.60 22.15 1.60
N ASP F 114 61.70 21.39 0.51
CA ASP F 114 61.92 21.94 -0.82
C ASP F 114 60.75 21.49 -1.71
N LEU F 115 60.78 21.91 -2.97
CA LEU F 115 59.76 21.53 -3.95
C LEU F 115 60.04 20.09 -4.41
N THR F 116 59.50 19.15 -3.64
CA THR F 116 59.73 17.73 -3.84
C THR F 116 58.43 16.98 -3.62
N ASP F 117 58.07 16.11 -4.58
CA ASP F 117 56.91 15.26 -4.39
C ASP F 117 57.15 14.24 -3.28
N ASP F 118 58.41 13.98 -2.96
CA ASP F 118 58.72 13.00 -1.92
C ASP F 118 58.31 13.51 -0.54
N SER F 119 58.60 14.78 -0.24
CA SER F 119 58.15 15.35 1.02
C SER F 119 56.63 15.43 1.07
N TRP F 120 56.01 15.81 -0.05
CA TRP F 120 54.55 15.78 -0.12
C TRP F 120 54.03 14.39 0.24
N ALA F 121 54.66 13.35 -0.31
CA ALA F 121 54.23 11.99 0.02
C ALA F 121 54.41 11.73 1.51
N ALA F 122 55.60 11.99 2.03
CA ALA F 122 55.92 11.68 3.42
C ALA F 122 55.06 12.45 4.41
N VAL F 123 54.42 13.54 3.99
CA VAL F 123 53.58 14.30 4.90
C VAL F 123 52.11 13.98 4.63
N ARG F 124 51.65 14.29 3.41
CA ARG F 124 50.24 14.17 3.06
C ARG F 124 49.75 12.72 2.99
N ASN F 125 50.67 11.75 2.91
CA ASN F 125 50.30 10.35 3.02
C ASN F 125 50.55 9.80 4.43
N THR F 126 50.96 10.66 5.35
CA THR F 126 51.17 10.28 6.74
C THR F 126 49.83 10.30 7.46
N PRO F 127 49.72 9.68 8.63
CA PRO F 127 48.44 9.70 9.34
C PRO F 127 48.11 11.09 9.87
N GLY F 128 46.81 11.35 9.99
CA GLY F 128 46.34 12.63 10.51
C GLY F 128 46.78 13.81 9.68
N VAL F 129 46.64 13.71 8.36
CA VAL F 129 47.06 14.77 7.45
C VAL F 129 45.99 14.93 6.37
N THR F 130 45.70 16.17 6.01
CA THR F 130 44.67 16.47 5.01
C THR F 130 45.24 17.01 3.71
N GLY F 131 46.29 17.83 3.77
CA GLY F 131 46.89 18.40 2.58
C GLY F 131 47.70 19.64 2.90
N PHE F 132 48.43 20.09 1.89
CA PHE F 132 49.29 21.26 2.03
C PHE F 132 48.47 22.53 1.86
N VAL F 133 48.70 23.50 2.74
CA VAL F 133 47.91 24.72 2.78
C VAL F 133 48.50 25.72 1.80
N GLY F 134 48.10 25.62 0.53
CA GLY F 134 48.57 26.55 -0.45
C GLY F 134 47.89 27.90 -0.36
N ALA F 135 48.53 28.90 -0.98
CA ALA F 135 47.99 30.25 -0.94
C ALA F 135 46.85 30.39 -1.95
N THR F 136 47.17 30.27 -3.25
CA THR F 136 46.11 30.28 -4.26
C THR F 136 45.72 28.87 -4.69
N SER F 137 46.64 28.16 -5.36
CA SER F 137 46.39 26.78 -5.78
C SER F 137 47.45 25.83 -5.22
N ARG F 138 48.73 26.11 -5.45
CA ARG F 138 49.78 25.19 -5.06
C ARG F 138 50.35 25.59 -3.69
N PRO F 139 51.06 24.68 -3.01
CA PRO F 139 51.59 25.01 -1.69
C PRO F 139 52.48 26.25 -1.74
N SER F 140 52.34 27.07 -0.71
CA SER F 140 53.10 28.31 -0.59
C SER F 140 53.83 28.33 0.74
N ALA F 141 54.99 29.00 0.75
CA ALA F 141 55.89 29.00 1.89
C ALA F 141 55.66 30.23 2.76
N LEU F 142 55.61 30.02 4.07
CA LEU F 142 55.48 31.13 5.00
C LEU F 142 56.67 32.07 4.86
N ALA F 143 56.40 33.37 4.92
CA ALA F 143 57.48 34.33 4.97
C ALA F 143 58.29 34.12 6.25
N LEU F 144 59.61 34.33 6.13
CA LEU F 144 60.50 34.03 7.24
C LEU F 144 60.11 34.80 8.50
N ASP F 145 59.48 35.96 8.32
CA ASP F 145 59.03 36.73 9.48
C ASP F 145 57.99 35.97 10.28
N ASP F 146 57.00 35.38 9.60
CA ASP F 146 55.94 34.64 10.30
C ASP F 146 56.49 33.38 10.97
N VAL F 147 57.36 32.65 10.28
CA VAL F 147 57.88 31.42 10.87
C VAL F 147 58.78 31.75 12.06
N VAL F 148 59.53 32.86 11.99
CA VAL F 148 60.28 33.31 13.15
C VAL F 148 59.34 33.72 14.28
N LYS F 149 58.23 34.37 13.95
CA LYS F 149 57.25 34.74 14.96
C LYS F 149 56.67 33.54 15.68
N PHE F 150 56.37 32.46 14.96
CA PHE F 150 55.70 31.32 15.55
C PHE F 150 56.63 30.24 16.07
N LEU F 151 57.91 30.24 15.67
CA LEU F 151 58.89 29.31 16.20
C LEU F 151 59.62 29.86 17.42
N LEU F 152 59.32 31.07 17.84
CA LEU F 152 59.94 31.68 19.01
C LEU F 152 59.18 31.26 20.25
N PRO F 153 59.84 30.73 21.30
CA PRO F 153 59.10 30.31 22.51
C PRO F 153 58.22 31.42 23.07
N ARG F 154 56.94 31.12 23.26
CA ARG F 154 56.00 32.08 23.81
C ARG F 154 55.95 31.96 25.33
ZN ZN J . 18.02 33.82 38.38
ZN ZN K . -18.54 32.96 -18.43
MG MG L . -9.34 -4.71 -0.65
#